data_8VUU
#
_entry.id   8VUU
#
_cell.length_a   1.00
_cell.length_b   1.00
_cell.length_c   1.00
_cell.angle_alpha   90.00
_cell.angle_beta   90.00
_cell.angle_gamma   90.00
#
_symmetry.space_group_name_H-M   'P 1'
#
loop_
_entity.id
_entity.type
_entity.pdbx_description
1 polymer 'Glutamate receptor ionotropic, NMDA 1'
2 polymer 'Glutamate receptor ionotropic, NMDA 2B'
3 polymer '007-168 Heavy'
4 polymer '007-168 Light'
#
loop_
_entity_poly.entity_id
_entity_poly.type
_entity_poly.pdbx_seq_one_letter_code
_entity_poly.pdbx_strand_id
1 'polypeptide(L)'
;DPKIVNIGAVLSTRKHEQMFREAVNQANKRHGSWKIQLNATSVTHKPNAIQMALSVCEDLISSQVYAILVSHPPTPNDHF
TPTPVSYTAGFYRIPVLGLTTRMSIYSDKSIHLSFLRTVPPYSHQSSVWFEMMRVYSWNHIILLVSDDHEGRAAQKRLET
LLEERESKAEKVLQFDPGTKNVTALLMEAKELEARVIILSASEDDAATVYRAAAMLNMTGSGYVWLVGEREISGNALRYA
PDGILGLQLINGKNESAHISDAVGVVAQAVHELLEKENITDPPRGCVGNTNIWKTGPLFKRVLMSSKYADGVTGRVEFNE
DGDRKFANYSIMNLQNRKLVQVGIYNGTHVIPNDRKIIWPGGETEKPRGYQMSTRLKIVTIHQEPFVYVKPTLSDGTCKE
EFTVNGDPVKKVICTGPNDTSPGSPRHTVPQCCYGFCIDLLIKLARTMNFTYEVHLVADGKFGTQERVNNSNKKEWNGMM
GELLSGQADMIVAPLTINNERAQYIEFSKPFKYQGLTILVKKEIPRSTLDSFMNPFQSTLWLLVGLSVHVVAVMLYLLDR
FSPFGRFKVNSEEEEEDALTLSSAMWFSWGVLLNSGIGEGAPRSFSARILGMVWAGFAMIIVASYTANLAAFLVLDRPEE
RITGINDPRLRNPSDKFIYATVKQSSVDIYFRRQVELSTMYRHMEKHNYESAAEAIQAVRDNKLHAFIWDSAVLEFEASQ
KCDLVTTGELFFRSGFGIGMRKDSPWKQNVSLSILKSHENGFMEDLDKTWVRYQECDSRSNAPATLTFENMAGVFMIVAG
GIVAGIFLIFIEIAYKSRA
;
A,C
2 'polypeptide(L)'
;SPPSIGIAVILVGTSDEVAIKDAHEKDDFHHLSVVPRVELVAMNETDPKSIITRICDLMSDRKIQGVVFADDTDQEAIAQ
ILDFISAQTLTPILGIHGGSSMIMADKDESSMFFQFGPSIEQQASVMLNIMEEYDWYIFSIVTTYFPGYQDFVNKIRSTI
ENSFVGWELEEVLLLDMSLDDGDSKIQNQLKKLQSPIILLYCTKEEATYIFEVANSVGLTGYGYTWIVPSLVAGDTDTVP
AEFPTGLISVSYDEWDYGLPARVRDGIAIITTAASDMLSEHSFIPEPKSSCYNTHEKRIYQSNMLNRYLINVTFEGRDLS
FSEEGYQMHPKLVIILLNKERKWERVGKWKDKSLQMKYYVWPRMCPETEEQEDDHLSIVTLEEAPFVIVESVDPLSGTCM
RNTVPCEKRIVTENKTDEEPGYIKKCCKGFCIDILKKISKSVKFTYDLYLVTNGKHGKKINGTWNGMIGEVVMKRAYMAV
GSLTINEERSEVVDFSVPFIETGISVMVSRSNGTVSPSAFLEPFSADVWVMMFVMLLIVSAVAVFVFEYFSPVGYNRCLA
DGREPGGPSFTIGKAIWLLWGLVFNNSVPVQNPKGTTSKIMVSVWAFFAVIFLASYTANLAAFMIQEEYVDQVSGLSDKK
FQRPNDFSPPFRFGTVPNGSTERNIRNNYAEMHAYMGKFNQRGVDDALLSLKTGKLDAFIYDAAVLNYMAGRDEGCKLVT
IGSGKVFASTGYGIAIQKDSGWKRQVDLAILQLFGDGEMEELEALWLTGICHNEKNEVMSSQLDIDNMAGVFYMLGAAMA
LSLITFISEHLFYWQ
;
B,D
3 'polypeptide(L)'
;QVQLVQSGAEAKKPGESLKISCKASGYSFTTFWIGWVRQMPGSGLEWIGIIYPGDSDTRYSPSFQGHVTISADRSTSTAY
LQWSSLKASDTAMYYCARSAVFDYWGQGTLVTVSSASTKGPSVFPLAPSSGTAALGCLVKDYFPEPVTVSWNSGALTSGV
HTFPAVLQSSGLYSLSSVVTVPSSSLGTQTYICNVNHKPSNTKVDKKVEPK
;
H,J
4 'polypeptide(L)'
;EIVMTQSPATLSVSPGGRATLSCRASQSVSSNLAWYQQKPGQAPRLLIYGASTRATGIPVRFSGSGSGTEFTLTISSLQS
EDFAVYYCQQYNNWPTSWTFGQGTKLEIKRTAAAPSVFIFPPSDEQLKSGTASVVCLLNNFYPREAKVQWKVDNALQSGN
SQESVTEQDSKDSTYSLSSTLTLSKADYEKHKLYACEVTHQGLSSPVTKSFNRGE
;
K,L
#
# COMPACT_ATOMS: atom_id res chain seq x y z
N ASP A 1 -45.60 46.17 3.92
CA ASP A 1 -44.30 46.06 4.56
C ASP A 1 -43.60 44.70 4.32
N PRO A 2 -44.26 43.57 4.63
CA PRO A 2 -43.59 42.29 4.45
C PRO A 2 -43.35 41.97 2.98
N LYS A 3 -42.25 41.26 2.72
CA LYS A 3 -41.97 40.80 1.36
C LYS A 3 -42.96 39.71 0.99
N ILE A 4 -43.67 39.91 -0.12
CA ILE A 4 -44.72 38.99 -0.54
C ILE A 4 -44.11 37.86 -1.35
N VAL A 5 -44.30 36.63 -0.88
CA VAL A 5 -43.89 35.43 -1.59
C VAL A 5 -45.13 34.62 -1.90
N ASN A 6 -45.34 34.34 -3.18
CA ASN A 6 -46.57 33.70 -3.65
C ASN A 6 -46.24 32.37 -4.32
N ILE A 7 -46.90 31.31 -3.87
CA ILE A 7 -46.77 29.98 -4.45
C ILE A 7 -48.15 29.55 -4.95
N GLY A 8 -48.18 28.93 -6.13
CA GLY A 8 -49.42 28.53 -6.76
C GLY A 8 -49.61 27.02 -6.82
N ALA A 9 -50.73 26.63 -7.41
CA ALA A 9 -51.06 25.23 -7.58
C ALA A 9 -51.98 25.10 -8.78
N VAL A 10 -52.06 23.88 -9.32
CA VAL A 10 -52.89 23.61 -10.49
C VAL A 10 -54.03 22.69 -10.05
N LEU A 11 -54.43 22.82 -8.78
CA LEU A 11 -55.46 21.95 -8.22
C LEU A 11 -56.77 22.07 -9.00
N SER A 12 -57.46 20.94 -9.14
CA SER A 12 -58.78 20.89 -9.74
C SER A 12 -59.84 20.93 -8.63
N THR A 13 -61.09 20.66 -9.00
CA THR A 13 -62.19 20.55 -8.03
C THR A 13 -62.34 21.84 -7.22
N ARG A 14 -62.82 22.88 -7.92
CA ARG A 14 -62.81 24.27 -7.46
C ARG A 14 -62.99 24.45 -5.96
N LYS A 15 -63.88 23.67 -5.35
CA LYS A 15 -64.01 23.67 -3.90
C LYS A 15 -62.66 23.40 -3.23
N HIS A 16 -61.83 22.56 -3.85
CA HIS A 16 -60.47 22.37 -3.34
C HIS A 16 -59.64 23.63 -3.46
N GLU A 17 -59.89 24.46 -4.48
CA GLU A 17 -59.18 25.73 -4.57
C GLU A 17 -59.63 26.70 -3.48
N GLN A 18 -60.93 26.71 -3.17
CA GLN A 18 -61.40 27.50 -2.03
C GLN A 18 -60.75 27.04 -0.74
N MET A 19 -60.70 25.71 -0.55
CA MET A 19 -60.03 25.16 0.62
C MET A 19 -58.54 25.51 0.61
N PHE A 20 -57.95 25.61 -0.59
CA PHE A 20 -56.57 26.04 -0.71
C PHE A 20 -56.38 27.47 -0.21
N ARG A 21 -57.31 28.36 -0.56
CA ARG A 21 -57.25 29.72 -0.03
C ARG A 21 -57.38 29.73 1.49
N GLU A 22 -58.32 28.93 2.02
CA GLU A 22 -58.44 28.83 3.47
C GLU A 22 -57.14 28.30 4.08
N ALA A 23 -56.50 27.35 3.42
CA ALA A 23 -55.29 26.73 3.94
C ALA A 23 -54.12 27.70 3.95
N VAL A 24 -53.98 28.51 2.89
CA VAL A 24 -52.90 29.48 2.87
C VAL A 24 -53.14 30.57 3.92
N ASN A 25 -54.42 30.95 4.12
CA ASN A 25 -54.72 31.87 5.21
C ASN A 25 -54.34 31.28 6.56
N GLN A 26 -54.69 30.01 6.79
CA GLN A 26 -54.32 29.35 8.03
C GLN A 26 -52.80 29.31 8.20
N ALA A 27 -52.09 28.95 7.13
CA ALA A 27 -50.64 28.78 7.20
C ALA A 27 -49.95 30.09 7.52
N ASN A 28 -50.33 31.18 6.85
CA ASN A 28 -49.74 32.45 7.20
C ASN A 28 -50.23 32.97 8.54
N LYS A 29 -51.33 32.42 9.06
CA LYS A 29 -51.74 32.75 10.43
C LYS A 29 -50.83 32.07 11.45
N ARG A 30 -50.42 30.82 11.20
CA ARG A 30 -49.66 30.09 12.21
C ARG A 30 -48.37 30.79 12.60
N HIS A 31 -47.79 31.57 11.69
CA HIS A 31 -46.48 32.18 11.93
C HIS A 31 -46.46 33.69 11.85
N GLY A 32 -47.46 34.31 11.23
CA GLY A 32 -47.49 35.75 11.10
C GLY A 32 -46.94 36.24 9.78
N SER A 33 -47.55 37.29 9.25
CA SER A 33 -47.16 37.87 7.96
C SER A 33 -46.36 39.16 8.15
N TRP A 34 -45.49 39.19 9.15
CA TRP A 34 -44.73 40.40 9.46
C TRP A 34 -43.40 40.49 8.71
N LYS A 35 -42.95 39.40 8.08
CA LYS A 35 -41.80 39.46 7.18
C LYS A 35 -42.10 38.90 5.80
N ILE A 36 -42.87 37.82 5.72
CA ILE A 36 -43.29 37.23 4.45
C ILE A 36 -44.81 37.07 4.51
N GLN A 37 -45.50 37.69 3.56
CA GLN A 37 -46.94 37.52 3.40
C GLN A 37 -47.17 36.62 2.20
N LEU A 38 -47.72 35.44 2.43
CA LEU A 38 -47.84 34.41 1.41
C LEU A 38 -49.13 34.62 0.63
N ASN A 39 -49.00 34.98 -0.64
CA ASN A 39 -50.15 35.12 -1.53
C ASN A 39 -50.54 33.72 -2.04
N ALA A 40 -51.44 33.67 -3.01
CA ALA A 40 -51.91 32.39 -3.53
C ALA A 40 -52.47 32.57 -4.93
N THR A 41 -52.11 31.64 -5.82
CA THR A 41 -52.64 31.58 -7.17
C THR A 41 -53.10 30.16 -7.47
N SER A 42 -54.04 30.03 -8.41
CA SER A 42 -54.57 28.73 -8.75
C SER A 42 -55.01 28.73 -10.21
N VAL A 43 -54.95 27.55 -10.83
CA VAL A 43 -55.33 27.36 -12.23
C VAL A 43 -55.91 25.95 -12.36
N THR A 44 -57.00 25.83 -13.12
CA THR A 44 -57.64 24.54 -13.30
C THR A 44 -57.01 23.76 -14.45
N HIS A 45 -57.42 22.50 -14.59
CA HIS A 45 -56.90 21.62 -15.62
C HIS A 45 -57.68 21.82 -16.92
N LYS A 46 -57.35 21.01 -17.93
CA LYS A 46 -57.87 21.16 -19.28
C LYS A 46 -57.45 19.95 -20.12
N PRO A 47 -58.25 19.56 -21.13
CA PRO A 47 -57.99 18.29 -21.85
C PRO A 47 -56.59 18.15 -22.41
N ASN A 48 -56.16 19.08 -23.27
CA ASN A 48 -54.87 18.93 -23.93
C ASN A 48 -53.72 19.16 -22.94
N ALA A 49 -52.53 18.73 -23.35
CA ALA A 49 -51.35 18.84 -22.51
C ALA A 49 -50.40 19.95 -22.95
N ILE A 50 -50.47 20.38 -24.21
CA ILE A 50 -49.57 21.44 -24.68
C ILE A 50 -49.89 22.76 -23.99
N GLN A 51 -51.17 23.12 -23.94
CA GLN A 51 -51.55 24.41 -23.36
C GLN A 51 -51.22 24.47 -21.87
N MET A 52 -50.97 23.32 -21.23
CA MET A 52 -50.51 23.32 -19.84
C MET A 52 -49.24 24.14 -19.68
N ALA A 53 -48.26 23.90 -20.56
CA ALA A 53 -46.95 24.51 -20.39
C ALA A 53 -47.00 26.04 -20.50
N LEU A 54 -47.71 26.55 -21.51
CA LEU A 54 -47.81 28.00 -21.66
C LEU A 54 -48.54 28.62 -20.48
N SER A 55 -49.63 28.00 -20.03
CA SER A 55 -50.35 28.51 -18.87
C SER A 55 -49.47 28.46 -17.62
N VAL A 56 -48.71 27.39 -17.45
CA VAL A 56 -47.85 27.25 -16.28
C VAL A 56 -46.79 28.35 -16.28
N CYS A 57 -46.10 28.54 -17.41
CA CYS A 57 -45.09 29.58 -17.46
C CYS A 57 -45.68 30.98 -17.41
N GLU A 58 -46.93 31.15 -17.85
CA GLU A 58 -47.58 32.45 -17.76
C GLU A 58 -47.87 32.81 -16.31
N ASP A 59 -48.46 31.88 -15.55
CA ASP A 59 -48.71 32.17 -14.15
C ASP A 59 -47.41 32.24 -13.35
N LEU A 60 -46.38 31.51 -13.77
CA LEU A 60 -45.06 31.67 -13.16
C LEU A 60 -44.51 33.06 -13.42
N ILE A 61 -44.67 33.56 -14.65
CA ILE A 61 -44.26 34.92 -14.96
C ILE A 61 -45.06 35.93 -14.14
N SER A 62 -46.34 35.63 -13.91
CA SER A 62 -47.20 36.57 -13.20
C SER A 62 -46.81 36.70 -11.73
N SER A 63 -46.15 35.69 -11.15
CA SER A 63 -45.94 35.68 -9.71
C SER A 63 -44.55 35.27 -9.26
N GLN A 64 -43.66 34.86 -10.16
CA GLN A 64 -42.32 34.35 -9.81
C GLN A 64 -42.36 33.45 -8.57
N VAL A 65 -43.12 32.37 -8.71
CA VAL A 65 -43.43 31.48 -7.59
C VAL A 65 -42.19 30.72 -7.14
N TYR A 66 -42.26 30.10 -5.96
CA TYR A 66 -41.17 29.28 -5.44
C TYR A 66 -41.43 27.78 -5.58
N ALA A 67 -42.70 27.38 -5.71
CA ALA A 67 -43.07 25.98 -5.85
C ALA A 67 -44.53 25.91 -6.27
N ILE A 68 -44.86 24.86 -7.00
CA ILE A 68 -46.22 24.65 -7.49
C ILE A 68 -46.67 23.26 -7.06
N LEU A 69 -47.98 23.11 -6.83
CA LEU A 69 -48.56 21.82 -6.47
C LEU A 69 -49.43 21.32 -7.63
N VAL A 70 -49.35 20.03 -7.91
CA VAL A 70 -50.09 19.41 -9.01
C VAL A 70 -50.87 18.22 -8.47
N SER A 71 -52.13 18.12 -8.91
CA SER A 71 -53.01 17.00 -8.56
C SER A 71 -53.58 16.40 -9.84
N HIS A 72 -54.47 15.42 -9.67
CA HIS A 72 -55.08 14.74 -10.80
C HIS A 72 -56.33 15.48 -11.28
N PRO A 73 -56.65 15.37 -12.56
CA PRO A 73 -57.93 15.87 -13.06
C PRO A 73 -59.00 14.81 -12.89
N PRO A 74 -60.28 15.19 -12.95
CA PRO A 74 -61.36 14.21 -12.76
C PRO A 74 -61.61 13.29 -13.94
N THR A 75 -60.71 13.23 -14.92
CA THR A 75 -60.84 12.36 -16.08
C THR A 75 -59.66 11.38 -16.14
N PRO A 76 -59.50 10.53 -15.10
CA PRO A 76 -58.30 9.70 -14.91
C PRO A 76 -57.15 9.83 -15.90
N ASN A 77 -56.76 8.72 -16.53
CA ASN A 77 -55.61 8.66 -17.42
C ASN A 77 -54.37 9.22 -16.74
N ASP A 78 -54.13 8.76 -15.51
CA ASP A 78 -53.15 9.37 -14.62
C ASP A 78 -51.73 8.89 -14.91
N HIS A 79 -51.27 9.16 -16.13
CA HIS A 79 -49.85 9.09 -16.45
C HIS A 79 -49.35 10.31 -17.22
N PHE A 80 -50.21 11.02 -17.93
CA PHE A 80 -49.89 12.30 -18.54
C PHE A 80 -50.40 13.47 -17.71
N THR A 81 -50.79 13.21 -16.46
CA THR A 81 -51.38 14.28 -15.64
C THR A 81 -50.33 15.30 -15.21
N PRO A 82 -49.28 14.94 -14.47
CA PRO A 82 -48.34 15.94 -13.96
C PRO A 82 -47.07 16.14 -14.79
N THR A 83 -46.84 15.36 -15.84
CA THR A 83 -45.57 15.45 -16.56
C THR A 83 -45.31 16.82 -17.19
N PRO A 84 -46.25 17.48 -17.86
CA PRO A 84 -45.88 18.78 -18.45
C PRO A 84 -45.71 19.86 -17.39
N VAL A 85 -46.54 19.87 -16.35
CA VAL A 85 -46.43 20.88 -15.31
C VAL A 85 -45.13 20.72 -14.53
N SER A 86 -44.77 19.48 -14.21
CA SER A 86 -43.49 19.19 -13.58
C SER A 86 -42.33 19.25 -14.55
N TYR A 87 -42.62 19.40 -15.84
CA TYR A 87 -41.62 19.35 -16.91
C TYR A 87 -41.13 20.73 -17.28
N THR A 88 -42.05 21.69 -17.43
CA THR A 88 -41.67 23.05 -17.76
C THR A 88 -40.93 23.72 -16.60
N ALA A 89 -41.47 23.57 -15.38
CA ALA A 89 -40.83 24.19 -14.23
C ALA A 89 -39.47 23.58 -13.91
N GLY A 90 -39.20 22.36 -14.40
CA GLY A 90 -37.90 21.76 -14.19
C GLY A 90 -36.77 22.46 -14.91
N PHE A 91 -37.10 23.30 -15.90
CA PHE A 91 -36.07 24.03 -16.63
C PHE A 91 -35.31 24.98 -15.71
N TYR A 92 -36.02 25.68 -14.84
CA TYR A 92 -35.41 26.65 -13.93
C TYR A 92 -35.11 26.07 -12.56
N ARG A 93 -35.35 24.78 -12.35
CA ARG A 93 -35.07 24.11 -11.08
C ARG A 93 -35.85 24.76 -9.93
N ILE A 94 -37.17 24.78 -10.07
CA ILE A 94 -38.08 25.16 -9.00
C ILE A 94 -38.88 23.91 -8.61
N PRO A 95 -38.80 23.46 -7.36
CA PRO A 95 -39.45 22.20 -6.98
C PRO A 95 -40.96 22.25 -7.19
N VAL A 96 -41.52 21.12 -7.60
CA VAL A 96 -42.95 20.97 -7.81
C VAL A 96 -43.42 19.74 -7.05
N LEU A 97 -44.61 19.82 -6.48
CA LEU A 97 -45.13 18.78 -5.58
C LEU A 97 -46.38 18.15 -6.16
N GLY A 98 -46.46 16.82 -6.09
CA GLY A 98 -47.60 16.06 -6.54
C GLY A 98 -48.38 15.52 -5.35
N LEU A 99 -49.68 15.26 -5.58
CA LEU A 99 -50.56 14.81 -4.50
C LEU A 99 -51.42 13.60 -4.85
N THR A 100 -51.55 13.25 -6.12
CA THR A 100 -52.46 12.17 -6.51
C THR A 100 -51.85 11.13 -7.44
N THR A 101 -50.65 11.35 -7.97
CA THR A 101 -50.03 10.39 -8.86
C THR A 101 -49.07 9.49 -8.09
N ARG A 102 -49.16 8.18 -8.35
CA ARG A 102 -48.35 7.20 -7.68
C ARG A 102 -47.37 6.47 -8.59
N MET A 103 -47.40 6.75 -9.90
CA MET A 103 -46.61 5.99 -10.85
C MET A 103 -45.13 6.05 -10.52
N SER A 104 -44.41 4.99 -10.87
CA SER A 104 -43.04 4.79 -10.41
C SER A 104 -42.00 5.18 -11.46
N ILE A 105 -42.27 6.23 -12.25
CA ILE A 105 -41.26 6.78 -13.14
C ILE A 105 -40.74 8.07 -12.51
N TYR A 106 -41.59 8.73 -11.73
CA TYR A 106 -41.25 9.97 -11.06
C TYR A 106 -40.25 9.77 -9.92
N SER A 107 -39.97 8.53 -9.53
CA SER A 107 -39.04 8.23 -8.46
C SER A 107 -37.59 8.22 -8.94
N ASP A 108 -37.30 8.81 -10.09
CA ASP A 108 -35.96 8.86 -10.65
C ASP A 108 -35.52 10.32 -10.69
N LYS A 109 -34.51 10.67 -9.89
CA LYS A 109 -34.02 12.05 -9.85
C LYS A 109 -32.92 12.28 -10.87
N SER A 110 -33.20 11.87 -12.10
CA SER A 110 -32.38 12.22 -13.25
C SER A 110 -33.22 12.57 -14.47
N ILE A 111 -34.54 12.44 -14.38
CA ILE A 111 -35.43 12.73 -15.50
C ILE A 111 -36.36 13.90 -15.23
N HIS A 112 -36.51 14.32 -13.98
CA HIS A 112 -37.36 15.46 -13.65
C HIS A 112 -36.60 16.47 -12.80
N LEU A 113 -35.64 15.98 -12.03
CA LEU A 113 -34.65 16.79 -11.29
C LEU A 113 -35.27 17.64 -10.19
N SER A 114 -36.60 17.68 -10.10
CA SER A 114 -37.26 18.35 -8.98
C SER A 114 -38.69 17.82 -8.90
N PHE A 115 -38.91 16.87 -7.99
CA PHE A 115 -40.26 16.32 -7.79
C PHE A 115 -40.30 15.62 -6.45
N LEU A 116 -41.07 16.18 -5.51
CA LEU A 116 -41.29 15.55 -4.21
C LEU A 116 -42.77 15.19 -4.09
N ARG A 117 -43.03 13.93 -3.78
CA ARG A 117 -44.39 13.40 -3.73
C ARG A 117 -44.90 13.34 -2.29
N THR A 118 -46.22 13.30 -2.16
CA THR A 118 -46.88 13.10 -0.88
C THR A 118 -47.49 11.70 -0.77
N VAL A 119 -47.22 10.83 -1.75
CA VAL A 119 -47.68 9.44 -1.70
C VAL A 119 -46.56 8.53 -2.15
N PRO A 120 -46.49 7.33 -1.59
CA PRO A 120 -45.43 6.38 -1.96
C PRO A 120 -45.76 5.69 -3.27
N PRO A 121 -44.75 5.37 -4.07
CA PRO A 121 -45.00 4.78 -5.38
C PRO A 121 -45.51 3.34 -5.29
N TYR A 122 -46.03 2.86 -6.41
CA TYR A 122 -46.56 1.49 -6.47
C TYR A 122 -45.47 0.47 -6.21
N SER A 123 -44.31 0.63 -6.85
CA SER A 123 -43.25 -0.36 -6.72
C SER A 123 -42.70 -0.43 -5.30
N HIS A 124 -42.89 0.63 -4.51
CA HIS A 124 -42.42 0.66 -3.14
C HIS A 124 -43.24 -0.25 -2.22
N GLN A 125 -44.36 -0.78 -2.68
CA GLN A 125 -45.22 -1.60 -1.85
C GLN A 125 -44.74 -3.05 -1.73
N SER A 126 -43.64 -3.40 -2.40
CA SER A 126 -43.12 -4.76 -2.30
C SER A 126 -42.66 -5.09 -0.89
N SER A 127 -42.33 -4.08 -0.08
CA SER A 127 -41.91 -4.33 1.29
C SER A 127 -43.00 -5.03 2.08
N VAL A 128 -44.26 -4.68 1.84
CA VAL A 128 -45.36 -5.35 2.52
C VAL A 128 -45.39 -6.83 2.17
N TRP A 129 -45.21 -7.15 0.89
CA TRP A 129 -45.14 -8.56 0.49
C TRP A 129 -43.97 -9.26 1.16
N PHE A 130 -42.81 -8.62 1.20
CA PHE A 130 -41.64 -9.24 1.81
C PHE A 130 -41.88 -9.54 3.29
N GLU A 131 -42.48 -8.59 4.00
CA GLU A 131 -42.79 -8.83 5.41
C GLU A 131 -43.87 -9.90 5.57
N MET A 132 -44.87 -9.89 4.69
CA MET A 132 -45.98 -10.83 4.78
C MET A 132 -45.51 -12.25 4.54
N MET A 133 -44.44 -12.42 3.76
CA MET A 133 -43.85 -13.75 3.59
C MET A 133 -43.33 -14.30 4.91
N ARG A 134 -42.68 -13.46 5.71
CA ARG A 134 -41.97 -13.93 6.90
C ARG A 134 -42.92 -14.52 7.92
N VAL A 135 -44.02 -13.82 8.22
CA VAL A 135 -44.91 -14.26 9.28
C VAL A 135 -45.68 -15.52 8.91
N TYR A 136 -45.81 -15.84 7.63
CA TYR A 136 -46.50 -17.04 7.19
C TYR A 136 -45.54 -18.11 6.68
N SER A 137 -44.23 -17.85 6.68
CA SER A 137 -43.18 -18.81 6.38
C SER A 137 -43.13 -19.25 4.92
N TRP A 138 -43.88 -18.59 4.03
CA TRP A 138 -43.78 -18.90 2.61
C TRP A 138 -42.42 -18.46 2.08
N ASN A 139 -41.75 -19.32 1.31
CA ASN A 139 -40.46 -18.97 0.75
C ASN A 139 -40.29 -19.50 -0.67
N HIS A 140 -41.39 -19.64 -1.41
CA HIS A 140 -41.33 -20.20 -2.76
C HIS A 140 -42.22 -19.41 -3.72
N ILE A 141 -42.06 -18.08 -3.74
CA ILE A 141 -42.96 -17.24 -4.55
C ILE A 141 -42.70 -17.46 -6.04
N ILE A 142 -43.71 -17.11 -6.85
CA ILE A 142 -43.66 -17.18 -8.30
C ILE A 142 -44.19 -15.85 -8.82
N LEU A 143 -43.29 -14.97 -9.24
CA LEU A 143 -43.70 -13.65 -9.71
C LEU A 143 -44.41 -13.75 -11.07
N LEU A 144 -45.27 -12.76 -11.33
CA LEU A 144 -45.95 -12.61 -12.62
C LEU A 144 -45.89 -11.16 -13.09
N VAL A 145 -44.81 -10.46 -12.80
CA VAL A 145 -44.72 -9.03 -13.07
C VAL A 145 -44.78 -8.77 -14.58
N SER A 146 -45.47 -7.69 -14.95
CA SER A 146 -45.65 -7.31 -16.35
C SER A 146 -44.33 -6.75 -16.90
N ASP A 147 -44.37 -6.26 -18.13
CA ASP A 147 -43.19 -5.71 -18.81
C ASP A 147 -43.45 -4.26 -19.16
N ASP A 148 -42.84 -3.36 -18.38
CA ASP A 148 -42.88 -1.92 -18.60
C ASP A 148 -41.95 -1.27 -17.58
N HIS A 149 -41.80 0.05 -17.63
CA HIS A 149 -41.09 0.70 -16.54
C HIS A 149 -41.80 0.53 -15.21
N GLU A 150 -43.12 0.38 -15.23
CA GLU A 150 -43.89 0.09 -14.02
C GLU A 150 -43.72 -1.34 -13.55
N GLY A 151 -43.15 -2.22 -14.37
CA GLY A 151 -42.94 -3.60 -13.99
C GLY A 151 -41.52 -3.87 -13.53
N ARG A 152 -40.55 -3.31 -14.24
CA ARG A 152 -39.14 -3.53 -13.94
C ARG A 152 -38.67 -2.78 -12.70
N ALA A 153 -39.56 -2.18 -11.92
CA ALA A 153 -39.19 -1.53 -10.67
C ALA A 153 -39.55 -2.36 -9.45
N ALA A 154 -40.74 -2.98 -9.45
CA ALA A 154 -41.14 -3.83 -8.33
C ALA A 154 -40.24 -5.05 -8.21
N GLN A 155 -39.91 -5.67 -9.34
CA GLN A 155 -39.11 -6.89 -9.31
C GLN A 155 -37.73 -6.63 -8.73
N LYS A 156 -37.14 -5.47 -9.04
CA LYS A 156 -35.82 -5.14 -8.52
C LYS A 156 -35.85 -5.07 -6.99
N ARG A 157 -36.78 -4.30 -6.44
CA ARG A 157 -36.87 -4.15 -4.99
C ARG A 157 -37.16 -5.50 -4.32
N LEU A 158 -38.12 -6.25 -4.86
CA LEU A 158 -38.49 -7.51 -4.24
C LEU A 158 -37.34 -8.50 -4.26
N GLU A 159 -36.63 -8.61 -5.39
CA GLU A 159 -35.55 -9.58 -5.48
C GLU A 159 -34.34 -9.14 -4.66
N THR A 160 -34.09 -7.84 -4.53
CA THR A 160 -33.01 -7.39 -3.66
C THR A 160 -33.32 -7.72 -2.20
N LEU A 161 -34.56 -7.43 -1.77
CA LEU A 161 -34.95 -7.76 -0.40
C LEU A 161 -34.92 -9.26 -0.17
N LEU A 162 -35.27 -10.06 -1.17
CA LEU A 162 -35.15 -11.50 -1.06
C LEU A 162 -33.69 -11.92 -0.91
N GLU A 163 -32.81 -11.32 -1.70
CA GLU A 163 -31.38 -11.64 -1.61
C GLU A 163 -30.78 -11.21 -0.28
N GLU A 164 -31.43 -10.26 0.41
CA GLU A 164 -30.93 -9.84 1.73
C GLU A 164 -30.75 -11.03 2.67
N ARG A 165 -31.70 -11.96 2.68
CA ARG A 165 -31.59 -13.17 3.47
C ARG A 165 -31.02 -14.35 2.67
N GLU A 166 -30.53 -14.09 1.45
CA GLU A 166 -29.95 -15.12 0.59
C GLU A 166 -30.98 -16.19 0.23
N SER A 167 -32.17 -15.74 -0.16
CA SER A 167 -33.20 -16.57 -0.74
C SER A 167 -33.39 -16.17 -2.20
N LYS A 168 -34.24 -16.92 -2.91
CA LYS A 168 -34.43 -16.66 -4.33
C LYS A 168 -35.82 -17.09 -4.75
N ALA A 169 -36.46 -16.26 -5.60
CA ALA A 169 -37.73 -16.61 -6.19
C ALA A 169 -37.53 -17.57 -7.34
N GLU A 170 -38.40 -18.56 -7.44
CA GLU A 170 -38.25 -19.64 -8.41
C GLU A 170 -38.20 -19.12 -9.85
N LYS A 171 -39.30 -18.56 -10.32
CA LYS A 171 -39.43 -18.14 -11.72
C LYS A 171 -39.99 -16.73 -11.76
N VAL A 172 -39.20 -15.78 -12.25
CA VAL A 172 -39.66 -14.40 -12.44
C VAL A 172 -40.29 -14.37 -13.83
N LEU A 173 -41.56 -14.76 -13.88
CA LEU A 173 -42.27 -14.87 -15.14
C LEU A 173 -42.80 -13.51 -15.55
N GLN A 174 -42.73 -13.21 -16.86
CA GLN A 174 -42.91 -11.85 -17.35
C GLN A 174 -43.64 -11.88 -18.69
N PHE A 175 -44.88 -11.39 -18.69
CA PHE A 175 -45.63 -11.21 -19.93
C PHE A 175 -45.40 -9.79 -20.47
N ASP A 176 -46.19 -9.39 -21.44
CA ASP A 176 -46.07 -8.08 -22.08
C ASP A 176 -47.43 -7.39 -22.08
N PRO A 177 -47.45 -6.05 -22.07
CA PRO A 177 -48.72 -5.33 -21.99
C PRO A 177 -49.49 -5.41 -23.30
N GLY A 178 -50.75 -5.00 -23.22
CA GLY A 178 -51.64 -5.10 -24.37
C GLY A 178 -51.89 -6.52 -24.81
N THR A 179 -51.98 -7.45 -23.87
CA THR A 179 -52.14 -8.87 -24.15
C THR A 179 -53.49 -9.35 -23.66
N LYS A 180 -54.19 -10.10 -24.52
CA LYS A 180 -55.46 -10.71 -24.17
C LYS A 180 -55.42 -12.22 -24.05
N ASN A 181 -54.48 -12.88 -24.74
CA ASN A 181 -54.33 -14.32 -24.70
C ASN A 181 -53.06 -14.64 -23.91
N VAL A 182 -53.22 -15.21 -22.72
CA VAL A 182 -52.10 -15.62 -21.87
C VAL A 182 -52.34 -17.08 -21.50
N THR A 183 -51.78 -17.99 -22.28
CA THR A 183 -51.95 -19.43 -22.04
C THR A 183 -50.64 -20.15 -21.80
N ALA A 184 -49.63 -19.94 -22.67
CA ALA A 184 -48.36 -20.63 -22.51
C ALA A 184 -47.69 -20.28 -21.19
N LEU A 185 -47.93 -19.06 -20.67
CA LEU A 185 -47.36 -18.66 -19.40
C LEU A 185 -47.84 -19.55 -18.27
N LEU A 186 -49.15 -19.72 -18.16
CA LEU A 186 -49.71 -20.54 -17.10
C LEU A 186 -49.34 -22.01 -17.30
N MET A 187 -49.20 -22.46 -18.55
CA MET A 187 -48.72 -23.82 -18.79
C MET A 187 -47.30 -24.00 -18.28
N GLU A 188 -46.43 -23.00 -18.51
CA GLU A 188 -45.07 -23.09 -17.99
C GLU A 188 -45.07 -23.06 -16.46
N ALA A 189 -45.91 -22.22 -15.86
CA ALA A 189 -45.91 -22.05 -14.42
C ALA A 189 -46.66 -23.15 -13.67
N LYS A 190 -47.43 -23.99 -14.38
CA LYS A 190 -48.25 -24.97 -13.69
C LYS A 190 -47.41 -26.10 -13.09
N GLU A 191 -46.39 -26.55 -13.82
CA GLU A 191 -45.61 -27.72 -13.41
C GLU A 191 -44.45 -27.27 -12.53
N LEU A 192 -44.77 -26.92 -11.29
CA LEU A 192 -43.76 -26.52 -10.32
C LEU A 192 -44.19 -27.02 -8.93
N GLU A 193 -43.33 -26.76 -7.95
CA GLU A 193 -43.57 -27.15 -6.57
C GLU A 193 -43.94 -25.97 -5.69
N ALA A 194 -44.26 -24.82 -6.27
CA ALA A 194 -44.49 -23.58 -5.55
C ALA A 194 -45.91 -23.09 -5.78
N ARG A 195 -46.54 -22.59 -4.72
CA ARG A 195 -47.95 -22.22 -4.78
C ARG A 195 -48.22 -20.73 -4.66
N VAL A 196 -47.34 -19.96 -4.00
CA VAL A 196 -47.58 -18.54 -3.82
C VAL A 196 -47.44 -17.82 -5.15
N ILE A 197 -48.39 -16.95 -5.46
CA ILE A 197 -48.39 -16.16 -6.68
C ILE A 197 -48.50 -14.69 -6.32
N ILE A 198 -47.64 -13.86 -6.89
CA ILE A 198 -47.63 -12.42 -6.65
C ILE A 198 -47.83 -11.73 -7.99
N LEU A 199 -48.93 -11.01 -8.11
CA LEU A 199 -49.31 -10.36 -9.37
C LEU A 199 -49.37 -8.85 -9.16
N SER A 200 -48.77 -8.11 -10.09
CA SER A 200 -48.83 -6.64 -10.05
C SER A 200 -48.70 -6.14 -11.48
N ALA A 201 -49.83 -5.80 -12.09
CA ALA A 201 -49.84 -5.37 -13.48
C ALA A 201 -50.98 -4.37 -13.69
N SER A 202 -51.33 -4.13 -14.94
CA SER A 202 -52.37 -3.19 -15.28
C SER A 202 -53.73 -3.66 -14.77
N GLU A 203 -54.59 -2.70 -14.44
CA GLU A 203 -55.92 -3.01 -13.92
C GLU A 203 -56.83 -3.63 -14.97
N ASP A 204 -56.46 -3.58 -16.25
CA ASP A 204 -57.26 -4.19 -17.31
C ASP A 204 -56.79 -5.60 -17.63
N ASP A 205 -55.49 -5.77 -17.88
CA ASP A 205 -54.94 -7.09 -18.14
C ASP A 205 -55.09 -8.03 -16.94
N ALA A 206 -55.22 -7.46 -15.73
CA ALA A 206 -55.41 -8.29 -14.55
C ALA A 206 -56.69 -9.10 -14.65
N ALA A 207 -57.76 -8.49 -15.18
CA ALA A 207 -59.02 -9.20 -15.35
C ALA A 207 -58.86 -10.36 -16.33
N THR A 208 -58.15 -10.13 -17.45
CA THR A 208 -57.93 -11.20 -18.41
C THR A 208 -57.11 -12.33 -17.82
N VAL A 209 -56.07 -11.99 -17.05
CA VAL A 209 -55.26 -13.02 -16.41
C VAL A 209 -56.08 -13.78 -15.38
N TYR A 210 -56.96 -13.07 -14.66
CA TYR A 210 -57.86 -13.74 -13.73
C TYR A 210 -58.78 -14.72 -14.45
N ARG A 211 -59.32 -14.31 -15.59
CA ARG A 211 -60.17 -15.20 -16.37
C ARG A 211 -59.39 -16.44 -16.81
N ALA A 212 -58.16 -16.24 -17.30
CA ALA A 212 -57.35 -17.37 -17.75
C ALA A 212 -57.03 -18.31 -16.60
N ALA A 213 -56.73 -17.76 -15.42
CA ALA A 213 -56.39 -18.62 -14.29
C ALA A 213 -57.61 -19.31 -13.71
N ALA A 214 -58.79 -18.69 -13.83
CA ALA A 214 -60.01 -19.31 -13.34
C ALA A 214 -60.52 -20.39 -14.28
N MET A 215 -60.29 -20.25 -15.59
CA MET A 215 -60.73 -21.29 -16.51
C MET A 215 -59.99 -22.59 -16.26
N LEU A 216 -58.67 -22.53 -16.10
CA LEU A 216 -57.90 -23.69 -15.69
C LEU A 216 -58.15 -23.99 -14.23
N ASN A 217 -58.14 -25.27 -13.87
CA ASN A 217 -58.33 -25.70 -12.48
C ASN A 217 -57.01 -25.47 -11.73
N MET A 218 -56.77 -24.21 -11.39
CA MET A 218 -55.53 -23.84 -10.71
C MET A 218 -55.72 -22.91 -9.53
N THR A 219 -56.95 -22.50 -9.22
CA THR A 219 -57.23 -21.69 -8.03
C THR A 219 -58.03 -22.46 -6.99
N GLY A 220 -57.99 -23.80 -7.05
CA GLY A 220 -58.85 -24.61 -6.23
C GLY A 220 -58.50 -24.71 -4.76
N SER A 221 -57.38 -25.37 -4.43
CA SER A 221 -57.08 -25.69 -3.04
C SER A 221 -55.81 -25.03 -2.52
N GLY A 222 -54.67 -25.28 -3.16
CA GLY A 222 -53.40 -24.89 -2.56
C GLY A 222 -52.92 -23.49 -2.92
N TYR A 223 -53.39 -22.97 -4.04
CA TYR A 223 -52.88 -21.70 -4.56
C TYR A 223 -53.36 -20.52 -3.73
N VAL A 224 -52.50 -19.99 -2.87
CA VAL A 224 -52.80 -18.75 -2.16
C VAL A 224 -52.29 -17.58 -3.00
N TRP A 225 -53.19 -16.66 -3.34
CA TRP A 225 -52.84 -15.55 -4.21
C TRP A 225 -52.35 -14.36 -3.38
N LEU A 226 -51.85 -13.33 -4.08
CA LEU A 226 -51.37 -12.10 -3.49
C LEU A 226 -51.32 -11.05 -4.59
N VAL A 227 -51.85 -9.86 -4.29
CA VAL A 227 -51.96 -8.81 -5.29
C VAL A 227 -51.46 -7.49 -4.71
N GLY A 228 -51.53 -6.43 -5.51
CA GLY A 228 -51.12 -5.11 -5.07
C GLY A 228 -52.29 -4.22 -4.68
N GLU A 229 -52.46 -3.13 -5.42
CA GLU A 229 -53.55 -2.19 -5.16
C GLU A 229 -54.31 -1.77 -6.40
N ARG A 230 -53.80 -2.03 -7.60
CA ARG A 230 -54.46 -1.62 -8.83
C ARG A 230 -55.36 -2.70 -9.41
N GLU A 231 -55.18 -3.95 -9.01
CA GLU A 231 -55.96 -5.06 -9.52
C GLU A 231 -57.02 -5.53 -8.53
N ILE A 232 -57.37 -4.70 -7.56
CA ILE A 232 -58.51 -4.94 -6.69
C ILE A 232 -59.73 -4.14 -7.13
N SER A 233 -59.53 -2.85 -7.41
CA SER A 233 -60.62 -1.99 -7.88
C SER A 233 -60.79 -2.16 -9.38
N GLY A 234 -61.59 -1.30 -10.00
CA GLY A 234 -61.86 -1.42 -11.41
C GLY A 234 -62.71 -2.64 -11.71
N ASN A 235 -62.59 -3.13 -12.95
CA ASN A 235 -63.33 -4.31 -13.36
C ASN A 235 -62.86 -5.58 -12.67
N ALA A 236 -61.72 -5.52 -11.98
CA ALA A 236 -61.14 -6.72 -11.39
C ALA A 236 -62.02 -7.30 -10.29
N LEU A 237 -62.68 -6.42 -9.52
CA LEU A 237 -63.46 -6.88 -8.37
C LEU A 237 -64.59 -7.83 -8.77
N ARG A 238 -65.05 -7.76 -10.02
CA ARG A 238 -66.06 -8.70 -10.49
C ARG A 238 -65.46 -10.08 -10.73
N TYR A 239 -64.48 -10.16 -11.61
CA TYR A 239 -63.88 -11.43 -12.02
C TYR A 239 -62.67 -11.80 -11.16
N ALA A 240 -62.86 -11.76 -9.84
CA ALA A 240 -61.78 -12.06 -8.91
C ALA A 240 -62.12 -13.34 -8.15
N PRO A 241 -61.31 -14.38 -8.26
CA PRO A 241 -61.58 -15.60 -7.50
C PRO A 241 -61.57 -15.33 -6.01
N ASP A 242 -62.38 -16.08 -5.27
CA ASP A 242 -62.45 -15.92 -3.84
C ASP A 242 -61.13 -16.30 -3.19
N GLY A 243 -60.85 -15.69 -2.04
CA GLY A 243 -59.69 -16.04 -1.25
C GLY A 243 -58.46 -15.19 -1.49
N ILE A 244 -58.46 -14.34 -2.52
CA ILE A 244 -57.31 -13.47 -2.74
C ILE A 244 -57.20 -12.47 -1.60
N LEU A 245 -55.97 -12.12 -1.27
CA LEU A 245 -55.70 -11.04 -0.33
C LEU A 245 -55.40 -9.78 -1.14
N GLY A 246 -55.01 -8.70 -0.48
CA GLY A 246 -54.75 -7.48 -1.20
C GLY A 246 -54.37 -6.33 -0.30
N LEU A 247 -53.80 -5.30 -0.91
CA LEU A 247 -53.36 -4.09 -0.23
C LEU A 247 -54.29 -2.92 -0.54
N GLN A 248 -54.19 -1.88 0.27
CA GLN A 248 -54.95 -0.65 0.08
C GLN A 248 -54.29 0.46 0.88
N LEU A 249 -54.35 1.68 0.36
CA LEU A 249 -53.79 2.85 1.02
C LEU A 249 -54.89 3.58 1.78
N ILE A 250 -54.59 3.94 3.03
CA ILE A 250 -55.61 4.51 3.91
C ILE A 250 -56.05 5.87 3.39
N ASN A 251 -55.12 6.81 3.28
CA ASN A 251 -55.42 8.19 2.91
C ASN A 251 -54.83 8.45 1.52
N GLY A 252 -55.61 8.13 0.49
CA GLY A 252 -55.18 8.33 -0.88
C GLY A 252 -56.20 9.03 -1.73
N LYS A 253 -57.35 9.37 -1.14
CA LYS A 253 -58.41 10.06 -1.85
C LYS A 253 -58.96 11.29 -1.14
N ASN A 254 -58.76 11.42 0.17
CA ASN A 254 -59.14 12.65 0.86
C ASN A 254 -58.16 13.75 0.51
N GLU A 255 -58.26 14.25 -0.72
CA GLU A 255 -57.23 15.10 -1.29
C GLU A 255 -57.07 16.41 -0.53
N SER A 256 -58.13 16.88 0.13
CA SER A 256 -58.04 18.13 0.88
C SER A 256 -57.02 18.02 2.01
N ALA A 257 -57.00 16.89 2.72
CA ALA A 257 -56.04 16.71 3.80
C ALA A 257 -54.61 16.73 3.27
N HIS A 258 -54.38 16.08 2.13
CA HIS A 258 -53.04 16.09 1.53
C HIS A 258 -52.64 17.49 1.10
N ILE A 259 -53.59 18.27 0.55
CA ILE A 259 -53.29 19.65 0.18
C ILE A 259 -52.91 20.44 1.42
N SER A 260 -53.64 20.25 2.53
CA SER A 260 -53.32 20.95 3.76
C SER A 260 -51.92 20.60 4.24
N ASP A 261 -51.57 19.31 4.21
CA ASP A 261 -50.24 18.88 4.62
C ASP A 261 -49.17 19.51 3.73
N ALA A 262 -49.39 19.51 2.42
CA ALA A 262 -48.42 20.09 1.49
C ALA A 262 -48.25 21.58 1.75
N VAL A 263 -49.36 22.29 1.98
CA VAL A 263 -49.28 23.72 2.26
C VAL A 263 -48.48 23.96 3.54
N GLY A 264 -48.75 23.17 4.57
CA GLY A 264 -48.00 23.33 5.82
C GLY A 264 -46.50 23.12 5.62
N VAL A 265 -46.13 22.06 4.89
CA VAL A 265 -44.71 21.76 4.77
C VAL A 265 -44.02 22.82 3.91
N VAL A 266 -44.65 23.28 2.82
CA VAL A 266 -43.99 24.28 1.99
C VAL A 266 -43.89 25.60 2.74
N ALA A 267 -44.90 25.94 3.54
CA ALA A 267 -44.83 27.17 4.34
C ALA A 267 -43.71 27.10 5.35
N GLN A 268 -43.56 25.96 6.02
CA GLN A 268 -42.45 25.81 6.97
C GLN A 268 -41.11 25.91 6.26
N ALA A 269 -40.98 25.29 5.09
CA ALA A 269 -39.74 25.35 4.33
C ALA A 269 -39.41 26.79 3.93
N VAL A 270 -40.42 27.53 3.49
CA VAL A 270 -40.21 28.92 3.08
C VAL A 270 -39.79 29.77 4.27
N HIS A 271 -40.47 29.60 5.41
CA HIS A 271 -40.11 30.36 6.60
C HIS A 271 -38.71 30.01 7.09
N GLU A 272 -38.26 28.78 6.82
CA GLU A 272 -36.87 28.43 7.12
C GLU A 272 -35.91 29.07 6.13
N LEU A 273 -36.33 29.19 4.87
CA LEU A 273 -35.41 29.59 3.80
C LEU A 273 -34.86 30.99 4.01
N LEU A 274 -35.70 31.92 4.46
CA LEU A 274 -35.29 33.32 4.57
C LEU A 274 -34.22 33.55 5.63
N GLU A 275 -33.93 32.57 6.48
CA GLU A 275 -32.82 32.66 7.42
C GLU A 275 -31.52 32.21 6.77
N LYS A 276 -31.20 32.80 5.61
CA LYS A 276 -30.03 32.44 4.85
C LYS A 276 -29.53 33.66 4.09
N GLU A 277 -28.21 33.80 4.02
CA GLU A 277 -27.59 34.89 3.28
C GLU A 277 -27.37 34.48 1.82
N ASN A 278 -27.15 35.50 0.98
CA ASN A 278 -26.89 35.30 -0.45
C ASN A 278 -28.04 34.54 -1.13
N ILE A 279 -29.26 34.82 -0.71
CA ILE A 279 -30.45 34.25 -1.35
C ILE A 279 -30.86 35.15 -2.50
N THR A 280 -31.40 34.55 -3.55
CA THR A 280 -31.63 35.22 -4.82
C THR A 280 -33.11 35.42 -5.08
N ASP A 281 -33.45 36.55 -5.68
CA ASP A 281 -34.81 36.79 -6.12
C ASP A 281 -35.21 35.78 -7.19
N PRO A 282 -36.36 35.13 -7.07
CA PRO A 282 -36.77 34.17 -8.09
C PRO A 282 -36.83 34.83 -9.46
N PRO A 283 -36.44 34.10 -10.50
CA PRO A 283 -36.59 34.65 -11.86
C PRO A 283 -38.06 34.75 -12.23
N ARG A 284 -38.46 35.93 -12.69
CA ARG A 284 -39.84 36.18 -13.11
C ARG A 284 -39.87 36.29 -14.64
N GLY A 285 -40.81 35.58 -15.25
CA GLY A 285 -40.94 35.60 -16.69
C GLY A 285 -40.51 34.33 -17.37
N CYS A 286 -41.38 33.77 -18.21
CA CYS A 286 -41.06 32.62 -19.04
C CYS A 286 -40.72 33.04 -20.47
N VAL A 287 -40.47 34.34 -20.69
CA VAL A 287 -40.28 34.89 -22.02
C VAL A 287 -38.82 35.27 -22.28
N GLY A 288 -38.14 35.85 -21.28
CA GLY A 288 -36.84 36.43 -21.53
C GLY A 288 -35.65 35.70 -20.94
N ASN A 289 -35.78 35.16 -19.74
CA ASN A 289 -34.64 34.59 -19.04
C ASN A 289 -34.14 33.32 -19.73
N THR A 290 -32.84 33.07 -19.58
CA THR A 290 -32.22 31.88 -20.15
C THR A 290 -31.25 31.19 -19.20
N ASN A 291 -31.13 31.67 -17.96
CA ASN A 291 -30.23 31.08 -16.98
C ASN A 291 -31.04 30.51 -15.83
N ILE A 292 -30.44 29.54 -15.14
CA ILE A 292 -31.14 28.83 -14.07
C ILE A 292 -31.12 29.63 -12.79
N TRP A 293 -32.03 29.28 -11.88
CA TRP A 293 -31.98 29.80 -10.52
C TRP A 293 -30.69 29.35 -9.86
N LYS A 294 -29.99 30.28 -9.21
CA LYS A 294 -28.71 29.95 -8.60
C LYS A 294 -28.90 29.05 -7.38
N THR A 295 -29.64 29.52 -6.38
CA THR A 295 -29.93 28.72 -5.20
C THR A 295 -31.18 27.87 -5.40
N GLY A 296 -31.20 27.11 -6.49
CA GLY A 296 -32.30 26.24 -6.80
C GLY A 296 -32.25 24.94 -6.02
N PRO A 297 -31.17 24.17 -6.20
CA PRO A 297 -31.03 22.90 -5.45
C PRO A 297 -31.03 23.08 -3.94
N LEU A 298 -30.64 24.25 -3.42
CA LEU A 298 -30.69 24.47 -1.98
C LEU A 298 -32.12 24.42 -1.47
N PHE A 299 -33.06 25.01 -2.21
CA PHE A 299 -34.46 24.93 -1.85
C PHE A 299 -34.95 23.49 -1.86
N LYS A 300 -34.52 22.71 -2.85
CA LYS A 300 -34.87 21.29 -2.88
C LYS A 300 -34.30 20.57 -1.67
N ARG A 301 -33.08 20.89 -1.27
CA ARG A 301 -32.47 20.23 -0.12
C ARG A 301 -33.23 20.54 1.16
N VAL A 302 -33.58 21.82 1.38
CA VAL A 302 -34.27 22.17 2.61
C VAL A 302 -35.67 21.59 2.62
N LEU A 303 -36.34 21.56 1.46
CA LEU A 303 -37.66 20.94 1.38
C LEU A 303 -37.57 19.45 1.68
N MET A 304 -36.56 18.77 1.12
CA MET A 304 -36.42 17.33 1.33
C MET A 304 -36.11 17.01 2.78
N SER A 305 -35.23 17.79 3.42
CA SER A 305 -34.86 17.56 4.81
C SER A 305 -35.78 18.28 5.79
N SER A 306 -37.01 18.58 5.38
CA SER A 306 -37.97 19.30 6.22
C SER A 306 -38.92 18.28 6.85
N LYS A 307 -38.55 17.80 8.04
CA LYS A 307 -39.39 16.86 8.77
C LYS A 307 -40.59 17.57 9.38
N TYR A 308 -41.73 17.54 8.69
CA TYR A 308 -42.95 18.12 9.25
C TYR A 308 -43.34 17.36 10.52
N ALA A 309 -43.62 18.11 11.58
CA ALA A 309 -43.84 17.51 12.89
C ALA A 309 -45.05 16.60 12.91
N ASP A 310 -46.24 17.16 12.72
CA ASP A 310 -47.46 16.37 12.76
C ASP A 310 -48.64 17.14 12.18
N GLY A 311 -49.34 16.53 11.23
CA GLY A 311 -50.53 17.14 10.66
C GLY A 311 -51.70 16.19 10.66
N VAL A 312 -52.36 16.05 9.52
CA VAL A 312 -53.48 15.12 9.38
C VAL A 312 -53.04 13.75 8.89
N THR A 313 -51.78 13.59 8.46
CA THR A 313 -51.29 12.32 7.95
C THR A 313 -50.09 11.79 8.74
N GLY A 314 -49.98 12.20 10.00
CA GLY A 314 -48.88 11.72 10.83
C GLY A 314 -47.55 12.34 10.42
N ARG A 315 -46.48 11.73 10.93
CA ARG A 315 -45.13 12.16 10.59
C ARG A 315 -44.88 11.94 9.10
N VAL A 316 -44.35 12.98 8.44
CA VAL A 316 -44.11 12.95 7.00
C VAL A 316 -42.63 13.30 6.79
N GLU A 317 -41.80 12.27 6.67
CA GLU A 317 -40.40 12.46 6.31
C GLU A 317 -40.27 12.36 4.79
N PHE A 318 -39.03 12.43 4.29
CA PHE A 318 -38.77 12.29 2.87
C PHE A 318 -37.52 11.45 2.71
N ASN A 319 -37.66 10.26 2.13
CA ASN A 319 -36.53 9.39 1.91
C ASN A 319 -35.55 10.03 0.92
N GLU A 320 -34.39 9.41 0.77
CA GLU A 320 -33.37 10.00 -0.09
C GLU A 320 -33.64 9.66 -1.56
N ASP A 321 -34.90 9.82 -1.96
CA ASP A 321 -35.27 9.91 -3.37
C ASP A 321 -36.36 10.94 -3.62
N GLY A 322 -37.07 11.40 -2.60
CA GLY A 322 -38.14 12.37 -2.76
C GLY A 322 -39.51 11.76 -2.90
N ASP A 323 -39.81 10.70 -2.14
CA ASP A 323 -41.13 10.08 -2.23
C ASP A 323 -41.52 9.50 -0.86
N ARG A 324 -42.19 10.31 -0.06
CA ARG A 324 -43.14 9.90 0.98
C ARG A 324 -42.78 8.63 1.74
N LYS A 325 -41.70 8.66 2.51
CA LYS A 325 -41.37 7.51 3.33
C LYS A 325 -42.40 7.32 4.46
N PHE A 326 -42.45 6.09 4.97
CA PHE A 326 -43.21 5.74 6.18
C PHE A 326 -44.70 6.01 6.03
N ALA A 327 -45.32 5.25 5.14
CA ALA A 327 -46.77 5.22 4.99
C ALA A 327 -47.34 4.00 5.71
N ASN A 328 -48.66 3.82 5.58
CA ASN A 328 -49.37 2.72 6.21
C ASN A 328 -50.42 2.19 5.25
N TYR A 329 -50.34 0.90 4.93
CA TYR A 329 -51.33 0.25 4.08
C TYR A 329 -52.33 -0.53 4.93
N SER A 330 -53.48 -0.82 4.33
CA SER A 330 -54.54 -1.60 4.96
C SER A 330 -54.71 -2.89 4.18
N ILE A 331 -54.39 -4.01 4.81
CA ILE A 331 -54.53 -5.32 4.17
C ILE A 331 -56.02 -5.58 3.96
N MET A 332 -56.39 -5.93 2.73
CA MET A 332 -57.78 -6.04 2.33
C MET A 332 -58.01 -7.42 1.72
N ASN A 333 -59.03 -8.12 2.20
CA ASN A 333 -59.33 -9.47 1.75
C ASN A 333 -60.67 -9.50 1.02
N LEU A 334 -60.89 -10.58 0.27
CA LEU A 334 -62.13 -10.80 -0.48
C LEU A 334 -62.88 -11.95 0.17
N GLN A 335 -63.92 -11.61 0.93
CA GLN A 335 -64.70 -12.59 1.69
C GLN A 335 -66.14 -12.56 1.19
N ASN A 336 -66.57 -13.65 0.57
CA ASN A 336 -67.95 -13.79 0.09
C ASN A 336 -68.35 -12.62 -0.81
N ARG A 337 -67.45 -12.28 -1.73
CA ARG A 337 -67.61 -11.17 -2.67
C ARG A 337 -67.76 -9.82 -1.98
N LYS A 338 -67.52 -9.76 -0.67
CA LYS A 338 -67.61 -8.53 0.11
C LYS A 338 -66.23 -8.22 0.66
N LEU A 339 -65.70 -7.05 0.29
CA LEU A 339 -64.36 -6.67 0.71
C LEU A 339 -64.37 -6.35 2.21
N VAL A 340 -63.65 -7.16 2.99
CA VAL A 340 -63.57 -6.99 4.44
C VAL A 340 -62.10 -6.86 4.83
N GLN A 341 -61.89 -6.22 5.97
CA GLN A 341 -60.54 -5.96 6.45
C GLN A 341 -60.03 -7.13 7.29
N VAL A 342 -58.73 -7.40 7.17
CA VAL A 342 -58.04 -8.32 8.05
C VAL A 342 -56.60 -7.85 8.23
N GLY A 343 -56.25 -7.48 9.46
CA GLY A 343 -54.90 -7.02 9.75
C GLY A 343 -54.63 -5.60 9.30
N ILE A 344 -53.53 -5.02 9.78
CA ILE A 344 -53.14 -3.65 9.44
C ILE A 344 -51.62 -3.61 9.33
N TYR A 345 -51.12 -2.92 8.31
CA TYR A 345 -49.69 -2.71 8.13
C TYR A 345 -49.29 -1.42 8.83
N ASN A 346 -48.40 -1.54 9.82
CA ASN A 346 -48.00 -0.41 10.66
C ASN A 346 -46.77 0.32 10.13
N GLY A 347 -46.23 -0.09 8.99
CA GLY A 347 -45.04 0.50 8.43
C GLY A 347 -43.75 -0.21 8.78
N THR A 348 -43.77 -1.05 9.80
CA THR A 348 -42.62 -1.86 10.20
C THR A 348 -42.95 -3.34 10.30
N HIS A 349 -44.15 -3.69 10.76
CA HIS A 349 -44.55 -5.09 10.89
C HIS A 349 -45.93 -5.31 10.28
N VAL A 350 -46.46 -6.52 10.45
CA VAL A 350 -47.76 -6.89 9.88
C VAL A 350 -48.62 -7.37 11.05
N ILE A 351 -49.41 -6.47 11.61
CA ILE A 351 -50.29 -6.78 12.74
C ILE A 351 -51.59 -7.36 12.21
N PRO A 352 -51.97 -8.57 12.61
CA PRO A 352 -53.23 -9.16 12.18
C PRO A 352 -54.40 -8.60 12.98
N ASN A 353 -55.61 -9.04 12.61
CA ASN A 353 -56.84 -8.62 13.27
C ASN A 353 -57.66 -9.84 13.65
N ASP A 354 -58.65 -9.61 14.51
CA ASP A 354 -59.47 -10.71 15.03
C ASP A 354 -60.26 -11.39 13.93
N ARG A 355 -60.80 -10.61 12.98
CA ARG A 355 -61.60 -11.19 11.91
C ARG A 355 -60.78 -12.21 11.12
N LYS A 356 -61.41 -13.30 10.73
CA LYS A 356 -60.72 -14.45 10.19
C LYS A 356 -60.67 -14.41 8.67
N ILE A 357 -59.86 -15.31 8.11
CA ILE A 357 -59.49 -15.29 6.70
C ILE A 357 -59.94 -16.59 6.05
N ILE A 358 -59.99 -16.57 4.72
CA ILE A 358 -60.23 -17.78 3.93
C ILE A 358 -59.33 -17.73 2.70
N TRP A 359 -58.45 -18.72 2.57
CA TRP A 359 -57.67 -18.87 1.36
C TRP A 359 -58.55 -19.41 0.23
N PRO A 360 -58.14 -19.25 -1.05
CA PRO A 360 -59.06 -19.52 -2.15
C PRO A 360 -59.71 -20.90 -2.10
N GLY A 361 -61.01 -20.91 -1.82
CA GLY A 361 -61.81 -22.11 -1.79
C GLY A 361 -61.85 -22.68 -0.38
N GLY A 362 -62.93 -22.43 0.36
CA GLY A 362 -63.05 -22.86 1.74
C GLY A 362 -61.75 -22.80 2.51
N GLU A 363 -61.37 -23.91 3.13
CA GLU A 363 -60.01 -24.15 3.62
C GLU A 363 -59.56 -23.07 4.60
N THR A 364 -60.23 -23.07 5.75
CA THR A 364 -59.77 -22.23 6.87
C THR A 364 -58.36 -22.62 7.28
N GLU A 365 -57.97 -23.88 7.10
CA GLU A 365 -56.63 -24.31 7.42
C GLU A 365 -55.60 -23.64 6.50
N LYS A 366 -54.43 -23.37 7.05
CA LYS A 366 -53.40 -22.68 6.29
C LYS A 366 -52.81 -23.58 5.22
N PRO A 367 -52.50 -23.04 4.04
CA PRO A 367 -51.75 -23.81 3.04
C PRO A 367 -50.25 -23.62 3.20
N ARG A 368 -49.51 -24.71 2.97
CA ARG A 368 -48.06 -24.67 3.15
C ARG A 368 -47.35 -23.98 1.99
N GLY A 369 -47.91 -24.05 0.79
CA GLY A 369 -47.28 -23.48 -0.39
C GLY A 369 -46.20 -24.34 -1.02
N TYR A 370 -45.92 -25.52 -0.46
CA TYR A 370 -44.88 -26.40 -0.95
C TYR A 370 -45.46 -27.78 -1.21
N GLN A 371 -45.16 -28.34 -2.37
CA GLN A 371 -45.60 -29.70 -2.70
C GLN A 371 -44.56 -30.31 -3.63
N MET A 372 -43.89 -31.36 -3.17
CA MET A 372 -42.79 -31.96 -3.91
C MET A 372 -43.31 -32.60 -5.21
N SER A 373 -42.37 -32.98 -6.07
CA SER A 373 -42.70 -33.57 -7.36
C SER A 373 -42.91 -35.08 -7.26
N THR A 374 -41.95 -35.79 -6.65
CA THR A 374 -41.97 -37.25 -6.52
C THR A 374 -42.05 -37.94 -7.88
N ARG A 375 -41.64 -37.24 -8.94
CA ARG A 375 -41.50 -37.83 -10.28
C ARG A 375 -40.27 -37.18 -10.91
N LEU A 376 -39.12 -37.84 -10.77
CA LEU A 376 -37.87 -37.26 -11.22
C LEU A 376 -37.67 -37.51 -12.72
N LYS A 377 -36.55 -36.99 -13.24
CA LYS A 377 -36.28 -36.97 -14.67
C LYS A 377 -34.86 -37.42 -14.95
N ILE A 378 -34.49 -38.58 -14.39
CA ILE A 378 -33.14 -39.14 -14.44
C ILE A 378 -32.52 -39.00 -15.82
N VAL A 379 -31.26 -38.59 -15.88
CA VAL A 379 -30.53 -38.39 -17.13
C VAL A 379 -29.20 -39.14 -17.05
N THR A 380 -28.92 -39.97 -18.05
CA THR A 380 -27.71 -40.78 -18.08
C THR A 380 -26.99 -40.61 -19.42
N ILE A 381 -25.90 -41.35 -19.58
CA ILE A 381 -25.11 -41.34 -20.80
C ILE A 381 -24.58 -42.75 -21.03
N HIS A 382 -24.53 -43.18 -22.29
CA HIS A 382 -24.10 -44.52 -22.62
C HIS A 382 -22.62 -44.72 -22.29
N GLN A 383 -22.32 -45.65 -21.39
CA GLN A 383 -20.96 -46.03 -21.05
C GLN A 383 -20.89 -47.54 -20.99
N GLU A 384 -19.87 -48.12 -21.62
CA GLU A 384 -19.86 -49.56 -21.86
C GLU A 384 -19.89 -50.40 -20.58
N PRO A 385 -19.02 -50.19 -19.59
CA PRO A 385 -19.04 -51.06 -18.41
C PRO A 385 -20.08 -50.71 -17.37
N PHE A 386 -20.87 -49.67 -17.59
CA PHE A 386 -21.82 -49.19 -16.60
C PHE A 386 -23.26 -49.28 -17.07
N VAL A 387 -23.57 -48.74 -18.25
CA VAL A 387 -24.94 -48.74 -18.75
C VAL A 387 -25.01 -49.17 -20.22
N TYR A 388 -25.27 -50.45 -20.45
CA TYR A 388 -25.51 -50.90 -21.81
C TYR A 388 -26.84 -50.38 -22.32
N VAL A 389 -26.84 -49.90 -23.56
CA VAL A 389 -28.06 -49.45 -24.24
C VAL A 389 -28.23 -50.31 -25.48
N LYS A 390 -29.39 -50.96 -25.60
CA LYS A 390 -29.63 -51.85 -26.72
C LYS A 390 -31.05 -51.67 -27.25
N PRO A 391 -31.26 -51.93 -28.54
CA PRO A 391 -32.62 -51.88 -29.08
C PRO A 391 -33.50 -52.94 -28.43
N THR A 392 -34.79 -52.62 -28.30
CA THR A 392 -35.74 -53.48 -27.64
C THR A 392 -36.19 -54.60 -28.57
N LEU A 393 -37.02 -55.50 -28.04
CA LEU A 393 -37.62 -56.54 -28.86
C LEU A 393 -38.62 -55.94 -29.83
N SER A 394 -38.91 -56.67 -30.90
CA SER A 394 -39.82 -56.17 -31.93
C SER A 394 -41.19 -55.86 -31.37
N ASP A 395 -41.63 -56.60 -30.35
CA ASP A 395 -42.92 -56.29 -29.72
C ASP A 395 -42.87 -54.93 -29.03
N GLY A 396 -41.77 -54.61 -28.37
CA GLY A 396 -41.62 -53.34 -27.70
C GLY A 396 -41.01 -53.45 -26.32
N THR A 397 -41.28 -54.54 -25.62
CA THR A 397 -40.71 -54.75 -24.31
C THR A 397 -39.25 -55.19 -24.42
N CYS A 398 -38.54 -55.12 -23.30
CA CYS A 398 -37.12 -55.47 -23.28
C CYS A 398 -36.95 -56.96 -23.52
N LYS A 399 -35.91 -57.31 -24.28
CA LYS A 399 -35.60 -58.71 -24.54
C LYS A 399 -35.26 -59.41 -23.23
N GLU A 400 -35.87 -60.57 -23.01
CA GLU A 400 -35.55 -61.36 -21.83
C GLU A 400 -34.13 -61.88 -21.92
N GLU A 401 -33.41 -61.81 -20.80
CA GLU A 401 -32.02 -62.26 -20.75
C GLU A 401 -31.74 -62.85 -19.38
N PHE A 402 -30.70 -63.67 -19.33
CA PHE A 402 -30.34 -64.40 -18.12
C PHE A 402 -28.85 -64.21 -17.84
N THR A 403 -28.52 -64.06 -16.55
CA THR A 403 -27.13 -64.00 -16.14
C THR A 403 -26.59 -65.42 -15.93
N VAL A 404 -25.38 -65.51 -15.39
CA VAL A 404 -24.76 -66.80 -15.15
C VAL A 404 -25.09 -67.33 -13.75
N ASN A 405 -25.13 -66.45 -12.76
CA ASN A 405 -25.37 -66.89 -11.39
C ASN A 405 -26.78 -67.44 -11.18
N GLY A 406 -27.72 -67.10 -12.06
CA GLY A 406 -29.07 -67.60 -11.93
C GLY A 406 -30.05 -66.58 -11.39
N ASP A 407 -29.95 -65.34 -11.87
CA ASP A 407 -30.88 -64.28 -11.52
C ASP A 407 -31.21 -63.47 -12.77
N PRO A 408 -32.40 -62.89 -12.84
CA PRO A 408 -32.76 -62.08 -14.01
C PRO A 408 -31.99 -60.77 -14.06
N VAL A 409 -31.85 -60.24 -15.26
CA VAL A 409 -31.19 -58.97 -15.48
C VAL A 409 -32.24 -57.85 -15.48
N LYS A 410 -31.92 -56.75 -14.81
CA LYS A 410 -32.84 -55.64 -14.67
C LYS A 410 -32.65 -54.67 -15.84
N LYS A 411 -33.72 -54.42 -16.58
CA LYS A 411 -33.69 -53.52 -17.73
C LYS A 411 -34.78 -52.46 -17.58
N VAL A 412 -34.46 -51.24 -17.97
CA VAL A 412 -35.39 -50.12 -17.88
C VAL A 412 -35.54 -49.50 -19.26
N ILE A 413 -36.78 -49.16 -19.62
CA ILE A 413 -37.08 -48.60 -20.93
C ILE A 413 -36.69 -47.13 -20.94
N CYS A 414 -35.99 -46.72 -21.99
CA CYS A 414 -35.45 -45.37 -22.13
C CYS A 414 -35.94 -44.74 -23.42
N THR A 415 -35.83 -43.42 -23.51
CA THR A 415 -36.30 -42.64 -24.65
C THR A 415 -35.18 -41.79 -25.22
N GLY A 416 -34.02 -42.40 -25.42
CA GLY A 416 -32.87 -41.68 -25.94
C GLY A 416 -32.97 -41.45 -27.43
N PRO A 417 -32.07 -40.60 -27.94
CA PRO A 417 -32.05 -40.33 -29.37
C PRO A 417 -31.45 -41.48 -30.15
N ASN A 418 -31.87 -41.60 -31.41
CA ASN A 418 -31.35 -42.64 -32.29
C ASN A 418 -30.10 -42.16 -33.01
N ASP A 419 -29.24 -43.11 -33.33
CA ASP A 419 -27.92 -42.87 -33.97
C ASP A 419 -27.11 -41.97 -33.02
N THR A 420 -26.34 -41.01 -33.54
CA THR A 420 -25.48 -40.18 -32.71
C THR A 420 -26.10 -38.82 -32.41
N SER A 421 -26.47 -38.07 -33.44
CA SER A 421 -27.06 -36.75 -33.29
C SER A 421 -28.37 -36.67 -34.06
N PRO A 422 -29.32 -35.87 -33.61
CA PRO A 422 -30.65 -35.86 -34.26
C PRO A 422 -30.68 -35.08 -35.56
N GLY A 423 -29.51 -34.78 -36.13
CA GLY A 423 -29.45 -34.00 -37.36
C GLY A 423 -30.20 -34.63 -38.52
N SER A 424 -29.66 -35.71 -39.08
CA SER A 424 -30.43 -36.54 -39.99
C SER A 424 -31.25 -37.61 -39.25
N PRO A 425 -30.76 -38.60 -37.94
CA PRO A 425 -31.91 -39.14 -37.61
C PRO A 425 -32.69 -38.40 -36.49
N ARG A 426 -33.60 -37.51 -36.93
CA ARG A 426 -34.40 -36.78 -35.91
C ARG A 426 -35.44 -37.70 -35.27
N HIS A 427 -34.99 -38.68 -34.49
CA HIS A 427 -35.85 -39.69 -33.88
C HIS A 427 -35.53 -39.83 -32.41
N THR A 428 -36.56 -40.18 -31.62
CA THR A 428 -36.42 -40.55 -30.22
C THR A 428 -37.13 -41.88 -30.05
N VAL A 429 -36.40 -42.96 -30.33
CA VAL A 429 -36.95 -44.31 -30.32
C VAL A 429 -36.64 -44.95 -28.97
N PRO A 430 -37.64 -45.47 -28.25
CA PRO A 430 -37.37 -46.13 -26.97
C PRO A 430 -36.43 -47.32 -27.14
N GLN A 431 -35.53 -47.48 -26.16
CA GLN A 431 -34.59 -48.60 -26.13
C GLN A 431 -34.57 -49.19 -24.73
N CYS A 432 -33.63 -50.09 -24.46
CA CYS A 432 -33.50 -50.70 -23.14
C CYS A 432 -32.11 -50.39 -22.59
N CYS A 433 -32.06 -49.84 -21.38
CA CYS A 433 -30.81 -49.56 -20.69
C CYS A 433 -30.71 -50.47 -19.47
N TYR A 434 -29.52 -51.03 -19.26
CA TYR A 434 -29.32 -51.96 -18.16
C TYR A 434 -27.83 -52.04 -17.84
N GLY A 435 -27.52 -52.24 -16.57
CA GLY A 435 -26.14 -52.37 -16.16
C GLY A 435 -25.87 -52.15 -14.69
N PHE A 436 -24.84 -51.36 -14.40
CA PHE A 436 -24.42 -51.10 -13.02
C PHE A 436 -25.20 -49.93 -12.42
N CYS A 437 -25.10 -48.76 -13.04
CA CYS A 437 -25.78 -47.58 -12.51
C CYS A 437 -27.29 -47.77 -12.48
N ILE A 438 -27.84 -48.55 -13.41
CA ILE A 438 -29.28 -48.77 -13.43
C ILE A 438 -29.73 -49.50 -12.17
N ASP A 439 -28.97 -50.52 -11.75
CA ASP A 439 -29.32 -51.24 -10.53
C ASP A 439 -29.24 -50.32 -9.30
N LEU A 440 -28.23 -49.44 -9.26
CA LEU A 440 -28.14 -48.48 -8.18
C LEU A 440 -29.33 -47.54 -8.17
N LEU A 441 -29.78 -47.10 -9.36
CA LEU A 441 -30.95 -46.24 -9.44
C LEU A 441 -32.20 -46.97 -8.95
N ILE A 442 -32.34 -48.26 -9.31
CA ILE A 442 -33.48 -49.03 -8.84
C ILE A 442 -33.46 -49.14 -7.32
N LYS A 443 -32.27 -49.39 -6.74
CA LYS A 443 -32.16 -49.46 -5.29
C LYS A 443 -32.54 -48.15 -4.63
N LEU A 444 -32.07 -47.04 -5.21
CA LEU A 444 -32.41 -45.72 -4.68
C LEU A 444 -33.91 -45.48 -4.73
N ALA A 445 -34.54 -45.83 -5.85
CA ALA A 445 -35.98 -45.64 -6.00
C ALA A 445 -36.75 -46.50 -5.00
N ARG A 446 -36.32 -47.74 -4.80
CA ARG A 446 -36.98 -48.61 -3.84
C ARG A 446 -36.85 -48.04 -2.43
N THR A 447 -35.68 -47.49 -2.10
CA THR A 447 -35.47 -46.97 -0.74
C THR A 447 -36.29 -45.71 -0.50
N MET A 448 -36.32 -44.79 -1.48
CA MET A 448 -36.82 -43.46 -1.25
C MET A 448 -38.27 -43.25 -1.69
N ASN A 449 -38.89 -44.25 -2.32
CA ASN A 449 -40.30 -44.19 -2.72
C ASN A 449 -40.55 -43.01 -3.66
N PHE A 450 -39.92 -43.10 -4.83
CA PHE A 450 -40.25 -42.17 -5.92
C PHE A 450 -40.35 -42.93 -7.24
N THR A 451 -40.50 -42.19 -8.34
CA THR A 451 -40.59 -42.80 -9.66
C THR A 451 -39.71 -42.02 -10.62
N TYR A 452 -39.49 -42.60 -11.80
CA TYR A 452 -38.45 -42.11 -12.69
C TYR A 452 -38.84 -42.36 -14.14
N GLU A 453 -38.17 -41.66 -15.04
CA GLU A 453 -38.30 -41.92 -16.47
C GLU A 453 -37.00 -41.45 -17.13
N VAL A 454 -36.11 -42.40 -17.42
CA VAL A 454 -34.78 -42.05 -17.88
C VAL A 454 -34.82 -41.71 -19.38
N HIS A 455 -33.78 -40.99 -19.82
CA HIS A 455 -33.62 -40.61 -21.20
C HIS A 455 -32.20 -40.11 -21.43
N LEU A 456 -31.64 -40.44 -22.58
CA LEU A 456 -30.26 -40.08 -22.89
C LEU A 456 -30.18 -38.60 -23.22
N VAL A 457 -29.01 -38.14 -23.66
CA VAL A 457 -28.75 -36.73 -23.88
C VAL A 457 -28.54 -36.47 -25.36
N ALA A 458 -28.59 -35.19 -25.73
CA ALA A 458 -28.53 -34.81 -27.13
C ALA A 458 -27.10 -34.82 -27.67
N ASP A 459 -26.23 -33.99 -27.09
CA ASP A 459 -24.87 -33.86 -27.61
C ASP A 459 -24.07 -35.13 -27.38
N GLY A 460 -24.11 -35.67 -26.16
CA GLY A 460 -23.39 -36.88 -25.85
C GLY A 460 -22.23 -36.68 -24.88
N LYS A 461 -21.54 -35.55 -25.00
CA LYS A 461 -20.38 -35.29 -24.16
C LYS A 461 -20.79 -35.07 -22.71
N PHE A 462 -19.84 -35.26 -21.81
CA PHE A 462 -20.09 -35.10 -20.38
C PHE A 462 -20.56 -33.68 -20.08
N GLY A 463 -19.70 -32.70 -20.35
CA GLY A 463 -20.06 -31.31 -20.14
C GLY A 463 -18.96 -30.51 -19.47
N THR A 464 -18.56 -29.41 -20.10
CA THR A 464 -17.55 -28.52 -19.56
C THR A 464 -17.95 -27.08 -19.83
N GLN A 465 -17.33 -26.15 -19.08
CA GLN A 465 -17.66 -24.74 -19.17
C GLN A 465 -16.96 -24.10 -20.38
N GLU A 466 -17.27 -24.64 -21.56
CA GLU A 466 -16.71 -24.12 -22.79
C GLU A 466 -17.37 -22.80 -23.15
N ARG A 467 -16.71 -22.06 -24.03
CA ARG A 467 -17.21 -20.79 -24.54
C ARG A 467 -17.95 -21.01 -25.85
N VAL A 468 -19.08 -20.33 -26.01
CA VAL A 468 -19.89 -20.49 -27.21
C VAL A 468 -19.08 -20.10 -28.44
N ASN A 469 -19.19 -20.91 -29.49
CA ASN A 469 -18.43 -20.66 -30.71
C ASN A 469 -18.95 -19.42 -31.42
N ASN A 470 -18.04 -18.50 -31.76
CA ASN A 470 -18.38 -17.26 -32.45
C ASN A 470 -19.41 -16.43 -31.69
N SER A 471 -19.47 -16.60 -30.37
CA SER A 471 -20.43 -15.89 -29.55
C SER A 471 -19.79 -15.54 -28.22
N ASN A 472 -20.29 -14.46 -27.61
CA ASN A 472 -19.78 -14.00 -26.32
C ASN A 472 -20.60 -14.58 -25.17
N LYS A 473 -20.64 -15.91 -25.12
CA LYS A 473 -21.38 -16.64 -24.10
C LYS A 473 -20.49 -17.73 -23.53
N LYS A 474 -20.40 -17.80 -22.21
CA LYS A 474 -19.63 -18.81 -21.50
C LYS A 474 -20.58 -19.56 -20.57
N GLU A 475 -21.23 -20.60 -21.12
CA GLU A 475 -22.20 -21.39 -20.38
C GLU A 475 -21.88 -22.88 -20.57
N TRP A 476 -22.47 -23.70 -19.71
CA TRP A 476 -22.22 -25.13 -19.74
C TRP A 476 -22.96 -25.77 -20.92
N ASN A 477 -22.68 -27.05 -21.13
CA ASN A 477 -23.32 -27.82 -22.20
C ASN A 477 -23.38 -29.28 -21.78
N GLY A 478 -23.97 -30.10 -22.64
CA GLY A 478 -24.06 -31.52 -22.36
C GLY A 478 -24.92 -31.80 -21.14
N MET A 479 -24.55 -32.86 -20.42
CA MET A 479 -25.32 -33.27 -19.24
C MET A 479 -25.36 -32.17 -18.19
N MET A 480 -24.27 -31.41 -18.06
CA MET A 480 -24.29 -30.28 -17.13
C MET A 480 -25.34 -29.26 -17.53
N GLY A 481 -25.41 -28.92 -18.82
CA GLY A 481 -26.43 -27.99 -19.28
C GLY A 481 -27.83 -28.53 -19.06
N GLU A 482 -28.02 -29.82 -19.31
CA GLU A 482 -29.35 -30.42 -19.12
C GLU A 482 -29.75 -30.38 -17.64
N LEU A 483 -28.81 -30.66 -16.74
CA LEU A 483 -29.12 -30.60 -15.31
C LEU A 483 -29.44 -29.17 -14.89
N LEU A 484 -28.67 -28.20 -15.37
CA LEU A 484 -28.87 -26.82 -14.94
C LEU A 484 -30.14 -26.22 -15.53
N SER A 485 -30.45 -26.56 -16.78
CA SER A 485 -31.54 -25.88 -17.50
C SER A 485 -32.89 -26.60 -17.33
N GLY A 486 -33.25 -26.88 -16.08
CA GLY A 486 -34.62 -27.20 -15.74
C GLY A 486 -35.21 -28.52 -16.22
N GLN A 487 -34.62 -29.13 -17.24
CA GLN A 487 -35.17 -30.34 -17.84
C GLN A 487 -34.41 -31.59 -17.40
N ALA A 488 -33.96 -31.60 -16.15
CA ALA A 488 -33.29 -32.76 -15.56
C ALA A 488 -33.28 -32.58 -14.05
N ASP A 489 -33.20 -33.69 -13.34
CA ASP A 489 -33.13 -33.65 -11.88
C ASP A 489 -32.08 -34.57 -11.28
N MET A 490 -31.52 -35.51 -12.03
CA MET A 490 -30.43 -36.33 -11.55
C MET A 490 -29.52 -36.67 -12.72
N ILE A 491 -28.25 -36.89 -12.40
CA ILE A 491 -27.21 -37.14 -13.39
C ILE A 491 -26.59 -38.50 -13.08
N VAL A 492 -27.41 -39.46 -12.66
CA VAL A 492 -26.89 -40.78 -12.35
C VAL A 492 -26.17 -41.27 -13.59
N ALA A 493 -24.84 -41.35 -13.48
CA ALA A 493 -23.93 -41.50 -14.61
C ALA A 493 -22.51 -41.57 -14.06
N PRO A 494 -21.51 -41.93 -14.87
CA PRO A 494 -20.13 -41.88 -14.36
C PRO A 494 -19.50 -40.49 -14.42
N LEU A 495 -19.96 -39.60 -13.54
CA LEU A 495 -19.39 -38.27 -13.44
C LEU A 495 -18.05 -38.30 -12.71
N THR A 496 -17.32 -37.19 -12.79
CA THR A 496 -16.01 -37.05 -12.14
C THR A 496 -16.05 -35.81 -11.24
N ILE A 497 -15.92 -36.03 -9.94
CA ILE A 497 -15.89 -34.92 -9.00
C ILE A 497 -14.61 -34.12 -9.20
N ASN A 498 -14.75 -32.81 -9.40
CA ASN A 498 -13.60 -31.93 -9.48
C ASN A 498 -14.03 -30.52 -9.07
N ASN A 499 -13.06 -29.62 -9.00
CA ASN A 499 -13.28 -28.30 -8.43
C ASN A 499 -14.17 -27.44 -9.33
N GLU A 500 -13.93 -27.48 -10.64
CA GLU A 500 -14.51 -26.48 -11.54
C GLU A 500 -16.04 -26.52 -11.52
N ARG A 501 -16.62 -27.71 -11.71
CA ARG A 501 -18.07 -27.81 -11.81
C ARG A 501 -18.76 -27.87 -10.45
N ALA A 502 -18.02 -28.06 -9.36
CA ALA A 502 -18.65 -28.26 -8.06
C ALA A 502 -19.22 -26.99 -7.46
N GLN A 503 -19.03 -25.84 -8.09
CA GLN A 503 -19.53 -24.59 -7.52
C GLN A 503 -21.04 -24.50 -7.58
N TYR A 504 -21.64 -24.86 -8.72
CA TYR A 504 -23.05 -24.70 -8.96
C TYR A 504 -23.87 -25.95 -8.66
N ILE A 505 -23.25 -26.99 -8.12
CA ILE A 505 -23.90 -28.28 -7.90
C ILE A 505 -23.71 -28.67 -6.44
N GLU A 506 -24.59 -29.56 -5.98
CA GLU A 506 -24.33 -30.34 -4.78
C GLU A 506 -24.13 -31.79 -5.19
N PHE A 507 -22.99 -32.36 -4.82
CA PHE A 507 -22.63 -33.71 -5.19
C PHE A 507 -22.99 -34.68 -4.07
N SER A 508 -22.56 -35.92 -4.21
CA SER A 508 -22.68 -36.92 -3.17
C SER A 508 -21.34 -37.63 -3.04
N LYS A 509 -21.16 -38.33 -1.93
CA LYS A 509 -19.90 -39.01 -1.68
C LYS A 509 -19.66 -40.05 -2.78
N PRO A 510 -18.45 -40.13 -3.32
CA PRO A 510 -18.18 -41.04 -4.44
C PRO A 510 -18.46 -42.50 -4.06
N PHE A 511 -18.95 -43.26 -5.03
CA PHE A 511 -19.23 -44.67 -4.82
C PHE A 511 -18.12 -45.58 -5.34
N LYS A 512 -17.21 -45.06 -6.17
CA LYS A 512 -16.13 -45.88 -6.73
C LYS A 512 -14.97 -44.95 -7.07
N TYR A 513 -13.94 -44.95 -6.23
CA TYR A 513 -12.76 -44.13 -6.48
C TYR A 513 -12.00 -44.66 -7.68
N GLN A 514 -11.46 -43.74 -8.49
CA GLN A 514 -10.79 -44.12 -9.71
C GLN A 514 -9.90 -42.97 -10.18
N GLY A 515 -8.88 -43.31 -10.95
CA GLY A 515 -8.00 -42.31 -11.54
C GLY A 515 -7.85 -42.48 -13.03
N LEU A 516 -6.81 -41.90 -13.62
CA LEU A 516 -6.54 -42.02 -15.03
C LEU A 516 -5.37 -42.96 -15.27
N THR A 517 -5.41 -43.66 -16.41
CA THR A 517 -4.42 -44.69 -16.69
C THR A 517 -4.40 -44.97 -18.19
N ILE A 518 -3.19 -45.05 -18.76
CA ILE A 518 -3.05 -45.29 -20.19
C ILE A 518 -3.27 -46.77 -20.50
N LEU A 519 -3.73 -47.04 -21.72
CA LEU A 519 -3.84 -48.38 -22.25
C LEU A 519 -2.89 -48.55 -23.43
N VAL A 520 -2.40 -49.77 -23.64
CA VAL A 520 -1.50 -50.09 -24.73
C VAL A 520 -1.92 -51.40 -25.36
N LYS A 521 -1.36 -51.67 -26.54
CA LYS A 521 -1.60 -52.91 -27.27
C LYS A 521 -0.31 -53.71 -27.32
N LYS A 522 -0.38 -54.99 -26.95
CA LYS A 522 0.77 -55.87 -26.93
C LYS A 522 0.60 -56.99 -27.94
N GLU A 523 1.72 -57.48 -28.47
CA GLU A 523 1.72 -58.47 -29.53
C GLU A 523 2.72 -59.57 -29.20
N ILE A 524 2.66 -60.65 -29.98
CA ILE A 524 3.60 -61.76 -29.82
C ILE A 524 4.95 -61.36 -30.40
N PRO A 525 6.05 -61.59 -29.68
CA PRO A 525 7.37 -61.19 -30.19
C PRO A 525 8.05 -62.29 -30.97
N ARG A 526 8.92 -61.87 -31.89
CA ARG A 526 9.69 -62.77 -32.73
C ARG A 526 10.91 -62.04 -33.29
N SER A 527 12.09 -62.59 -33.09
CA SER A 527 13.28 -62.09 -33.76
C SER A 527 14.02 -63.15 -34.56
N THR A 528 14.23 -64.33 -33.98
CA THR A 528 14.90 -65.49 -34.58
C THR A 528 15.95 -65.17 -35.63
N LEU A 529 15.51 -64.73 -36.82
CA LEU A 529 16.35 -64.52 -37.99
C LEU A 529 16.88 -65.87 -38.48
N ASP A 530 17.84 -65.86 -39.40
CA ASP A 530 18.39 -67.10 -39.93
C ASP A 530 19.38 -67.71 -38.94
N SER A 531 19.23 -69.01 -38.68
CA SER A 531 20.11 -69.68 -37.73
C SER A 531 21.54 -69.73 -38.21
N PHE A 532 21.75 -69.63 -39.53
CA PHE A 532 23.09 -69.68 -40.11
C PHE A 532 23.76 -68.33 -39.94
N MET A 533 24.83 -68.09 -40.70
CA MET A 533 25.73 -66.98 -40.45
C MET A 533 24.96 -65.69 -40.14
N ASN A 534 25.08 -65.25 -38.90
CA ASN A 534 24.33 -64.19 -38.25
C ASN A 534 24.77 -64.14 -36.79
N PRO A 535 25.00 -65.30 -36.15
CA PRO A 535 25.90 -65.31 -34.98
C PRO A 535 27.37 -65.26 -35.37
N PHE A 536 27.69 -65.49 -36.65
CA PHE A 536 29.03 -65.40 -37.18
C PHE A 536 29.05 -64.38 -38.32
N GLN A 537 30.24 -63.87 -38.61
CA GLN A 537 30.39 -62.98 -39.75
C GLN A 537 30.11 -63.72 -41.04
N SER A 538 29.63 -62.99 -42.04
CA SER A 538 29.24 -63.59 -43.32
C SER A 538 30.42 -64.12 -44.12
N THR A 539 31.65 -64.00 -43.61
CA THR A 539 32.83 -64.48 -44.30
C THR A 539 33.64 -65.51 -43.51
N LEU A 540 33.43 -65.63 -42.20
CA LEU A 540 34.24 -66.52 -41.38
C LEU A 540 34.07 -67.98 -41.77
N TRP A 541 32.91 -68.36 -42.30
CA TRP A 541 32.66 -69.76 -42.61
C TRP A 541 33.55 -70.26 -43.74
N LEU A 542 33.69 -69.47 -44.82
CA LEU A 542 34.54 -69.91 -45.91
C LEU A 542 36.01 -69.93 -45.47
N LEU A 543 36.40 -69.01 -44.58
CA LEU A 543 37.77 -69.02 -44.06
C LEU A 543 38.02 -70.27 -43.22
N VAL A 544 37.06 -70.66 -42.38
CA VAL A 544 37.26 -71.85 -41.57
C VAL A 544 37.26 -73.10 -42.45
N GLY A 545 36.49 -73.10 -43.55
CA GLY A 545 36.58 -74.20 -44.50
C GLY A 545 37.95 -74.29 -45.15
N LEU A 546 38.48 -73.15 -45.56
CA LEU A 546 39.83 -73.13 -46.14
C LEU A 546 40.86 -73.60 -45.12
N SER A 547 40.67 -73.22 -43.85
CA SER A 547 41.60 -73.64 -42.80
C SER A 547 41.53 -75.15 -42.58
N VAL A 548 40.32 -75.72 -42.58
CA VAL A 548 40.20 -77.17 -42.42
C VAL A 548 40.87 -77.88 -43.58
N HIS A 549 40.70 -77.38 -44.80
CA HIS A 549 41.33 -78.01 -45.95
C HIS A 549 42.85 -77.89 -45.87
N VAL A 550 43.35 -76.74 -45.43
CA VAL A 550 44.80 -76.53 -45.33
C VAL A 550 45.41 -77.47 -44.31
N VAL A 551 44.78 -77.57 -43.13
CA VAL A 551 45.30 -78.46 -42.10
C VAL A 551 45.24 -79.91 -42.57
N ALA A 552 44.15 -80.30 -43.23
CA ALA A 552 44.04 -81.66 -43.72
C ALA A 552 45.13 -82.00 -44.72
N VAL A 553 45.36 -81.10 -45.69
CA VAL A 553 46.35 -81.40 -46.71
C VAL A 553 47.76 -81.37 -46.12
N MET A 554 48.03 -80.50 -45.16
CA MET A 554 49.35 -80.49 -44.53
C MET A 554 49.60 -81.78 -43.77
N LEU A 555 48.60 -82.25 -43.02
CA LEU A 555 48.73 -83.53 -42.33
C LEU A 555 48.90 -84.67 -43.32
N TYR A 556 48.20 -84.60 -44.45
CA TYR A 556 48.34 -85.63 -45.48
C TYR A 556 49.71 -85.63 -46.13
N LEU A 557 50.34 -84.46 -46.26
CA LEU A 557 51.66 -84.35 -46.86
C LEU A 557 52.77 -84.27 -45.81
N LEU A 558 52.47 -84.63 -44.56
CA LEU A 558 53.52 -84.80 -43.57
C LEU A 558 53.65 -86.30 -43.24
N ASP A 559 53.65 -87.16 -44.24
CA ASP A 559 53.78 -88.58 -43.94
C ASP A 559 55.17 -89.11 -44.26
N ARG A 560 56.14 -88.22 -44.44
CA ARG A 560 57.51 -88.60 -44.80
C ARG A 560 58.43 -88.20 -43.65
N PHE A 561 58.51 -89.07 -42.64
CA PHE A 561 59.40 -88.83 -41.50
C PHE A 561 59.69 -90.19 -40.85
N SER A 562 60.88 -90.73 -41.12
CA SER A 562 61.26 -92.02 -40.56
C SER A 562 62.78 -92.17 -40.51
N THR A 580 47.06 -91.42 -45.35
CA THR A 580 46.70 -91.08 -46.72
C THR A 580 46.05 -89.72 -46.80
N LEU A 581 45.95 -89.17 -48.03
CA LEU A 581 45.32 -87.87 -48.21
C LEU A 581 43.83 -87.94 -47.87
N SER A 582 43.13 -88.97 -48.34
CA SER A 582 41.71 -89.11 -48.03
C SER A 582 41.49 -89.33 -46.54
N SER A 583 42.33 -90.14 -45.91
CA SER A 583 42.18 -90.41 -44.48
C SER A 583 42.38 -89.15 -43.65
N ALA A 584 43.42 -88.37 -43.97
CA ALA A 584 43.65 -87.12 -43.25
C ALA A 584 42.52 -86.14 -43.47
N MET A 585 42.03 -86.03 -44.72
CA MET A 585 40.90 -85.17 -44.99
C MET A 585 39.68 -85.59 -44.19
N TRP A 586 39.42 -86.90 -44.12
CA TRP A 586 38.28 -87.39 -43.36
C TRP A 586 38.41 -87.07 -41.88
N PHE A 587 39.60 -87.30 -41.31
CA PHE A 587 39.80 -87.05 -39.89
C PHE A 587 39.60 -85.57 -39.56
N SER A 588 40.18 -84.69 -40.37
CA SER A 588 40.05 -83.26 -40.10
C SER A 588 38.62 -82.77 -40.32
N TRP A 589 37.97 -83.25 -41.38
CA TRP A 589 36.58 -82.90 -41.66
C TRP A 589 35.64 -83.43 -40.60
N GLY A 590 36.01 -84.51 -39.92
CA GLY A 590 35.16 -85.11 -38.91
C GLY A 590 35.32 -84.54 -37.52
N VAL A 591 36.56 -84.33 -37.08
CA VAL A 591 36.79 -83.95 -35.69
C VAL A 591 36.09 -82.63 -35.36
N LEU A 592 36.18 -81.66 -36.26
CA LEU A 592 35.50 -80.39 -36.04
C LEU A 592 33.99 -80.56 -36.05
N LEU A 593 33.47 -81.32 -37.02
CA LEU A 593 32.04 -81.50 -37.14
C LEU A 593 31.45 -82.37 -36.04
N ASN A 594 32.29 -83.13 -35.32
CA ASN A 594 31.86 -83.99 -34.22
C ASN A 594 30.82 -85.00 -34.70
N SER A 595 31.25 -85.84 -35.65
CA SER A 595 30.44 -86.96 -36.10
C SER A 595 31.10 -88.30 -35.81
N GLY A 596 32.29 -88.54 -36.35
CA GLY A 596 33.06 -89.74 -36.06
C GLY A 596 32.89 -90.80 -37.12
N ILE A 597 33.83 -90.87 -38.07
CA ILE A 597 33.85 -91.91 -39.09
C ILE A 597 35.30 -92.23 -39.41
N GLY A 598 35.60 -93.52 -39.54
CA GLY A 598 36.92 -93.95 -39.96
C GLY A 598 37.96 -93.90 -38.86
N GLU A 599 38.84 -94.89 -38.83
CA GLU A 599 39.92 -94.94 -37.85
C GLU A 599 41.18 -94.28 -38.40
N GLY A 600 41.03 -93.01 -38.78
CA GLY A 600 42.11 -92.27 -39.38
C GLY A 600 43.11 -91.72 -38.37
N ALA A 601 43.91 -92.61 -37.79
CA ALA A 601 44.92 -92.20 -36.83
C ALA A 601 46.04 -91.43 -37.53
N PRO A 602 46.70 -90.51 -36.81
CA PRO A 602 47.74 -89.69 -37.45
C PRO A 602 49.10 -90.37 -37.49
N ARG A 603 50.11 -89.64 -37.98
CA ARG A 603 51.48 -90.14 -38.06
C ARG A 603 52.19 -89.96 -36.71
N SER A 604 53.51 -90.10 -36.72
CA SER A 604 54.30 -90.11 -35.49
C SER A 604 54.79 -88.71 -35.16
N PHE A 605 54.28 -88.16 -34.05
CA PHE A 605 54.84 -87.03 -33.29
C PHE A 605 54.78 -85.69 -34.01
N SER A 606 54.23 -85.60 -35.22
CA SER A 606 54.01 -84.31 -35.86
C SER A 606 52.54 -84.01 -36.07
N ALA A 607 51.83 -84.89 -36.78
CA ALA A 607 50.39 -84.81 -36.80
C ALA A 607 49.80 -85.01 -35.42
N ARG A 608 50.56 -85.56 -34.48
CA ARG A 608 50.11 -85.62 -33.09
C ARG A 608 49.82 -84.22 -32.56
N ILE A 609 50.85 -83.37 -32.53
CA ILE A 609 50.67 -82.01 -32.03
C ILE A 609 49.70 -81.23 -32.91
N LEU A 610 49.76 -81.48 -34.22
CA LEU A 610 48.79 -80.85 -35.11
C LEU A 610 47.36 -81.20 -34.69
N GLY A 611 47.12 -82.46 -34.32
CA GLY A 611 45.81 -82.88 -33.89
C GLY A 611 45.40 -82.28 -32.56
N MET A 612 46.33 -82.20 -31.60
CA MET A 612 46.01 -81.51 -30.36
C MET A 612 45.48 -80.12 -30.64
N VAL A 613 46.23 -79.35 -31.43
CA VAL A 613 45.85 -77.96 -31.65
C VAL A 613 44.58 -77.88 -32.50
N TRP A 614 44.42 -78.77 -33.47
CA TRP A 614 43.21 -78.78 -34.29
C TRP A 614 41.97 -79.00 -33.44
N ALA A 615 42.04 -79.99 -32.53
CA ALA A 615 40.92 -80.24 -31.63
C ALA A 615 40.65 -79.04 -30.75
N GLY A 616 41.71 -78.39 -30.25
CA GLY A 616 41.51 -77.19 -29.45
C GLY A 616 40.79 -76.10 -30.21
N PHE A 617 41.19 -75.85 -31.46
CA PHE A 617 40.54 -74.82 -32.26
C PHE A 617 39.09 -75.17 -32.54
N ALA A 618 38.81 -76.45 -32.83
CA ALA A 618 37.43 -76.86 -33.08
C ALA A 618 36.56 -76.64 -31.85
N MET A 619 37.07 -77.03 -30.68
CA MET A 619 36.32 -76.81 -29.45
C MET A 619 36.08 -75.32 -29.23
N ILE A 620 37.09 -74.49 -29.47
CA ILE A 620 36.95 -73.05 -29.27
C ILE A 620 35.84 -72.50 -30.15
N ILE A 621 35.84 -72.88 -31.44
CA ILE A 621 34.84 -72.36 -32.36
C ILE A 621 33.44 -72.81 -31.94
N VAL A 622 33.29 -74.11 -31.65
CA VAL A 622 31.97 -74.65 -31.33
C VAL A 622 31.43 -74.01 -30.05
N ALA A 623 32.27 -73.86 -29.03
CA ALA A 623 31.83 -73.27 -27.79
C ALA A 623 31.71 -71.75 -27.85
N SER A 624 32.29 -71.11 -28.86
CA SER A 624 32.12 -69.68 -29.03
C SER A 624 30.84 -69.34 -29.79
N TYR A 625 30.35 -70.26 -30.62
CA TYR A 625 29.05 -70.06 -31.26
C TYR A 625 27.93 -69.89 -30.22
N THR A 626 27.85 -70.84 -29.29
CA THR A 626 26.71 -70.89 -28.36
C THR A 626 26.66 -69.67 -27.47
N ALA A 627 27.82 -69.21 -26.98
CA ALA A 627 27.85 -68.04 -26.11
C ALA A 627 27.23 -66.83 -26.80
N ASN A 628 27.66 -66.56 -28.03
CA ASN A 628 27.15 -65.39 -28.75
C ASN A 628 25.67 -65.54 -29.05
N LEU A 629 25.23 -66.74 -29.46
CA LEU A 629 23.82 -66.91 -29.76
C LEU A 629 22.96 -66.71 -28.52
N ALA A 630 23.40 -67.25 -27.38
CA ALA A 630 22.65 -67.07 -26.14
C ALA A 630 22.61 -65.61 -25.73
N ALA A 631 23.72 -64.89 -25.89
CA ALA A 631 23.74 -63.47 -25.57
C ALA A 631 22.73 -62.71 -26.44
N PHE A 632 22.74 -62.97 -27.74
CA PHE A 632 21.83 -62.27 -28.64
C PHE A 632 20.38 -62.59 -28.31
N LEU A 633 20.07 -63.86 -28.02
CA LEU A 633 18.70 -64.21 -27.68
C LEU A 633 18.27 -63.58 -26.37
N VAL A 634 19.16 -63.54 -25.36
CA VAL A 634 18.82 -62.93 -24.09
C VAL A 634 18.58 -61.44 -24.25
N LEU A 635 19.31 -60.79 -25.16
CA LEU A 635 19.20 -59.35 -25.35
C LEU A 635 18.10 -58.97 -26.35
N ASP A 636 17.07 -59.80 -26.47
CA ASP A 636 15.96 -59.56 -27.38
C ASP A 636 14.76 -59.02 -26.60
N ARG A 637 13.60 -58.96 -27.27
CA ARG A 637 12.33 -58.47 -26.75
C ARG A 637 12.38 -57.01 -26.35
N PRO A 638 12.52 -56.09 -27.29
CA PRO A 638 12.44 -54.66 -26.97
C PRO A 638 11.03 -54.11 -27.16
N GLU A 639 10.73 -53.08 -26.39
CA GLU A 639 9.41 -52.43 -26.44
C GLU A 639 9.53 -51.07 -25.77
N GLU A 640 8.40 -50.37 -25.68
CA GLU A 640 8.35 -49.07 -25.04
C GLU A 640 7.98 -49.18 -23.56
N ARG A 641 6.83 -49.77 -23.28
CA ARG A 641 6.34 -49.96 -21.91
C ARG A 641 6.31 -48.63 -21.15
N ILE A 642 5.45 -47.73 -21.62
CA ILE A 642 5.35 -46.40 -21.06
C ILE A 642 5.03 -46.49 -19.57
N THR A 643 5.85 -45.84 -18.76
CA THR A 643 5.65 -45.78 -17.31
C THR A 643 4.86 -44.52 -16.91
N GLY A 644 3.71 -44.33 -17.54
CA GLY A 644 2.90 -43.18 -17.25
C GLY A 644 3.51 -41.90 -17.76
N ILE A 645 3.11 -40.79 -17.13
CA ILE A 645 3.63 -39.47 -17.48
C ILE A 645 5.09 -39.29 -17.12
N ASN A 646 5.65 -40.20 -16.33
CA ASN A 646 7.05 -40.05 -15.90
C ASN A 646 8.01 -40.15 -17.08
N ASP A 647 7.66 -40.92 -18.09
CA ASP A 647 8.53 -41.07 -19.26
C ASP A 647 8.59 -39.74 -20.02
N PRO A 648 9.78 -39.17 -20.23
CA PRO A 648 9.85 -37.87 -20.90
C PRO A 648 9.49 -37.92 -22.37
N ARG A 649 9.37 -39.10 -22.96
CA ARG A 649 9.07 -39.20 -24.38
C ARG A 649 7.73 -38.55 -24.71
N LEU A 650 6.69 -38.87 -23.96
CA LEU A 650 5.37 -38.29 -24.21
C LEU A 650 5.23 -36.89 -23.63
N ARG A 651 6.15 -36.45 -22.78
CA ARG A 651 6.16 -35.07 -22.31
C ARG A 651 6.62 -34.10 -23.36
N ASN A 652 7.23 -34.58 -24.44
CA ASN A 652 7.59 -33.78 -25.61
C ASN A 652 7.75 -34.71 -26.81
N PRO A 653 6.68 -35.32 -27.30
CA PRO A 653 6.80 -36.32 -28.36
C PRO A 653 6.70 -35.71 -29.75
N SER A 654 7.11 -36.51 -30.73
CA SER A 654 6.95 -36.16 -32.14
C SER A 654 5.62 -36.69 -32.67
N ASP A 655 5.27 -36.27 -33.87
CA ASP A 655 4.02 -36.71 -34.48
C ASP A 655 4.04 -38.19 -34.84
N LYS A 656 5.23 -38.81 -34.90
CA LYS A 656 5.29 -40.25 -35.10
C LYS A 656 4.73 -41.02 -33.92
N PHE A 657 4.69 -40.40 -32.74
CA PHE A 657 4.06 -40.97 -31.56
C PHE A 657 2.70 -40.32 -31.38
N ILE A 658 1.65 -41.13 -31.30
CA ILE A 658 0.28 -40.63 -31.25
C ILE A 658 -0.33 -41.00 -29.91
N TYR A 659 -1.13 -40.08 -29.37
CA TYR A 659 -1.80 -40.28 -28.08
C TYR A 659 -2.92 -39.27 -27.98
N ALA A 660 -4.14 -39.73 -27.69
CA ALA A 660 -5.31 -38.87 -27.69
C ALA A 660 -6.25 -39.31 -26.56
N THR A 661 -7.37 -38.61 -26.46
CA THR A 661 -8.39 -38.90 -25.46
C THR A 661 -9.73 -38.36 -25.98
N VAL A 662 -10.77 -38.60 -25.20
CA VAL A 662 -12.11 -38.17 -25.59
C VAL A 662 -12.24 -36.67 -25.39
N LYS A 663 -12.97 -36.03 -26.31
CA LYS A 663 -13.13 -34.59 -26.28
C LYS A 663 -14.10 -34.16 -25.19
N GLN A 664 -13.90 -32.95 -24.69
CA GLN A 664 -14.83 -32.23 -23.81
C GLN A 664 -15.05 -32.92 -22.47
N SER A 665 -14.25 -33.92 -22.14
CA SER A 665 -14.40 -34.61 -20.86
C SER A 665 -13.64 -33.88 -19.76
N SER A 666 -13.49 -34.52 -18.60
CA SER A 666 -12.76 -33.91 -17.49
C SER A 666 -11.25 -33.93 -17.71
N VAL A 667 -10.74 -34.87 -18.51
CA VAL A 667 -9.30 -34.92 -18.74
C VAL A 667 -8.82 -33.68 -19.49
N ASP A 668 -9.63 -33.16 -20.40
CA ASP A 668 -9.28 -31.91 -21.07
C ASP A 668 -9.21 -30.76 -20.08
N ILE A 669 -10.14 -30.72 -19.14
CA ILE A 669 -10.14 -29.68 -18.11
C ILE A 669 -8.87 -29.79 -17.26
N TYR A 670 -8.50 -31.02 -16.87
CA TYR A 670 -7.29 -31.19 -16.07
C TYR A 670 -6.04 -30.79 -16.85
N PHE A 671 -5.96 -31.18 -18.12
CA PHE A 671 -4.80 -30.83 -18.94
C PHE A 671 -4.70 -29.34 -19.16
N ARG A 672 -5.85 -28.65 -19.30
CA ARG A 672 -5.82 -27.20 -19.39
C ARG A 672 -5.32 -26.57 -18.11
N ARG A 673 -5.68 -27.15 -16.96
CA ARG A 673 -5.24 -26.63 -15.67
C ARG A 673 -3.84 -27.12 -15.34
N GLN A 674 -2.90 -26.91 -16.27
CA GLN A 674 -1.51 -27.32 -16.06
C GLN A 674 -0.63 -26.46 -16.95
N VAL A 675 0.14 -25.55 -16.34
CA VAL A 675 1.02 -24.66 -17.08
C VAL A 675 2.19 -25.39 -17.73
N GLU A 676 2.40 -26.66 -17.37
CA GLU A 676 3.55 -27.42 -17.82
C GLU A 676 3.30 -28.21 -19.11
N LEU A 677 2.16 -28.89 -19.21
CA LEU A 677 1.88 -29.79 -20.32
C LEU A 677 1.02 -29.15 -21.41
N SER A 678 1.23 -27.85 -21.66
CA SER A 678 0.45 -27.17 -22.70
C SER A 678 0.72 -27.77 -24.07
N THR A 679 1.98 -28.09 -24.38
CA THR A 679 2.30 -28.67 -25.68
C THR A 679 1.68 -30.05 -25.84
N MET A 680 1.64 -30.84 -24.76
CA MET A 680 0.95 -32.13 -24.82
C MET A 680 -0.53 -31.93 -25.05
N TYR A 681 -1.12 -30.91 -24.43
CA TYR A 681 -2.53 -30.61 -24.66
C TYR A 681 -2.77 -30.25 -26.12
N ARG A 682 -1.87 -29.46 -26.72
CA ARG A 682 -2.02 -29.11 -28.13
C ARG A 682 -1.88 -30.34 -29.02
N HIS A 683 -0.92 -31.22 -28.71
CA HIS A 683 -0.74 -32.43 -29.49
C HIS A 683 -1.98 -33.32 -29.43
N MET A 684 -2.57 -33.45 -28.23
CA MET A 684 -3.81 -34.20 -28.10
C MET A 684 -4.95 -33.54 -28.87
N GLU A 685 -5.05 -32.21 -28.79
CA GLU A 685 -6.12 -31.49 -29.47
C GLU A 685 -5.97 -31.51 -30.97
N LYS A 686 -4.78 -31.84 -31.49
CA LYS A 686 -4.62 -32.01 -32.93
C LYS A 686 -5.53 -33.10 -33.46
N HIS A 687 -5.61 -34.22 -32.75
CA HIS A 687 -6.50 -35.33 -33.12
C HIS A 687 -7.10 -35.91 -31.85
N ASN A 688 -8.39 -35.69 -31.63
CA ASN A 688 -9.10 -36.23 -30.49
C ASN A 688 -10.44 -36.78 -30.95
N TYR A 689 -10.95 -37.78 -30.23
CA TYR A 689 -12.20 -38.44 -30.59
C TYR A 689 -13.36 -37.87 -29.79
N GLU A 690 -14.46 -37.57 -30.50
CA GLU A 690 -15.65 -37.07 -29.82
C GLU A 690 -16.26 -38.13 -28.90
N SER A 691 -16.31 -39.37 -29.35
CA SER A 691 -16.86 -40.45 -28.56
C SER A 691 -15.78 -41.09 -27.68
N ALA A 692 -16.21 -42.00 -26.81
CA ALA A 692 -15.30 -42.71 -25.92
C ALA A 692 -15.35 -44.23 -26.14
N ALA A 693 -16.24 -44.72 -26.98
CA ALA A 693 -16.30 -46.14 -27.29
C ALA A 693 -15.62 -46.50 -28.61
N GLU A 694 -15.66 -45.60 -29.59
CA GLU A 694 -14.94 -45.81 -30.83
C GLU A 694 -13.43 -45.64 -30.65
N ALA A 695 -13.00 -44.97 -29.58
CA ALA A 695 -11.57 -44.81 -29.32
C ALA A 695 -10.91 -46.17 -29.07
N ILE A 696 -11.58 -47.04 -28.33
CA ILE A 696 -11.02 -48.37 -28.05
C ILE A 696 -10.89 -49.17 -29.33
N GLN A 697 -11.91 -49.10 -30.21
CA GLN A 697 -11.82 -49.79 -31.49
C GLN A 697 -10.69 -49.21 -32.34
N ALA A 698 -10.54 -47.88 -32.33
CA ALA A 698 -9.46 -47.26 -33.09
C ALA A 698 -8.10 -47.71 -32.58
N VAL A 699 -7.95 -47.83 -31.27
CA VAL A 699 -6.71 -48.35 -30.70
C VAL A 699 -6.49 -49.79 -31.14
N ARG A 700 -7.53 -50.61 -31.07
CA ARG A 700 -7.42 -52.00 -31.49
C ARG A 700 -7.13 -52.13 -32.98
N ASP A 701 -7.39 -51.07 -33.75
CA ASP A 701 -6.99 -51.00 -35.15
C ASP A 701 -5.63 -50.34 -35.34
N ASN A 702 -4.94 -50.04 -34.24
CA ASN A 702 -3.56 -49.53 -34.21
C ASN A 702 -3.42 -48.13 -34.81
N LYS A 703 -4.52 -47.46 -35.16
CA LYS A 703 -4.41 -46.04 -35.51
C LYS A 703 -3.98 -45.22 -34.31
N LEU A 704 -4.44 -45.58 -33.11
CA LEU A 704 -3.96 -45.04 -31.85
C LEU A 704 -3.37 -46.18 -31.03
N HIS A 705 -2.36 -45.85 -30.22
CA HIS A 705 -1.78 -46.86 -29.34
C HIS A 705 -1.44 -46.32 -27.96
N ALA A 706 -1.89 -45.13 -27.60
CA ALA A 706 -1.62 -44.55 -26.29
C ALA A 706 -2.86 -43.85 -25.74
N PHE A 707 -4.00 -44.54 -25.82
CA PHE A 707 -5.24 -43.99 -25.29
C PHE A 707 -5.13 -43.75 -23.80
N ILE A 708 -5.55 -42.57 -23.35
CA ILE A 708 -5.51 -42.18 -21.95
C ILE A 708 -6.93 -41.84 -21.50
N TRP A 709 -7.37 -42.47 -20.42
CA TRP A 709 -8.76 -42.38 -19.98
C TRP A 709 -8.81 -42.90 -18.55
N ASP A 710 -10.00 -42.79 -17.93
CA ASP A 710 -10.10 -43.09 -16.50
C ASP A 710 -9.93 -44.58 -16.24
N SER A 711 -10.01 -44.95 -14.96
CA SER A 711 -9.54 -46.26 -14.53
C SER A 711 -10.54 -47.37 -14.86
N ALA A 712 -11.74 -47.29 -14.30
CA ALA A 712 -12.62 -48.46 -14.24
C ALA A 712 -13.00 -48.96 -15.64
N VAL A 713 -13.34 -48.04 -16.54
CA VAL A 713 -13.68 -48.44 -17.91
C VAL A 713 -12.49 -49.13 -18.55
N LEU A 714 -11.28 -48.61 -18.33
CA LEU A 714 -10.09 -49.21 -18.90
C LEU A 714 -9.84 -50.59 -18.33
N GLU A 715 -10.02 -50.75 -17.02
CA GLU A 715 -9.81 -52.05 -16.38
C GLU A 715 -10.76 -53.09 -16.96
N PHE A 716 -12.04 -52.73 -17.11
CA PHE A 716 -13.00 -53.68 -17.68
C PHE A 716 -12.66 -54.01 -19.13
N GLU A 717 -12.41 -52.98 -19.95
CA GLU A 717 -12.15 -53.20 -21.36
C GLU A 717 -10.83 -53.92 -21.61
N ALA A 718 -9.90 -53.87 -20.66
CA ALA A 718 -8.66 -54.64 -20.77
C ALA A 718 -8.80 -56.05 -20.23
N SER A 719 -9.61 -56.25 -19.19
CA SER A 719 -9.85 -57.58 -18.69
C SER A 719 -10.70 -58.42 -19.63
N GLN A 720 -11.52 -57.79 -20.47
CA GLN A 720 -12.38 -58.53 -21.38
C GLN A 720 -11.74 -58.72 -22.76
N LYS A 721 -11.42 -57.62 -23.44
CA LYS A 721 -10.80 -57.70 -24.76
C LYS A 721 -9.32 -58.01 -24.58
N CYS A 722 -8.88 -59.15 -25.12
CA CYS A 722 -7.55 -59.67 -24.82
C CYS A 722 -6.43 -58.79 -25.37
N ASP A 723 -6.63 -58.21 -26.56
CA ASP A 723 -5.52 -57.58 -27.28
C ASP A 723 -4.95 -56.34 -26.60
N LEU A 724 -5.63 -55.80 -25.60
CA LEU A 724 -5.20 -54.56 -24.94
C LEU A 724 -4.79 -54.85 -23.50
N VAL A 725 -4.02 -53.93 -22.93
CA VAL A 725 -3.47 -54.12 -21.59
C VAL A 725 -3.25 -52.76 -20.95
N THR A 726 -3.55 -52.68 -19.64
CA THR A 726 -3.27 -51.47 -18.88
C THR A 726 -1.79 -51.36 -18.55
N THR A 727 -1.37 -50.16 -18.17
CA THR A 727 0.02 -49.89 -17.86
C THR A 727 0.10 -48.66 -16.95
N GLY A 728 1.31 -48.14 -16.77
CA GLY A 728 1.50 -46.89 -16.06
C GLY A 728 1.12 -46.94 -14.59
N GLU A 729 0.91 -45.74 -14.04
CA GLU A 729 0.55 -45.57 -12.64
C GLU A 729 -0.56 -44.53 -12.54
N LEU A 730 -1.27 -44.56 -11.42
CA LEU A 730 -2.40 -43.66 -11.22
C LEU A 730 -1.92 -42.22 -11.03
N PHE A 731 -2.85 -41.29 -11.26
CA PHE A 731 -2.66 -39.87 -10.99
C PHE A 731 -4.02 -39.19 -11.09
N PHE A 732 -4.18 -38.08 -10.35
CA PHE A 732 -5.45 -37.37 -10.25
C PHE A 732 -6.55 -38.31 -9.75
N ARG A 733 -6.32 -38.85 -8.56
CA ARG A 733 -7.21 -39.85 -7.96
C ARG A 733 -8.44 -39.13 -7.40
N SER A 734 -9.41 -38.89 -8.28
CA SER A 734 -10.67 -38.26 -7.91
C SER A 734 -11.81 -39.19 -8.32
N GLY A 735 -12.73 -39.44 -7.40
CA GLY A 735 -13.76 -40.43 -7.60
C GLY A 735 -14.90 -39.94 -8.47
N PHE A 736 -15.98 -40.71 -8.47
CA PHE A 736 -17.16 -40.46 -9.26
C PHE A 736 -18.25 -39.84 -8.38
N GLY A 737 -19.45 -39.71 -8.90
CA GLY A 737 -20.55 -39.18 -8.11
C GLY A 737 -21.80 -39.04 -8.94
N ILE A 738 -22.91 -38.81 -8.24
CA ILE A 738 -24.21 -38.59 -8.87
C ILE A 738 -24.62 -37.15 -8.61
N GLY A 739 -24.85 -36.39 -9.68
CA GLY A 739 -25.18 -34.99 -9.55
C GLY A 739 -26.66 -34.76 -9.30
N MET A 740 -26.94 -33.62 -8.64
CA MET A 740 -28.30 -33.18 -8.37
C MET A 740 -28.35 -31.68 -8.57
N ARG A 741 -29.41 -31.04 -8.10
CA ARG A 741 -29.54 -29.59 -8.16
C ARG A 741 -29.34 -29.00 -6.78
N LYS A 742 -28.82 -27.77 -6.74
CA LYS A 742 -28.27 -27.21 -5.51
C LYS A 742 -29.31 -27.14 -4.39
N ASP A 743 -30.60 -27.03 -4.73
CA ASP A 743 -31.64 -26.91 -3.72
C ASP A 743 -32.69 -28.03 -3.82
N SER A 744 -32.31 -29.18 -4.36
CA SER A 744 -33.24 -30.29 -4.44
C SER A 744 -33.60 -30.76 -3.03
N PRO A 745 -34.89 -30.91 -2.72
CA PRO A 745 -35.26 -31.28 -1.34
C PRO A 745 -34.76 -32.64 -0.91
N TRP A 746 -34.41 -33.52 -1.84
CA TRP A 746 -33.84 -34.81 -1.47
C TRP A 746 -32.52 -34.62 -0.73
N LYS A 747 -31.54 -34.02 -1.40
CA LYS A 747 -30.29 -33.55 -0.80
C LYS A 747 -29.60 -34.58 0.09
N GLN A 748 -29.43 -34.21 1.36
CA GLN A 748 -28.61 -34.99 2.28
C GLN A 748 -28.99 -36.45 2.30
N ASN A 749 -30.29 -36.74 2.27
CA ASN A 749 -30.78 -38.11 2.33
C ASN A 749 -30.07 -38.99 1.31
N VAL A 750 -29.96 -38.52 0.07
CA VAL A 750 -29.35 -39.32 -0.99
C VAL A 750 -27.96 -39.76 -0.55
N SER A 751 -27.14 -38.81 -0.08
CA SER A 751 -25.78 -39.13 0.32
C SER A 751 -25.77 -40.28 1.32
N LEU A 752 -26.63 -40.18 2.35
CA LEU A 752 -26.65 -41.21 3.38
C LEU A 752 -26.80 -42.59 2.76
N SER A 753 -27.76 -42.73 1.83
CA SER A 753 -28.03 -44.04 1.25
C SER A 753 -26.76 -44.63 0.66
N ILE A 754 -26.01 -43.83 -0.11
CA ILE A 754 -24.81 -44.36 -0.75
C ILE A 754 -23.86 -44.92 0.30
N LEU A 755 -23.66 -44.18 1.38
CA LEU A 755 -22.75 -44.66 2.43
C LEU A 755 -23.25 -45.97 3.01
N LYS A 756 -24.56 -46.07 3.24
CA LYS A 756 -25.11 -47.33 3.74
C LYS A 756 -24.87 -48.44 2.72
N SER A 757 -25.04 -48.13 1.43
CA SER A 757 -24.79 -49.11 0.39
C SER A 757 -23.34 -49.57 0.35
N HIS A 758 -22.45 -48.95 1.14
CA HIS A 758 -21.07 -49.38 1.23
C HIS A 758 -20.81 -50.29 2.41
N GLU A 759 -21.64 -50.23 3.46
CA GLU A 759 -21.34 -50.96 4.67
C GLU A 759 -21.52 -52.47 4.49
N ASN A 760 -22.64 -52.88 3.91
CA ASN A 760 -22.97 -54.29 3.80
C ASN A 760 -22.47 -54.93 2.51
N GLY A 761 -21.47 -54.33 1.87
CA GLY A 761 -20.90 -54.92 0.67
C GLY A 761 -21.82 -54.91 -0.54
N PHE A 762 -22.85 -54.06 -0.53
CA PHE A 762 -23.77 -54.00 -1.66
C PHE A 762 -23.05 -53.59 -2.94
N MET A 763 -22.21 -52.56 -2.86
CA MET A 763 -21.42 -52.17 -4.02
C MET A 763 -20.42 -53.26 -4.40
N GLU A 764 -19.91 -54.00 -3.41
CA GLU A 764 -19.04 -55.13 -3.72
C GLU A 764 -19.79 -56.19 -4.52
N ASP A 765 -21.02 -56.50 -4.11
CA ASP A 765 -21.82 -57.47 -4.85
C ASP A 765 -22.11 -56.98 -6.27
N LEU A 766 -22.46 -55.70 -6.40
CA LEU A 766 -22.75 -55.15 -7.73
C LEU A 766 -21.52 -55.18 -8.62
N ASP A 767 -20.35 -54.87 -8.05
CA ASP A 767 -19.11 -54.98 -8.81
C ASP A 767 -18.85 -56.42 -9.21
N LYS A 768 -19.15 -57.37 -8.33
CA LYS A 768 -18.96 -58.78 -8.64
C LYS A 768 -19.84 -59.21 -9.81
N THR A 769 -21.08 -58.72 -9.84
CA THR A 769 -21.99 -59.12 -10.92
C THR A 769 -21.59 -58.51 -12.26
N TRP A 770 -21.37 -57.19 -12.30
CA TRP A 770 -21.22 -56.50 -13.57
C TRP A 770 -19.75 -56.26 -13.94
N VAL A 771 -19.00 -55.61 -13.05
CA VAL A 771 -17.70 -55.08 -13.46
C VAL A 771 -16.55 -56.06 -13.20
N ARG A 772 -16.72 -57.03 -12.31
CA ARG A 772 -15.63 -57.95 -11.96
C ARG A 772 -16.09 -59.39 -12.19
N TYR A 773 -15.81 -59.91 -13.36
CA TYR A 773 -15.87 -61.35 -13.58
C TYR A 773 -14.60 -61.90 -14.21
N GLN A 774 -13.97 -61.14 -15.11
CA GLN A 774 -12.62 -61.40 -15.62
C GLN A 774 -12.56 -62.63 -16.52
N GLU A 775 -11.88 -62.49 -17.66
CA GLU A 775 -11.65 -63.60 -18.59
C GLU A 775 -10.17 -63.87 -18.82
N CYS A 776 -9.39 -62.83 -19.11
CA CYS A 776 -7.99 -63.01 -19.48
C CYS A 776 -7.08 -62.94 -18.27
N ASP A 777 -5.94 -63.60 -18.37
CA ASP A 777 -4.95 -63.64 -17.31
C ASP A 777 -3.92 -62.54 -17.50
N SER A 778 -2.83 -62.58 -16.74
CA SER A 778 -1.77 -61.58 -16.81
C SER A 778 -0.58 -62.03 -17.65
N ARG A 779 -0.14 -63.27 -17.47
CA ARG A 779 1.02 -63.84 -18.18
C ARG A 779 2.26 -63.01 -17.86
N SER A 780 3.26 -63.05 -18.74
CA SER A 780 4.52 -62.34 -18.53
C SER A 780 5.21 -62.17 -19.87
N ASN A 781 6.48 -61.76 -19.84
CA ASN A 781 7.23 -61.57 -21.08
C ASN A 781 7.38 -62.88 -21.84
N ALA A 782 7.86 -63.93 -21.16
CA ALA A 782 7.98 -65.27 -21.72
C ALA A 782 8.72 -65.24 -23.06
N PRO A 783 10.07 -65.09 -23.04
CA PRO A 783 10.84 -64.97 -24.29
C PRO A 783 10.40 -65.90 -25.41
N ALA A 784 10.44 -65.42 -26.64
CA ALA A 784 9.77 -66.06 -27.75
C ALA A 784 10.37 -67.42 -28.07
N THR A 785 9.49 -68.40 -28.32
CA THR A 785 9.91 -69.68 -28.85
C THR A 785 10.40 -69.51 -30.28
N LEU A 786 11.46 -70.23 -30.63
CA LEU A 786 12.04 -70.11 -31.97
C LEU A 786 11.08 -70.59 -33.05
N THR A 787 10.20 -71.53 -32.71
CA THR A 787 9.14 -72.01 -33.61
C THR A 787 9.78 -72.58 -34.87
N PHE A 788 9.56 -71.98 -36.04
CA PHE A 788 10.04 -72.55 -37.30
C PHE A 788 10.96 -71.60 -38.09
N GLU A 789 11.27 -70.43 -37.55
CA GLU A 789 11.96 -69.41 -38.33
C GLU A 789 13.45 -69.67 -38.47
N ASN A 790 14.04 -70.52 -37.64
CA ASN A 790 15.38 -71.06 -37.88
C ASN A 790 15.34 -72.42 -38.56
N MET A 791 14.33 -73.22 -38.22
CA MET A 791 14.10 -74.48 -38.88
C MET A 791 14.01 -74.30 -40.39
N ALA A 792 13.44 -73.19 -40.83
CA ALA A 792 13.39 -72.88 -42.27
C ALA A 792 14.76 -73.03 -42.90
N GLY A 793 15.73 -72.23 -42.44
CA GLY A 793 17.06 -72.28 -43.01
C GLY A 793 17.76 -73.61 -42.81
N VAL A 794 17.63 -74.18 -41.62
CA VAL A 794 18.35 -75.42 -41.33
C VAL A 794 17.84 -76.55 -42.21
N PHE A 795 16.52 -76.72 -42.28
CA PHE A 795 15.97 -77.76 -43.14
C PHE A 795 16.19 -77.43 -44.60
N MET A 796 16.32 -76.15 -44.94
CA MET A 796 16.66 -75.79 -46.32
C MET A 796 18.04 -76.30 -46.69
N ILE A 797 19.01 -76.17 -45.77
CA ILE A 797 20.34 -76.69 -46.06
C ILE A 797 20.34 -78.22 -46.07
N VAL A 798 19.52 -78.84 -45.22
CA VAL A 798 19.55 -80.30 -45.16
C VAL A 798 18.77 -80.94 -46.31
N ALA A 799 17.84 -80.21 -46.94
CA ALA A 799 17.06 -80.78 -48.03
C ALA A 799 17.93 -81.00 -49.26
N GLY A 800 18.76 -80.02 -49.61
CA GLY A 800 19.62 -80.15 -50.78
C GLY A 800 20.69 -81.21 -50.64
N GLY A 801 20.97 -81.64 -49.41
CA GLY A 801 21.95 -82.70 -49.22
C GLY A 801 21.54 -84.00 -49.87
N ILE A 802 20.24 -84.30 -49.87
CA ILE A 802 19.75 -85.53 -50.50
C ILE A 802 20.00 -85.50 -52.01
N VAL A 803 19.67 -84.37 -52.64
CA VAL A 803 19.87 -84.23 -54.07
C VAL A 803 21.37 -84.29 -54.41
N ALA A 804 22.19 -83.60 -53.61
CA ALA A 804 23.62 -83.65 -53.83
C ALA A 804 24.16 -85.07 -53.69
N GLY A 805 23.67 -85.81 -52.70
CA GLY A 805 24.11 -87.18 -52.52
C GLY A 805 23.69 -88.08 -53.67
N ILE A 806 22.48 -87.89 -54.18
CA ILE A 806 22.02 -88.69 -55.33
C ILE A 806 22.89 -88.41 -56.54
N PHE A 807 23.16 -87.13 -56.80
CA PHE A 807 23.97 -86.76 -57.97
C PHE A 807 25.39 -87.30 -57.84
N LEU A 808 25.97 -87.17 -56.64
CA LEU A 808 27.33 -87.67 -56.42
C LEU A 808 27.37 -89.18 -56.46
N ILE A 809 26.30 -89.86 -56.04
CA ILE A 809 26.25 -91.31 -56.15
C ILE A 809 26.24 -91.72 -57.62
N PHE A 810 25.45 -91.01 -58.44
CA PHE A 810 25.46 -91.28 -59.88
C PHE A 810 26.86 -91.10 -60.46
N ILE A 811 27.50 -89.97 -60.14
CA ILE A 811 28.82 -89.69 -60.73
C ILE A 811 29.86 -90.69 -60.21
N GLU A 812 29.74 -91.11 -58.95
CA GLU A 812 30.70 -92.07 -58.40
C GLU A 812 30.51 -93.45 -59.01
N ILE A 813 29.26 -93.85 -59.25
CA ILE A 813 29.01 -95.12 -59.94
C ILE A 813 29.58 -95.06 -61.35
N ALA A 814 29.40 -93.93 -62.04
CA ALA A 814 29.97 -93.78 -63.38
C ALA A 814 31.49 -93.87 -63.35
N TYR A 815 32.11 -93.21 -62.37
CA TYR A 815 33.57 -93.26 -62.25
C TYR A 815 34.06 -94.67 -61.96
N LYS A 816 33.38 -95.38 -61.05
CA LYS A 816 33.79 -96.73 -60.70
C LYS A 816 33.64 -97.69 -61.87
N SER A 817 32.55 -97.56 -62.63
CA SER A 817 32.34 -98.45 -63.78
C SER A 817 33.31 -98.14 -64.90
N ARG A 818 33.57 -96.85 -65.16
CA ARG A 818 34.47 -96.48 -66.24
C ARG A 818 35.91 -96.90 -65.94
N ALA A 819 36.35 -96.73 -64.69
CA ALA A 819 37.71 -97.08 -64.31
C ALA A 819 37.78 -97.42 -62.82
N SER B 1 -42.10 15.95 -56.75
CA SER B 1 -43.55 15.84 -56.93
C SER B 1 -44.26 14.99 -55.85
N PRO B 2 -43.69 13.84 -55.46
CA PRO B 2 -44.32 13.05 -54.40
C PRO B 2 -43.95 13.50 -52.99
N PRO B 3 -42.73 14.08 -52.73
CA PRO B 3 -42.13 13.90 -51.40
C PRO B 3 -42.96 14.39 -50.22
N SER B 4 -43.22 15.70 -50.16
CA SER B 4 -43.92 16.32 -49.03
C SER B 4 -43.31 15.89 -47.69
N ILE B 5 -41.99 16.00 -47.58
CA ILE B 5 -41.24 15.59 -46.39
C ILE B 5 -40.58 16.80 -45.75
N GLY B 6 -41.25 17.96 -45.82
CA GLY B 6 -40.74 19.20 -45.28
C GLY B 6 -40.05 19.10 -43.93
N ILE B 7 -38.90 19.75 -43.80
CA ILE B 7 -38.05 19.66 -42.61
C ILE B 7 -37.51 21.04 -42.28
N ALA B 8 -37.50 21.37 -40.99
CA ALA B 8 -36.97 22.62 -40.48
C ALA B 8 -35.65 22.38 -39.74
N VAL B 9 -34.90 23.47 -39.54
CA VAL B 9 -33.62 23.42 -38.84
C VAL B 9 -33.60 24.59 -37.84
N ILE B 10 -33.27 24.29 -36.60
CA ILE B 10 -33.30 25.28 -35.52
C ILE B 10 -31.92 25.34 -34.87
N LEU B 11 -31.38 26.55 -34.75
CA LEU B 11 -30.16 26.82 -34.00
C LEU B 11 -30.43 27.96 -33.02
N VAL B 12 -29.70 27.95 -31.91
CA VAL B 12 -29.93 28.96 -30.87
C VAL B 12 -28.67 29.63 -30.37
N GLY B 13 -27.48 29.13 -30.69
CA GLY B 13 -26.27 29.72 -30.15
C GLY B 13 -25.56 30.67 -31.08
N THR B 14 -26.28 31.14 -32.12
CA THR B 14 -25.72 32.04 -33.12
C THR B 14 -24.44 31.46 -33.72
N SER B 15 -24.52 30.21 -34.14
CA SER B 15 -23.37 29.50 -34.70
C SER B 15 -23.16 29.95 -36.15
N ASP B 16 -22.33 29.21 -36.88
CA ASP B 16 -22.02 29.53 -38.27
C ASP B 16 -23.23 29.18 -39.13
N GLU B 17 -24.18 30.11 -39.18
CA GLU B 17 -25.39 29.90 -39.96
C GLU B 17 -25.08 29.83 -41.46
N VAL B 18 -24.12 30.63 -41.93
CA VAL B 18 -23.76 30.61 -43.33
C VAL B 18 -23.15 29.26 -43.71
N ALA B 19 -22.38 28.67 -42.80
CA ALA B 19 -21.78 27.36 -43.07
C ALA B 19 -22.85 26.29 -43.26
N ILE B 20 -23.89 26.31 -42.42
CA ILE B 20 -24.97 25.34 -42.55
C ILE B 20 -25.92 25.70 -43.69
N LYS B 21 -25.90 26.94 -44.17
CA LYS B 21 -26.78 27.33 -45.27
C LYS B 21 -26.43 26.56 -46.54
N ASP B 22 -25.14 26.42 -46.85
CA ASP B 22 -24.73 25.62 -47.99
C ASP B 22 -24.80 24.13 -47.71
N ALA B 23 -24.83 23.73 -46.44
CA ALA B 23 -24.96 22.33 -46.04
C ALA B 23 -26.39 21.92 -45.76
N HIS B 24 -27.36 22.82 -45.96
CA HIS B 24 -28.75 22.45 -45.75
C HIS B 24 -29.20 21.41 -46.78
N GLU B 25 -28.89 21.65 -48.05
CA GLU B 25 -29.23 20.70 -49.11
C GLU B 25 -28.26 20.92 -50.27
N LYS B 26 -27.26 20.04 -50.38
CA LYS B 26 -26.26 20.17 -51.43
C LYS B 26 -26.05 18.86 -52.17
N ASP B 27 -26.31 17.74 -51.50
CA ASP B 27 -26.08 16.43 -52.10
C ASP B 27 -27.32 15.99 -52.88
N ASP B 28 -27.18 14.85 -53.56
CA ASP B 28 -28.22 14.29 -54.40
C ASP B 28 -28.43 12.83 -54.05
N PHE B 29 -29.69 12.39 -54.08
CA PHE B 29 -30.03 10.97 -53.94
C PHE B 29 -31.03 10.60 -55.05
N HIS B 30 -30.51 10.22 -56.21
CA HIS B 30 -31.37 9.77 -57.30
C HIS B 30 -32.03 8.44 -56.99
N HIS B 31 -31.51 7.69 -56.01
CA HIS B 31 -32.13 6.43 -55.62
C HIS B 31 -33.43 6.64 -54.84
N LEU B 32 -33.62 7.83 -54.26
CA LEU B 32 -34.81 8.13 -53.47
C LEU B 32 -35.57 9.30 -54.11
N SER B 33 -36.89 9.31 -53.92
CA SER B 33 -37.77 10.31 -54.51
C SER B 33 -38.55 11.05 -53.42
N VAL B 34 -37.87 11.39 -52.32
CA VAL B 34 -38.51 12.05 -51.19
C VAL B 34 -37.76 13.31 -50.82
N VAL B 35 -37.18 13.98 -51.82
CA VAL B 35 -36.33 15.16 -51.64
C VAL B 35 -36.97 16.17 -50.69
N PRO B 36 -36.40 16.38 -49.50
CA PRO B 36 -36.99 17.34 -48.55
C PRO B 36 -36.56 18.77 -48.81
N ARG B 37 -36.98 19.69 -47.94
CA ARG B 37 -36.72 21.11 -48.08
C ARG B 37 -35.66 21.55 -47.06
N VAL B 38 -35.43 22.85 -46.99
CA VAL B 38 -34.49 23.45 -46.03
C VAL B 38 -35.09 24.74 -45.50
N GLU B 39 -35.27 24.82 -44.19
CA GLU B 39 -35.84 26.00 -43.54
C GLU B 39 -35.01 26.31 -42.29
N LEU B 40 -34.02 27.19 -42.44
CA LEU B 40 -33.20 27.63 -41.32
C LEU B 40 -33.96 28.68 -40.55
N VAL B 41 -34.40 28.33 -39.33
CA VAL B 41 -35.22 29.21 -38.51
C VAL B 41 -34.46 29.46 -37.20
N ALA B 42 -33.15 29.56 -37.31
CA ALA B 42 -32.32 29.78 -36.14
C ALA B 42 -32.74 31.05 -35.40
N MET B 43 -32.84 30.94 -34.07
CA MET B 43 -33.18 32.05 -33.19
C MET B 43 -32.11 32.20 -32.11
N ASN B 44 -32.41 33.01 -31.10
CA ASN B 44 -31.53 33.19 -29.96
C ASN B 44 -32.23 33.06 -28.60
N GLU B 45 -33.55 33.00 -28.56
CA GLU B 45 -34.25 32.83 -27.30
C GLU B 45 -34.02 31.42 -26.76
N THR B 46 -33.90 31.32 -25.44
CA THR B 46 -33.61 30.06 -24.76
C THR B 46 -34.57 29.82 -23.61
N ASP B 47 -35.87 30.01 -23.87
CA ASP B 47 -36.89 29.72 -22.89
C ASP B 47 -37.84 28.65 -23.44
N PRO B 48 -38.33 27.74 -22.58
CA PRO B 48 -39.16 26.63 -23.09
C PRO B 48 -40.41 27.09 -23.81
N LYS B 49 -41.03 28.18 -23.35
CA LYS B 49 -42.22 28.69 -24.02
C LYS B 49 -41.91 29.08 -25.45
N SER B 50 -40.76 29.72 -25.68
CA SER B 50 -40.36 30.06 -27.04
C SER B 50 -40.20 28.81 -27.88
N ILE B 51 -39.58 27.77 -27.33
CA ILE B 51 -39.37 26.54 -28.09
C ILE B 51 -40.70 25.94 -28.52
N ILE B 52 -41.62 25.75 -27.57
CA ILE B 52 -42.87 25.08 -27.90
C ILE B 52 -43.70 25.93 -28.85
N THR B 53 -43.81 27.24 -28.56
CA THR B 53 -44.60 28.11 -29.42
C THR B 53 -44.05 28.14 -30.84
N ARG B 54 -42.75 28.40 -30.99
CA ARG B 54 -42.16 28.48 -32.32
C ARG B 54 -42.31 27.17 -33.06
N ILE B 55 -42.03 26.05 -32.39
CA ILE B 55 -42.08 24.75 -33.07
C ILE B 55 -43.50 24.46 -33.56
N CYS B 56 -44.49 24.61 -32.66
CA CYS B 56 -45.82 24.14 -33.07
C CYS B 56 -46.46 25.13 -34.04
N ASP B 57 -46.21 26.44 -33.87
CA ASP B 57 -46.70 27.41 -34.84
C ASP B 57 -46.07 27.18 -36.21
N LEU B 58 -44.77 26.87 -36.25
CA LEU B 58 -44.12 26.61 -37.53
C LEU B 58 -44.70 25.37 -38.20
N MET B 59 -44.92 24.29 -37.45
CA MET B 59 -45.45 23.09 -38.08
C MET B 59 -46.91 23.27 -38.50
N SER B 60 -47.68 24.07 -37.75
CA SER B 60 -49.07 24.33 -38.16
C SER B 60 -49.13 25.22 -39.38
N ASP B 61 -48.23 26.19 -39.48
CA ASP B 61 -48.21 27.09 -40.63
C ASP B 61 -47.81 26.33 -41.89
N ARG B 62 -46.60 25.76 -41.90
CA ARG B 62 -46.12 24.93 -42.99
C ARG B 62 -45.96 23.50 -42.49
N LYS B 63 -46.53 22.55 -43.22
CA LYS B 63 -46.48 21.16 -42.81
C LYS B 63 -45.03 20.67 -42.79
N ILE B 64 -44.62 20.11 -41.65
CA ILE B 64 -43.26 19.63 -41.44
C ILE B 64 -43.34 18.24 -40.81
N GLN B 65 -42.58 17.30 -41.33
CA GLN B 65 -42.58 15.91 -40.86
C GLN B 65 -41.20 15.50 -40.37
N GLY B 66 -40.57 16.36 -39.58
CA GLY B 66 -39.25 16.06 -39.04
C GLY B 66 -38.37 17.29 -38.93
N VAL B 67 -37.66 17.40 -37.82
CA VAL B 67 -36.77 18.53 -37.55
C VAL B 67 -35.42 17.98 -37.13
N VAL B 68 -34.38 18.79 -37.30
CA VAL B 68 -33.04 18.48 -36.83
C VAL B 68 -32.58 19.62 -35.93
N PHE B 69 -32.21 19.28 -34.70
CA PHE B 69 -31.81 20.27 -33.71
C PHE B 69 -30.30 20.21 -33.50
N ALA B 70 -29.67 21.38 -33.43
CA ALA B 70 -28.23 21.49 -33.20
C ALA B 70 -27.95 22.57 -32.16
N ASP B 71 -28.72 22.56 -31.07
CA ASP B 71 -28.56 23.59 -30.05
C ASP B 71 -27.21 23.45 -29.34
N ASP B 72 -26.63 24.59 -28.97
CA ASP B 72 -25.28 24.63 -28.43
C ASP B 72 -25.23 25.35 -27.09
N THR B 73 -26.23 25.15 -26.25
CA THR B 73 -26.25 25.73 -24.92
C THR B 73 -25.65 24.76 -23.91
N ASP B 74 -25.50 25.23 -22.67
CA ASP B 74 -25.00 24.42 -21.58
C ASP B 74 -26.12 23.80 -20.75
N GLN B 75 -27.37 24.03 -21.11
CA GLN B 75 -28.49 23.51 -20.33
C GLN B 75 -28.69 22.03 -20.57
N GLU B 76 -29.46 21.40 -19.68
CA GLU B 76 -29.71 19.97 -19.72
C GLU B 76 -31.16 19.60 -19.99
N ALA B 77 -32.12 20.32 -19.37
CA ALA B 77 -33.53 19.98 -19.49
C ALA B 77 -34.12 20.26 -20.86
N ILE B 78 -33.38 20.95 -21.73
CA ILE B 78 -33.92 21.32 -23.04
C ILE B 78 -34.22 20.07 -23.86
N ALA B 79 -33.25 19.14 -23.93
CA ALA B 79 -33.44 17.89 -24.67
C ALA B 79 -34.66 17.13 -24.16
N GLN B 80 -34.91 17.22 -22.86
CA GLN B 80 -36.09 16.58 -22.28
C GLN B 80 -37.37 17.16 -22.88
N ILE B 81 -37.39 18.48 -23.11
CA ILE B 81 -38.54 19.14 -23.70
C ILE B 81 -38.69 18.73 -25.18
N LEU B 82 -37.59 18.61 -25.90
CA LEU B 82 -37.69 18.10 -27.26
C LEU B 82 -38.25 16.67 -27.28
N ASP B 83 -37.82 15.83 -26.34
CA ASP B 83 -38.36 14.48 -26.25
C ASP B 83 -39.86 14.51 -25.99
N PHE B 84 -40.29 15.37 -25.06
CA PHE B 84 -41.72 15.45 -24.75
C PHE B 84 -42.53 15.91 -25.95
N ILE B 85 -42.07 16.95 -26.65
CA ILE B 85 -42.82 17.46 -27.78
C ILE B 85 -42.84 16.45 -28.92
N SER B 86 -41.73 15.71 -29.10
CA SER B 86 -41.70 14.66 -30.11
C SER B 86 -42.72 13.56 -29.79
N ALA B 87 -42.75 13.13 -28.52
CA ALA B 87 -43.70 12.08 -28.13
C ALA B 87 -45.14 12.54 -28.31
N GLN B 88 -45.42 13.79 -27.93
CA GLN B 88 -46.79 14.30 -28.04
C GLN B 88 -47.20 14.47 -29.50
N THR B 89 -46.32 15.04 -30.32
CA THR B 89 -46.66 15.43 -31.69
C THR B 89 -46.40 14.35 -32.71
N LEU B 90 -45.70 13.28 -32.34
CA LEU B 90 -45.35 12.19 -33.25
C LEU B 90 -44.55 12.69 -34.45
N THR B 91 -43.46 13.40 -34.16
CA THR B 91 -42.56 13.93 -35.18
C THR B 91 -41.14 13.51 -34.83
N PRO B 92 -40.39 12.91 -35.75
CA PRO B 92 -39.01 12.50 -35.44
C PRO B 92 -38.03 13.66 -35.50
N ILE B 93 -37.59 14.10 -34.33
CA ILE B 93 -36.51 15.09 -34.22
C ILE B 93 -35.31 14.39 -33.60
N LEU B 94 -34.13 14.96 -33.84
CA LEU B 94 -32.90 14.41 -33.29
C LEU B 94 -31.90 15.53 -33.07
N GLY B 95 -31.39 15.65 -31.84
CA GLY B 95 -30.34 16.61 -31.56
C GLY B 95 -28.98 16.07 -31.95
N ILE B 96 -28.12 16.98 -32.41
CA ILE B 96 -26.82 16.58 -32.95
C ILE B 96 -25.69 17.40 -32.34
N HIS B 97 -25.98 18.16 -31.28
CA HIS B 97 -24.96 19.02 -30.69
C HIS B 97 -25.02 18.94 -29.17
N GLY B 98 -23.97 19.45 -28.54
CA GLY B 98 -23.79 19.30 -27.10
C GLY B 98 -24.87 19.94 -26.25
N GLY B 99 -25.60 20.90 -26.80
CA GLY B 99 -26.71 21.49 -26.05
C GLY B 99 -27.76 20.46 -25.70
N SER B 100 -28.16 19.65 -26.69
CA SER B 100 -29.09 18.54 -26.48
C SER B 100 -28.48 17.28 -27.09
N SER B 101 -27.59 16.65 -26.35
CA SER B 101 -27.05 15.36 -26.73
C SER B 101 -26.84 14.43 -25.53
N MET B 102 -27.19 14.86 -24.33
CA MET B 102 -27.06 13.99 -23.16
C MET B 102 -28.08 12.88 -23.25
N ILE B 103 -27.62 11.64 -23.11
CA ILE B 103 -28.44 10.48 -23.38
C ILE B 103 -29.37 10.24 -22.21
N MET B 104 -30.67 10.10 -22.51
CA MET B 104 -31.66 9.87 -21.48
C MET B 104 -31.54 8.46 -20.90
N ALA B 105 -31.90 8.33 -19.64
CA ALA B 105 -32.00 7.01 -19.02
C ALA B 105 -33.14 6.20 -19.64
N ASP B 106 -34.28 6.83 -19.88
CA ASP B 106 -35.43 6.15 -20.48
C ASP B 106 -36.40 7.19 -21.03
N LYS B 107 -36.67 7.13 -22.33
CA LYS B 107 -37.70 7.95 -22.92
C LYS B 107 -39.09 7.36 -22.65
N ASP B 108 -40.11 8.08 -23.10
CA ASP B 108 -41.49 7.71 -22.79
C ASP B 108 -41.96 6.58 -23.71
N GLU B 109 -43.26 6.29 -23.67
CA GLU B 109 -43.77 5.08 -24.31
C GLU B 109 -43.77 5.20 -25.83
N SER B 110 -44.09 6.38 -26.37
CA SER B 110 -44.26 6.56 -27.81
C SER B 110 -43.37 7.67 -28.35
N SER B 111 -42.20 7.85 -27.75
CA SER B 111 -41.28 8.89 -28.18
C SER B 111 -40.48 8.43 -29.39
N MET B 112 -40.39 9.30 -30.40
CA MET B 112 -39.52 9.08 -31.54
C MET B 112 -38.49 10.19 -31.66
N PHE B 113 -38.06 10.70 -30.51
CA PHE B 113 -36.96 11.66 -30.44
C PHE B 113 -35.65 10.90 -30.30
N PHE B 114 -34.62 11.39 -30.97
CA PHE B 114 -33.31 10.76 -30.94
C PHE B 114 -32.25 11.80 -30.64
N GLN B 115 -31.02 11.33 -30.46
CA GLN B 115 -29.89 12.20 -30.17
C GLN B 115 -28.61 11.42 -30.43
N PHE B 116 -27.47 12.07 -30.19
CA PHE B 116 -26.16 11.51 -30.46
C PHE B 116 -25.39 11.34 -29.16
N GLY B 117 -24.78 10.18 -28.98
CA GLY B 117 -23.95 9.92 -27.82
C GLY B 117 -24.14 8.53 -27.25
N PRO B 118 -23.04 7.92 -26.79
CA PRO B 118 -23.14 6.64 -26.10
C PRO B 118 -23.40 6.81 -24.61
N SER B 119 -24.36 6.06 -24.06
CA SER B 119 -24.88 6.40 -22.73
C SER B 119 -24.01 5.85 -21.61
N ILE B 120 -24.03 4.53 -21.39
CA ILE B 120 -23.32 3.89 -20.29
C ILE B 120 -22.46 2.75 -20.84
N GLU B 121 -23.11 1.82 -21.52
CA GLU B 121 -22.50 0.53 -21.84
C GLU B 121 -21.29 0.70 -22.75
N GLN B 122 -21.40 1.58 -23.76
CA GLN B 122 -20.28 1.77 -24.67
C GLN B 122 -19.09 2.39 -23.95
N GLN B 123 -19.34 3.33 -23.04
CA GLN B 123 -18.25 3.93 -22.27
C GLN B 123 -17.51 2.87 -21.46
N ALA B 124 -18.26 2.03 -20.74
CA ALA B 124 -17.64 0.98 -19.93
C ALA B 124 -16.86 0.01 -20.80
N SER B 125 -17.44 -0.39 -21.94
CA SER B 125 -16.76 -1.31 -22.83
C SER B 125 -15.45 -0.72 -23.33
N VAL B 126 -15.48 0.56 -23.75
CA VAL B 126 -14.28 1.18 -24.29
C VAL B 126 -13.20 1.30 -23.21
N MET B 127 -13.57 1.74 -22.01
CA MET B 127 -12.54 1.96 -20.99
C MET B 127 -11.97 0.64 -20.48
N LEU B 128 -12.81 -0.40 -20.35
CA LEU B 128 -12.25 -1.69 -19.93
C LEU B 128 -11.53 -2.40 -21.06
N ASN B 129 -11.79 -2.01 -22.32
CA ASN B 129 -10.99 -2.51 -23.42
C ASN B 129 -9.62 -1.83 -23.45
N ILE B 130 -9.57 -0.56 -23.08
CA ILE B 130 -8.29 0.12 -22.89
C ILE B 130 -7.53 -0.51 -21.72
N MET B 131 -8.25 -0.91 -20.67
CA MET B 131 -7.58 -1.41 -19.47
C MET B 131 -6.78 -2.68 -19.77
N GLU B 132 -7.31 -3.57 -20.61
CA GLU B 132 -6.57 -4.78 -20.95
C GLU B 132 -5.42 -4.52 -21.92
N GLU B 133 -5.52 -3.46 -22.73
CA GLU B 133 -4.52 -3.23 -23.76
C GLU B 133 -3.14 -2.99 -23.16
N TYR B 134 -3.06 -2.21 -22.08
CA TYR B 134 -1.81 -1.97 -21.39
C TYR B 134 -1.51 -3.04 -20.34
N ASP B 135 -2.14 -4.22 -20.46
CA ASP B 135 -1.86 -5.37 -19.61
C ASP B 135 -2.06 -5.04 -18.13
N TRP B 136 -3.17 -4.39 -17.82
CA TRP B 136 -3.56 -4.09 -16.44
C TRP B 136 -4.84 -4.87 -16.12
N TYR B 137 -4.79 -5.68 -15.06
CA TYR B 137 -5.83 -6.66 -14.80
C TYR B 137 -6.53 -6.49 -13.45
N ILE B 138 -5.99 -5.72 -12.53
CA ILE B 138 -6.56 -5.56 -11.19
C ILE B 138 -7.09 -4.14 -11.05
N PHE B 139 -8.33 -4.01 -10.57
CA PHE B 139 -8.94 -2.70 -10.41
C PHE B 139 -9.97 -2.75 -9.28
N SER B 140 -10.33 -1.57 -8.79
CA SER B 140 -11.35 -1.40 -7.76
C SER B 140 -12.31 -0.30 -8.18
N ILE B 141 -13.51 -0.34 -7.62
CA ILE B 141 -14.59 0.55 -8.03
C ILE B 141 -15.10 1.32 -6.81
N VAL B 142 -15.23 2.64 -6.96
CA VAL B 142 -15.86 3.50 -5.97
C VAL B 142 -16.73 4.51 -6.70
N THR B 143 -17.96 4.71 -6.21
CA THR B 143 -18.92 5.53 -6.92
C THR B 143 -19.95 6.07 -5.92
N THR B 144 -20.33 7.33 -6.10
CA THR B 144 -21.32 7.97 -5.24
C THR B 144 -22.73 7.58 -5.65
N TYR B 145 -23.73 8.26 -5.10
CA TYR B 145 -25.13 8.02 -5.47
C TYR B 145 -25.51 8.95 -6.60
N PHE B 146 -25.62 8.40 -7.81
CA PHE B 146 -25.95 9.15 -9.01
C PHE B 146 -26.58 8.18 -10.01
N PRO B 147 -27.81 8.44 -10.47
CA PRO B 147 -28.48 7.49 -11.37
C PRO B 147 -27.61 7.14 -12.58
N GLY B 148 -27.64 5.86 -12.93
CA GLY B 148 -26.80 5.31 -13.97
C GLY B 148 -25.64 4.47 -13.47
N TYR B 149 -25.35 4.53 -12.16
CA TYR B 149 -24.24 3.75 -11.62
C TYR B 149 -24.56 2.26 -11.57
N GLN B 150 -25.83 1.91 -11.35
CA GLN B 150 -26.20 0.50 -11.27
C GLN B 150 -25.93 -0.21 -12.59
N ASP B 151 -26.30 0.41 -13.71
CA ASP B 151 -26.04 -0.18 -15.01
C ASP B 151 -24.54 -0.29 -15.25
N PHE B 152 -23.77 0.73 -14.85
CA PHE B 152 -22.33 0.70 -14.98
C PHE B 152 -21.75 -0.52 -14.25
N VAL B 153 -22.15 -0.72 -13.00
CA VAL B 153 -21.62 -1.83 -12.21
C VAL B 153 -22.08 -3.18 -12.78
N ASN B 154 -23.33 -3.27 -13.22
CA ASN B 154 -23.78 -4.54 -13.77
C ASN B 154 -23.02 -4.88 -15.06
N LYS B 155 -22.79 -3.89 -15.92
CA LYS B 155 -22.04 -4.13 -17.14
C LYS B 155 -20.60 -4.52 -16.82
N ILE B 156 -19.99 -3.87 -15.82
CA ILE B 156 -18.64 -4.23 -15.40
C ILE B 156 -18.59 -5.69 -14.97
N ARG B 157 -19.55 -6.10 -14.14
CA ARG B 157 -19.55 -7.47 -13.63
C ARG B 157 -19.77 -8.47 -14.75
N SER B 158 -20.68 -8.17 -15.69
CA SER B 158 -20.91 -9.08 -16.81
C SER B 158 -19.66 -9.22 -17.67
N THR B 159 -18.98 -8.09 -17.94
CA THR B 159 -17.76 -8.15 -18.76
C THR B 159 -16.67 -8.96 -18.06
N ILE B 160 -16.47 -8.73 -16.76
CA ILE B 160 -15.43 -9.48 -16.05
C ILE B 160 -15.83 -10.93 -15.86
N GLU B 161 -17.11 -11.26 -16.01
CA GLU B 161 -17.52 -12.65 -15.94
C GLU B 161 -17.25 -13.37 -17.27
N ASN B 162 -17.75 -12.82 -18.38
CA ASN B 162 -17.69 -13.54 -19.65
C ASN B 162 -16.29 -13.59 -20.24
N SER B 163 -15.36 -12.77 -19.75
CA SER B 163 -14.04 -12.69 -20.36
C SER B 163 -13.21 -13.94 -20.06
N PHE B 164 -12.38 -14.32 -21.03
CA PHE B 164 -11.45 -15.42 -20.82
C PHE B 164 -10.43 -15.09 -19.74
N VAL B 165 -9.88 -13.87 -19.79
CA VAL B 165 -8.81 -13.50 -18.87
C VAL B 165 -9.36 -13.30 -17.47
N GLY B 166 -8.49 -13.47 -16.47
CA GLY B 166 -8.88 -13.28 -15.09
C GLY B 166 -8.89 -11.81 -14.70
N TRP B 167 -10.08 -11.25 -14.53
CA TRP B 167 -10.23 -9.84 -14.14
C TRP B 167 -10.28 -9.77 -12.62
N GLU B 168 -9.13 -9.50 -12.01
CA GLU B 168 -9.07 -9.40 -10.56
C GLU B 168 -9.79 -8.15 -10.08
N LEU B 169 -10.67 -8.31 -9.09
CA LEU B 169 -11.45 -7.22 -8.53
C LEU B 169 -11.34 -7.25 -7.02
N GLU B 170 -11.35 -6.07 -6.40
CA GLU B 170 -11.21 -5.96 -4.95
C GLU B 170 -12.11 -4.86 -4.43
N GLU B 171 -13.10 -5.24 -3.62
CA GLU B 171 -13.94 -4.33 -2.85
C GLU B 171 -14.88 -3.47 -3.71
N VAL B 172 -16.03 -3.13 -3.15
CA VAL B 172 -16.98 -2.20 -3.77
C VAL B 172 -17.24 -1.09 -2.77
N LEU B 173 -17.00 0.15 -3.18
CA LEU B 173 -17.10 1.31 -2.30
C LEU B 173 -18.25 2.20 -2.78
N LEU B 174 -19.42 2.04 -2.16
CA LEU B 174 -20.59 2.85 -2.48
C LEU B 174 -20.73 3.97 -1.46
N LEU B 175 -19.89 4.98 -1.62
CA LEU B 175 -19.90 6.12 -0.72
C LEU B 175 -21.02 7.09 -1.08
N ASP B 176 -21.32 7.99 -0.15
CA ASP B 176 -22.31 9.04 -0.36
C ASP B 176 -21.68 10.37 0.02
N MET B 177 -21.57 11.27 -0.95
CA MET B 177 -20.96 12.58 -0.72
C MET B 177 -21.85 13.51 0.09
N SER B 178 -23.10 13.15 0.34
CA SER B 178 -24.02 13.97 1.12
C SER B 178 -23.95 13.68 2.62
N LEU B 179 -23.07 12.78 3.05
CA LEU B 179 -22.90 12.48 4.46
C LEU B 179 -22.11 13.61 5.11
N ASP B 180 -22.79 14.47 5.85
CA ASP B 180 -22.15 15.63 6.45
C ASP B 180 -21.20 15.23 7.55
N ASP B 181 -20.09 15.97 7.67
CA ASP B 181 -19.09 15.78 8.73
C ASP B 181 -18.55 14.35 8.73
N GLY B 182 -18.26 13.84 7.54
CA GLY B 182 -17.68 12.52 7.41
C GLY B 182 -16.36 12.54 6.66
N ASP B 183 -15.69 13.70 6.66
CA ASP B 183 -14.46 13.84 5.89
C ASP B 183 -13.37 12.89 6.40
N SER B 184 -13.22 12.76 7.72
CA SER B 184 -12.25 11.82 8.26
C SER B 184 -12.63 10.38 7.90
N LYS B 185 -13.92 10.06 8.00
CA LYS B 185 -14.36 8.72 7.62
C LYS B 185 -14.14 8.45 6.14
N ILE B 186 -14.40 9.46 5.29
CA ILE B 186 -14.18 9.30 3.86
C ILE B 186 -12.69 9.08 3.58
N GLN B 187 -11.83 9.85 4.24
CA GLN B 187 -10.39 9.68 4.05
C GLN B 187 -9.93 8.31 4.51
N ASN B 188 -10.44 7.83 5.64
CA ASN B 188 -10.04 6.52 6.14
C ASN B 188 -10.54 5.40 5.22
N GLN B 189 -11.74 5.54 4.66
CA GLN B 189 -12.22 4.58 3.68
C GLN B 189 -11.37 4.60 2.42
N LEU B 190 -10.95 5.80 2.00
CA LEU B 190 -10.04 5.90 0.87
C LEU B 190 -8.68 5.29 1.18
N LYS B 191 -8.30 5.26 2.45
CA LYS B 191 -7.04 4.62 2.83
C LYS B 191 -7.07 3.12 2.62
N LYS B 192 -8.24 2.52 2.42
CA LYS B 192 -8.36 1.08 2.24
C LYS B 192 -8.12 0.64 0.81
N LEU B 193 -7.95 1.56 -0.13
CA LEU B 193 -7.69 1.18 -1.52
C LEU B 193 -6.22 0.83 -1.70
N GLN B 194 -5.98 -0.21 -2.50
CA GLN B 194 -4.62 -0.61 -2.84
C GLN B 194 -4.41 -0.94 -4.30
N SER B 195 -5.47 -1.12 -5.10
CA SER B 195 -5.30 -1.46 -6.51
C SER B 195 -4.74 -0.25 -7.28
N PRO B 196 -3.91 -0.51 -8.29
CA PRO B 196 -3.34 0.60 -9.07
C PRO B 196 -4.38 1.37 -9.90
N ILE B 197 -5.54 0.79 -10.17
CA ILE B 197 -6.55 1.41 -11.03
C ILE B 197 -7.85 1.54 -10.26
N ILE B 198 -8.47 2.72 -10.35
CA ILE B 198 -9.78 2.98 -9.76
C ILE B 198 -10.64 3.66 -10.81
N LEU B 199 -11.96 3.59 -10.60
CA LEU B 199 -12.93 4.19 -11.50
C LEU B 199 -13.95 4.99 -10.71
N LEU B 200 -14.50 6.01 -11.35
CA LEU B 200 -15.41 6.94 -10.69
C LEU B 200 -16.65 7.16 -11.54
N TYR B 201 -17.75 7.52 -10.87
CA TYR B 201 -18.99 7.91 -11.52
C TYR B 201 -19.59 9.11 -10.80
N CYS B 202 -18.77 10.09 -10.46
CA CYS B 202 -19.17 11.25 -9.66
C CYS B 202 -19.46 12.45 -10.55
N THR B 203 -20.13 13.43 -9.98
CA THR B 203 -20.34 14.71 -10.64
C THR B 203 -19.08 15.56 -10.49
N LYS B 204 -19.02 16.66 -11.26
CA LYS B 204 -17.78 17.41 -11.38
C LYS B 204 -17.32 17.97 -10.04
N GLU B 205 -18.20 18.70 -9.35
CA GLU B 205 -17.79 19.31 -8.08
C GLU B 205 -17.59 18.26 -7.00
N GLU B 206 -18.41 17.20 -7.01
CA GLU B 206 -18.17 16.07 -6.12
C GLU B 206 -16.82 15.44 -6.40
N ALA B 207 -16.48 15.29 -7.69
CA ALA B 207 -15.17 14.76 -8.05
C ALA B 207 -14.05 15.67 -7.55
N THR B 208 -14.23 16.98 -7.66
CA THR B 208 -13.20 17.90 -7.15
C THR B 208 -13.00 17.74 -5.65
N TYR B 209 -14.10 17.62 -4.91
CA TYR B 209 -13.98 17.41 -3.46
C TYR B 209 -13.28 16.09 -3.15
N ILE B 210 -13.61 15.04 -3.89
CA ILE B 210 -12.97 13.74 -3.65
C ILE B 210 -11.48 13.81 -3.98
N PHE B 211 -11.11 14.52 -5.05
CA PHE B 211 -9.70 14.66 -5.39
C PHE B 211 -8.97 15.46 -4.32
N GLU B 212 -9.60 16.51 -3.80
CA GLU B 212 -8.98 17.28 -2.72
C GLU B 212 -8.72 16.39 -1.52
N VAL B 213 -9.72 15.58 -1.12
CA VAL B 213 -9.53 14.68 0.01
C VAL B 213 -8.43 13.66 -0.29
N ALA B 214 -8.41 13.11 -1.51
CA ALA B 214 -7.47 12.05 -1.85
C ALA B 214 -6.04 12.54 -1.87
N ASN B 215 -5.79 13.69 -2.52
CA ASN B 215 -4.43 14.23 -2.51
C ASN B 215 -4.05 14.74 -1.13
N SER B 216 -5.03 15.14 -0.31
CA SER B 216 -4.75 15.47 1.07
C SER B 216 -4.28 14.26 1.86
N VAL B 217 -4.63 13.06 1.43
CA VAL B 217 -4.17 11.83 2.08
C VAL B 217 -3.22 11.05 1.17
N GLY B 218 -2.70 11.70 0.12
CA GLY B 218 -1.63 11.13 -0.69
C GLY B 218 -1.95 9.86 -1.45
N LEU B 219 -3.09 9.84 -2.15
CA LEU B 219 -3.44 8.67 -2.96
C LEU B 219 -3.02 8.79 -4.41
N THR B 220 -3.00 10.00 -4.97
CA THR B 220 -2.71 10.18 -6.40
C THR B 220 -1.21 10.34 -6.63
N GLY B 221 -0.47 9.31 -6.24
CA GLY B 221 0.96 9.29 -6.48
C GLY B 221 1.31 8.82 -7.87
N TYR B 222 2.38 8.04 -8.00
CA TYR B 222 2.79 7.47 -9.28
C TYR B 222 2.38 6.01 -9.43
N GLY B 223 1.52 5.50 -8.56
CA GLY B 223 1.12 4.12 -8.62
C GLY B 223 -0.38 3.91 -8.66
N TYR B 224 -1.14 5.01 -8.60
CA TYR B 224 -2.59 4.97 -8.63
C TYR B 224 -3.08 5.83 -9.79
N THR B 225 -3.53 5.18 -10.86
CA THR B 225 -4.09 5.84 -12.03
C THR B 225 -5.60 5.69 -12.04
N TRP B 226 -6.30 6.76 -12.40
CA TRP B 226 -7.76 6.81 -12.31
C TRP B 226 -8.36 6.91 -13.70
N ILE B 227 -9.44 6.16 -13.91
CA ILE B 227 -10.20 6.19 -15.16
C ILE B 227 -11.56 6.80 -14.87
N VAL B 228 -11.97 7.77 -15.68
CA VAL B 228 -13.25 8.46 -15.47
C VAL B 228 -13.96 8.61 -16.79
N PRO B 229 -15.30 8.66 -16.76
CA PRO B 229 -16.08 8.82 -18.00
C PRO B 229 -16.14 10.25 -18.48
N SER B 230 -16.92 10.49 -19.54
CA SER B 230 -17.02 11.81 -20.13
C SER B 230 -17.83 12.78 -19.28
N LEU B 231 -18.77 12.28 -18.48
CA LEU B 231 -19.58 13.16 -17.64
C LEU B 231 -18.72 13.90 -16.63
N VAL B 232 -17.75 13.20 -16.02
CA VAL B 232 -16.84 13.86 -15.10
C VAL B 232 -15.91 14.81 -15.83
N ALA B 233 -15.57 14.51 -17.07
CA ALA B 233 -14.65 15.35 -17.83
C ALA B 233 -15.24 16.75 -18.04
N GLY B 234 -16.51 16.83 -18.42
CA GLY B 234 -17.13 18.11 -18.68
C GLY B 234 -16.49 18.83 -19.84
N ASP B 235 -16.49 20.15 -19.77
CA ASP B 235 -15.83 20.96 -20.79
C ASP B 235 -14.32 20.75 -20.73
N THR B 236 -13.71 20.55 -21.90
CA THR B 236 -12.27 20.27 -21.97
C THR B 236 -11.47 21.56 -22.14
N ASP B 237 -11.76 22.54 -21.30
CA ASP B 237 -10.97 23.77 -21.25
C ASP B 237 -10.67 24.25 -19.83
N THR B 238 -11.44 23.85 -18.82
CA THR B 238 -11.24 24.29 -17.46
C THR B 238 -10.73 23.14 -16.60
N VAL B 239 -10.00 23.49 -15.54
CA VAL B 239 -9.36 22.52 -14.66
C VAL B 239 -9.73 22.82 -13.21
N PRO B 240 -10.91 22.43 -12.76
CA PRO B 240 -11.34 22.82 -11.41
C PRO B 240 -10.52 22.15 -10.31
N ALA B 241 -10.33 22.89 -9.22
CA ALA B 241 -9.74 22.41 -7.96
C ALA B 241 -8.42 21.68 -8.26
N GLU B 242 -8.21 20.48 -7.74
CA GLU B 242 -6.93 19.81 -7.88
C GLU B 242 -6.77 19.17 -9.25
N PHE B 243 -7.63 18.18 -9.56
CA PHE B 243 -7.54 17.41 -10.80
C PHE B 243 -6.12 16.94 -11.03
N PRO B 244 -5.63 15.98 -10.24
CA PRO B 244 -4.21 15.60 -10.32
C PRO B 244 -3.82 15.12 -11.71
N THR B 245 -2.59 15.47 -12.10
CA THR B 245 -2.09 15.07 -13.41
C THR B 245 -1.95 13.57 -13.49
N GLY B 246 -2.31 13.02 -14.64
CA GLY B 246 -2.29 11.60 -14.87
C GLY B 246 -3.65 10.93 -14.92
N LEU B 247 -4.71 11.65 -15.28
CA LEU B 247 -6.05 11.11 -15.36
C LEU B 247 -6.41 10.81 -16.81
N ILE B 248 -6.91 9.60 -17.05
CA ILE B 248 -7.26 9.15 -18.38
C ILE B 248 -8.78 9.01 -18.45
N SER B 249 -9.38 9.64 -19.45
CA SER B 249 -10.83 9.64 -19.59
C SER B 249 -11.20 9.35 -21.05
N VAL B 250 -12.48 9.03 -21.25
CA VAL B 250 -13.03 8.74 -22.57
C VAL B 250 -14.22 9.66 -22.81
N SER B 251 -14.29 10.22 -24.01
CA SER B 251 -15.34 11.16 -24.35
C SER B 251 -15.76 10.97 -25.80
N TYR B 252 -16.81 11.71 -26.19
CA TYR B 252 -17.29 11.67 -27.56
C TYR B 252 -16.35 12.48 -28.47
N ASP B 253 -16.45 12.20 -29.77
CA ASP B 253 -15.67 12.94 -30.76
C ASP B 253 -16.19 14.36 -30.83
N GLU B 254 -15.45 15.30 -30.24
CA GLU B 254 -15.91 16.68 -30.08
C GLU B 254 -15.32 17.61 -31.12
N TRP B 255 -13.98 17.71 -31.17
CA TRP B 255 -13.31 18.69 -32.02
C TRP B 255 -12.86 18.11 -33.35
N ASP B 256 -13.53 17.07 -33.85
CA ASP B 256 -13.20 16.52 -35.15
C ASP B 256 -14.41 16.21 -36.01
N TYR B 257 -15.63 16.40 -35.51
CA TYR B 257 -16.84 16.15 -36.27
C TYR B 257 -17.47 17.49 -36.62
N GLY B 258 -17.68 17.73 -37.92
CA GLY B 258 -18.24 18.99 -38.36
C GLY B 258 -19.75 19.02 -38.17
N LEU B 259 -20.25 20.13 -37.65
CA LEU B 259 -21.69 20.31 -37.55
C LEU B 259 -22.40 20.23 -38.91
N PRO B 260 -21.87 20.83 -40.00
CA PRO B 260 -22.50 20.57 -41.31
C PRO B 260 -22.57 19.10 -41.66
N ALA B 261 -21.53 18.33 -41.30
CA ALA B 261 -21.57 16.89 -41.56
C ALA B 261 -22.68 16.23 -40.77
N ARG B 262 -22.89 16.66 -39.51
CA ARG B 262 -24.00 16.12 -38.73
C ARG B 262 -25.35 16.45 -39.37
N VAL B 263 -25.50 17.67 -39.87
CA VAL B 263 -26.75 18.04 -40.54
C VAL B 263 -26.96 17.19 -41.78
N ARG B 264 -25.88 16.97 -42.55
CA ARG B 264 -26.00 16.12 -43.74
C ARG B 264 -26.40 14.70 -43.36
N ASP B 265 -25.80 14.15 -42.30
CA ASP B 265 -26.16 12.82 -41.86
C ASP B 265 -27.62 12.75 -41.44
N GLY B 266 -28.09 13.77 -40.72
CA GLY B 266 -29.48 13.77 -40.29
C GLY B 266 -30.46 13.84 -41.45
N ILE B 267 -30.21 14.75 -42.41
CA ILE B 267 -31.11 14.86 -43.55
C ILE B 267 -31.06 13.59 -44.39
N ALA B 268 -29.87 12.99 -44.54
CA ALA B 268 -29.76 11.76 -45.30
C ALA B 268 -30.54 10.63 -44.65
N ILE B 269 -30.43 10.49 -43.33
CA ILE B 269 -31.11 9.37 -42.67
C ILE B 269 -32.63 9.58 -42.70
N ILE B 270 -33.10 10.82 -42.50
CA ILE B 270 -34.55 11.03 -42.52
C ILE B 270 -35.10 10.77 -43.91
N THR B 271 -34.42 11.26 -44.95
CA THR B 271 -34.93 11.04 -46.30
C THR B 271 -34.85 9.57 -46.70
N THR B 272 -33.79 8.87 -46.30
CA THR B 272 -33.68 7.46 -46.62
C THR B 272 -34.77 6.65 -45.92
N ALA B 273 -35.01 6.93 -44.64
CA ALA B 273 -36.07 6.23 -43.92
C ALA B 273 -37.43 6.51 -44.53
N ALA B 274 -37.68 7.78 -44.90
CA ALA B 274 -38.95 8.11 -45.55
C ALA B 274 -39.12 7.35 -46.86
N SER B 275 -38.07 7.30 -47.69
CA SER B 275 -38.16 6.60 -48.95
C SER B 275 -38.42 5.11 -48.73
N ASP B 276 -37.69 4.48 -47.81
CA ASP B 276 -37.84 3.05 -47.59
C ASP B 276 -39.21 2.72 -47.01
N MET B 277 -39.73 3.55 -46.10
CA MET B 277 -41.00 3.27 -45.44
C MET B 277 -42.21 3.76 -46.25
N LEU B 278 -42.00 4.55 -47.29
CA LEU B 278 -43.10 5.03 -48.11
C LEU B 278 -43.08 4.48 -49.54
N SER B 279 -42.05 3.73 -49.91
CA SER B 279 -42.00 3.13 -51.25
C SER B 279 -42.75 1.80 -51.29
N GLU B 280 -42.36 0.86 -50.42
CA GLU B 280 -43.03 -0.44 -50.39
C GLU B 280 -44.48 -0.31 -49.97
N HIS B 281 -44.75 0.50 -48.94
CA HIS B 281 -46.12 0.69 -48.47
C HIS B 281 -46.91 1.62 -49.40
N SER B 282 -46.23 2.57 -50.04
CA SER B 282 -46.86 3.47 -51.00
C SER B 282 -47.93 4.35 -50.35
N PHE B 283 -47.71 4.72 -49.10
CA PHE B 283 -48.55 5.72 -48.44
C PHE B 283 -47.78 6.35 -47.28
N ILE B 284 -48.20 7.55 -46.91
CA ILE B 284 -47.66 8.22 -45.74
C ILE B 284 -48.82 8.74 -44.88
N PRO B 285 -48.75 8.62 -43.56
CA PRO B 285 -49.75 9.27 -42.71
C PRO B 285 -49.47 10.76 -42.58
N GLU B 286 -50.48 11.49 -42.12
CA GLU B 286 -50.39 12.94 -41.93
C GLU B 286 -50.87 13.32 -40.54
N PRO B 287 -50.07 13.01 -39.50
CA PRO B 287 -50.41 13.50 -38.16
C PRO B 287 -49.88 14.91 -37.91
N LYS B 288 -49.96 15.38 -36.67
CA LYS B 288 -49.40 16.66 -36.26
C LYS B 288 -50.05 17.83 -37.01
N SER B 289 -51.35 17.99 -36.80
CA SER B 289 -52.12 19.01 -37.49
C SER B 289 -52.34 20.28 -36.66
N SER B 290 -52.02 20.28 -35.37
CA SER B 290 -52.31 21.43 -34.54
C SER B 290 -51.45 21.41 -33.28
N CYS B 291 -51.37 22.57 -32.64
CA CYS B 291 -50.70 22.66 -31.34
C CYS B 291 -51.48 21.99 -30.23
N TYR B 292 -52.72 22.42 -30.03
CA TYR B 292 -53.49 22.05 -28.85
C TYR B 292 -54.47 20.92 -29.14
N ASN B 293 -55.38 21.12 -30.09
CA ASN B 293 -56.46 20.16 -30.33
C ASN B 293 -55.97 19.07 -31.30
N THR B 294 -54.99 18.32 -30.83
CA THR B 294 -54.45 17.19 -31.56
C THR B 294 -55.03 15.86 -31.08
N HIS B 295 -55.94 15.88 -30.11
CA HIS B 295 -56.54 14.64 -29.62
C HIS B 295 -57.51 14.04 -30.64
N GLU B 296 -57.96 14.82 -31.62
CA GLU B 296 -58.86 14.33 -32.65
C GLU B 296 -58.14 13.71 -33.83
N LYS B 297 -56.81 13.82 -33.89
CA LYS B 297 -56.02 13.22 -34.96
C LYS B 297 -54.91 12.38 -34.33
N ARG B 298 -55.26 11.14 -33.97
CA ARG B 298 -54.27 10.18 -33.49
C ARG B 298 -54.55 8.76 -33.97
N ILE B 299 -55.56 8.55 -34.81
CA ILE B 299 -55.91 7.20 -35.24
C ILE B 299 -54.86 6.65 -36.20
N TYR B 300 -54.33 7.50 -37.09
CA TYR B 300 -53.35 7.07 -38.06
C TYR B 300 -52.05 6.66 -37.38
N GLN B 301 -51.81 5.35 -37.29
CA GLN B 301 -50.63 4.84 -36.62
C GLN B 301 -49.37 5.17 -37.41
N SER B 302 -48.27 5.40 -36.68
CA SER B 302 -46.98 5.70 -37.28
C SER B 302 -45.89 4.79 -36.72
N ASN B 303 -46.25 3.55 -36.38
CA ASN B 303 -45.29 2.62 -35.82
C ASN B 303 -44.37 2.02 -36.88
N MET B 304 -44.87 1.81 -38.09
CA MET B 304 -44.05 1.18 -39.13
C MET B 304 -42.87 2.06 -39.52
N LEU B 305 -43.10 3.37 -39.66
CA LEU B 305 -42.00 4.27 -39.98
C LEU B 305 -40.96 4.28 -38.88
N ASN B 306 -41.41 4.26 -37.62
CA ASN B 306 -40.48 4.18 -36.49
C ASN B 306 -39.67 2.90 -36.54
N ARG B 307 -40.31 1.77 -36.85
CA ARG B 307 -39.59 0.51 -36.97
C ARG B 307 -38.57 0.56 -38.10
N TYR B 308 -38.85 1.32 -39.15
CA TYR B 308 -37.94 1.40 -40.29
C TYR B 308 -36.95 2.57 -40.20
N LEU B 309 -37.01 3.39 -39.15
CA LEU B 309 -36.03 4.46 -39.02
C LEU B 309 -34.64 3.92 -38.69
N ILE B 310 -34.57 2.87 -37.89
CA ILE B 310 -33.30 2.52 -37.24
C ILE B 310 -32.37 1.81 -38.21
N ASN B 311 -32.86 0.76 -38.89
CA ASN B 311 -32.02 -0.05 -39.78
C ASN B 311 -31.77 0.75 -41.07
N VAL B 312 -30.80 1.65 -40.99
CA VAL B 312 -30.45 2.51 -42.11
C VAL B 312 -28.94 2.47 -42.32
N THR B 313 -28.52 2.82 -43.53
CA THR B 313 -27.10 2.88 -43.87
C THR B 313 -26.94 3.81 -45.07
N PHE B 314 -26.19 4.89 -44.89
CA PHE B 314 -25.97 5.88 -45.95
C PHE B 314 -24.48 6.12 -46.12
N GLU B 315 -24.05 6.24 -47.38
CA GLU B 315 -22.66 6.52 -47.72
C GLU B 315 -21.71 5.47 -47.15
N GLY B 316 -22.17 4.23 -47.04
CA GLY B 316 -21.35 3.16 -46.53
C GLY B 316 -21.14 3.15 -45.04
N ARG B 317 -21.88 3.97 -44.29
CA ARG B 317 -21.74 4.06 -42.84
C ARG B 317 -23.03 3.58 -42.17
N ASP B 318 -22.86 2.74 -41.15
CA ASP B 318 -23.99 2.18 -40.41
C ASP B 318 -24.39 3.16 -39.32
N LEU B 319 -25.20 4.15 -39.69
CA LEU B 319 -25.70 5.14 -38.74
C LEU B 319 -27.07 4.72 -38.21
N SER B 320 -27.07 3.63 -37.47
CA SER B 320 -28.29 3.06 -36.91
C SER B 320 -28.47 3.49 -35.45
N PHE B 321 -29.71 3.51 -35.01
CA PHE B 321 -30.06 3.79 -33.63
C PHE B 321 -30.67 2.55 -32.98
N SER B 322 -30.65 2.54 -31.66
CA SER B 322 -31.25 1.45 -30.90
C SER B 322 -32.71 1.78 -30.59
N GLU B 323 -33.40 0.84 -29.95
CA GLU B 323 -34.74 1.12 -29.45
C GLU B 323 -34.72 2.22 -28.39
N GLU B 324 -33.58 2.43 -27.75
CA GLU B 324 -33.41 3.58 -26.86
C GLU B 324 -32.94 4.83 -27.60
N GLY B 325 -32.21 4.65 -28.69
CA GLY B 325 -31.88 5.76 -29.56
C GLY B 325 -30.49 6.36 -29.41
N TYR B 326 -29.60 5.75 -28.62
CA TYR B 326 -28.26 6.28 -28.48
C TYR B 326 -27.29 5.66 -29.49
N GLN B 327 -27.72 5.63 -30.75
CA GLN B 327 -26.95 5.03 -31.85
C GLN B 327 -26.51 3.60 -31.55
N MET B 328 -25.61 3.08 -32.36
CA MET B 328 -24.97 1.79 -32.11
C MET B 328 -23.46 1.86 -32.21
N HIS B 329 -22.92 2.67 -33.14
CA HIS B 329 -21.49 2.77 -33.40
C HIS B 329 -21.05 4.22 -33.25
N PRO B 330 -20.63 4.63 -32.06
CA PRO B 330 -20.13 6.00 -31.87
C PRO B 330 -18.64 6.09 -32.19
N LYS B 331 -18.17 7.33 -32.24
CA LYS B 331 -16.75 7.64 -32.42
C LYS B 331 -16.26 8.28 -31.13
N LEU B 332 -15.40 7.57 -30.41
CA LEU B 332 -14.94 8.00 -29.09
C LEU B 332 -13.45 8.31 -29.12
N VAL B 333 -13.03 9.18 -28.20
CA VAL B 333 -11.64 9.58 -28.07
C VAL B 333 -11.22 9.41 -26.61
N ILE B 334 -9.91 9.24 -26.42
CA ILE B 334 -9.32 9.03 -25.10
C ILE B 334 -8.39 10.19 -24.82
N ILE B 335 -8.58 10.84 -23.67
CA ILE B 335 -7.85 12.05 -23.31
C ILE B 335 -7.08 11.81 -22.03
N LEU B 336 -5.97 12.53 -21.88
CA LEU B 336 -5.08 12.38 -20.74
C LEU B 336 -4.60 13.75 -20.27
N LEU B 337 -4.36 13.85 -18.97
CA LEU B 337 -3.77 15.04 -18.34
C LEU B 337 -2.29 14.76 -18.15
N ASN B 338 -1.45 15.34 -19.01
CA ASN B 338 -0.06 14.88 -19.14
C ASN B 338 0.93 15.65 -18.27
N LYS B 339 1.12 16.94 -18.56
CA LYS B 339 2.15 17.72 -17.90
C LYS B 339 1.58 18.92 -17.16
N GLU B 340 0.85 19.79 -17.86
CA GLU B 340 0.19 20.93 -17.24
C GLU B 340 -1.31 20.64 -17.15
N ARG B 341 -2.07 21.61 -16.64
CA ARG B 341 -3.50 21.42 -16.51
C ARG B 341 -4.18 21.57 -17.87
N LYS B 342 -3.88 20.65 -18.78
CA LYS B 342 -4.45 20.65 -20.12
C LYS B 342 -4.67 19.21 -20.57
N TRP B 343 -5.81 18.97 -21.23
CA TRP B 343 -6.19 17.64 -21.67
C TRP B 343 -5.76 17.44 -23.12
N GLU B 344 -5.08 16.32 -23.39
CA GLU B 344 -4.58 16.01 -24.72
C GLU B 344 -5.09 14.64 -25.17
N ARG B 345 -5.50 14.57 -26.43
CA ARG B 345 -6.05 13.35 -26.99
C ARG B 345 -4.98 12.27 -27.12
N VAL B 346 -5.43 11.01 -27.16
CA VAL B 346 -4.53 9.87 -27.30
C VAL B 346 -4.87 9.09 -28.57
N GLY B 347 -6.09 8.56 -28.63
CA GLY B 347 -6.48 7.75 -29.77
C GLY B 347 -7.97 7.81 -30.09
N LYS B 348 -8.41 6.99 -31.04
CA LYS B 348 -9.79 6.98 -31.49
C LYS B 348 -10.33 5.55 -31.51
N TRP B 349 -11.58 5.39 -31.10
CA TRP B 349 -12.25 4.10 -31.09
C TRP B 349 -13.41 4.13 -32.08
N LYS B 350 -13.52 3.09 -32.91
CA LYS B 350 -14.55 3.03 -33.92
C LYS B 350 -14.75 1.57 -34.34
N ASP B 351 -16.01 1.14 -34.42
CA ASP B 351 -16.35 -0.21 -34.84
C ASP B 351 -15.61 -1.27 -34.02
N LYS B 352 -15.52 -1.03 -32.71
CA LYS B 352 -14.84 -1.90 -31.76
C LYS B 352 -13.35 -2.06 -32.06
N SER B 353 -12.79 -1.14 -32.85
CA SER B 353 -11.36 -1.12 -33.12
C SER B 353 -10.68 -0.14 -32.17
N LEU B 354 -9.43 -0.43 -31.83
CA LEU B 354 -8.72 0.28 -30.78
C LEU B 354 -7.39 0.82 -31.28
N GLN B 355 -7.43 1.49 -32.44
CA GLN B 355 -6.23 2.11 -32.98
C GLN B 355 -5.75 3.21 -32.05
N MET B 356 -4.45 3.19 -31.73
CA MET B 356 -3.87 4.17 -30.83
C MET B 356 -2.37 4.23 -31.08
N LYS B 357 -1.75 5.31 -30.62
CA LYS B 357 -0.30 5.44 -30.68
C LYS B 357 0.33 4.42 -29.74
N TYR B 358 1.03 3.44 -30.32
CA TYR B 358 1.67 2.39 -29.53
C TYR B 358 2.97 2.89 -28.90
N TYR B 359 2.81 3.90 -28.04
CA TYR B 359 3.92 4.53 -27.36
C TYR B 359 4.28 3.83 -26.06
N VAL B 360 3.60 2.74 -25.73
CA VAL B 360 3.87 1.95 -24.53
C VAL B 360 3.72 2.81 -23.28
N TRP B 361 2.71 3.69 -23.28
CA TRP B 361 2.40 4.54 -22.14
C TRP B 361 3.62 5.33 -21.70
N PRO B 362 3.95 6.44 -22.37
CA PRO B 362 5.23 7.12 -22.13
C PRO B 362 5.34 7.72 -20.73
N ARG B 363 4.40 7.39 -19.85
CA ARG B 363 4.45 7.73 -18.42
C ARG B 363 4.35 9.24 -18.23
N ASP B 373 12.79 5.41 -11.06
CA ASP B 373 13.87 5.49 -12.04
C ASP B 373 14.27 4.08 -12.50
N ASP B 374 13.43 3.09 -12.21
CA ASP B 374 13.68 1.71 -12.61
C ASP B 374 12.73 1.36 -13.74
N HIS B 375 13.14 1.71 -14.96
CA HIS B 375 12.39 1.35 -16.17
C HIS B 375 13.40 1.36 -17.31
N LEU B 376 13.84 0.18 -17.73
CA LEU B 376 14.97 0.06 -18.63
C LEU B 376 14.63 -0.87 -19.80
N SER B 377 15.24 -0.57 -20.95
CA SER B 377 15.14 -1.45 -22.10
C SER B 377 15.92 -2.74 -21.84
N ILE B 378 15.55 -3.80 -22.55
CA ILE B 378 16.21 -5.09 -22.43
C ILE B 378 16.32 -5.66 -23.84
N VAL B 379 17.52 -5.62 -24.41
CA VAL B 379 17.74 -6.05 -25.79
C VAL B 379 18.05 -7.54 -25.77
N THR B 380 17.14 -8.34 -26.33
CA THR B 380 17.26 -9.79 -26.28
C THR B 380 17.30 -10.37 -27.69
N LEU B 381 17.52 -11.69 -27.75
CA LEU B 381 17.53 -12.43 -28.99
C LEU B 381 17.01 -13.84 -28.72
N GLU B 382 16.47 -14.47 -29.77
CA GLU B 382 15.85 -15.78 -29.66
C GLU B 382 16.64 -16.80 -30.44
N GLU B 383 17.01 -17.90 -29.77
CA GLU B 383 17.71 -19.02 -30.36
C GLU B 383 17.77 -20.14 -29.34
N ALA B 384 17.74 -21.39 -29.82
CA ALA B 384 17.96 -22.56 -28.99
C ALA B 384 16.86 -22.68 -27.93
N PRO B 385 16.93 -23.66 -27.01
CA PRO B 385 16.01 -23.63 -25.86
C PRO B 385 16.36 -22.54 -24.87
N PHE B 386 17.33 -21.69 -25.23
CA PHE B 386 17.65 -20.53 -24.41
C PHE B 386 16.50 -19.54 -24.41
N VAL B 387 16.15 -19.02 -25.58
CA VAL B 387 15.01 -18.14 -25.76
C VAL B 387 14.40 -18.42 -27.13
N ILE B 388 13.08 -18.58 -27.17
CA ILE B 388 12.35 -18.81 -28.41
C ILE B 388 11.22 -17.77 -28.50
N VAL B 389 11.04 -17.25 -29.71
CA VAL B 389 10.01 -16.27 -30.02
C VAL B 389 8.87 -16.97 -30.74
N GLU B 390 7.65 -16.79 -30.23
CA GLU B 390 6.45 -17.30 -30.88
C GLU B 390 5.50 -16.15 -31.18
N SER B 391 4.65 -16.35 -32.18
CA SER B 391 3.67 -15.35 -32.55
C SER B 391 2.64 -15.20 -31.43
N VAL B 392 1.88 -14.10 -31.50
CA VAL B 392 0.90 -13.81 -30.46
C VAL B 392 -0.14 -14.93 -30.41
N ASP B 393 -0.54 -15.29 -29.20
CA ASP B 393 -1.66 -16.21 -29.05
C ASP B 393 -2.90 -15.56 -29.62
N PRO B 394 -3.63 -16.23 -30.53
CA PRO B 394 -4.76 -15.57 -31.20
C PRO B 394 -5.79 -15.03 -30.23
N LEU B 395 -6.40 -15.90 -29.43
CA LEU B 395 -7.37 -15.53 -28.41
C LEU B 395 -8.31 -14.44 -28.90
N SER B 396 -8.09 -13.22 -28.42
CA SER B 396 -8.73 -12.02 -28.96
C SER B 396 -7.70 -10.99 -29.39
N GLY B 397 -6.45 -11.41 -29.58
CA GLY B 397 -5.38 -10.49 -29.95
C GLY B 397 -4.51 -10.07 -28.78
N THR B 398 -4.12 -11.02 -27.94
CA THR B 398 -3.29 -10.73 -26.77
C THR B 398 -2.34 -11.89 -26.52
N CYS B 399 -1.17 -11.56 -25.97
CA CYS B 399 -0.19 -12.58 -25.60
C CYS B 399 -0.71 -13.43 -24.45
N MET B 400 -0.46 -14.72 -24.52
CA MET B 400 -0.95 -15.65 -23.52
C MET B 400 -0.16 -15.48 -22.22
N ARG B 401 -0.49 -16.32 -21.23
CA ARG B 401 0.20 -16.30 -19.95
C ARG B 401 1.48 -17.12 -20.03
N ASN B 402 2.22 -17.16 -18.92
CA ASN B 402 3.49 -17.89 -18.83
C ASN B 402 4.48 -17.43 -19.89
N THR B 403 4.48 -16.12 -20.16
CA THR B 403 5.42 -15.50 -21.07
C THR B 403 5.37 -14.00 -20.84
N VAL B 404 6.31 -13.28 -21.45
CA VAL B 404 6.40 -11.84 -21.29
C VAL B 404 6.31 -11.21 -22.67
N PRO B 405 5.54 -10.13 -22.86
CA PRO B 405 5.36 -9.57 -24.20
C PRO B 405 6.63 -8.92 -24.75
N CYS B 406 7.20 -9.54 -25.79
CA CYS B 406 8.34 -8.96 -26.49
C CYS B 406 7.85 -7.88 -27.45
N GLU B 407 8.78 -7.23 -28.13
CA GLU B 407 8.46 -6.15 -29.06
C GLU B 407 9.39 -6.27 -30.27
N LYS B 408 8.94 -6.99 -31.29
CA LYS B 408 9.71 -7.16 -32.51
C LYS B 408 9.76 -5.85 -33.29
N ARG B 409 10.89 -5.61 -33.94
CA ARG B 409 11.10 -4.43 -34.77
C ARG B 409 11.40 -4.86 -36.20
N ILE B 410 10.62 -4.36 -37.15
CA ILE B 410 10.79 -4.69 -38.56
C ILE B 410 11.00 -3.39 -39.34
N VAL B 411 12.06 -3.36 -40.16
CA VAL B 411 12.34 -2.22 -41.02
C VAL B 411 12.37 -2.72 -42.46
N THR B 412 11.53 -3.71 -42.76
CA THR B 412 11.59 -4.41 -44.04
C THR B 412 11.30 -3.51 -45.24
N GLU B 413 10.73 -2.32 -45.01
CA GLU B 413 10.46 -1.40 -46.11
C GLU B 413 11.78 -1.01 -46.79
N ASN B 414 11.99 -1.49 -48.01
CA ASN B 414 13.22 -1.27 -48.74
C ASN B 414 13.14 -0.08 -49.70
N LYS B 415 12.01 0.62 -49.73
CA LYS B 415 11.83 1.77 -50.63
C LYS B 415 11.72 3.08 -49.88
N THR B 416 10.80 3.17 -48.92
CA THR B 416 10.58 4.37 -48.14
C THR B 416 11.00 4.16 -46.69
N ASP B 417 11.21 5.28 -46.00
CA ASP B 417 11.62 5.25 -44.59
C ASP B 417 10.36 5.12 -43.71
N GLU B 418 9.73 3.95 -43.83
CA GLU B 418 8.52 3.69 -43.05
C GLU B 418 8.87 3.50 -41.57
N GLU B 419 7.85 3.64 -40.73
CA GLU B 419 8.03 3.45 -39.30
C GLU B 419 8.41 2.00 -39.01
N PRO B 420 9.23 1.77 -37.99
CA PRO B 420 9.62 0.39 -37.66
C PRO B 420 8.40 -0.46 -37.32
N GLY B 421 8.42 -1.71 -37.78
CA GLY B 421 7.32 -2.61 -37.56
C GLY B 421 7.17 -3.02 -36.10
N TYR B 422 6.12 -2.53 -35.45
CA TYR B 422 5.86 -2.86 -34.05
C TYR B 422 4.94 -4.06 -33.90
N ILE B 423 5.30 -5.16 -34.56
CA ILE B 423 4.52 -6.39 -34.52
C ILE B 423 4.95 -7.14 -33.26
N LYS B 424 4.16 -7.00 -32.18
CA LYS B 424 4.49 -7.65 -30.93
C LYS B 424 4.37 -9.16 -31.05
N LYS B 425 5.01 -9.87 -30.13
CA LYS B 425 5.01 -11.32 -30.11
C LYS B 425 5.16 -11.78 -28.66
N CYS B 426 5.48 -13.05 -28.47
CA CYS B 426 5.69 -13.61 -27.14
C CYS B 426 7.03 -14.33 -27.10
N CYS B 427 7.65 -14.36 -25.91
CA CYS B 427 8.97 -14.94 -25.74
C CYS B 427 8.96 -15.89 -24.55
N LYS B 428 9.71 -16.99 -24.66
CA LYS B 428 9.82 -17.90 -23.54
C LYS B 428 11.12 -18.69 -23.66
N GLY B 429 11.63 -19.14 -22.53
CA GLY B 429 12.87 -19.90 -22.54
C GLY B 429 13.64 -19.72 -21.25
N PHE B 430 14.92 -20.08 -21.32
CA PHE B 430 15.79 -20.08 -20.16
C PHE B 430 16.12 -18.66 -19.70
N CYS B 431 16.72 -17.87 -20.58
CA CYS B 431 17.24 -16.56 -20.19
C CYS B 431 16.12 -15.61 -19.81
N ILE B 432 14.98 -15.67 -20.51
CA ILE B 432 13.87 -14.80 -20.14
C ILE B 432 13.31 -15.18 -18.78
N ASP B 433 13.25 -16.48 -18.48
CA ASP B 433 12.80 -16.91 -17.15
C ASP B 433 13.75 -16.41 -16.06
N ILE B 434 15.06 -16.54 -16.29
CA ILE B 434 16.01 -16.07 -15.29
C ILE B 434 15.95 -14.55 -15.17
N LEU B 435 15.68 -13.86 -16.27
CA LEU B 435 15.53 -12.41 -16.24
C LEU B 435 14.29 -12.01 -15.43
N LYS B 436 13.21 -12.75 -15.59
CA LYS B 436 12.01 -12.49 -14.79
C LYS B 436 12.29 -12.69 -13.31
N LYS B 437 12.99 -13.77 -12.98
CA LYS B 437 13.35 -14.02 -11.59
C LYS B 437 14.20 -12.88 -11.04
N ILE B 438 15.19 -12.42 -11.81
CA ILE B 438 16.06 -11.34 -11.36
C ILE B 438 15.26 -10.05 -11.20
N SER B 439 14.39 -9.75 -12.17
CA SER B 439 13.61 -8.52 -12.13
C SER B 439 12.69 -8.49 -10.92
N LYS B 440 12.08 -9.63 -10.58
CA LYS B 440 11.32 -9.70 -9.35
C LYS B 440 12.24 -9.54 -8.14
N SER B 441 13.47 -10.04 -8.24
CA SER B 441 14.36 -10.09 -7.08
C SER B 441 14.81 -8.71 -6.62
N VAL B 442 14.90 -7.74 -7.53
CA VAL B 442 15.43 -6.43 -7.15
C VAL B 442 14.46 -5.32 -7.49
N LYS B 443 13.24 -5.68 -7.88
CA LYS B 443 12.12 -4.75 -8.03
C LYS B 443 12.45 -3.63 -9.03
N PHE B 444 12.64 -4.03 -10.29
CA PHE B 444 12.77 -3.08 -11.38
C PHE B 444 11.89 -3.52 -12.54
N THR B 445 11.27 -2.53 -13.19
CA THR B 445 10.39 -2.78 -14.32
C THR B 445 11.20 -2.91 -15.60
N TYR B 446 10.60 -3.58 -16.59
CA TYR B 446 11.31 -3.88 -17.83
C TYR B 446 10.32 -3.98 -18.98
N ASP B 447 10.85 -3.83 -20.19
CA ASP B 447 10.06 -4.00 -21.41
C ASP B 447 11.02 -4.49 -22.49
N LEU B 448 10.90 -5.76 -22.86
CA LEU B 448 11.86 -6.39 -23.76
C LEU B 448 11.82 -5.74 -25.14
N TYR B 449 12.87 -6.00 -25.91
CA TYR B 449 13.04 -5.40 -27.23
C TYR B 449 14.06 -6.25 -27.98
N LEU B 450 13.74 -6.64 -29.21
CA LEU B 450 14.54 -7.60 -29.93
C LEU B 450 15.63 -6.89 -30.74
N VAL B 451 16.35 -7.64 -31.56
CA VAL B 451 17.48 -7.12 -32.30
C VAL B 451 16.99 -6.58 -33.64
N THR B 452 17.77 -5.66 -34.22
CA THR B 452 17.49 -5.07 -35.52
C THR B 452 18.46 -5.51 -36.61
N ASN B 453 19.74 -5.65 -36.29
CA ASN B 453 20.73 -6.05 -37.27
C ASN B 453 21.88 -6.75 -36.56
N GLY B 454 22.45 -7.75 -37.21
CA GLY B 454 23.56 -8.49 -36.65
C GLY B 454 23.11 -9.62 -35.74
N LYS B 455 23.98 -10.62 -35.60
CA LYS B 455 23.63 -11.76 -34.75
C LYS B 455 23.91 -11.45 -33.29
N HIS B 456 25.18 -11.26 -32.93
CA HIS B 456 25.55 -10.91 -31.56
C HIS B 456 26.31 -9.59 -31.48
N GLY B 457 27.38 -9.44 -32.25
CA GLY B 457 28.21 -8.26 -32.18
C GLY B 457 29.67 -8.58 -32.43
N LYS B 458 30.33 -7.77 -33.24
CA LYS B 458 31.71 -8.04 -33.63
C LYS B 458 32.36 -6.73 -34.07
N LYS B 459 33.65 -6.61 -33.78
CA LYS B 459 34.43 -5.45 -34.22
C LYS B 459 34.62 -5.55 -35.73
N ILE B 460 33.77 -4.84 -36.47
CA ILE B 460 33.86 -4.82 -37.93
C ILE B 460 34.47 -3.49 -38.36
N ASN B 461 35.80 -3.47 -38.52
CA ASN B 461 36.54 -2.26 -38.83
C ASN B 461 36.31 -1.19 -37.76
N GLY B 462 36.63 -1.56 -36.53
CA GLY B 462 36.56 -0.63 -35.40
C GLY B 462 35.18 -0.19 -34.98
N THR B 463 34.20 -1.10 -35.00
CA THR B 463 32.88 -0.80 -34.47
C THR B 463 32.15 -2.11 -34.20
N TRP B 464 31.35 -2.11 -33.13
CA TRP B 464 30.56 -3.28 -32.76
C TRP B 464 29.24 -3.25 -33.53
N ASN B 465 29.04 -4.21 -34.42
CA ASN B 465 27.82 -4.32 -35.21
C ASN B 465 27.00 -5.48 -34.65
N GLY B 466 26.18 -5.19 -33.65
CA GLY B 466 25.36 -6.22 -33.05
C GLY B 466 24.80 -5.77 -31.71
N MET B 467 24.41 -6.77 -30.91
CA MET B 467 23.75 -6.50 -29.63
C MET B 467 24.67 -5.75 -28.68
N ILE B 468 25.94 -6.16 -28.59
CA ILE B 468 26.88 -5.46 -27.73
C ILE B 468 27.07 -4.03 -28.21
N GLY B 469 27.01 -3.80 -29.52
CA GLY B 469 27.01 -2.43 -30.02
C GLY B 469 25.78 -1.66 -29.57
N GLU B 470 24.63 -2.32 -29.55
CA GLU B 470 23.42 -1.68 -29.04
C GLU B 470 23.57 -1.28 -27.58
N VAL B 471 24.20 -2.14 -26.77
CA VAL B 471 24.37 -1.83 -25.35
C VAL B 471 25.39 -0.71 -25.17
N VAL B 472 26.52 -0.78 -25.88
CA VAL B 472 27.55 0.24 -25.69
C VAL B 472 27.10 1.59 -26.25
N MET B 473 26.16 1.59 -27.20
CA MET B 473 25.65 2.82 -27.78
C MET B 473 24.41 3.33 -27.06
N LYS B 474 24.27 3.05 -25.77
CA LYS B 474 23.15 3.49 -24.95
C LYS B 474 21.83 2.94 -25.48
N ARG B 475 20.72 3.34 -24.88
CA ARG B 475 19.36 2.99 -25.27
C ARG B 475 19.03 1.52 -25.01
N ALA B 476 20.00 0.72 -24.58
CA ALA B 476 19.79 -0.71 -24.36
C ALA B 476 19.83 -1.08 -22.89
N TYR B 477 20.93 -0.78 -22.20
CA TYR B 477 21.08 -0.95 -20.75
C TYR B 477 20.98 -2.40 -20.28
N MET B 478 21.02 -3.37 -21.20
CA MET B 478 21.05 -4.78 -20.87
C MET B 478 21.25 -5.57 -22.15
N ALA B 479 21.77 -6.80 -22.01
CA ALA B 479 22.08 -7.64 -23.16
C ALA B 479 21.73 -9.10 -22.94
N VAL B 480 20.68 -9.38 -22.17
CA VAL B 480 20.35 -10.77 -21.83
C VAL B 480 20.05 -11.55 -23.10
N GLY B 481 20.70 -12.71 -23.23
CA GLY B 481 20.54 -13.56 -24.39
C GLY B 481 21.50 -14.73 -24.37
N SER B 482 22.10 -15.03 -25.52
CA SER B 482 23.11 -16.09 -25.61
C SER B 482 24.46 -15.43 -25.87
N LEU B 483 25.12 -15.04 -24.78
CA LEU B 483 26.37 -14.30 -24.85
C LEU B 483 27.53 -15.17 -24.41
N THR B 484 28.74 -14.74 -24.79
CA THR B 484 29.97 -15.43 -24.41
C THR B 484 30.93 -14.43 -23.79
N ILE B 485 31.42 -14.74 -22.59
CA ILE B 485 32.41 -13.89 -21.95
C ILE B 485 33.76 -14.07 -22.62
N ASN B 486 34.40 -12.96 -22.97
CA ASN B 486 35.64 -13.03 -23.73
C ASN B 486 36.45 -11.78 -23.47
N GLU B 487 37.75 -11.85 -23.80
CA GLU B 487 38.62 -10.69 -23.74
C GLU B 487 38.47 -9.87 -25.02
N GLU B 488 37.23 -9.56 -25.37
CA GLU B 488 36.92 -8.74 -26.53
C GLU B 488 35.89 -7.66 -26.26
N ARG B 489 35.06 -7.82 -25.23
CA ARG B 489 34.02 -6.86 -24.90
C ARG B 489 34.12 -6.37 -23.47
N SER B 490 35.08 -6.86 -22.68
CA SER B 490 35.25 -6.40 -21.31
C SER B 490 35.78 -4.97 -21.26
N GLU B 491 36.35 -4.46 -22.35
CA GLU B 491 36.86 -3.10 -22.38
C GLU B 491 35.83 -2.08 -22.86
N VAL B 492 34.63 -2.52 -23.22
CA VAL B 492 33.53 -1.63 -23.60
C VAL B 492 32.34 -1.81 -22.67
N VAL B 493 32.00 -3.06 -22.35
CA VAL B 493 30.99 -3.36 -21.33
C VAL B 493 31.64 -4.21 -20.25
N ASP B 494 30.91 -4.48 -19.18
CA ASP B 494 31.42 -5.33 -18.11
C ASP B 494 30.32 -6.28 -17.66
N PHE B 495 30.68 -7.55 -17.48
CA PHE B 495 29.73 -8.63 -17.38
C PHE B 495 29.40 -8.92 -15.91
N SER B 496 28.67 -10.00 -15.70
CA SER B 496 28.37 -10.53 -14.37
C SER B 496 28.97 -11.94 -14.27
N VAL B 497 28.63 -12.64 -13.19
CA VAL B 497 29.15 -14.00 -13.02
C VAL B 497 28.48 -14.93 -14.03
N PRO B 498 29.23 -15.77 -14.72
CA PRO B 498 28.61 -16.71 -15.66
C PRO B 498 27.63 -17.64 -14.97
N PHE B 499 26.55 -17.97 -15.67
CA PHE B 499 25.49 -18.80 -15.10
C PHE B 499 25.26 -20.08 -15.91
N ILE B 500 26.21 -20.45 -16.76
CA ILE B 500 26.19 -21.76 -17.42
C ILE B 500 27.58 -22.05 -17.97
N GLU B 501 27.96 -23.31 -18.01
CA GLU B 501 29.31 -23.71 -18.40
C GLU B 501 29.34 -23.93 -19.91
N THR B 502 29.85 -22.94 -20.63
CA THR B 502 30.01 -23.06 -22.08
C THR B 502 31.36 -23.68 -22.39
N GLY B 503 31.75 -23.64 -23.65
CA GLY B 503 33.03 -24.17 -24.08
C GLY B 503 32.96 -24.60 -25.53
N ILE B 504 34.05 -25.21 -25.98
CA ILE B 504 34.17 -25.74 -27.34
C ILE B 504 34.37 -27.24 -27.23
N SER B 505 33.51 -28.01 -27.90
CA SER B 505 33.53 -29.46 -27.81
C SER B 505 33.33 -30.03 -29.21
N VAL B 506 33.08 -31.34 -29.28
CA VAL B 506 33.05 -32.06 -30.54
C VAL B 506 31.70 -32.77 -30.69
N MET B 507 31.45 -33.26 -31.90
CA MET B 507 30.22 -33.95 -32.25
C MET B 507 30.57 -35.12 -33.16
N VAL B 508 30.55 -36.33 -32.63
CA VAL B 508 30.94 -37.53 -33.36
C VAL B 508 29.85 -38.58 -33.18
N SER B 509 29.45 -39.23 -34.28
CA SER B 509 28.44 -40.26 -34.20
C SER B 509 28.95 -41.48 -33.43
N ARG B 510 28.06 -42.10 -32.66
CA ARG B 510 28.42 -43.26 -31.87
C ARG B 510 28.68 -44.46 -32.77
N SER B 511 29.46 -45.41 -32.25
CA SER B 511 29.82 -46.62 -32.97
C SER B 511 29.22 -47.83 -32.25
N ASN B 512 28.55 -48.69 -33.02
CA ASN B 512 27.97 -49.92 -32.47
C ASN B 512 29.04 -51.01 -32.51
N GLY B 513 29.98 -50.89 -31.58
CA GLY B 513 31.12 -51.80 -31.51
C GLY B 513 31.24 -52.44 -30.14
N THR B 514 31.67 -53.70 -30.13
CA THR B 514 31.89 -54.46 -28.91
C THR B 514 33.38 -54.70 -28.74
N VAL B 515 33.90 -54.43 -27.54
CA VAL B 515 35.32 -54.59 -27.26
C VAL B 515 35.61 -56.04 -26.93
N SER B 516 35.93 -56.83 -27.95
CA SER B 516 36.28 -58.25 -27.78
C SER B 516 37.54 -58.56 -28.58
N PRO B 517 38.69 -57.98 -28.21
CA PRO B 517 39.91 -58.23 -28.97
C PRO B 517 40.44 -59.64 -28.79
N SER B 518 40.55 -60.10 -27.54
CA SER B 518 41.03 -61.43 -27.23
C SER B 518 40.17 -62.05 -26.12
N ALA B 519 38.86 -61.90 -26.23
CA ALA B 519 37.95 -62.37 -25.19
C ALA B 519 37.85 -63.90 -25.16
N PHE B 520 38.38 -64.59 -26.16
CA PHE B 520 38.26 -66.04 -26.20
C PHE B 520 39.00 -66.72 -25.06
N LEU B 521 40.10 -66.13 -24.59
CA LEU B 521 40.85 -66.65 -23.46
C LEU B 521 40.49 -65.94 -22.15
N GLU B 522 39.48 -65.09 -22.16
CA GLU B 522 39.14 -64.33 -20.94
C GLU B 522 38.77 -65.22 -19.76
N PRO B 523 37.92 -66.23 -19.89
CA PRO B 523 37.59 -67.07 -18.73
C PRO B 523 38.79 -67.88 -18.27
N PHE B 524 38.64 -68.48 -17.08
CA PHE B 524 39.61 -69.43 -16.54
C PHE B 524 41.00 -68.79 -16.42
N SER B 525 41.08 -67.85 -15.46
CA SER B 525 42.27 -67.04 -15.20
C SER B 525 43.56 -67.83 -15.41
N ALA B 526 44.52 -67.23 -16.11
CA ALA B 526 45.55 -68.00 -16.79
C ALA B 526 46.57 -68.60 -15.84
N ASP B 527 46.09 -69.40 -14.88
CA ASP B 527 46.93 -70.28 -14.09
C ASP B 527 46.34 -71.67 -13.92
N VAL B 528 45.03 -71.86 -14.11
CA VAL B 528 44.42 -73.18 -13.95
C VAL B 528 44.77 -74.10 -15.11
N TRP B 529 45.19 -73.55 -16.26
CA TRP B 529 45.55 -74.40 -17.38
C TRP B 529 46.85 -75.15 -17.12
N VAL B 530 47.79 -74.54 -16.39
CA VAL B 530 49.02 -75.24 -16.02
C VAL B 530 48.70 -76.43 -15.13
N MET B 531 47.81 -76.23 -14.15
CA MET B 531 47.40 -77.35 -13.31
C MET B 531 46.62 -78.37 -14.11
N MET B 532 45.85 -77.94 -15.12
CA MET B 532 45.18 -78.90 -15.99
C MET B 532 46.20 -79.80 -16.68
N PHE B 533 47.25 -79.21 -17.24
CA PHE B 533 48.28 -79.99 -17.91
C PHE B 533 48.99 -80.92 -16.94
N VAL B 534 49.31 -80.41 -15.74
CA VAL B 534 50.03 -81.23 -14.75
C VAL B 534 49.17 -82.41 -14.32
N MET B 535 47.88 -82.16 -14.05
CA MET B 535 46.98 -83.23 -13.68
C MET B 535 46.82 -84.23 -14.82
N LEU B 536 46.76 -83.74 -16.06
CA LEU B 536 46.65 -84.61 -17.20
C LEU B 536 47.82 -85.57 -17.29
N LEU B 537 49.04 -85.04 -17.19
CA LEU B 537 50.23 -85.88 -17.28
C LEU B 537 50.31 -86.85 -16.10
N ILE B 538 49.97 -86.39 -14.90
CA ILE B 538 50.02 -87.26 -13.72
C ILE B 538 49.04 -88.41 -13.87
N VAL B 539 47.83 -88.10 -14.33
CA VAL B 539 46.81 -89.14 -14.48
C VAL B 539 47.20 -90.13 -15.58
N SER B 540 47.78 -89.63 -16.67
CA SER B 540 48.24 -90.54 -17.73
C SER B 540 49.31 -91.48 -17.22
N ALA B 541 50.29 -90.94 -16.47
CA ALA B 541 51.34 -91.78 -15.92
C ALA B 541 50.78 -92.79 -14.94
N VAL B 542 49.84 -92.38 -14.10
CA VAL B 542 49.24 -93.28 -13.13
C VAL B 542 48.49 -94.40 -13.83
N ALA B 543 47.73 -94.05 -14.89
CA ALA B 543 47.00 -95.06 -15.64
C ALA B 543 47.94 -96.06 -16.29
N VAL B 544 49.04 -95.58 -16.87
CA VAL B 544 50.00 -96.48 -17.49
C VAL B 544 50.62 -97.40 -16.44
N PHE B 545 50.99 -96.85 -15.29
CA PHE B 545 51.59 -97.67 -14.23
C PHE B 545 50.61 -98.72 -13.73
N VAL B 546 49.34 -98.36 -13.57
CA VAL B 546 48.34 -99.33 -13.15
C VAL B 546 48.16 -100.41 -14.20
N PHE B 547 48.09 -100.01 -15.48
CA PHE B 547 47.91 -100.98 -16.56
C PHE B 547 49.10 -101.94 -16.65
N GLU B 548 50.29 -101.49 -16.26
CA GLU B 548 51.44 -102.39 -16.27
C GLU B 548 51.25 -103.55 -15.31
N TYR B 549 50.72 -103.28 -14.13
CA TYR B 549 50.47 -104.33 -13.14
C TYR B 549 49.06 -104.90 -13.28
N SER B 569 49.86 -103.24 -25.75
CA SER B 569 50.06 -102.24 -26.80
C SER B 569 49.70 -100.84 -26.30
N PHE B 570 49.68 -100.68 -24.97
CA PHE B 570 49.34 -99.41 -24.34
C PHE B 570 50.62 -98.78 -23.84
N THR B 571 51.13 -97.80 -24.57
CA THR B 571 52.35 -97.09 -24.21
C THR B 571 52.02 -95.99 -23.22
N ILE B 572 53.00 -95.12 -22.94
CA ILE B 572 52.80 -93.98 -22.05
C ILE B 572 52.56 -92.69 -22.83
N GLY B 573 52.47 -92.77 -24.15
CA GLY B 573 52.18 -91.61 -24.96
C GLY B 573 50.82 -91.70 -25.61
N LYS B 574 50.33 -92.92 -25.82
CA LYS B 574 49.03 -93.15 -26.41
C LYS B 574 47.89 -92.96 -25.41
N ALA B 575 48.19 -92.47 -24.21
CA ALA B 575 47.17 -92.16 -23.22
C ALA B 575 46.88 -90.68 -23.10
N ILE B 576 47.89 -89.82 -23.28
CA ILE B 576 47.65 -88.38 -23.30
C ILE B 576 46.77 -88.02 -24.49
N TRP B 577 46.95 -88.74 -25.61
CA TRP B 577 46.11 -88.51 -26.78
C TRP B 577 44.64 -88.74 -26.46
N LEU B 578 44.33 -89.88 -25.84
CA LEU B 578 42.96 -90.21 -25.48
C LEU B 578 42.37 -89.16 -24.54
N LEU B 579 43.12 -88.79 -23.51
CA LEU B 579 42.58 -87.91 -22.49
C LEU B 579 42.43 -86.48 -23.01
N TRP B 580 43.35 -86.03 -23.87
CA TRP B 580 43.20 -84.72 -24.50
C TRP B 580 41.97 -84.69 -25.40
N GLY B 581 41.82 -85.70 -26.26
CA GLY B 581 40.62 -85.76 -27.08
C GLY B 581 39.35 -85.77 -26.24
N LEU B 582 39.37 -86.51 -25.13
CA LEU B 582 38.20 -86.60 -24.27
C LEU B 582 37.89 -85.26 -23.62
N VAL B 583 38.91 -84.55 -23.13
CA VAL B 583 38.71 -83.22 -22.55
C VAL B 583 38.22 -82.23 -23.60
N PHE B 584 38.47 -82.53 -24.88
CA PHE B 584 38.18 -81.57 -25.94
C PHE B 584 37.12 -82.10 -26.88
N ASN B 585 35.97 -82.48 -26.32
CA ASN B 585 34.73 -82.87 -27.01
C ASN B 585 34.98 -84.05 -27.96
N ASN B 586 35.27 -85.18 -27.32
CA ASN B 586 35.84 -86.37 -27.93
C ASN B 586 35.25 -86.65 -29.31
N SER B 587 36.12 -86.59 -30.31
CA SER B 587 35.73 -86.80 -31.70
C SER B 587 36.68 -87.67 -32.50
N VAL B 588 37.92 -87.87 -32.08
CA VAL B 588 38.92 -88.63 -32.83
C VAL B 588 39.02 -90.04 -32.25
N PRO B 589 39.18 -91.10 -33.07
CA PRO B 589 39.18 -92.42 -32.47
C PRO B 589 40.49 -92.63 -31.73
N VAL B 590 40.40 -93.32 -30.62
CA VAL B 590 41.57 -93.64 -29.81
C VAL B 590 41.45 -95.10 -29.37
N GLN B 591 42.40 -95.54 -28.54
CA GLN B 591 42.46 -96.92 -28.06
C GLN B 591 42.18 -96.93 -26.56
N ASN B 592 41.04 -97.49 -26.18
CA ASN B 592 40.65 -97.53 -24.77
C ASN B 592 41.52 -98.52 -24.00
N PRO B 593 41.65 -98.32 -22.68
CA PRO B 593 42.36 -99.31 -21.85
C PRO B 593 41.58 -100.59 -21.68
N LYS B 594 42.14 -101.54 -20.92
CA LYS B 594 41.49 -102.82 -20.70
C LYS B 594 41.27 -103.16 -19.23
N GLY B 595 42.04 -102.59 -18.32
CA GLY B 595 41.83 -102.86 -16.91
C GLY B 595 40.60 -102.16 -16.37
N THR B 596 40.00 -102.78 -15.34
CA THR B 596 38.81 -102.20 -14.73
C THR B 596 39.13 -100.87 -14.04
N THR B 597 40.25 -100.81 -13.32
CA THR B 597 40.63 -99.58 -12.64
C THR B 597 40.86 -98.45 -13.63
N SER B 598 41.52 -98.74 -14.76
CA SER B 598 41.68 -97.72 -15.80
C SER B 598 40.34 -97.28 -16.36
N LYS B 599 39.39 -98.21 -16.47
CA LYS B 599 38.04 -97.83 -16.94
C LYS B 599 37.39 -96.84 -15.98
N ILE B 600 37.43 -97.14 -14.68
CA ILE B 600 36.81 -96.24 -13.72
C ILE B 600 37.54 -94.89 -13.71
N MET B 601 38.85 -94.90 -13.92
CA MET B 601 39.60 -93.65 -13.90
C MET B 601 39.29 -92.78 -15.11
N VAL B 602 39.23 -93.39 -16.29
CA VAL B 602 38.87 -92.60 -17.47
C VAL B 602 37.43 -92.11 -17.37
N SER B 603 36.56 -92.87 -16.70
CA SER B 603 35.20 -92.38 -16.46
C SER B 603 35.22 -91.12 -15.57
N VAL B 604 36.01 -91.16 -14.50
CA VAL B 604 36.14 -89.98 -13.64
C VAL B 604 36.68 -88.79 -14.43
N TRP B 605 37.67 -89.04 -15.28
CA TRP B 605 38.21 -87.99 -16.13
C TRP B 605 37.15 -87.42 -17.06
N ALA B 606 36.26 -88.29 -17.57
CA ALA B 606 35.16 -87.82 -18.41
C ALA B 606 34.24 -86.89 -17.65
N PHE B 607 33.94 -87.24 -16.39
CA PHE B 607 33.14 -86.34 -15.55
C PHE B 607 33.83 -84.98 -15.42
N PHE B 608 35.14 -85.01 -15.15
CA PHE B 608 35.91 -83.77 -15.07
C PHE B 608 35.77 -82.95 -16.35
N ALA B 609 35.91 -83.60 -17.51
CA ALA B 609 35.87 -82.88 -18.78
C ALA B 609 34.52 -82.24 -19.00
N VAL B 610 33.44 -82.98 -18.72
CA VAL B 610 32.11 -82.42 -18.96
C VAL B 610 31.85 -81.22 -18.05
N ILE B 611 32.26 -81.30 -16.78
CA ILE B 611 32.06 -80.17 -15.88
C ILE B 611 32.85 -78.96 -16.36
N PHE B 612 34.11 -79.20 -16.75
CA PHE B 612 34.98 -78.11 -17.17
C PHE B 612 34.41 -77.42 -18.41
N LEU B 613 33.98 -78.19 -19.40
CA LEU B 613 33.45 -77.61 -20.63
C LEU B 613 32.18 -76.82 -20.36
N ALA B 614 31.28 -77.36 -19.52
CA ALA B 614 30.06 -76.63 -19.21
C ALA B 614 30.37 -75.29 -18.54
N SER B 615 31.27 -75.30 -17.56
CA SER B 615 31.61 -74.05 -16.88
C SER B 615 32.24 -73.05 -17.83
N TYR B 616 33.14 -73.54 -18.71
CA TYR B 616 33.82 -72.64 -19.64
C TYR B 616 32.82 -71.97 -20.57
N THR B 617 31.91 -72.74 -21.16
CA THR B 617 30.96 -72.13 -22.09
C THR B 617 30.01 -71.19 -21.36
N ALA B 618 29.63 -71.51 -20.12
CA ALA B 618 28.77 -70.61 -19.36
C ALA B 618 29.47 -69.28 -19.11
N ASN B 619 30.74 -69.32 -18.71
CA ASN B 619 31.42 -68.06 -18.44
C ASN B 619 31.69 -67.27 -19.71
N LEU B 620 31.96 -67.95 -20.83
CA LEU B 620 32.10 -67.23 -22.09
C LEU B 620 30.81 -66.50 -22.45
N ALA B 621 29.67 -67.18 -22.30
CA ALA B 621 28.39 -66.54 -22.55
C ALA B 621 28.18 -65.35 -21.64
N ALA B 622 28.56 -65.48 -20.36
CA ALA B 622 28.44 -64.36 -19.44
C ALA B 622 29.31 -63.19 -19.86
N PHE B 623 30.54 -63.46 -20.31
CA PHE B 623 31.49 -62.40 -20.63
C PHE B 623 31.06 -61.63 -21.88
N MET B 624 30.63 -62.34 -22.92
CA MET B 624 30.37 -61.63 -24.17
C MET B 624 29.19 -60.67 -24.08
N ILE B 625 28.37 -60.76 -23.03
CA ILE B 625 27.19 -59.91 -22.91
C ILE B 625 27.58 -58.43 -22.85
N GLN B 626 28.53 -58.09 -21.99
CA GLN B 626 28.75 -56.70 -21.62
C GLN B 626 29.68 -56.01 -22.62
N GLU B 627 29.12 -55.01 -23.33
CA GLU B 627 29.90 -54.14 -24.20
C GLU B 627 29.04 -52.93 -24.52
N GLU B 628 29.52 -51.73 -24.18
CA GLU B 628 28.69 -50.53 -24.25
C GLU B 628 29.10 -49.58 -25.36
N TYR B 629 30.34 -49.10 -25.36
CA TYR B 629 30.79 -48.09 -26.32
C TYR B 629 32.29 -47.90 -26.14
N VAL B 630 32.86 -47.04 -26.99
CA VAL B 630 34.26 -46.68 -26.95
C VAL B 630 34.39 -45.17 -27.17
N ASP B 631 35.63 -44.69 -27.19
CA ASP B 631 35.93 -43.29 -27.47
C ASP B 631 36.71 -43.22 -28.78
N GLN B 632 36.05 -42.71 -29.83
CA GLN B 632 36.67 -42.70 -31.15
C GLN B 632 37.90 -41.79 -31.17
N VAL B 633 37.76 -40.55 -30.68
CA VAL B 633 38.84 -39.59 -30.67
C VAL B 633 38.87 -38.87 -29.33
N SER B 634 40.03 -38.31 -29.02
CA SER B 634 40.21 -37.45 -27.85
C SER B 634 39.96 -36.01 -28.27
N GLY B 635 40.37 -35.04 -27.43
CA GLY B 635 40.18 -33.65 -27.75
C GLY B 635 40.99 -33.14 -28.91
N LEU B 636 41.22 -31.83 -28.98
CA LEU B 636 41.89 -31.24 -30.13
C LEU B 636 43.33 -31.73 -30.26
N SER B 637 43.98 -32.07 -29.15
CA SER B 637 45.36 -32.53 -29.20
C SER B 637 45.43 -33.94 -29.77
N ASP B 638 45.62 -34.06 -31.08
CA ASP B 638 45.66 -35.35 -31.75
C ASP B 638 46.16 -35.14 -33.17
N LYS B 639 47.03 -36.05 -33.62
CA LYS B 639 47.45 -36.04 -35.02
C LYS B 639 46.29 -36.33 -35.95
N LYS B 640 45.22 -36.96 -35.45
CA LYS B 640 44.02 -37.16 -36.24
C LYS B 640 43.41 -35.81 -36.65
N PHE B 641 43.35 -34.87 -35.72
CA PHE B 641 42.93 -33.52 -36.07
C PHE B 641 44.01 -32.74 -36.81
N GLN B 642 45.27 -33.17 -36.70
CA GLN B 642 46.39 -32.54 -37.39
C GLN B 642 46.73 -33.25 -38.70
N ARG B 643 45.74 -33.89 -39.33
CA ARG B 643 45.92 -34.60 -40.59
C ARG B 643 44.85 -34.14 -41.57
N PRO B 644 45.00 -32.93 -42.14
CA PRO B 644 43.97 -32.44 -43.05
C PRO B 644 43.88 -33.24 -44.35
N ASN B 645 45.01 -33.54 -44.97
CA ASN B 645 45.03 -34.29 -46.23
C ASN B 645 45.92 -35.51 -46.18
N ASP B 646 47.04 -35.45 -45.45
CA ASP B 646 47.94 -36.59 -45.34
C ASP B 646 47.36 -37.65 -44.41
N PHE B 647 46.26 -38.26 -44.82
CA PHE B 647 45.51 -39.17 -43.98
C PHE B 647 44.58 -40.00 -44.87
N SER B 648 43.58 -40.63 -44.26
CA SER B 648 42.51 -41.34 -44.94
C SER B 648 41.77 -40.39 -45.87
N PRO B 649 40.84 -40.87 -46.71
CA PRO B 649 40.08 -39.97 -47.61
C PRO B 649 39.71 -38.66 -46.94
N PRO B 650 39.72 -37.56 -47.69
CA PRO B 650 39.79 -36.23 -47.07
C PRO B 650 38.68 -35.98 -46.06
N PHE B 651 39.04 -35.33 -44.96
CA PHE B 651 38.16 -35.12 -43.83
C PHE B 651 37.65 -33.68 -43.81
N ARG B 652 36.81 -33.38 -42.83
CA ARG B 652 36.30 -32.04 -42.61
C ARG B 652 35.74 -31.97 -41.19
N PHE B 653 35.49 -30.75 -40.74
CA PHE B 653 34.80 -30.53 -39.47
C PHE B 653 33.85 -29.34 -39.63
N GLY B 654 32.56 -29.59 -39.41
CA GLY B 654 31.58 -28.54 -39.59
C GLY B 654 31.76 -27.41 -38.61
N THR B 655 31.71 -26.18 -39.13
CA THR B 655 31.74 -24.98 -38.32
C THR B 655 30.67 -24.03 -38.83
N VAL B 656 30.20 -23.17 -37.94
CA VAL B 656 29.24 -22.13 -38.31
C VAL B 656 30.02 -20.90 -38.75
N PRO B 657 29.77 -20.37 -39.95
CA PRO B 657 30.55 -19.22 -40.42
C PRO B 657 30.28 -17.98 -39.58
N ASN B 658 31.25 -17.06 -39.61
CA ASN B 658 31.27 -15.82 -38.83
C ASN B 658 30.79 -16.06 -37.40
N GLY B 659 31.52 -16.93 -36.70
CA GLY B 659 31.24 -17.25 -35.32
C GLY B 659 32.46 -17.03 -34.44
N SER B 660 32.22 -17.05 -33.13
CA SER B 660 33.29 -16.86 -32.16
C SER B 660 34.29 -18.02 -32.21
N THR B 661 33.81 -19.23 -32.48
CA THR B 661 34.70 -20.38 -32.55
C THR B 661 35.72 -20.23 -33.67
N GLU B 662 35.29 -19.73 -34.83
CA GLU B 662 36.22 -19.54 -35.94
C GLU B 662 37.31 -18.54 -35.59
N ARG B 663 36.95 -17.43 -34.96
CA ARG B 663 37.96 -16.46 -34.55
C ARG B 663 38.89 -17.03 -33.49
N ASN B 664 38.34 -17.80 -32.54
CA ASN B 664 39.16 -18.40 -31.49
C ASN B 664 40.19 -19.36 -32.09
N ILE B 665 39.76 -20.21 -33.02
CA ILE B 665 40.70 -21.14 -33.64
C ILE B 665 41.65 -20.41 -34.59
N ARG B 666 41.22 -19.26 -35.12
CA ARG B 666 42.12 -18.43 -35.91
C ARG B 666 43.26 -17.89 -35.06
N ASN B 667 42.93 -17.41 -33.85
CA ASN B 667 43.98 -17.03 -32.91
C ASN B 667 44.81 -18.23 -32.50
N ASN B 668 44.15 -19.39 -32.34
CA ASN B 668 44.83 -20.65 -32.08
C ASN B 668 45.36 -21.22 -33.38
N TYR B 669 45.70 -22.51 -33.39
CA TYR B 669 46.26 -23.19 -34.55
C TYR B 669 45.58 -22.77 -35.84
N ALA B 670 46.37 -22.25 -36.78
CA ALA B 670 45.83 -21.73 -38.03
C ALA B 670 45.74 -22.78 -39.13
N GLU B 671 46.48 -23.88 -39.02
CA GLU B 671 46.38 -24.93 -40.02
C GLU B 671 44.98 -25.54 -40.08
N MET B 672 44.31 -25.62 -38.93
CA MET B 672 42.95 -26.13 -38.91
C MET B 672 41.92 -25.08 -39.32
N HIS B 673 42.31 -23.80 -39.33
CA HIS B 673 41.36 -22.75 -39.69
C HIS B 673 40.97 -22.82 -41.16
N ALA B 674 41.95 -22.90 -42.06
CA ALA B 674 41.69 -22.91 -43.49
C ALA B 674 42.21 -24.16 -44.18
N TYR B 675 43.46 -24.56 -43.91
CA TYR B 675 44.03 -25.72 -44.58
C TYR B 675 43.26 -26.98 -44.24
N MET B 676 42.89 -27.15 -42.97
CA MET B 676 42.01 -28.24 -42.57
C MET B 676 40.55 -27.80 -42.51
N GLY B 677 40.28 -26.52 -42.29
CA GLY B 677 38.93 -26.02 -42.30
C GLY B 677 38.46 -25.68 -43.71
N LYS B 678 38.47 -26.68 -44.59
CA LYS B 678 38.12 -26.43 -45.98
C LYS B 678 36.61 -26.50 -46.20
N PHE B 679 35.97 -27.55 -45.70
CA PHE B 679 34.55 -27.79 -45.97
C PHE B 679 33.71 -27.16 -44.86
N ASN B 680 33.41 -25.88 -45.01
CA ASN B 680 32.49 -25.22 -44.10
C ASN B 680 31.09 -25.80 -44.27
N GLN B 681 30.41 -26.01 -43.16
CA GLN B 681 29.09 -26.65 -43.16
C GLN B 681 27.99 -25.60 -43.18
N ARG B 682 26.75 -26.07 -43.30
CA ARG B 682 25.58 -25.21 -43.29
C ARG B 682 25.21 -24.88 -41.85
N GLY B 683 24.00 -24.37 -41.65
CA GLY B 683 23.53 -23.96 -40.33
C GLY B 683 23.47 -25.07 -39.30
N VAL B 684 22.98 -24.75 -38.10
CA VAL B 684 23.08 -25.67 -36.97
C VAL B 684 22.30 -26.96 -37.25
N ASP B 685 21.07 -26.83 -37.73
CA ASP B 685 20.27 -28.02 -38.02
C ASP B 685 20.77 -28.72 -39.29
N ASP B 686 21.09 -27.94 -40.32
CA ASP B 686 21.52 -28.54 -41.58
C ASP B 686 22.85 -29.29 -41.40
N ALA B 687 23.75 -28.75 -40.57
CA ALA B 687 25.02 -29.44 -40.33
C ALA B 687 24.80 -30.77 -39.63
N LEU B 688 23.93 -30.81 -38.61
CA LEU B 688 23.68 -32.07 -37.92
C LEU B 688 23.00 -33.07 -38.84
N LEU B 689 22.10 -32.59 -39.70
CA LEU B 689 21.47 -33.48 -40.68
C LEU B 689 22.50 -34.03 -41.65
N SER B 690 23.42 -33.18 -42.12
CA SER B 690 24.46 -33.64 -43.04
C SER B 690 25.37 -34.66 -42.38
N LEU B 691 25.70 -34.45 -41.10
CA LEU B 691 26.46 -35.47 -40.38
C LEU B 691 25.66 -36.76 -40.26
N LYS B 692 24.36 -36.65 -40.00
CA LYS B 692 23.49 -37.81 -40.08
C LYS B 692 23.38 -38.35 -41.51
N THR B 693 23.66 -37.51 -42.50
CA THR B 693 23.66 -37.93 -43.90
C THR B 693 25.01 -38.54 -44.25
N GLY B 694 25.27 -38.71 -45.56
CA GLY B 694 26.46 -39.41 -46.00
C GLY B 694 27.76 -38.65 -45.82
N LYS B 695 27.70 -37.36 -45.46
CA LYS B 695 28.93 -36.60 -45.26
C LYS B 695 29.61 -37.03 -43.97
N LEU B 696 28.96 -36.78 -42.83
CA LEU B 696 29.35 -37.32 -41.53
C LEU B 696 30.82 -37.07 -41.22
N ASP B 697 31.27 -35.82 -41.44
CA ASP B 697 32.68 -35.52 -41.22
C ASP B 697 32.98 -35.23 -39.75
N ALA B 698 32.44 -34.12 -39.24
CA ALA B 698 32.67 -33.68 -37.86
C ALA B 698 31.88 -32.39 -37.65
N PHE B 699 31.91 -31.88 -36.42
CA PHE B 699 31.20 -30.66 -36.07
C PHE B 699 31.87 -30.02 -34.86
N ILE B 700 32.15 -28.72 -34.96
CA ILE B 700 32.71 -27.94 -33.87
C ILE B 700 31.78 -26.75 -33.62
N TYR B 701 31.32 -26.61 -32.38
CA TYR B 701 30.35 -25.57 -32.04
C TYR B 701 30.31 -25.43 -30.52
N ASP B 702 29.38 -24.60 -30.03
CA ASP B 702 29.27 -24.33 -28.60
C ASP B 702 28.83 -25.58 -27.84
N ALA B 703 29.25 -25.64 -26.58
CA ALA B 703 29.06 -26.85 -25.79
C ALA B 703 27.61 -27.02 -25.33
N ALA B 704 26.96 -25.94 -24.88
CA ALA B 704 25.63 -26.07 -24.29
C ALA B 704 24.60 -26.49 -25.32
N VAL B 705 24.60 -25.85 -26.48
CA VAL B 705 23.63 -26.16 -27.51
C VAL B 705 23.85 -27.57 -28.05
N LEU B 706 25.12 -27.97 -28.20
CA LEU B 706 25.41 -29.34 -28.63
C LEU B 706 24.92 -30.35 -27.61
N ASN B 707 25.14 -30.08 -26.33
CA ASN B 707 24.68 -31.01 -25.29
C ASN B 707 23.17 -31.13 -25.30
N TYR B 708 22.46 -30.01 -25.43
CA TYR B 708 21.00 -30.08 -25.52
C TYR B 708 20.56 -30.87 -26.74
N MET B 709 21.14 -30.55 -27.90
CA MET B 709 20.70 -31.15 -29.15
C MET B 709 20.95 -32.65 -29.17
N ALA B 710 22.11 -33.09 -28.66
CA ALA B 710 22.37 -34.52 -28.55
C ALA B 710 21.53 -35.16 -27.47
N GLY B 711 21.10 -34.39 -26.47
CA GLY B 711 20.30 -34.97 -25.40
C GLY B 711 18.93 -35.41 -25.85
N ARG B 712 18.29 -34.63 -26.72
CA ARG B 712 16.92 -34.89 -27.18
C ARG B 712 16.94 -35.03 -28.70
N ASP B 713 17.16 -36.25 -29.17
CA ASP B 713 17.16 -36.53 -30.59
C ASP B 713 16.68 -37.95 -30.81
N GLU B 714 16.22 -38.23 -32.04
CA GLU B 714 15.74 -39.56 -32.37
C GLU B 714 16.88 -40.56 -32.35
N GLY B 715 16.66 -41.71 -31.72
CA GLY B 715 17.70 -42.71 -31.62
C GLY B 715 18.80 -42.28 -30.65
N CYS B 716 19.93 -42.97 -30.76
CA CYS B 716 21.10 -42.69 -29.93
C CYS B 716 22.35 -42.70 -30.79
N LYS B 717 22.27 -42.12 -31.99
CA LYS B 717 23.39 -42.13 -32.93
C LYS B 717 24.36 -40.97 -32.73
N LEU B 718 24.07 -40.04 -31.81
CA LEU B 718 24.90 -38.86 -31.61
C LEU B 718 25.34 -38.75 -30.16
N VAL B 719 26.65 -38.62 -29.94
CA VAL B 719 27.22 -38.42 -28.62
C VAL B 719 28.38 -37.46 -28.75
N THR B 720 28.63 -36.68 -27.70
CA THR B 720 29.76 -35.76 -27.68
C THR B 720 30.96 -36.42 -27.03
N ILE B 721 32.08 -36.47 -27.76
CA ILE B 721 33.29 -37.09 -27.24
C ILE B 721 33.85 -36.24 -26.11
N GLY B 722 34.33 -36.89 -25.06
CA GLY B 722 34.84 -36.20 -23.89
C GLY B 722 33.77 -35.89 -22.88
N SER B 723 32.91 -34.91 -23.19
CA SER B 723 31.77 -34.54 -22.35
C SER B 723 32.23 -34.22 -20.91
N GLY B 724 33.01 -33.15 -20.81
CA GLY B 724 33.54 -32.73 -19.53
C GLY B 724 35.01 -32.38 -19.58
N LYS B 725 35.57 -32.30 -20.79
CA LYS B 725 36.95 -31.84 -20.99
C LYS B 725 36.94 -31.02 -22.28
N VAL B 726 36.76 -29.70 -22.14
CA VAL B 726 36.73 -28.80 -23.26
C VAL B 726 37.95 -27.88 -23.19
N PHE B 727 38.19 -27.14 -24.28
CA PHE B 727 39.44 -26.42 -24.44
C PHE B 727 39.34 -24.92 -24.14
N ALA B 728 38.16 -24.33 -24.26
CA ALA B 728 38.01 -22.87 -24.16
C ALA B 728 36.85 -22.51 -23.24
N SER B 729 36.84 -23.09 -22.04
CA SER B 729 35.79 -22.81 -21.07
C SER B 729 35.71 -21.33 -20.73
N THR B 730 34.63 -20.67 -21.14
CA THR B 730 34.44 -19.27 -20.79
C THR B 730 33.01 -18.89 -20.42
N GLY B 731 32.06 -19.84 -20.45
CA GLY B 731 30.72 -19.60 -19.96
C GLY B 731 29.91 -18.55 -20.70
N TYR B 732 28.63 -18.46 -20.35
CA TYR B 732 27.73 -17.41 -20.82
C TYR B 732 27.73 -16.27 -19.80
N GLY B 733 26.80 -15.34 -19.95
CA GLY B 733 26.68 -14.28 -18.97
C GLY B 733 25.71 -13.21 -19.41
N ILE B 734 25.55 -12.22 -18.53
CA ILE B 734 24.68 -11.07 -18.75
C ILE B 734 25.55 -9.83 -18.84
N ALA B 735 25.38 -9.05 -19.90
CA ALA B 735 26.16 -7.84 -20.10
C ALA B 735 25.41 -6.61 -19.62
N ILE B 736 26.16 -5.65 -19.06
CA ILE B 736 25.62 -4.40 -18.56
C ILE B 736 26.50 -3.27 -19.07
N GLN B 737 25.92 -2.07 -19.13
CA GLN B 737 26.69 -0.90 -19.58
C GLN B 737 27.85 -0.63 -18.63
N LYS B 738 28.95 -0.17 -19.19
CA LYS B 738 30.18 0.01 -18.42
C LYS B 738 30.01 1.03 -17.31
N ASP B 739 30.47 0.67 -16.11
CA ASP B 739 30.52 1.56 -14.95
C ASP B 739 29.13 2.09 -14.59
N SER B 740 28.09 1.32 -14.89
CA SER B 740 26.72 1.75 -14.58
C SER B 740 26.49 1.82 -13.08
N GLY B 741 27.00 0.84 -12.33
CA GLY B 741 26.72 0.72 -10.92
C GLY B 741 25.67 -0.31 -10.58
N TRP B 742 25.13 -1.02 -11.57
CA TRP B 742 24.16 -2.08 -11.36
C TRP B 742 24.80 -3.43 -11.10
N LYS B 743 26.13 -3.54 -11.22
CA LYS B 743 26.79 -4.84 -11.23
C LYS B 743 26.64 -5.56 -9.89
N ARG B 744 26.77 -4.82 -8.78
CA ARG B 744 26.79 -5.47 -7.47
C ARG B 744 25.48 -6.20 -7.19
N GLN B 745 24.35 -5.51 -7.40
CA GLN B 745 23.05 -6.10 -7.07
C GLN B 745 22.74 -7.29 -7.97
N VAL B 746 22.96 -7.14 -9.28
CA VAL B 746 22.68 -8.23 -10.22
C VAL B 746 23.58 -9.43 -9.92
N ASP B 747 24.87 -9.17 -9.66
CA ASP B 747 25.80 -10.25 -9.36
C ASP B 747 25.38 -10.99 -8.10
N LEU B 748 25.03 -10.25 -7.04
CA LEU B 748 24.61 -10.88 -5.81
C LEU B 748 23.33 -11.67 -5.99
N ALA B 749 22.39 -11.14 -6.78
CA ALA B 749 21.14 -11.86 -7.03
C ALA B 749 21.39 -13.15 -7.78
N ILE B 750 22.26 -13.11 -8.80
CA ILE B 750 22.57 -14.31 -9.57
C ILE B 750 23.26 -15.34 -8.69
N LEU B 751 24.24 -14.90 -7.88
CA LEU B 751 24.95 -15.83 -7.02
C LEU B 751 24.07 -16.35 -5.88
N GLN B 752 23.01 -15.63 -5.51
CA GLN B 752 22.07 -16.14 -4.53
C GLN B 752 21.26 -17.29 -5.09
N LEU B 753 20.97 -17.25 -6.40
CA LEU B 753 20.17 -18.31 -7.02
C LEU B 753 20.88 -19.65 -6.94
N PHE B 754 22.20 -19.65 -7.11
CA PHE B 754 22.96 -20.88 -6.89
C PHE B 754 22.87 -21.35 -5.45
N GLY B 755 22.61 -20.45 -4.51
CA GLY B 755 22.57 -20.82 -3.11
C GLY B 755 21.43 -21.79 -2.79
N ASP B 756 20.23 -21.50 -3.28
CA ASP B 756 19.07 -22.34 -3.03
C ASP B 756 18.77 -23.29 -4.19
N GLY B 757 19.61 -23.32 -5.22
CA GLY B 757 19.55 -24.36 -6.22
C GLY B 757 18.29 -24.44 -7.07
N GLU B 758 17.82 -23.31 -7.59
CA GLU B 758 16.72 -23.34 -8.55
C GLU B 758 17.20 -23.54 -9.98
N MET B 759 18.44 -23.14 -10.26
CA MET B 759 18.97 -23.25 -11.62
C MET B 759 19.03 -24.70 -12.08
N GLU B 760 19.34 -25.62 -11.16
CA GLU B 760 19.33 -27.04 -11.50
C GLU B 760 17.94 -27.49 -11.91
N GLU B 761 16.92 -27.04 -11.19
CA GLU B 761 15.54 -27.38 -11.55
C GLU B 761 15.18 -26.82 -12.93
N LEU B 762 15.55 -25.56 -13.18
CA LEU B 762 15.24 -24.96 -14.48
C LEU B 762 15.95 -25.71 -15.61
N GLU B 763 17.22 -26.05 -15.41
CA GLU B 763 17.97 -26.77 -16.43
C GLU B 763 17.36 -28.15 -16.69
N ALA B 764 17.09 -28.90 -15.62
CA ALA B 764 16.48 -30.21 -15.79
C ALA B 764 15.11 -30.11 -16.43
N LEU B 765 14.43 -28.98 -16.25
CA LEU B 765 13.14 -28.77 -16.89
C LEU B 765 13.29 -28.50 -18.39
N TRP B 766 14.28 -27.69 -18.77
CA TRP B 766 14.32 -27.18 -20.13
C TRP B 766 15.67 -27.38 -20.83
N LEU B 767 16.54 -28.24 -20.30
CA LEU B 767 17.78 -28.61 -20.98
C LEU B 767 17.98 -30.11 -21.10
N THR B 768 17.55 -30.88 -20.11
CA THR B 768 17.71 -32.33 -20.16
C THR B 768 16.87 -32.94 -21.27
N GLY B 769 17.49 -33.79 -22.08
CA GLY B 769 16.81 -34.42 -23.19
C GLY B 769 16.24 -35.78 -22.84
N ILE B 770 15.92 -36.55 -23.88
CA ILE B 770 15.36 -37.88 -23.68
C ILE B 770 16.46 -38.94 -23.61
N CYS B 771 17.58 -38.72 -24.27
CA CYS B 771 18.70 -39.68 -24.26
C CYS B 771 19.51 -39.51 -22.99
N HIS B 772 20.71 -40.10 -22.97
CA HIS B 772 21.65 -40.01 -21.86
C HIS B 772 21.07 -40.60 -20.57
N ASN B 773 20.72 -41.89 -20.65
CA ASN B 773 20.32 -42.67 -19.49
C ASN B 773 21.08 -44.00 -19.57
N GLU B 774 22.30 -44.01 -19.05
CA GLU B 774 23.16 -45.18 -19.00
C GLU B 774 23.30 -45.78 -20.40
N LYS B 775 23.52 -47.09 -20.48
CA LYS B 775 23.58 -47.82 -21.74
C LYS B 775 23.32 -49.29 -21.43
N ASN B 776 23.00 -50.05 -22.48
CA ASN B 776 22.62 -51.46 -22.29
C ASN B 776 23.65 -52.42 -22.88
N GLU B 777 23.91 -52.35 -24.20
CA GLU B 777 24.79 -53.31 -24.85
C GLU B 777 24.96 -53.01 -26.33
N VAL B 778 25.83 -53.77 -26.99
CA VAL B 778 26.02 -53.71 -28.44
C VAL B 778 25.63 -55.03 -29.10
N MET B 779 26.20 -56.14 -28.64
CA MET B 779 25.91 -57.49 -29.14
C MET B 779 26.19 -57.59 -30.64
N SER B 780 27.48 -57.46 -30.97
CA SER B 780 27.93 -57.54 -32.35
C SER B 780 27.65 -58.91 -32.93
N SER B 781 26.66 -58.99 -33.83
CA SER B 781 26.23 -60.28 -34.36
C SER B 781 27.32 -60.93 -35.21
N GLN B 782 28.00 -60.15 -36.04
CA GLN B 782 28.95 -60.74 -36.99
C GLN B 782 30.19 -61.29 -36.28
N LEU B 783 30.74 -60.53 -35.33
CA LEU B 783 32.00 -60.85 -34.66
C LEU B 783 33.07 -61.26 -35.69
N ASP B 784 33.43 -60.28 -36.51
CA ASP B 784 34.29 -60.53 -37.65
C ASP B 784 35.70 -60.94 -37.21
N ILE B 785 36.56 -61.19 -38.19
CA ILE B 785 37.90 -61.69 -37.94
C ILE B 785 38.72 -60.70 -37.11
N ASP B 786 38.35 -59.42 -37.14
CA ASP B 786 39.09 -58.42 -36.38
C ASP B 786 39.04 -58.71 -34.88
N ASN B 787 37.85 -59.05 -34.36
CA ASN B 787 37.74 -59.35 -32.95
C ASN B 787 38.19 -60.77 -32.61
N MET B 788 38.03 -61.70 -33.54
CA MET B 788 38.41 -63.11 -33.33
C MET B 788 39.63 -63.37 -34.21
N ALA B 789 40.83 -63.17 -33.65
CA ALA B 789 42.07 -63.45 -34.36
C ALA B 789 43.12 -64.17 -33.53
N GLY B 790 43.05 -64.14 -32.19
CA GLY B 790 44.09 -64.77 -31.38
C GLY B 790 44.16 -66.27 -31.55
N VAL B 791 43.03 -66.92 -31.79
CA VAL B 791 43.02 -68.37 -32.01
C VAL B 791 43.88 -68.72 -33.22
N PHE B 792 43.79 -67.92 -34.27
CA PHE B 792 44.61 -68.17 -35.45
C PHE B 792 46.08 -67.89 -35.19
N TYR B 793 46.38 -66.94 -34.31
CA TYR B 793 47.77 -66.72 -33.89
C TYR B 793 48.32 -67.94 -33.17
N MET B 794 47.51 -68.52 -32.26
CA MET B 794 47.93 -69.74 -31.58
C MET B 794 48.12 -70.88 -32.57
N LEU B 795 47.22 -70.99 -33.55
CA LEU B 795 47.35 -72.02 -34.57
C LEU B 795 48.60 -71.83 -35.41
N GLY B 796 48.94 -70.57 -35.72
CA GLY B 796 50.18 -70.29 -36.43
C GLY B 796 51.40 -70.71 -35.64
N ALA B 797 51.41 -70.36 -34.34
CA ALA B 797 52.46 -70.85 -33.46
C ALA B 797 52.51 -72.37 -33.48
N ALA B 798 51.34 -73.00 -33.58
CA ALA B 798 51.28 -74.45 -33.58
C ALA B 798 51.94 -75.06 -34.81
N MET B 799 51.62 -74.54 -36.00
CA MET B 799 52.27 -75.07 -37.21
C MET B 799 53.75 -74.76 -37.22
N ALA B 800 54.15 -73.60 -36.67
CA ALA B 800 55.57 -73.32 -36.52
C ALA B 800 56.25 -74.35 -35.65
N LEU B 801 55.64 -74.70 -34.52
CA LEU B 801 56.19 -75.72 -33.64
C LEU B 801 56.23 -77.08 -34.33
N SER B 802 55.20 -77.39 -35.12
CA SER B 802 55.17 -78.67 -35.83
C SER B 802 56.32 -78.76 -36.83
N LEU B 803 56.54 -77.69 -37.59
CA LEU B 803 57.66 -77.68 -38.54
C LEU B 803 58.99 -77.77 -37.81
N ILE B 804 59.11 -77.08 -36.67
CA ILE B 804 60.36 -77.13 -35.91
C ILE B 804 60.62 -78.56 -35.43
N THR B 805 59.59 -79.22 -34.91
CA THR B 805 59.75 -80.60 -34.44
C THR B 805 60.09 -81.53 -35.59
N PHE B 806 59.46 -81.33 -36.75
CA PHE B 806 59.78 -82.15 -37.92
C PHE B 806 61.25 -81.98 -38.32
N ILE B 807 61.72 -80.74 -38.35
CA ILE B 807 63.12 -80.48 -38.72
C ILE B 807 64.07 -81.11 -37.69
N SER B 808 63.75 -80.96 -36.40
CA SER B 808 64.59 -81.54 -35.36
C SER B 808 64.66 -83.05 -35.48
N GLU B 809 63.52 -83.70 -35.71
CA GLU B 809 63.51 -85.15 -35.87
C GLU B 809 64.31 -85.58 -37.09
N HIS B 810 64.16 -84.86 -38.21
CA HIS B 810 64.91 -85.20 -39.41
C HIS B 810 66.40 -85.05 -39.19
N LEU B 811 66.82 -83.99 -38.47
CA LEU B 811 68.23 -83.79 -38.20
C LEU B 811 68.79 -84.85 -37.27
N PHE B 812 68.06 -85.17 -36.19
CA PHE B 812 68.55 -86.11 -35.20
C PHE B 812 68.43 -87.56 -35.62
N TYR B 813 67.66 -87.86 -36.66
CA TYR B 813 67.49 -89.23 -37.13
C TYR B 813 68.50 -89.62 -38.20
N TRP B 814 69.35 -88.70 -38.64
CA TRP B 814 70.34 -88.98 -39.67
C TRP B 814 71.72 -89.26 -39.12
N GLN B 815 71.90 -89.23 -37.81
CA GLN B 815 73.21 -89.48 -37.20
C GLN B 815 73.07 -90.20 -35.86
N ASP C 1 8.54 58.59 26.57
CA ASP C 1 7.82 57.64 25.72
C ASP C 1 8.68 56.42 25.31
N PRO C 2 9.91 56.63 24.82
CA PRO C 2 10.75 55.46 24.49
C PRO C 2 11.23 54.77 25.75
N LYS C 3 10.84 53.51 25.92
CA LYS C 3 11.24 52.76 27.11
C LYS C 3 12.73 52.46 27.08
N ILE C 4 13.38 52.67 28.22
CA ILE C 4 14.81 52.42 28.34
C ILE C 4 15.07 50.92 28.32
N VAL C 5 16.02 50.51 27.49
CA VAL C 5 16.41 49.11 27.38
C VAL C 5 17.92 49.01 27.57
N ASN C 6 18.36 47.98 28.28
CA ASN C 6 19.76 47.78 28.60
C ASN C 6 20.29 46.55 27.87
N ILE C 7 21.34 46.74 27.09
CA ILE C 7 22.05 45.65 26.43
C ILE C 7 23.49 45.68 26.93
N GLY C 8 23.92 44.58 27.54
CA GLY C 8 25.20 44.55 28.22
C GLY C 8 26.28 43.74 27.53
N ALA C 9 27.53 44.00 27.89
CA ALA C 9 28.65 43.28 27.31
C ALA C 9 29.81 43.25 28.30
N VAL C 10 30.46 42.10 28.38
CA VAL C 10 31.68 41.94 29.16
C VAL C 10 32.83 41.77 28.19
N LEU C 11 33.87 42.60 28.34
CA LEU C 11 34.95 42.60 27.38
C LEU C 11 36.18 43.24 28.01
N SER C 12 37.35 42.74 27.60
CA SER C 12 38.60 43.09 28.25
C SER C 12 38.99 44.53 27.97
N THR C 13 39.88 45.05 28.81
CA THR C 13 40.44 46.41 28.74
C THR C 13 39.38 47.47 29.00
N ARG C 14 39.81 48.61 29.55
CA ARG C 14 38.90 49.73 29.75
C ARG C 14 38.52 50.38 28.42
N LYS C 15 39.46 50.40 27.47
CA LYS C 15 39.25 51.12 26.22
C LYS C 15 38.08 50.55 25.44
N HIS C 16 37.91 49.22 25.47
CA HIS C 16 36.88 48.58 24.65
C HIS C 16 35.48 49.09 25.01
N GLU C 17 35.27 49.45 26.27
CA GLU C 17 33.98 50.00 26.67
C GLU C 17 33.67 51.31 25.94
N GLN C 18 34.71 52.06 25.57
CA GLN C 18 34.46 53.36 24.94
C GLN C 18 33.82 53.19 23.57
N MET C 19 34.34 52.27 22.73
CA MET C 19 33.65 52.02 21.48
C MET C 19 32.41 51.15 21.65
N PHE C 20 32.31 50.39 22.75
CA PHE C 20 31.03 49.75 23.07
C PHE C 20 29.93 50.81 23.17
N ARG C 21 30.18 51.83 24.00
CA ARG C 21 29.22 52.91 24.17
C ARG C 21 29.03 53.69 22.88
N GLU C 22 30.13 53.97 22.15
CA GLU C 22 30.01 54.72 20.92
C GLU C 22 29.15 53.98 19.90
N ALA C 23 29.35 52.67 19.76
CA ALA C 23 28.59 51.89 18.79
C ALA C 23 27.13 51.80 19.19
N VAL C 24 26.84 51.58 20.47
CA VAL C 24 25.43 51.53 20.86
C VAL C 24 24.77 52.90 20.70
N ASN C 25 25.55 53.98 20.84
CA ASN C 25 25.02 55.31 20.57
C ASN C 25 24.74 55.50 19.08
N GLN C 26 25.63 55.02 18.22
CA GLN C 26 25.44 55.14 16.78
C GLN C 26 24.23 54.34 16.32
N ALA C 27 24.01 53.17 16.93
CA ALA C 27 22.95 52.28 16.47
C ALA C 27 21.58 52.94 16.59
N ASN C 28 21.32 53.63 17.70
CA ASN C 28 20.02 54.27 17.88
C ASN C 28 19.86 55.47 16.95
N LYS C 29 20.95 56.16 16.61
CA LYS C 29 20.86 57.30 15.70
C LYS C 29 20.40 56.90 14.31
N ARG C 30 20.68 55.65 13.90
CA ARG C 30 20.25 55.19 12.58
C ARG C 30 18.72 55.19 12.48
N HIS C 31 18.04 54.82 13.56
CA HIS C 31 16.60 54.84 13.62
C HIS C 31 16.14 56.06 14.42
N GLY C 32 14.83 56.15 14.66
CA GLY C 32 14.30 57.19 15.52
C GLY C 32 14.49 56.88 16.98
N SER C 33 14.28 57.91 17.81
CA SER C 33 14.38 57.76 19.26
C SER C 33 13.05 57.98 19.97
N TRP C 34 11.95 58.06 19.21
CA TRP C 34 10.62 58.16 19.78
C TRP C 34 10.01 56.80 20.06
N LYS C 35 10.72 55.71 19.78
CA LYS C 35 10.24 54.36 19.96
C LYS C 35 11.01 53.61 21.04
N ILE C 36 12.33 53.72 21.06
CA ILE C 36 13.15 52.96 22.00
C ILE C 36 14.45 53.74 22.23
N GLN C 37 14.96 53.67 23.46
CA GLN C 37 16.24 54.27 23.82
C GLN C 37 17.16 53.16 24.32
N LEU C 38 18.38 53.13 23.79
CA LEU C 38 19.31 52.03 24.00
C LEU C 38 20.37 52.46 25.02
N ASN C 39 20.58 51.61 26.02
CA ASN C 39 21.60 51.82 27.05
C ASN C 39 22.61 50.68 27.01
N ALA C 40 23.55 50.70 27.95
CA ALA C 40 24.59 49.68 27.98
C ALA C 40 25.16 49.57 29.40
N THR C 41 25.45 48.34 29.80
CA THR C 41 26.13 48.05 31.05
C THR C 41 27.33 47.16 30.75
N SER C 42 28.51 47.56 31.21
CA SER C 42 29.75 46.90 30.84
C SER C 42 30.54 46.51 32.08
N VAL C 43 31.34 45.45 31.94
CA VAL C 43 32.22 44.96 33.00
C VAL C 43 33.44 44.31 32.33
N THR C 44 34.48 44.08 33.13
CA THR C 44 35.75 43.56 32.64
C THR C 44 36.03 42.20 33.27
N HIS C 45 36.75 41.37 32.53
CA HIS C 45 37.05 40.00 32.95
C HIS C 45 37.81 39.98 34.28
N LYS C 46 37.79 38.80 34.92
CA LYS C 46 38.43 38.58 36.21
C LYS C 46 38.59 37.08 36.38
N PRO C 47 39.69 36.60 36.99
CA PRO C 47 39.99 35.16 36.96
C PRO C 47 38.92 34.23 37.48
N ASN C 48 38.49 34.38 38.74
CA ASN C 48 37.62 33.39 39.36
C ASN C 48 36.27 33.38 38.67
N ALA C 49 35.92 32.25 38.05
CA ALA C 49 34.70 32.15 37.27
C ALA C 49 33.45 32.25 38.13
N ILE C 50 33.54 31.82 39.39
CA ILE C 50 32.41 31.96 40.30
C ILE C 50 32.06 33.43 40.48
N GLN C 51 33.08 34.28 40.58
CA GLN C 51 32.84 35.72 40.70
C GLN C 51 32.17 36.27 39.45
N MET C 52 32.57 35.78 38.27
CA MET C 52 31.92 36.22 37.03
C MET C 52 30.46 35.78 36.99
N ALA C 53 30.17 34.56 37.42
CA ALA C 53 28.76 34.12 37.46
C ALA C 53 27.95 34.98 38.43
N LEU C 54 28.53 35.27 39.61
CA LEU C 54 27.84 36.09 40.59
C LEU C 54 27.60 37.49 40.05
N SER C 55 28.60 38.09 39.40
CA SER C 55 28.43 39.43 38.84
C SER C 55 27.45 39.41 37.67
N VAL C 56 27.38 38.33 36.92
CA VAL C 56 26.41 38.22 35.84
C VAL C 56 25.00 38.21 36.40
N CYS C 57 24.77 37.43 37.46
CA CYS C 57 23.45 37.43 38.09
C CYS C 57 23.13 38.80 38.68
N GLU C 58 24.11 39.45 39.30
CA GLU C 58 23.87 40.77 39.87
C GLU C 58 23.54 41.79 38.78
N ASP C 59 24.24 41.70 37.64
CA ASP C 59 23.99 42.64 36.54
C ASP C 59 22.61 42.43 35.95
N LEU C 60 22.25 41.18 35.61
CA LEU C 60 20.93 40.93 35.06
C LEU C 60 19.84 41.24 36.07
N ILE C 61 20.15 41.16 37.36
CA ILE C 61 19.21 41.59 38.39
C ILE C 61 19.05 43.11 38.35
N SER C 62 20.15 43.82 38.10
CA SER C 62 20.15 45.28 38.11
C SER C 62 19.97 45.90 36.74
N SER C 63 19.90 45.10 35.67
CA SER C 63 19.77 45.63 34.32
C SER C 63 18.70 44.97 33.47
N GLN C 64 18.21 43.79 33.83
CA GLN C 64 17.23 43.02 33.05
C GLN C 64 17.54 43.09 31.56
N VAL C 65 18.73 42.57 31.22
CA VAL C 65 19.29 42.77 29.89
C VAL C 65 18.45 42.09 28.81
N TYR C 66 18.47 42.67 27.61
CA TYR C 66 17.84 42.08 26.45
C TYR C 66 18.76 41.14 25.68
N ALA C 67 20.07 41.38 25.78
CA ALA C 67 21.07 40.54 25.14
C ALA C 67 22.45 40.85 25.70
N ILE C 68 23.21 39.81 26.06
CA ILE C 68 24.50 39.97 26.72
C ILE C 68 25.60 39.47 25.79
N LEU C 69 26.64 40.27 25.61
CA LEU C 69 27.79 39.91 24.80
C LEU C 69 28.94 39.49 25.71
N VAL C 70 29.67 38.45 25.30
CA VAL C 70 30.74 37.87 26.10
C VAL C 70 32.01 37.84 25.25
N SER C 71 33.13 38.24 25.85
CA SER C 71 34.41 38.31 25.16
C SER C 71 35.36 37.24 25.70
N HIS C 72 36.57 37.23 25.13
CA HIS C 72 37.70 36.38 25.46
C HIS C 72 38.57 37.04 26.52
N PRO C 73 39.25 36.27 27.35
CA PRO C 73 40.12 36.85 28.37
C PRO C 73 41.52 37.05 27.84
N PRO C 74 42.22 38.10 28.29
CA PRO C 74 43.60 38.32 27.85
C PRO C 74 44.60 37.51 28.65
N THR C 75 44.11 36.52 29.41
CA THR C 75 44.95 35.68 30.26
C THR C 75 44.90 34.25 29.72
N PRO C 76 45.52 34.01 28.54
CA PRO C 76 45.30 32.78 27.76
C PRO C 76 44.13 31.90 28.15
N ASN C 77 44.35 30.58 28.18
CA ASN C 77 43.33 29.61 28.54
C ASN C 77 42.02 29.86 27.79
N ASP C 78 42.09 29.72 26.47
CA ASP C 78 40.96 30.09 25.62
C ASP C 78 39.88 29.01 25.63
N HIS C 79 39.47 28.59 26.82
CA HIS C 79 38.33 27.71 27.01
C HIS C 79 37.35 28.21 28.07
N PHE C 80 37.79 29.05 29.00
CA PHE C 80 36.95 29.50 30.11
C PHE C 80 36.25 30.82 29.84
N THR C 81 36.33 31.32 28.62
CA THR C 81 35.68 32.58 28.31
C THR C 81 34.18 32.40 28.46
N PRO C 82 33.43 31.52 27.66
CA PRO C 82 32.00 31.59 27.80
C PRO C 82 31.60 30.50 28.76
N THR C 83 32.31 30.37 29.90
CA THR C 83 31.86 29.45 30.94
C THR C 83 30.76 30.06 31.81
N PRO C 84 30.92 31.27 32.37
CA PRO C 84 29.90 31.73 33.32
C PRO C 84 28.63 32.22 32.65
N VAL C 85 28.76 32.98 31.57
CA VAL C 85 27.58 33.61 30.95
C VAL C 85 26.74 32.62 30.16
N SER C 86 27.32 31.52 29.71
CA SER C 86 26.57 30.57 28.90
C SER C 86 25.45 29.93 29.70
N TYR C 87 25.69 29.61 30.97
CA TYR C 87 24.72 28.92 31.80
C TYR C 87 24.19 29.75 32.95
N THR C 88 24.84 30.86 33.29
CA THR C 88 24.32 31.76 34.32
C THR C 88 23.22 32.65 33.75
N ALA C 89 23.55 33.44 32.74
CA ALA C 89 22.55 34.22 32.02
C ALA C 89 21.95 33.41 30.87
N GLY C 90 21.52 32.19 31.20
CA GLY C 90 20.87 31.32 30.25
C GLY C 90 19.64 30.66 30.84
N PHE C 91 19.47 30.81 32.16
CA PHE C 91 18.33 30.21 32.83
C PHE C 91 17.01 30.81 32.35
N TYR C 92 17.03 32.09 31.98
CA TYR C 92 15.84 32.78 31.50
C TYR C 92 15.72 32.73 29.97
N ARG C 93 16.62 32.01 29.31
CA ARG C 93 16.59 31.85 27.85
C ARG C 93 16.68 33.21 27.15
N ILE C 94 17.76 33.91 27.43
CA ILE C 94 18.04 35.24 26.89
C ILE C 94 19.18 35.12 25.89
N PRO C 95 19.11 35.78 24.74
CA PRO C 95 20.19 35.64 23.74
C PRO C 95 21.54 36.09 24.28
N VAL C 96 22.57 35.34 23.90
CA VAL C 96 23.95 35.63 24.28
C VAL C 96 24.81 35.59 23.02
N LEU C 97 25.67 36.59 22.85
CA LEU C 97 26.49 36.75 21.66
C LEU C 97 27.96 36.62 22.03
N GLY C 98 28.68 35.80 21.26
CA GLY C 98 30.13 35.71 21.38
C GLY C 98 30.79 36.08 20.06
N LEU C 99 31.94 36.75 20.14
CA LEU C 99 32.63 37.23 18.95
C LEU C 99 33.74 36.29 18.49
N THR C 100 34.70 35.99 19.36
CA THR C 100 35.82 35.11 19.01
C THR C 100 35.68 33.81 19.79
N THR C 101 34.87 32.89 19.26
CA THR C 101 34.71 31.54 19.80
C THR C 101 34.88 30.57 18.64
N ARG C 102 36.14 30.23 18.34
CA ARG C 102 36.43 29.27 17.29
C ARG C 102 36.22 27.83 17.74
N MET C 103 36.08 27.61 19.04
CA MET C 103 35.80 26.27 19.56
C MET C 103 34.34 25.92 19.31
N SER C 104 34.10 24.64 18.99
CA SER C 104 32.81 24.21 18.46
C SER C 104 31.93 23.47 19.47
N ILE C 105 32.41 23.20 20.68
CA ILE C 105 31.63 22.40 21.63
C ILE C 105 30.54 23.27 22.24
N TYR C 106 30.51 24.55 21.89
CA TYR C 106 29.42 25.43 22.30
C TYR C 106 28.28 25.47 21.30
N SER C 107 28.43 24.83 20.13
CA SER C 107 27.42 24.88 19.09
C SER C 107 26.30 23.88 19.28
N ASP C 108 26.45 22.91 20.19
CA ASP C 108 25.40 21.92 20.41
C ASP C 108 24.25 22.56 21.17
N LYS C 109 23.07 22.59 20.54
CA LYS C 109 21.89 23.16 21.19
C LYS C 109 21.24 22.12 22.10
N SER C 110 22.02 21.55 23.01
CA SER C 110 21.52 20.57 23.97
C SER C 110 21.94 20.94 25.38
N ILE C 111 23.05 21.68 25.49
CA ILE C 111 23.59 22.10 26.78
C ILE C 111 23.43 23.60 26.99
N HIS C 112 23.72 24.41 25.97
CA HIS C 112 23.65 25.86 26.12
C HIS C 112 22.23 26.36 25.89
N LEU C 113 21.62 25.98 24.76
CA LEU C 113 20.27 26.34 24.34
C LEU C 113 20.11 27.83 24.01
N SER C 114 21.16 28.63 24.19
CA SER C 114 21.09 30.05 23.81
C SER C 114 22.52 30.53 23.56
N PHE C 115 22.91 30.59 22.29
CA PHE C 115 24.24 31.05 21.92
C PHE C 115 24.30 31.37 20.43
N LEU C 116 24.73 32.58 20.10
CA LEU C 116 24.95 33.00 18.72
C LEU C 116 26.38 33.52 18.58
N ARG C 117 27.07 33.03 17.56
CA ARG C 117 28.48 33.33 17.37
C ARG C 117 28.71 33.91 15.97
N THR C 118 29.71 34.80 15.88
CA THR C 118 30.02 35.49 14.63
C THR C 118 31.29 34.97 13.97
N VAL C 119 31.82 33.84 14.43
CA VAL C 119 32.97 33.21 13.76
C VAL C 119 32.66 31.74 13.51
N PRO C 120 32.97 31.22 12.32
CA PRO C 120 32.68 29.82 12.04
C PRO C 120 33.55 28.89 12.87
N PRO C 121 33.07 27.68 13.19
CA PRO C 121 33.90 26.73 13.93
C PRO C 121 34.82 25.91 13.04
N TYR C 122 35.56 25.00 13.67
CA TYR C 122 36.59 24.25 12.97
C TYR C 122 36.03 23.19 12.01
N SER C 123 34.80 22.75 12.21
CA SER C 123 34.20 21.89 11.22
C SER C 123 34.12 22.57 9.85
N HIS C 124 33.94 23.89 9.85
CA HIS C 124 33.93 24.62 8.59
C HIS C 124 35.34 24.68 7.99
N GLN C 125 36.38 24.70 8.82
CA GLN C 125 37.72 24.60 8.24
C GLN C 125 37.99 23.20 7.69
N SER C 126 37.36 22.17 8.27
CA SER C 126 37.41 20.85 7.65
C SER C 126 36.70 20.84 6.31
N SER C 127 35.56 21.53 6.22
CA SER C 127 34.88 21.68 4.94
C SER C 127 35.76 22.42 3.94
N VAL C 128 36.51 23.41 4.42
CA VAL C 128 37.46 24.12 3.56
C VAL C 128 38.55 23.18 3.08
N TRP C 129 39.03 22.29 3.96
CA TRP C 129 39.98 21.26 3.55
C TRP C 129 39.39 20.43 2.43
N PHE C 130 38.12 20.03 2.57
CA PHE C 130 37.46 19.25 1.52
C PHE C 130 37.40 20.02 0.22
N GLU C 131 37.05 21.31 0.28
CA GLU C 131 36.95 22.12 -0.93
C GLU C 131 38.31 22.25 -1.60
N MET C 132 39.38 22.44 -0.81
CA MET C 132 40.73 22.45 -1.35
C MET C 132 41.05 21.12 -2.02
N MET C 133 40.63 20.02 -1.41
CA MET C 133 40.91 18.69 -1.95
C MET C 133 40.10 18.41 -3.21
N ARG C 134 38.96 19.08 -3.38
CA ARG C 134 38.00 18.68 -4.40
C ARG C 134 38.61 18.67 -5.80
N VAL C 135 39.25 19.78 -6.19
CA VAL C 135 40.01 19.75 -7.43
C VAL C 135 41.47 20.06 -7.14
N TYR C 136 42.21 19.03 -6.72
CA TYR C 136 43.67 19.06 -6.63
C TYR C 136 44.29 17.72 -6.97
N SER C 137 43.49 16.73 -7.40
CA SER C 137 43.95 15.39 -7.74
C SER C 137 44.47 14.64 -6.51
N TRP C 138 43.80 14.81 -5.37
CA TRP C 138 44.15 14.12 -4.13
C TRP C 138 42.92 13.38 -3.64
N ASN C 139 43.02 12.05 -3.53
CA ASN C 139 41.89 11.24 -3.07
C ASN C 139 42.33 10.08 -2.20
N HIS C 140 43.42 10.22 -1.45
CA HIS C 140 43.96 9.13 -0.64
C HIS C 140 44.35 9.65 0.75
N ILE C 141 43.43 10.34 1.41
CA ILE C 141 43.73 11.08 2.63
C ILE C 141 44.13 10.17 3.78
N ILE C 142 44.71 10.77 4.82
CA ILE C 142 44.99 10.11 6.10
C ILE C 142 44.69 11.12 7.20
N LEU C 143 43.62 10.89 7.96
CA LEU C 143 43.28 11.76 9.07
C LEU C 143 44.12 11.42 10.29
N LEU C 144 44.55 12.46 11.00
CA LEU C 144 45.38 12.30 12.20
C LEU C 144 44.85 13.21 13.30
N VAL C 145 43.53 13.17 13.51
CA VAL C 145 42.91 14.03 14.50
C VAL C 145 43.25 13.54 15.91
N SER C 146 43.21 14.45 16.87
CA SER C 146 43.47 14.12 18.27
C SER C 146 42.15 13.77 18.97
N ASP C 147 42.25 12.90 19.96
CA ASP C 147 41.06 12.41 20.65
C ASP C 147 40.49 13.46 21.59
N ASP C 148 39.68 14.36 21.05
CA ASP C 148 39.03 15.39 21.85
C ASP C 148 37.79 15.87 21.12
N HIS C 149 36.92 16.56 21.87
CA HIS C 149 35.68 17.06 21.28
C HIS C 149 35.96 18.07 20.17
N GLU C 150 36.98 18.91 20.37
CA GLU C 150 37.33 19.90 19.34
C GLU C 150 37.82 19.23 18.06
N GLY C 151 38.20 17.96 18.11
CA GLY C 151 38.66 17.26 16.93
C GLY C 151 37.74 16.15 16.47
N ARG C 152 37.08 15.48 17.41
CA ARG C 152 36.20 14.37 17.06
C ARG C 152 35.02 14.84 16.20
N ALA C 153 34.42 15.97 16.56
CA ALA C 153 33.31 16.50 15.77
C ALA C 153 33.78 16.89 14.38
N ALA C 154 34.96 17.48 14.28
CA ALA C 154 35.52 17.81 12.97
C ALA C 154 35.73 16.56 12.14
N GLN C 155 36.22 15.49 12.77
CA GLN C 155 36.40 14.22 12.06
C GLN C 155 35.07 13.67 11.57
N LYS C 156 34.03 13.73 12.41
CA LYS C 156 32.73 13.25 12.00
C LYS C 156 32.18 14.06 10.83
N ARG C 157 32.32 15.39 10.88
CA ARG C 157 31.87 16.22 9.77
C ARG C 157 32.65 15.90 8.51
N LEU C 158 33.96 15.72 8.63
CA LEU C 158 34.79 15.40 7.46
C LEU C 158 34.33 14.09 6.84
N GLU C 159 34.04 13.09 7.69
CA GLU C 159 33.56 11.80 7.19
C GLU C 159 32.22 11.94 6.48
N THR C 160 31.28 12.66 7.09
CA THR C 160 29.95 12.71 6.50
C THR C 160 29.93 13.53 5.22
N LEU C 161 30.82 14.51 5.10
CA LEU C 161 30.92 15.21 3.81
C LEU C 161 31.67 14.38 2.76
N LEU C 162 32.61 13.54 3.18
CA LEU C 162 33.35 12.74 2.20
C LEU C 162 32.48 11.63 1.63
N GLU C 163 31.66 10.99 2.48
CA GLU C 163 30.85 9.87 2.01
C GLU C 163 29.81 10.34 1.00
N GLU C 164 29.55 11.65 0.93
CA GLU C 164 28.70 12.17 -0.13
C GLU C 164 29.35 12.05 -1.50
N ARG C 165 30.67 11.91 -1.55
CA ARG C 165 31.40 11.75 -2.80
C ARG C 165 31.77 10.29 -3.07
N GLU C 166 31.22 9.35 -2.30
CA GLU C 166 31.48 7.92 -2.46
C GLU C 166 32.97 7.59 -2.28
N SER C 167 33.65 8.35 -1.44
CA SER C 167 35.05 8.11 -1.10
C SER C 167 35.16 7.90 0.41
N LYS C 168 36.33 7.44 0.84
CA LYS C 168 36.54 7.07 2.23
C LYS C 168 37.93 7.51 2.69
N ALA C 169 38.05 7.71 4.00
CA ALA C 169 39.34 7.97 4.62
C ALA C 169 39.99 6.64 4.98
N GLU C 170 41.24 6.47 4.54
CA GLU C 170 41.92 5.19 4.73
C GLU C 170 42.14 4.89 6.21
N LYS C 171 42.60 5.87 6.98
CA LYS C 171 42.96 5.65 8.37
C LYS C 171 42.37 6.74 9.25
N VAL C 172 42.16 6.40 10.52
CA VAL C 172 41.61 7.32 11.51
C VAL C 172 42.59 7.37 12.70
N LEU C 173 43.88 7.21 12.40
CA LEU C 173 44.92 7.23 13.43
C LEU C 173 44.73 8.41 14.36
N GLN C 174 44.61 8.12 15.66
CA GLN C 174 44.14 9.08 16.65
C GLN C 174 44.88 8.86 17.95
N PHE C 175 45.62 9.86 18.40
CA PHE C 175 46.40 9.79 19.63
C PHE C 175 45.91 10.82 20.63
N ASP C 176 46.04 10.47 21.91
CA ASP C 176 45.60 11.36 22.98
C ASP C 176 46.56 12.53 23.13
N PRO C 177 46.05 13.71 23.49
CA PRO C 177 46.93 14.86 23.70
C PRO C 177 47.72 14.74 24.99
N GLY C 178 48.73 15.60 25.12
CA GLY C 178 49.57 15.64 26.31
C GLY C 178 50.72 14.65 26.34
N THR C 179 50.45 13.39 26.03
CA THR C 179 51.51 12.39 25.98
C THR C 179 52.50 12.74 24.88
N LYS C 180 53.79 12.64 25.19
CA LYS C 180 54.85 12.93 24.21
C LYS C 180 55.72 11.69 24.09
N ASN C 181 55.24 10.72 23.31
CA ASN C 181 56.09 9.63 22.83
C ASN C 181 55.68 9.16 21.44
N VAL C 182 54.87 9.93 20.72
CA VAL C 182 54.16 9.44 19.54
C VAL C 182 55.14 9.33 18.38
N THR C 183 55.57 8.11 18.10
CA THR C 183 56.36 7.79 16.91
C THR C 183 55.78 6.62 16.13
N ALA C 184 55.21 5.63 16.81
CA ALA C 184 54.71 4.44 16.14
C ALA C 184 53.56 4.76 15.20
N LEU C 185 52.77 5.80 15.50
CA LEU C 185 51.69 6.20 14.61
C LEU C 185 52.23 6.65 13.26
N LEU C 186 53.34 7.39 13.27
CA LEU C 186 53.95 7.82 12.02
C LEU C 186 54.47 6.62 11.22
N MET C 187 55.05 5.63 11.91
CA MET C 187 55.47 4.41 11.23
C MET C 187 54.29 3.68 10.62
N GLU C 188 53.16 3.65 11.33
CA GLU C 188 51.94 3.05 10.78
C GLU C 188 51.50 3.79 9.53
N ALA C 189 51.49 5.12 9.58
CA ALA C 189 51.20 5.92 8.40
C ALA C 189 52.29 5.79 7.35
N LYS C 190 53.52 5.47 7.76
CA LYS C 190 54.60 5.29 6.80
C LYS C 190 54.36 4.08 5.90
N GLU C 191 53.79 3.02 6.46
CA GLU C 191 53.59 1.77 5.73
C GLU C 191 52.26 1.80 4.95
N LEU C 192 52.18 2.75 4.03
CA LEU C 192 51.04 2.84 3.11
C LEU C 192 51.48 3.60 1.88
N GLU C 193 50.71 3.42 0.80
CA GLU C 193 51.03 4.05 -0.48
C GLU C 193 50.46 5.46 -0.61
N ALA C 194 49.70 5.93 0.36
CA ALA C 194 49.09 7.26 0.31
C ALA C 194 50.01 8.27 1.00
N ARG C 195 49.87 9.54 0.59
CA ARG C 195 50.84 10.57 0.94
C ARG C 195 50.28 11.65 1.86
N VAL C 196 49.16 12.28 1.50
CA VAL C 196 48.72 13.48 2.21
C VAL C 196 48.38 13.14 3.66
N ILE C 197 48.59 14.13 4.54
CA ILE C 197 48.42 13.96 5.98
C ILE C 197 47.66 15.17 6.50
N ILE C 198 46.37 15.00 6.78
CA ILE C 198 45.57 16.05 7.38
C ILE C 198 45.74 15.99 8.89
N LEU C 199 45.95 17.15 9.52
CA LEU C 199 46.27 17.23 10.93
C LEU C 199 45.37 18.24 11.63
N SER C 200 45.10 17.97 12.91
CA SER C 200 44.34 18.90 13.75
C SER C 200 44.64 18.56 15.21
N ALA C 201 45.34 19.44 15.91
CA ALA C 201 45.73 19.19 17.30
C ALA C 201 46.11 20.53 17.93
N SER C 202 46.61 20.47 19.17
CA SER C 202 47.01 21.67 19.88
C SER C 202 48.40 22.13 19.42
N GLU C 203 48.62 23.44 19.50
CA GLU C 203 49.88 24.01 19.03
C GLU C 203 51.06 23.48 19.82
N ASP C 204 50.92 23.34 21.14
CA ASP C 204 51.99 22.76 21.93
C ASP C 204 52.26 21.33 21.52
N ASP C 205 51.20 20.54 21.29
CA ASP C 205 51.38 19.20 20.74
C ASP C 205 51.79 19.25 19.27
N ALA C 206 51.41 20.33 18.56
CA ALA C 206 51.81 20.47 17.17
C ALA C 206 53.32 20.58 17.04
N ALA C 207 53.96 21.32 17.94
CA ALA C 207 55.41 21.42 17.89
C ALA C 207 56.07 20.06 18.09
N THR C 208 55.58 19.27 19.04
CA THR C 208 56.15 17.95 19.29
C THR C 208 55.94 17.02 18.10
N VAL C 209 54.75 17.05 17.49
CA VAL C 209 54.52 16.16 16.35
C VAL C 209 55.32 16.61 15.14
N TYR C 210 55.53 17.93 14.98
CA TYR C 210 56.40 18.42 13.91
C TYR C 210 57.83 17.93 14.11
N ARG C 211 58.32 17.99 15.36
CA ARG C 211 59.66 17.49 15.63
C ARG C 211 59.76 16.00 15.37
N ALA C 212 58.74 15.24 15.77
CA ALA C 212 58.75 13.79 15.52
C ALA C 212 58.75 13.48 14.04
N ALA C 213 57.94 14.22 13.26
CA ALA C 213 57.91 14.02 11.81
C ALA C 213 59.26 14.38 11.18
N ALA C 214 59.87 15.47 11.65
CA ALA C 214 61.18 15.86 11.13
C ALA C 214 62.28 14.91 11.53
N MET C 215 62.08 14.12 12.59
CA MET C 215 63.10 13.15 12.98
C MET C 215 63.30 12.11 11.88
N LEU C 216 62.21 11.64 11.28
CA LEU C 216 62.27 10.68 10.18
C LEU C 216 62.29 11.41 8.84
N ASN C 217 62.85 10.75 7.83
CA ASN C 217 62.87 11.30 6.49
C ASN C 217 61.49 11.17 5.85
N MET C 218 60.52 11.88 6.39
CA MET C 218 59.12 11.80 5.97
C MET C 218 58.60 13.10 5.37
N THR C 219 58.95 14.24 5.96
CA THR C 219 58.46 15.53 5.50
C THR C 219 59.32 15.98 4.32
N GLY C 220 58.83 15.78 3.11
CA GLY C 220 59.54 16.21 1.93
C GLY C 220 59.18 15.35 0.74
N SER C 221 59.85 15.65 -0.38
CA SER C 221 59.74 14.88 -1.62
C SER C 221 58.34 14.96 -2.22
N GLY C 222 57.39 14.22 -1.66
CA GLY C 222 56.05 14.20 -2.20
C GLY C 222 54.95 14.06 -1.16
N TYR C 223 55.29 14.31 0.11
CA TYR C 223 54.34 14.16 1.22
C TYR C 223 53.77 15.53 1.56
N VAL C 224 52.81 15.98 0.75
CA VAL C 224 52.17 17.27 0.96
C VAL C 224 51.30 17.21 2.21
N TRP C 225 51.44 18.21 3.08
CA TRP C 225 50.73 18.25 4.35
C TRP C 225 49.45 19.09 4.22
N LEU C 226 48.75 19.27 5.33
CA LEU C 226 47.58 20.13 5.43
C LEU C 226 47.25 20.32 6.89
N VAL C 227 46.96 21.57 7.28
CA VAL C 227 46.70 21.90 8.67
C VAL C 227 45.59 22.93 8.76
N GLY C 228 45.22 23.31 9.99
CA GLY C 228 44.19 24.30 10.22
C GLY C 228 44.74 25.69 10.49
N GLU C 229 44.43 26.25 11.65
CA GLU C 229 44.88 27.60 11.97
C GLU C 229 45.62 27.68 13.30
N ARG C 230 45.19 26.94 14.32
CA ARG C 230 45.86 27.01 15.62
C ARG C 230 47.28 26.44 15.55
N GLU C 231 47.43 25.29 14.91
CA GLU C 231 48.71 24.60 14.83
C GLU C 231 49.65 25.21 13.79
N ILE C 232 49.33 26.40 13.27
CA ILE C 232 50.21 27.11 12.36
C ILE C 232 50.79 28.37 12.97
N SER C 233 50.32 28.78 14.15
CA SER C 233 50.77 29.98 14.83
C SER C 233 51.37 29.62 16.18
N GLY C 234 51.68 30.65 16.97
CA GLY C 234 52.29 30.42 18.26
C GLY C 234 53.70 29.87 18.11
N ASN C 235 54.03 28.85 18.91
CA ASN C 235 55.30 28.16 18.74
C ASN C 235 55.24 27.12 17.63
N ALA C 236 54.04 26.72 17.20
CA ALA C 236 53.91 25.66 16.22
C ALA C 236 54.53 26.05 14.88
N LEU C 237 54.57 27.33 14.56
CA LEU C 237 55.21 27.77 13.33
C LEU C 237 56.71 27.58 13.36
N ARG C 238 57.32 27.55 14.54
CA ARG C 238 58.78 27.45 14.62
C ARG C 238 59.26 26.06 14.23
N TYR C 239 58.61 25.02 14.73
CA TYR C 239 59.02 23.65 14.44
C TYR C 239 58.41 23.10 13.16
N ALA C 240 57.56 23.88 12.49
CA ALA C 240 56.94 23.40 11.26
C ALA C 240 57.97 23.33 10.14
N PRO C 241 57.83 22.36 9.23
CA PRO C 241 58.76 22.27 8.10
C PRO C 241 58.27 23.07 6.90
N ASP C 242 59.02 23.03 5.81
CA ASP C 242 58.60 23.69 4.59
C ASP C 242 57.46 22.90 3.94
N GLY C 243 56.80 23.54 2.98
CA GLY C 243 55.70 22.91 2.27
C GLY C 243 54.48 22.64 3.12
N ILE C 244 54.08 23.62 3.92
CA ILE C 244 52.92 23.49 4.79
C ILE C 244 51.85 24.44 4.27
N LEU C 245 50.80 23.89 3.67
CA LEU C 245 49.62 24.66 3.34
C LEU C 245 48.71 24.74 4.56
N GLY C 246 48.24 25.95 4.87
CA GLY C 246 47.50 26.17 6.09
C GLY C 246 46.24 26.97 5.84
N LEU C 247 45.56 27.29 6.94
CA LEU C 247 44.29 28.02 6.91
C LEU C 247 44.38 29.24 7.81
N GLN C 248 43.62 30.27 7.48
CA GLN C 248 43.59 31.50 8.27
C GLN C 248 42.37 32.32 7.89
N LEU C 249 41.61 32.75 8.89
CA LEU C 249 40.45 33.59 8.65
C LEU C 249 40.87 35.01 8.27
N ILE C 250 40.09 35.64 7.40
CA ILE C 250 40.41 36.99 6.95
C ILE C 250 40.29 37.98 8.09
N ASN C 251 39.28 37.82 8.95
CA ASN C 251 38.97 38.77 10.01
C ASN C 251 38.62 37.97 11.26
N GLY C 252 39.62 37.73 12.10
CA GLY C 252 39.40 36.97 13.31
C GLY C 252 39.87 37.67 14.57
N LYS C 253 40.61 38.76 14.41
CA LYS C 253 41.16 39.48 15.55
C LYS C 253 40.71 40.94 15.65
N ASN C 254 40.00 41.46 14.64
CA ASN C 254 39.52 42.84 14.68
C ASN C 254 38.30 42.89 15.58
N GLU C 255 38.54 43.25 16.85
CA GLU C 255 37.46 43.28 17.84
C GLU C 255 36.45 44.38 17.53
N SER C 256 36.92 45.54 17.08
CA SER C 256 36.03 46.68 16.89
C SER C 256 34.98 46.41 15.82
N ALA C 257 35.40 45.83 14.69
CA ALA C 257 34.46 45.54 13.62
C ALA C 257 33.40 44.53 14.06
N HIS C 258 33.82 43.50 14.80
CA HIS C 258 32.88 42.52 15.31
C HIS C 258 31.90 43.17 16.29
N ILE C 259 32.39 44.06 17.14
CA ILE C 259 31.51 44.76 18.08
C ILE C 259 30.48 45.59 17.32
N SER C 260 30.92 46.32 16.30
CA SER C 260 30.00 47.15 15.52
C SER C 260 28.94 46.29 14.83
N ASP C 261 29.37 45.18 14.22
CA ASP C 261 28.40 44.31 13.55
C ASP C 261 27.42 43.70 14.54
N ALA C 262 27.91 43.29 15.72
CA ALA C 262 27.04 42.71 16.73
C ALA C 262 26.01 43.71 17.22
N VAL C 263 26.44 44.94 17.53
CA VAL C 263 25.48 45.92 18.01
C VAL C 263 24.48 46.27 16.92
N GLY C 264 24.94 46.34 15.67
CA GLY C 264 24.01 46.59 14.57
C GLY C 264 22.97 45.49 14.43
N VAL C 265 23.40 44.23 14.53
CA VAL C 265 22.45 43.14 14.31
C VAL C 265 21.47 43.04 15.47
N VAL C 266 21.93 43.26 16.71
CA VAL C 266 20.98 43.20 17.81
C VAL C 266 20.01 44.37 17.74
N ALA C 267 20.49 45.55 17.31
CA ALA C 267 19.61 46.69 17.15
C ALA C 267 18.55 46.43 16.09
N GLN C 268 18.95 45.86 14.95
CA GLN C 268 17.97 45.61 13.89
C GLN C 268 16.98 44.53 14.31
N ALA C 269 17.44 43.50 15.04
CA ALA C 269 16.52 42.47 15.52
C ALA C 269 15.52 43.06 16.51
N VAL C 270 15.98 43.90 17.43
CA VAL C 270 15.09 44.53 18.40
C VAL C 270 14.08 45.42 17.69
N HIS C 271 14.54 46.19 16.70
CA HIS C 271 13.63 47.06 15.95
C HIS C 271 12.61 46.23 15.17
N GLU C 272 13.01 45.05 14.69
CA GLU C 272 12.09 44.20 13.95
C GLU C 272 11.05 43.56 14.87
N LEU C 273 11.43 43.24 16.11
CA LEU C 273 10.53 42.53 17.02
C LEU C 273 9.70 43.45 17.91
N LEU C 274 9.90 44.77 17.85
CA LEU C 274 9.05 45.66 18.65
C LEU C 274 7.61 45.66 18.16
N GLU C 275 7.37 45.35 16.88
CA GLU C 275 6.03 45.35 16.34
C GLU C 275 5.19 44.18 16.81
N LYS C 276 5.79 43.20 17.49
CA LYS C 276 5.06 42.04 17.97
C LYS C 276 4.13 42.44 19.12
N GLU C 277 3.31 41.49 19.53
CA GLU C 277 2.34 41.69 20.60
C GLU C 277 2.42 40.55 21.60
N ASN C 278 1.77 40.76 22.75
CA ASN C 278 1.75 39.79 23.84
C ASN C 278 3.17 39.46 24.30
N ILE C 279 3.85 40.49 24.80
CA ILE C 279 5.23 40.39 25.23
C ILE C 279 5.31 40.65 26.72
N THR C 280 6.40 40.17 27.33
CA THR C 280 6.67 40.37 28.74
C THR C 280 7.98 41.13 28.91
N ASP C 281 8.12 41.78 30.06
CA ASP C 281 9.36 42.46 30.39
C ASP C 281 10.41 41.44 30.82
N PRO C 282 11.70 41.78 30.68
CA PRO C 282 12.74 40.87 31.16
C PRO C 282 12.64 40.68 32.65
N PRO C 283 12.98 39.49 33.16
CA PRO C 283 12.84 39.22 34.59
C PRO C 283 13.77 40.11 35.42
N ARG C 284 13.31 40.43 36.63
CA ARG C 284 14.05 41.28 37.55
C ARG C 284 14.55 40.43 38.71
N GLY C 285 15.87 40.21 38.74
CA GLY C 285 16.48 39.54 39.88
C GLY C 285 16.98 38.14 39.60
N CYS C 286 18.23 37.87 39.99
CA CYS C 286 18.79 36.53 39.99
C CYS C 286 18.81 35.91 41.38
N VAL C 287 18.47 36.68 42.41
CA VAL C 287 18.65 36.21 43.78
C VAL C 287 17.43 35.42 44.26
N GLY C 288 16.23 35.93 44.02
CA GLY C 288 15.03 35.30 44.51
C GLY C 288 14.00 35.00 43.43
N ASN C 289 14.46 34.66 42.24
CA ASN C 289 13.58 34.35 41.13
C ASN C 289 14.25 33.33 40.23
N THR C 290 13.51 32.27 39.89
CA THR C 290 14.03 31.22 39.00
C THR C 290 12.85 30.72 38.16
N ASN C 291 12.69 31.30 36.97
CA ASN C 291 11.62 30.92 36.06
C ASN C 291 12.19 30.95 34.64
N ILE C 292 11.30 30.87 33.66
CA ILE C 292 11.66 30.91 32.25
C ILE C 292 10.92 32.06 31.60
N TRP C 293 11.64 32.91 30.88
CA TRP C 293 11.03 34.03 30.18
C TRP C 293 10.15 33.50 29.04
N LYS C 294 8.89 33.97 29.02
CA LYS C 294 7.96 33.50 28.00
C LYS C 294 8.38 33.97 26.61
N THR C 295 8.87 35.20 26.50
CA THR C 295 9.26 35.77 25.22
C THR C 295 10.72 35.48 24.87
N GLY C 296 11.42 34.69 25.66
CA GLY C 296 12.80 34.37 25.40
C GLY C 296 13.00 33.60 24.11
N PRO C 297 12.49 32.36 24.05
CA PRO C 297 12.65 31.56 22.83
C PRO C 297 12.06 32.20 21.59
N LEU C 298 10.97 32.96 21.73
CA LEU C 298 10.36 33.61 20.56
C LEU C 298 11.35 34.51 19.86
N PHE C 299 12.14 35.27 20.64
CA PHE C 299 13.18 36.12 20.07
C PHE C 299 14.07 35.34 19.11
N LYS C 300 14.38 34.09 19.45
CA LYS C 300 15.20 33.24 18.60
C LYS C 300 14.66 33.23 17.18
N ARG C 301 13.36 32.94 17.03
CA ARG C 301 12.77 32.77 15.72
C ARG C 301 12.86 34.02 14.85
N VAL C 302 13.38 35.13 15.38
CA VAL C 302 13.51 36.34 14.59
C VAL C 302 14.97 36.77 14.50
N LEU C 303 15.78 36.43 15.52
CA LEU C 303 17.13 36.99 15.54
C LEU C 303 18.07 36.29 14.57
N MET C 304 17.86 34.99 14.32
CA MET C 304 18.68 34.23 13.39
C MET C 304 18.02 34.08 12.02
N SER C 305 16.92 34.81 11.78
CA SER C 305 16.20 34.77 10.51
C SER C 305 16.06 36.18 9.94
N SER C 306 17.15 36.93 9.97
CA SER C 306 17.16 38.30 9.48
C SER C 306 18.46 38.55 8.74
N LYS C 307 18.46 39.60 7.92
CA LYS C 307 19.60 39.95 7.08
C LYS C 307 20.18 41.29 7.55
N TYR C 308 21.51 41.32 7.72
CA TYR C 308 22.19 42.53 8.15
C TYR C 308 22.46 43.49 6.99
N ALA C 309 22.33 43.03 5.75
CA ALA C 309 22.56 43.84 4.56
C ALA C 309 24.01 44.32 4.58
N ASP C 310 24.28 45.62 4.49
CA ASP C 310 25.66 46.10 4.43
C ASP C 310 26.34 45.95 5.78
N GLY C 311 27.57 45.43 5.76
CA GLY C 311 28.37 45.31 6.96
C GLY C 311 29.84 45.48 6.65
N VAL C 312 30.59 45.89 7.67
CA VAL C 312 32.02 46.09 7.50
C VAL C 312 32.79 44.78 7.44
N THR C 313 32.21 43.69 7.93
CA THR C 313 32.79 42.36 7.85
C THR C 313 32.00 41.48 6.88
N GLY C 314 31.51 42.07 5.80
CA GLY C 314 30.68 41.36 4.85
C GLY C 314 29.27 41.20 5.37
N ARG C 315 28.47 40.44 4.61
CA ARG C 315 27.11 40.15 5.02
C ARG C 315 27.12 39.28 6.28
N VAL C 316 26.17 39.55 7.18
CA VAL C 316 26.01 38.79 8.41
C VAL C 316 24.77 37.93 8.25
N GLU C 317 24.96 36.61 8.23
CA GLU C 317 23.87 35.66 8.17
C GLU C 317 24.20 34.50 9.10
N PHE C 318 23.16 33.90 9.67
CA PHE C 318 23.32 32.85 10.65
C PHE C 318 22.73 31.55 10.12
N ASN C 319 23.51 30.47 10.20
CA ASN C 319 23.02 29.16 9.80
C ASN C 319 21.97 28.67 10.79
N GLU C 320 21.41 27.48 10.53
CA GLU C 320 20.41 26.95 11.44
C GLU C 320 21.08 26.26 12.62
N ASP C 321 22.08 26.91 13.20
CA ASP C 321 22.68 26.46 14.45
C ASP C 321 23.01 27.65 15.35
N GLY C 322 22.90 28.88 14.86
CA GLY C 322 23.41 30.01 15.59
C GLY C 322 24.88 30.28 15.38
N ASP C 323 25.41 29.96 14.21
CA ASP C 323 26.83 30.12 13.92
C ASP C 323 27.01 30.89 12.62
N ARG C 324 28.15 31.58 12.51
CA ARG C 324 28.45 32.38 11.33
C ARG C 324 28.84 31.49 10.16
N LYS C 325 28.29 31.80 8.99
CA LYS C 325 28.62 31.09 7.75
C LYS C 325 29.00 32.10 6.68
N PHE C 326 29.48 31.59 5.55
CA PHE C 326 29.98 32.40 4.44
C PHE C 326 31.13 33.31 4.90
N ALA C 327 32.20 32.67 5.34
CA ALA C 327 33.40 33.39 5.76
C ALA C 327 34.42 33.43 4.63
N ASN C 328 35.51 34.14 4.85
CA ASN C 328 36.59 34.26 3.88
C ASN C 328 37.89 33.80 4.53
N TYR C 329 38.50 32.77 3.96
CA TYR C 329 39.71 32.19 4.52
C TYR C 329 40.92 32.57 3.66
N SER C 330 42.01 32.92 4.33
CA SER C 330 43.25 33.32 3.67
C SER C 330 44.18 32.10 3.63
N ILE C 331 44.22 31.44 2.47
CA ILE C 331 45.12 30.31 2.30
C ILE C 331 46.56 30.77 2.42
N MET C 332 47.38 29.98 3.11
CA MET C 332 48.71 30.40 3.51
C MET C 332 49.72 29.29 3.22
N ASN C 333 50.97 29.68 3.02
CA ASN C 333 52.05 28.76 2.73
C ASN C 333 53.32 29.17 3.46
N LEU C 334 54.03 28.19 3.99
CA LEU C 334 55.31 28.44 4.66
C LEU C 334 56.41 28.50 3.59
N GLN C 335 56.80 29.70 3.21
CA GLN C 335 57.84 29.93 2.22
C GLN C 335 59.06 30.53 2.91
N ASN C 336 60.20 29.85 2.80
CA ASN C 336 61.48 30.37 3.29
C ASN C 336 61.39 30.78 4.76
N ARG C 337 60.73 29.95 5.56
CA ARG C 337 60.58 30.13 7.00
C ARG C 337 59.81 31.41 7.35
N LYS C 338 59.01 31.92 6.43
CA LYS C 338 58.17 33.08 6.71
C LYS C 338 56.82 32.90 6.05
N LEU C 339 55.76 33.31 6.75
CA LEU C 339 54.41 33.16 6.23
C LEU C 339 54.17 34.10 5.06
N VAL C 340 53.42 33.62 4.06
CA VAL C 340 53.09 34.41 2.89
C VAL C 340 51.73 33.95 2.38
N GLN C 341 50.88 34.92 2.02
CA GLN C 341 49.55 34.61 1.53
C GLN C 341 49.62 34.12 0.08
N VAL C 342 48.98 32.98 -0.19
CA VAL C 342 48.80 32.48 -1.54
C VAL C 342 47.40 31.87 -1.62
N GLY C 343 46.54 32.45 -2.45
CA GLY C 343 45.18 31.98 -2.55
C GLY C 343 44.30 32.42 -1.40
N ILE C 344 43.00 32.56 -1.66
CA ILE C 344 42.03 32.97 -0.64
C ILE C 344 40.72 32.24 -0.91
N TYR C 345 39.84 32.24 0.10
CA TYR C 345 38.53 31.62 0.00
C TYR C 345 37.46 32.68 0.14
N ASN C 346 36.38 32.53 -0.64
CA ASN C 346 35.24 33.43 -0.57
C ASN C 346 34.06 32.83 0.20
N GLY C 347 34.13 31.56 0.55
CA GLY C 347 33.03 30.91 1.23
C GLY C 347 32.47 29.73 0.47
N THR C 348 32.46 29.83 -0.87
CA THR C 348 31.92 28.78 -1.72
C THR C 348 33.01 28.15 -2.59
N HIS C 349 33.73 28.95 -3.38
CA HIS C 349 34.74 28.44 -4.30
C HIS C 349 36.12 28.96 -3.93
N VAL C 350 37.14 28.17 -4.24
CA VAL C 350 38.51 28.52 -3.90
C VAL C 350 39.07 29.47 -4.95
N ILE C 351 39.94 30.38 -4.51
CA ILE C 351 40.52 31.39 -5.38
C ILE C 351 42.03 31.41 -5.21
N PRO C 352 42.79 30.69 -6.04
CA PRO C 352 44.26 30.80 -5.98
C PRO C 352 44.71 32.16 -6.48
N ASN C 353 45.52 32.84 -5.66
CA ASN C 353 45.92 34.22 -5.95
C ASN C 353 46.75 34.33 -7.22
N ASP C 354 47.97 33.78 -7.20
CA ASP C 354 48.93 33.94 -8.28
C ASP C 354 50.29 33.34 -7.91
N ARG C 355 50.83 33.76 -6.77
CA ARG C 355 52.16 33.32 -6.37
C ARG C 355 52.19 31.81 -6.17
N LYS C 356 53.33 31.20 -6.49
CA LYS C 356 53.44 29.75 -6.53
C LYS C 356 53.73 29.19 -5.14
N ILE C 357 52.93 28.21 -4.73
CA ILE C 357 53.14 27.50 -3.48
C ILE C 357 54.32 26.55 -3.64
N ILE C 358 54.97 26.22 -2.53
CA ILE C 358 56.10 25.31 -2.53
C ILE C 358 55.70 24.05 -1.75
N TRP C 359 55.69 22.91 -2.44
CA TRP C 359 55.49 21.63 -1.79
C TRP C 359 56.77 21.25 -1.03
N PRO C 360 56.65 20.40 -0.01
CA PRO C 360 57.81 20.14 0.87
C PRO C 360 59.00 19.60 0.10
N GLY C 361 60.18 20.00 0.56
CA GLY C 361 61.44 19.57 -0.06
C GLY C 361 61.64 20.06 -1.47
N GLY C 362 61.36 21.33 -1.74
CA GLY C 362 61.47 21.84 -3.09
C GLY C 362 60.49 21.14 -4.01
N GLU C 363 60.92 20.87 -5.24
CA GLU C 363 60.14 20.14 -6.23
C GLU C 363 58.79 20.82 -6.47
N THR C 364 58.88 22.02 -7.05
CA THR C 364 57.72 22.89 -7.24
C THR C 364 56.58 22.20 -7.98
N GLU C 365 56.84 21.09 -8.66
CA GLU C 365 55.76 20.35 -9.30
C GLU C 365 54.86 19.70 -8.24
N LYS C 366 53.56 19.70 -8.50
CA LYS C 366 52.61 19.19 -7.52
C LYS C 366 52.72 17.67 -7.42
N PRO C 367 52.82 17.12 -6.21
CA PRO C 367 52.92 15.66 -6.08
C PRO C 367 51.59 14.98 -6.39
N ARG C 368 51.70 13.70 -6.76
CA ARG C 368 50.50 12.91 -7.05
C ARG C 368 49.69 12.63 -5.78
N GLY C 369 50.35 12.56 -4.64
CA GLY C 369 49.67 12.28 -3.38
C GLY C 369 49.36 10.82 -3.14
N TYR C 370 49.90 9.92 -3.94
CA TYR C 370 49.62 8.50 -3.80
C TYR C 370 50.74 7.72 -4.47
N GLN C 371 50.88 6.45 -4.07
CA GLN C 371 51.89 5.57 -4.63
C GLN C 371 51.27 4.18 -4.80
N MET C 372 52.11 3.19 -5.06
CA MET C 372 51.65 1.82 -5.22
C MET C 372 52.71 0.87 -4.68
N SER C 373 52.31 0.00 -3.76
CA SER C 373 53.24 -0.95 -3.15
C SER C 373 53.25 -2.24 -3.97
N THR C 374 54.30 -2.44 -4.75
CA THR C 374 54.44 -3.65 -5.55
C THR C 374 55.21 -4.73 -4.80
N ARG C 375 54.78 -5.00 -3.56
CA ARG C 375 55.37 -6.05 -2.73
C ARG C 375 54.28 -6.79 -1.98
N LEU C 376 53.19 -7.11 -2.67
CA LEU C 376 52.05 -7.74 -2.03
C LEU C 376 52.40 -9.15 -1.55
N LYS C 377 51.82 -9.52 -0.41
CA LYS C 377 52.09 -10.81 0.23
C LYS C 377 50.86 -11.70 0.05
N ILE C 378 50.99 -12.74 -0.76
CA ILE C 378 49.90 -13.67 -1.05
C ILE C 378 49.80 -14.71 0.06
N VAL C 379 48.70 -15.45 0.09
CA VAL C 379 48.44 -16.47 1.10
C VAL C 379 47.81 -17.68 0.42
N THR C 380 48.10 -18.87 0.95
CA THR C 380 47.61 -20.13 0.38
C THR C 380 47.18 -21.05 1.51
N ILE C 381 46.93 -22.32 1.15
CA ILE C 381 46.59 -23.37 2.11
C ILE C 381 46.81 -24.70 1.41
N HIS C 382 47.26 -25.70 2.16
CA HIS C 382 47.67 -26.98 1.59
C HIS C 382 46.53 -27.63 0.81
N GLN C 383 46.85 -28.13 -0.38
CA GLN C 383 45.91 -28.88 -1.19
C GLN C 383 46.70 -29.84 -2.08
N GLU C 384 46.07 -30.97 -2.43
CA GLU C 384 46.81 -32.05 -3.10
C GLU C 384 47.24 -31.66 -4.51
N PRO C 385 46.34 -31.43 -5.47
CA PRO C 385 46.81 -31.22 -6.85
C PRO C 385 47.25 -29.80 -7.13
N PHE C 386 46.88 -28.83 -6.30
CA PHE C 386 47.10 -27.42 -6.61
C PHE C 386 48.39 -26.88 -6.01
N VAL C 387 48.61 -27.10 -4.71
CA VAL C 387 49.74 -26.50 -3.99
C VAL C 387 50.44 -27.60 -3.19
N TYR C 388 51.53 -28.12 -3.73
CA TYR C 388 52.34 -29.13 -3.06
C TYR C 388 53.24 -28.48 -2.03
N VAL C 389 53.39 -29.13 -0.87
CA VAL C 389 54.22 -28.64 0.23
C VAL C 389 55.26 -29.69 0.55
N LYS C 390 56.53 -29.28 0.64
CA LYS C 390 57.61 -30.17 1.02
C LYS C 390 58.66 -29.39 1.79
N PRO C 391 59.33 -30.00 2.76
CA PRO C 391 60.32 -29.27 3.56
C PRO C 391 61.53 -28.86 2.73
N THR C 392 62.18 -27.79 3.19
CA THR C 392 63.36 -27.28 2.52
C THR C 392 64.53 -28.26 2.68
N LEU C 393 65.47 -28.18 1.74
CA LEU C 393 66.61 -29.10 1.70
C LEU C 393 67.76 -28.53 2.51
N SER C 394 67.81 -28.91 3.79
CA SER C 394 68.90 -28.62 4.72
C SER C 394 69.53 -27.24 4.55
N ASP C 395 70.22 -27.03 3.43
CA ASP C 395 70.92 -25.77 3.21
C ASP C 395 69.98 -24.58 3.10
N GLY C 396 68.68 -24.83 2.90
CA GLY C 396 67.69 -23.78 2.80
C GLY C 396 67.15 -23.55 1.41
N THR C 397 67.84 -24.04 0.38
CA THR C 397 67.38 -23.92 -0.99
C THR C 397 66.61 -25.16 -1.39
N CYS C 398 65.51 -24.97 -2.12
CA CYS C 398 64.70 -26.09 -2.56
C CYS C 398 65.47 -26.94 -3.57
N LYS C 399 65.17 -28.23 -3.57
CA LYS C 399 65.87 -29.17 -4.44
C LYS C 399 65.43 -28.96 -5.89
N GLU C 400 65.99 -29.79 -6.78
CA GLU C 400 65.73 -29.69 -8.21
C GLU C 400 65.01 -30.94 -8.68
N GLU C 401 63.92 -30.76 -9.42
CA GLU C 401 63.17 -31.86 -9.98
C GLU C 401 62.82 -31.55 -11.43
N PHE C 402 62.58 -32.60 -12.20
CA PHE C 402 62.25 -32.48 -13.61
C PHE C 402 60.86 -33.05 -13.86
N THR C 403 60.29 -32.69 -15.01
CA THR C 403 58.96 -33.12 -15.41
C THR C 403 59.06 -34.30 -16.37
N VAL C 404 57.91 -34.71 -16.92
CA VAL C 404 57.92 -35.70 -17.99
C VAL C 404 58.61 -35.13 -19.22
N ASN C 405 58.45 -33.82 -19.45
CA ASN C 405 59.18 -33.12 -20.51
C ASN C 405 60.55 -32.64 -20.06
N GLY C 406 60.98 -33.01 -18.86
CA GLY C 406 62.30 -32.62 -18.37
C GLY C 406 62.46 -31.14 -18.14
N ASP C 407 61.42 -30.45 -17.67
CA ASP C 407 61.41 -29.03 -17.35
C ASP C 407 61.50 -28.85 -15.84
N PRO C 408 62.29 -27.91 -15.32
CA PRO C 408 62.36 -27.74 -13.86
C PRO C 408 61.09 -27.12 -13.32
N VAL C 409 60.55 -27.73 -12.26
CA VAL C 409 59.31 -27.24 -11.67
C VAL C 409 59.60 -25.99 -10.86
N LYS C 410 58.79 -24.95 -11.08
CA LYS C 410 58.95 -23.71 -10.35
C LYS C 410 58.56 -23.91 -8.89
N LYS C 411 59.38 -23.36 -7.98
CA LYS C 411 59.15 -23.50 -6.55
C LYS C 411 59.46 -22.19 -5.87
N VAL C 412 58.84 -21.98 -4.71
CA VAL C 412 59.01 -20.76 -3.92
C VAL C 412 59.37 -21.15 -2.49
N ILE C 413 59.84 -20.17 -1.74
CA ILE C 413 60.19 -20.34 -0.34
C ILE C 413 58.96 -20.02 0.49
N CYS C 414 58.20 -21.07 0.83
CA CYS C 414 56.89 -20.96 1.44
C CYS C 414 56.97 -21.25 2.94
N THR C 415 56.36 -20.37 3.73
CA THR C 415 56.53 -20.36 5.17
C THR C 415 55.20 -20.65 5.86
N GLY C 416 55.03 -21.90 6.30
CA GLY C 416 53.89 -22.29 7.09
C GLY C 416 54.30 -22.72 8.48
N PRO C 417 53.39 -22.63 9.45
CA PRO C 417 53.72 -23.02 10.81
C PRO C 417 54.08 -24.49 10.91
N ASN C 418 55.07 -24.80 11.75
CA ASN C 418 55.49 -26.16 11.98
C ASN C 418 54.51 -26.87 12.91
N ASP C 419 54.50 -28.21 12.82
CA ASP C 419 53.65 -29.05 13.67
C ASP C 419 52.18 -28.67 13.51
N THR C 420 51.68 -28.95 12.30
CA THR C 420 50.33 -28.56 11.87
C THR C 420 49.23 -28.99 12.85
N SER C 421 49.55 -29.88 13.77
CA SER C 421 48.59 -30.24 14.81
C SER C 421 48.24 -29.01 15.64
N PRO C 422 46.95 -28.75 15.90
CA PRO C 422 46.58 -27.50 16.59
C PRO C 422 46.97 -27.46 18.05
N GLY C 423 47.18 -28.60 18.70
CA GLY C 423 47.51 -28.61 20.11
C GLY C 423 48.96 -28.35 20.44
N SER C 424 49.81 -28.15 19.44
CA SER C 424 51.22 -27.91 19.64
C SER C 424 51.57 -26.44 19.42
N PRO C 425 52.62 -25.93 20.07
CA PRO C 425 53.02 -24.53 19.85
C PRO C 425 53.64 -24.33 18.48
N ARG C 426 52.79 -24.18 17.46
CA ARG C 426 53.26 -24.03 16.10
C ARG C 426 54.13 -22.79 15.94
N HIS C 427 55.22 -22.95 15.18
CA HIS C 427 56.16 -21.86 14.94
C HIS C 427 56.57 -21.87 13.48
N THR C 428 57.03 -20.71 13.02
CA THR C 428 57.41 -20.56 11.62
C THR C 428 58.64 -21.39 11.29
N VAL C 429 58.58 -22.07 10.15
CA VAL C 429 59.71 -22.84 9.62
C VAL C 429 59.70 -22.68 8.10
N PRO C 430 60.77 -22.17 7.49
CA PRO C 430 60.80 -22.06 6.03
C PRO C 430 60.64 -23.43 5.37
N GLN C 431 59.84 -23.46 4.32
CA GLN C 431 59.52 -24.68 3.60
C GLN C 431 59.57 -24.39 2.10
N CYS C 432 59.06 -25.33 1.31
CA CYS C 432 58.96 -25.17 -0.14
C CYS C 432 57.55 -25.48 -0.58
N CYS C 433 56.95 -24.54 -1.31
CA CYS C 433 55.61 -24.72 -1.88
C CYS C 433 55.70 -24.59 -3.39
N TYR C 434 55.08 -25.53 -4.10
CA TYR C 434 55.16 -25.57 -5.55
C TYR C 434 53.98 -26.37 -6.09
N GLY C 435 53.39 -25.89 -7.18
CA GLY C 435 52.27 -26.61 -7.76
C GLY C 435 51.55 -25.79 -8.80
N PHE C 436 50.26 -26.10 -8.99
CA PHE C 436 49.45 -25.47 -10.02
C PHE C 436 49.33 -23.97 -9.79
N CYS C 437 48.75 -23.58 -8.64
CA CYS C 437 48.49 -22.17 -8.39
C CYS C 437 49.78 -21.35 -8.38
N ILE C 438 50.87 -21.95 -7.93
CA ILE C 438 52.16 -21.25 -7.91
C ILE C 438 52.58 -20.89 -9.34
N ASP C 439 52.46 -21.84 -10.27
CA ASP C 439 52.80 -21.55 -11.65
C ASP C 439 51.87 -20.49 -12.23
N LEU C 440 50.60 -20.51 -11.83
CA LEU C 440 49.66 -19.49 -12.28
C LEU C 440 50.10 -18.10 -11.82
N LEU C 441 50.52 -17.97 -10.56
CA LEU C 441 50.95 -16.66 -10.08
C LEU C 441 52.27 -16.24 -10.70
N ILE C 442 53.15 -17.20 -11.00
CA ILE C 442 54.38 -16.87 -11.73
C ILE C 442 54.04 -16.34 -13.12
N LYS C 443 53.07 -16.96 -13.79
CA LYS C 443 52.63 -16.46 -15.09
C LYS C 443 52.02 -15.08 -14.97
N LEU C 444 51.28 -14.83 -13.88
CA LEU C 444 50.77 -13.48 -13.63
C LEU C 444 51.90 -12.48 -13.47
N ALA C 445 52.97 -12.89 -12.79
CA ALA C 445 54.07 -11.97 -12.50
C ALA C 445 54.74 -11.47 -13.77
N ARG C 446 54.94 -12.36 -14.75
CA ARG C 446 55.68 -12.01 -15.95
C ARG C 446 54.94 -11.02 -16.84
N THR C 447 53.71 -10.64 -16.49
CA THR C 447 52.97 -9.64 -17.24
C THR C 447 52.40 -8.55 -16.34
N MET C 448 52.92 -8.43 -15.12
CA MET C 448 52.44 -7.42 -14.18
C MET C 448 53.54 -6.65 -13.46
N ASN C 449 54.79 -7.14 -13.46
CA ASN C 449 55.93 -6.44 -12.86
C ASN C 449 55.69 -6.15 -11.37
N PHE C 450 55.59 -7.23 -10.61
CA PHE C 450 55.39 -7.13 -9.17
C PHE C 450 56.01 -8.34 -8.48
N THR C 451 56.37 -8.16 -7.21
CA THR C 451 57.00 -9.20 -6.41
C THR C 451 55.94 -9.94 -5.60
N TYR C 452 56.40 -10.79 -4.67
CA TYR C 452 55.53 -11.58 -3.82
C TYR C 452 56.36 -12.21 -2.70
N GLU C 453 55.70 -12.42 -1.55
CA GLU C 453 56.31 -13.12 -0.42
C GLU C 453 55.23 -14.01 0.18
N VAL C 454 55.29 -15.31 -0.13
CA VAL C 454 54.23 -16.23 0.26
C VAL C 454 54.16 -16.34 1.78
N HIS C 455 52.94 -16.26 2.31
CA HIS C 455 52.68 -16.47 3.73
C HIS C 455 51.56 -17.51 3.86
N LEU C 456 51.89 -18.69 4.37
CA LEU C 456 50.91 -19.74 4.50
C LEU C 456 49.97 -19.44 5.67
N VAL C 457 48.78 -20.06 5.61
CA VAL C 457 47.74 -19.77 6.59
C VAL C 457 48.21 -20.16 8.00
N ALA C 458 47.71 -19.42 8.99
CA ALA C 458 47.96 -19.71 10.39
C ALA C 458 46.79 -20.41 11.08
N ASP C 459 45.81 -20.87 10.30
CA ASP C 459 44.66 -21.58 10.86
C ASP C 459 44.33 -22.88 10.15
N GLY C 460 44.75 -23.08 8.90
CA GLY C 460 44.48 -24.31 8.19
C GLY C 460 43.02 -24.57 7.89
N LYS C 461 42.29 -23.54 7.46
CA LYS C 461 40.87 -23.70 7.17
C LYS C 461 40.45 -22.63 6.18
N PHE C 462 39.34 -22.92 5.48
CA PHE C 462 38.77 -21.93 4.57
C PHE C 462 38.03 -20.83 5.33
N GLY C 463 37.30 -21.19 6.38
CA GLY C 463 36.66 -20.20 7.21
C GLY C 463 35.34 -19.70 6.65
N THR C 464 34.30 -19.66 7.50
CA THR C 464 33.00 -19.16 7.08
C THR C 464 32.51 -18.10 8.07
N GLN C 465 31.26 -17.68 7.93
CA GLN C 465 30.68 -16.69 8.83
C GLN C 465 30.37 -17.38 10.17
N GLU C 466 31.09 -16.98 11.21
CA GLU C 466 30.94 -17.59 12.53
C GLU C 466 30.87 -16.49 13.59
N ARG C 467 30.28 -16.84 14.72
CA ARG C 467 30.16 -15.89 15.82
C ARG C 467 31.52 -15.55 16.41
N VAL C 468 31.63 -14.33 16.95
CA VAL C 468 32.89 -13.86 17.50
C VAL C 468 33.21 -14.46 18.86
N ASN C 469 32.31 -15.27 19.42
CA ASN C 469 32.47 -15.94 20.71
C ASN C 469 32.63 -14.96 21.87
N ASN C 470 32.29 -13.69 21.67
CA ASN C 470 32.35 -12.70 22.74
C ASN C 470 31.03 -11.95 22.83
N SER C 471 30.34 -11.83 21.70
CA SER C 471 29.05 -11.15 21.63
C SER C 471 28.25 -11.78 20.51
N ASN C 472 27.19 -11.11 20.08
CA ASN C 472 26.36 -11.58 18.98
C ASN C 472 26.94 -11.28 17.61
N LYS C 473 28.05 -10.55 17.55
CA LYS C 473 28.66 -10.22 16.26
C LYS C 473 29.23 -11.46 15.59
N LYS C 474 29.09 -11.51 14.27
CA LYS C 474 29.64 -12.60 13.47
C LYS C 474 30.92 -12.13 12.79
N GLU C 475 31.98 -12.93 12.90
CA GLU C 475 33.29 -12.56 12.39
C GLU C 475 33.84 -13.66 11.49
N TRP C 476 34.75 -13.27 10.62
CA TRP C 476 35.38 -14.20 9.71
C TRP C 476 36.55 -14.90 10.38
N ASN C 477 36.63 -16.21 10.19
CA ASN C 477 37.73 -17.03 10.69
C ASN C 477 38.41 -17.72 9.52
N GLY C 478 39.41 -18.53 9.83
CA GLY C 478 40.07 -19.33 8.81
C GLY C 478 40.79 -18.47 7.79
N MET C 479 40.47 -18.71 6.52
CA MET C 479 41.26 -18.14 5.43
C MET C 479 40.94 -16.66 5.21
N MET C 480 39.67 -16.35 4.92
CA MET C 480 39.30 -15.02 4.46
C MET C 480 39.56 -13.93 5.50
N GLY C 481 39.58 -14.29 6.78
CA GLY C 481 39.91 -13.30 7.80
C GLY C 481 41.34 -12.80 7.68
N GLU C 482 42.26 -13.70 7.32
CA GLU C 482 43.64 -13.28 7.10
C GLU C 482 43.73 -12.23 6.00
N LEU C 483 42.92 -12.38 4.95
CA LEU C 483 42.80 -11.31 3.97
C LEU C 483 42.23 -10.05 4.60
N LEU C 484 41.10 -10.19 5.30
CA LEU C 484 40.32 -9.04 5.68
C LEU C 484 40.98 -8.18 6.75
N SER C 485 41.92 -8.73 7.53
CA SER C 485 42.41 -7.92 8.64
C SER C 485 43.46 -6.90 8.22
N GLY C 486 44.69 -7.33 7.96
CA GLY C 486 45.66 -6.44 7.38
C GLY C 486 46.82 -7.07 6.63
N GLN C 487 46.84 -8.40 6.49
CA GLN C 487 48.08 -9.11 6.22
C GLN C 487 47.99 -10.01 5.00
N ALA C 488 47.13 -9.66 4.03
CA ALA C 488 47.05 -10.43 2.81
C ALA C 488 46.46 -9.56 1.71
N ASP C 489 46.86 -9.86 0.48
CA ASP C 489 46.39 -9.09 -0.67
C ASP C 489 45.88 -9.95 -1.82
N MET C 490 46.32 -11.19 -1.97
CA MET C 490 45.77 -12.12 -2.94
C MET C 490 45.66 -13.48 -2.29
N ILE C 491 44.61 -14.22 -2.63
CA ILE C 491 44.24 -15.43 -1.91
C ILE C 491 44.37 -16.63 -2.84
N VAL C 492 45.40 -16.63 -3.69
CA VAL C 492 45.58 -17.72 -4.65
C VAL C 492 45.63 -19.04 -3.87
N ALA C 493 44.58 -19.84 -4.06
CA ALA C 493 44.29 -21.00 -3.24
C ALA C 493 43.04 -21.67 -3.80
N PRO C 494 42.68 -22.87 -3.36
CA PRO C 494 41.40 -23.45 -3.81
C PRO C 494 40.18 -22.72 -3.26
N LEU C 495 40.05 -21.44 -3.61
CA LEU C 495 38.87 -20.67 -3.22
C LEU C 495 37.67 -21.11 -4.05
N THR C 496 36.50 -20.54 -3.75
CA THR C 496 35.28 -20.95 -4.41
C THR C 496 34.22 -19.86 -4.25
N ILE C 497 33.45 -19.66 -5.31
CA ILE C 497 32.45 -18.59 -5.35
C ILE C 497 31.19 -19.02 -4.61
N ASN C 498 30.60 -18.09 -3.87
CA ASN C 498 29.32 -18.29 -3.19
C ASN C 498 28.75 -16.92 -2.86
N ASN C 499 27.71 -16.89 -2.01
CA ASN C 499 26.98 -15.65 -1.79
C ASN C 499 27.74 -14.70 -0.87
N GLU C 500 28.01 -15.13 0.37
CA GLU C 500 28.53 -14.22 1.38
C GLU C 500 29.95 -13.75 1.05
N ARG C 501 30.82 -14.68 0.64
CA ARG C 501 32.20 -14.29 0.33
C ARG C 501 32.26 -13.30 -0.82
N ALA C 502 31.46 -13.53 -1.88
CA ALA C 502 31.37 -12.55 -2.94
C ALA C 502 30.69 -11.27 -2.49
N GLN C 503 29.87 -11.33 -1.43
CA GLN C 503 29.26 -10.11 -0.90
C GLN C 503 30.28 -9.24 -0.20
N TYR C 504 31.25 -9.85 0.49
CA TYR C 504 32.18 -9.07 1.31
C TYR C 504 33.50 -8.75 0.62
N ILE C 505 33.85 -9.43 -0.48
CA ILE C 505 35.01 -9.07 -1.29
C ILE C 505 34.66 -9.27 -2.75
N GLU C 506 35.50 -8.70 -3.62
CA GLU C 506 35.28 -8.71 -5.06
C GLU C 506 36.19 -9.76 -5.69
N PHE C 507 35.59 -10.74 -6.36
CA PHE C 507 36.33 -11.82 -6.99
C PHE C 507 36.81 -11.38 -8.37
N SER C 508 37.33 -12.33 -9.13
CA SER C 508 37.61 -12.17 -10.55
C SER C 508 36.82 -13.23 -11.32
N LYS C 509 37.06 -13.29 -12.63
CA LYS C 509 36.44 -14.33 -13.43
C LYS C 509 37.01 -15.69 -13.04
N PRO C 510 36.19 -16.74 -13.04
CA PRO C 510 36.67 -18.05 -12.60
C PRO C 510 37.71 -18.62 -13.54
N PHE C 511 38.62 -19.42 -12.98
CA PHE C 511 39.66 -20.09 -13.74
C PHE C 511 39.54 -21.61 -13.66
N LYS C 512 38.38 -22.12 -13.24
CA LYS C 512 38.05 -23.53 -13.29
C LYS C 512 36.57 -23.71 -12.96
N TYR C 513 35.93 -24.71 -13.55
CA TYR C 513 34.50 -24.91 -13.43
C TYR C 513 34.17 -26.20 -12.68
N GLN C 514 34.90 -26.49 -11.62
CA GLN C 514 34.69 -27.72 -10.86
C GLN C 514 33.35 -27.68 -10.13
N GLY C 515 32.70 -28.85 -10.06
CA GLY C 515 31.48 -29.02 -9.31
C GLY C 515 31.72 -29.72 -7.99
N LEU C 516 30.64 -30.23 -7.41
CA LEU C 516 30.70 -30.98 -6.16
C LEU C 516 30.21 -32.39 -6.40
N THR C 517 30.99 -33.38 -5.97
CA THR C 517 30.70 -34.77 -6.26
C THR C 517 31.01 -35.63 -5.05
N ILE C 518 30.84 -36.95 -5.24
CA ILE C 518 30.87 -37.95 -4.18
C ILE C 518 31.84 -39.06 -4.56
N LEU C 519 32.49 -39.63 -3.56
CA LEU C 519 33.49 -40.68 -3.76
C LEU C 519 33.19 -41.88 -2.87
N VAL C 520 33.40 -43.07 -3.42
CA VAL C 520 33.25 -44.35 -2.72
C VAL C 520 34.44 -45.24 -3.11
N LYS C 521 34.41 -46.48 -2.64
CA LYS C 521 35.49 -47.43 -2.86
C LYS C 521 35.17 -48.37 -4.01
N LYS C 522 36.22 -49.00 -4.55
CA LYS C 522 36.12 -49.83 -5.73
C LYS C 522 35.56 -51.21 -5.37
N GLU C 523 35.61 -52.15 -6.32
CA GLU C 523 34.98 -53.45 -6.20
C GLU C 523 36.03 -54.56 -6.23
N ILE C 524 35.56 -55.80 -6.24
CA ILE C 524 36.37 -57.00 -6.08
C ILE C 524 35.67 -58.16 -6.81
N PRO C 525 36.26 -59.38 -6.91
CA PRO C 525 35.56 -60.46 -7.62
C PRO C 525 34.36 -60.99 -6.86
N ARG C 526 33.75 -62.07 -7.37
CA ARG C 526 32.37 -62.38 -7.03
C ARG C 526 32.09 -63.84 -6.67
N SER C 527 30.80 -64.17 -6.65
CA SER C 527 30.22 -65.41 -6.13
C SER C 527 30.36 -66.60 -7.08
N THR C 528 29.47 -67.58 -6.90
CA THR C 528 29.37 -68.91 -7.51
C THR C 528 30.18 -69.96 -6.75
N LEU C 529 30.99 -69.56 -5.77
CA LEU C 529 31.58 -70.45 -4.79
C LEU C 529 32.05 -71.79 -5.35
N ASP C 530 31.43 -72.88 -4.90
CA ASP C 530 31.78 -74.23 -5.33
C ASP C 530 31.00 -74.61 -6.59
N SER C 531 31.17 -75.86 -7.03
CA SER C 531 30.65 -76.29 -8.32
C SER C 531 29.49 -77.26 -8.20
N PHE C 532 29.65 -78.40 -7.51
CA PHE C 532 28.56 -79.39 -7.49
C PHE C 532 27.56 -79.14 -6.39
N MET C 533 27.14 -77.89 -6.17
CA MET C 533 25.94 -77.61 -5.40
C MET C 533 25.13 -76.44 -5.90
N ASN C 534 25.70 -75.55 -6.71
CA ASN C 534 25.04 -74.28 -7.01
C ASN C 534 23.84 -74.48 -7.94
N PRO C 535 24.03 -74.87 -9.21
CA PRO C 535 22.88 -74.88 -10.12
C PRO C 535 22.12 -76.19 -10.09
N PHE C 536 21.89 -76.74 -8.89
CA PHE C 536 21.33 -78.08 -8.80
C PHE C 536 20.98 -78.36 -7.35
N GLN C 537 19.81 -78.96 -7.14
CA GLN C 537 19.42 -79.36 -5.81
C GLN C 537 20.31 -80.51 -5.33
N SER C 538 20.66 -80.47 -4.03
CA SER C 538 21.59 -81.46 -3.48
C SER C 538 20.95 -82.83 -3.30
N THR C 539 19.73 -83.04 -3.77
CA THR C 539 19.07 -84.34 -3.66
C THR C 539 18.86 -85.02 -5.01
N LEU C 540 18.72 -84.25 -6.09
CA LEU C 540 18.59 -84.83 -7.42
C LEU C 540 19.85 -85.58 -7.86
N TRP C 541 21.01 -85.24 -7.27
CA TRP C 541 22.25 -85.91 -7.63
C TRP C 541 22.18 -87.40 -7.31
N LEU C 542 21.56 -87.76 -6.19
CA LEU C 542 21.39 -89.17 -5.87
C LEU C 542 20.27 -89.81 -6.68
N LEU C 543 19.23 -89.04 -7.00
CA LEU C 543 18.10 -89.58 -7.75
C LEU C 543 18.52 -89.98 -9.16
N VAL C 544 19.35 -89.17 -9.81
CA VAL C 544 19.78 -89.52 -11.17
C VAL C 544 20.57 -90.82 -11.16
N GLY C 545 21.45 -91.00 -10.18
CA GLY C 545 22.22 -92.23 -10.09
C GLY C 545 21.34 -93.44 -9.77
N LEU C 546 20.37 -93.26 -8.87
CA LEU C 546 19.44 -94.36 -8.57
C LEU C 546 18.67 -94.78 -9.81
N SER C 547 18.17 -93.80 -10.57
CA SER C 547 17.49 -94.11 -11.83
C SER C 547 18.44 -94.79 -12.82
N VAL C 548 19.70 -94.35 -12.84
CA VAL C 548 20.70 -94.99 -13.72
C VAL C 548 20.81 -96.47 -13.40
N HIS C 549 20.97 -96.80 -12.11
CA HIS C 549 21.11 -98.19 -11.72
C HIS C 549 19.84 -98.98 -12.02
N VAL C 550 18.68 -98.39 -11.75
CA VAL C 550 17.41 -99.07 -12.00
C VAL C 550 17.25 -99.39 -13.48
N VAL C 551 17.55 -98.42 -14.34
CA VAL C 551 17.43 -98.63 -15.78
C VAL C 551 18.45 -99.66 -16.26
N ALA C 552 19.67 -99.65 -15.70
CA ALA C 552 20.64 -100.66 -16.09
C ALA C 552 20.15 -102.06 -15.75
N VAL C 553 19.64 -102.25 -14.53
CA VAL C 553 19.14 -103.56 -14.13
C VAL C 553 17.95 -103.97 -15.01
N MET C 554 17.05 -103.03 -15.29
CA MET C 554 15.89 -103.33 -16.12
C MET C 554 16.33 -103.74 -17.53
N LEU C 555 17.30 -103.03 -18.11
CA LEU C 555 17.79 -103.40 -19.43
C LEU C 555 18.41 -104.79 -19.42
N TYR C 556 19.21 -105.08 -18.39
CA TYR C 556 19.85 -106.40 -18.31
C TYR C 556 18.80 -107.51 -18.24
N LEU C 557 17.79 -107.34 -17.40
CA LEU C 557 16.78 -108.38 -17.26
C LEU C 557 15.92 -108.49 -18.51
N LEU C 558 15.59 -107.36 -19.15
CA LEU C 558 14.80 -107.41 -20.37
C LEU C 558 15.56 -108.13 -21.48
N ASP C 559 16.86 -107.87 -21.60
CA ASP C 559 17.66 -108.56 -22.60
C ASP C 559 17.78 -110.05 -22.29
N ARG C 560 17.98 -110.41 -21.02
CA ARG C 560 18.23 -111.80 -20.67
C ARG C 560 16.97 -112.64 -20.79
N PHE C 561 15.84 -112.15 -20.26
CA PHE C 561 14.64 -112.98 -20.16
C PHE C 561 14.06 -113.31 -21.53
N SER C 562 13.87 -112.29 -22.37
CA SER C 562 13.24 -112.49 -23.67
C SER C 562 14.26 -112.68 -24.78
N THR C 580 25.88 -110.84 -19.55
CA THR C 580 26.16 -109.53 -20.13
C THR C 580 25.75 -108.42 -19.16
N LEU C 581 25.68 -108.77 -17.88
CA LEU C 581 25.28 -107.80 -16.86
C LEU C 581 26.29 -106.67 -16.75
N SER C 582 27.59 -106.98 -16.86
CA SER C 582 28.62 -105.95 -16.75
C SER C 582 28.49 -104.93 -17.88
N SER C 583 28.23 -105.39 -19.10
CA SER C 583 28.07 -104.46 -20.22
C SER C 583 26.84 -103.59 -20.03
N ALA C 584 25.72 -104.18 -19.59
CA ALA C 584 24.51 -103.42 -19.34
C ALA C 584 24.65 -102.47 -18.16
N MET C 585 25.63 -102.71 -17.29
CA MET C 585 25.93 -101.74 -16.23
C MET C 585 26.83 -100.62 -16.75
N TRP C 586 27.78 -100.95 -17.62
CA TRP C 586 28.67 -99.96 -18.19
C TRP C 586 27.93 -99.02 -19.14
N PHE C 587 26.84 -99.49 -19.76
CA PHE C 587 26.18 -98.71 -20.81
C PHE C 587 25.65 -97.39 -20.26
N SER C 588 25.00 -97.41 -19.09
CA SER C 588 24.41 -96.20 -18.56
C SER C 588 25.48 -95.15 -18.25
N TRP C 589 26.56 -95.56 -17.58
CA TRP C 589 27.64 -94.63 -17.28
C TRP C 589 28.31 -94.13 -18.55
N GLY C 590 28.46 -94.98 -19.55
CA GLY C 590 29.08 -94.57 -20.79
C GLY C 590 28.20 -93.73 -21.69
N VAL C 591 26.90 -93.66 -21.42
CA VAL C 591 26.01 -92.79 -22.16
C VAL C 591 25.64 -91.53 -21.38
N LEU C 592 25.91 -91.48 -20.07
CA LEU C 592 25.62 -90.27 -19.31
C LEU C 592 26.83 -89.36 -19.16
N LEU C 593 28.04 -89.91 -19.19
CA LEU C 593 29.26 -89.15 -18.96
C LEU C 593 29.98 -88.77 -20.25
N ASN C 594 29.36 -89.00 -21.41
CA ASN C 594 29.95 -88.68 -22.71
C ASN C 594 31.30 -89.38 -22.92
N SER C 595 31.52 -90.49 -22.23
CA SER C 595 32.78 -91.21 -22.33
C SER C 595 32.75 -92.14 -23.54
N GLY C 596 33.76 -93.00 -23.63
CA GLY C 596 33.81 -94.00 -24.69
C GLY C 596 34.22 -95.35 -24.15
N ILE C 597 34.35 -95.44 -22.83
CA ILE C 597 34.76 -96.68 -22.17
C ILE C 597 33.66 -97.72 -22.35
N GLY C 598 34.04 -98.91 -22.80
CA GLY C 598 33.08 -99.98 -22.99
C GLY C 598 32.36 -99.90 -24.31
N GLU C 599 32.27 -101.03 -25.02
CA GLU C 599 31.59 -101.11 -26.32
C GLU C 599 30.60 -102.26 -26.26
N GLY C 600 29.41 -101.98 -25.75
CA GLY C 600 28.34 -102.97 -25.69
C GLY C 600 26.99 -102.33 -25.89
N ALA C 601 26.22 -102.83 -26.87
CA ALA C 601 24.93 -102.26 -27.19
C ALA C 601 23.83 -103.26 -26.98
N PRO C 602 22.63 -102.82 -26.60
CA PRO C 602 21.50 -103.74 -26.45
C PRO C 602 21.18 -104.42 -27.77
N ARG C 603 20.83 -105.71 -27.68
CA ARG C 603 20.54 -106.54 -28.85
C ARG C 603 19.04 -106.74 -29.07
N SER C 604 18.31 -107.08 -28.03
CA SER C 604 16.88 -107.32 -28.16
C SER C 604 16.16 -106.04 -28.55
N PHE C 605 15.25 -106.15 -29.53
CA PHE C 605 14.51 -104.98 -29.99
C PHE C 605 13.66 -104.39 -28.88
N SER C 606 12.98 -105.25 -28.10
CA SER C 606 12.07 -104.80 -27.07
C SER C 606 12.77 -103.96 -26.01
N ALA C 607 14.08 -104.10 -25.86
CA ALA C 607 14.85 -103.30 -24.91
C ALA C 607 15.60 -102.15 -25.56
N ARG C 608 15.69 -102.12 -26.89
CA ARG C 608 16.45 -101.06 -27.54
C ARG C 608 15.73 -99.72 -27.42
N ILE C 609 14.41 -99.70 -27.70
CA ILE C 609 13.67 -98.44 -27.74
C ILE C 609 13.80 -97.70 -26.42
N LEU C 610 13.60 -98.41 -25.31
CA LEU C 610 13.79 -97.79 -24.00
C LEU C 610 15.17 -97.15 -23.90
N GLY C 611 16.22 -97.91 -24.23
CA GLY C 611 17.56 -97.36 -24.19
C GLY C 611 17.68 -96.10 -25.03
N MET C 612 16.96 -96.07 -26.16
CA MET C 612 16.97 -94.88 -27.00
C MET C 612 16.55 -93.65 -26.21
N VAL C 613 15.38 -93.72 -25.54
CA VAL C 613 14.93 -92.56 -24.79
C VAL C 613 15.88 -92.27 -23.65
N TRP C 614 16.60 -93.29 -23.17
CA TRP C 614 17.62 -93.07 -22.16
C TRP C 614 18.61 -92.02 -22.64
N ALA C 615 19.13 -92.18 -23.86
CA ALA C 615 20.02 -91.19 -24.42
C ALA C 615 19.36 -89.82 -24.40
N GLY C 616 18.09 -89.75 -24.79
CA GLY C 616 17.32 -88.53 -24.70
C GLY C 616 17.50 -87.87 -23.35
N PHE C 617 17.19 -88.62 -22.29
CA PHE C 617 17.26 -88.03 -20.95
C PHE C 617 18.60 -87.38 -20.72
N ALA C 618 19.68 -88.04 -21.17
CA ALA C 618 21.02 -87.49 -21.03
C ALA C 618 21.05 -86.02 -21.41
N MET C 619 20.73 -85.72 -22.67
CA MET C 619 20.82 -84.33 -23.10
C MET C 619 19.97 -83.44 -22.19
N ILE C 620 18.72 -83.85 -21.96
CA ILE C 620 17.73 -82.94 -21.39
C ILE C 620 18.07 -82.69 -19.93
N ILE C 621 19.07 -83.38 -19.40
CA ILE C 621 19.53 -82.94 -18.09
C ILE C 621 20.74 -82.03 -18.26
N VAL C 622 21.79 -82.54 -18.93
CA VAL C 622 23.08 -81.88 -18.86
C VAL C 622 22.99 -80.48 -19.44
N ALA C 623 22.41 -80.35 -20.64
CA ALA C 623 22.22 -79.05 -21.26
C ALA C 623 21.51 -78.10 -20.30
N SER C 624 20.41 -78.54 -19.71
CA SER C 624 19.67 -77.68 -18.79
C SER C 624 20.58 -77.18 -17.68
N TYR C 625 21.39 -78.08 -17.12
CA TYR C 625 22.36 -77.71 -16.11
C TYR C 625 23.15 -76.49 -16.56
N THR C 626 23.81 -76.60 -17.72
CA THR C 626 24.61 -75.49 -18.23
C THR C 626 23.78 -74.21 -18.29
N ALA C 627 22.56 -74.31 -18.81
CA ALA C 627 21.70 -73.15 -18.93
C ALA C 627 21.60 -72.42 -17.61
N ASN C 628 21.29 -73.16 -16.54
CA ASN C 628 21.09 -72.51 -15.25
C ASN C 628 22.34 -71.78 -14.81
N LEU C 629 23.51 -72.38 -15.01
CA LEU C 629 24.75 -71.73 -14.60
C LEU C 629 24.90 -70.39 -15.30
N ALA C 630 24.51 -70.33 -16.57
CA ALA C 630 24.58 -69.07 -17.29
C ALA C 630 23.73 -68.02 -16.60
N ALA C 631 22.51 -68.38 -16.18
CA ALA C 631 21.66 -67.45 -15.46
C ALA C 631 22.30 -67.04 -14.15
N PHE C 632 23.07 -67.93 -13.53
CA PHE C 632 23.75 -67.59 -12.29
C PHE C 632 24.95 -66.67 -12.51
N LEU C 633 25.43 -66.54 -13.75
CA LEU C 633 26.63 -65.79 -14.04
C LEU C 633 26.37 -64.55 -14.88
N VAL C 634 25.11 -64.21 -15.13
CA VAL C 634 24.78 -63.03 -15.92
C VAL C 634 24.06 -62.02 -15.05
N LEU C 635 23.25 -62.50 -14.10
CA LEU C 635 22.54 -61.64 -13.16
C LEU C 635 22.97 -62.00 -11.74
N ASP C 636 24.12 -61.45 -11.33
CA ASP C 636 24.58 -61.57 -9.95
C ASP C 636 25.28 -60.32 -9.44
N ARG C 637 25.32 -59.25 -10.23
CA ARG C 637 26.17 -58.10 -9.89
C ARG C 637 25.52 -57.25 -8.79
N PRO C 638 26.19 -57.02 -7.67
CA PRO C 638 25.68 -56.04 -6.70
C PRO C 638 25.72 -54.64 -7.27
N GLU C 639 24.79 -53.80 -6.81
CA GLU C 639 24.62 -52.44 -7.32
C GLU C 639 24.51 -51.46 -6.17
N GLU C 640 25.45 -51.55 -5.22
CA GLU C 640 25.50 -50.63 -4.08
C GLU C 640 26.20 -49.33 -4.52
N ARG C 641 25.55 -48.64 -5.44
CA ARG C 641 26.07 -47.39 -6.01
C ARG C 641 25.10 -46.26 -5.73
N ILE C 642 25.62 -45.14 -5.24
CA ILE C 642 24.81 -43.96 -5.00
C ILE C 642 24.70 -43.17 -6.30
N THR C 643 23.47 -43.03 -6.81
CA THR C 643 23.28 -42.35 -8.09
C THR C 643 23.54 -40.86 -7.99
N GLY C 644 23.18 -40.25 -6.87
CA GLY C 644 23.36 -38.82 -6.72
C GLY C 644 22.66 -38.31 -5.48
N ILE C 645 22.31 -37.02 -5.51
CA ILE C 645 21.64 -36.38 -4.39
C ILE C 645 20.23 -36.89 -4.18
N ASN C 646 19.70 -37.70 -5.09
CA ASN C 646 18.36 -38.27 -4.98
C ASN C 646 18.40 -39.77 -4.72
N ASP C 647 19.55 -40.30 -4.30
CA ASP C 647 19.66 -41.72 -4.01
C ASP C 647 18.84 -42.06 -2.78
N PRO C 648 18.00 -43.10 -2.82
CA PRO C 648 17.18 -43.42 -1.64
C PRO C 648 18.01 -43.73 -0.39
N ARG C 649 19.16 -44.40 -0.55
CA ARG C 649 20.03 -44.66 0.58
C ARG C 649 20.66 -43.39 1.13
N LEU C 650 20.75 -42.33 0.32
CA LEU C 650 21.33 -41.09 0.78
C LEU C 650 20.33 -40.24 1.56
N ARG C 651 19.13 -40.05 1.00
CA ARG C 651 18.11 -39.27 1.69
C ARG C 651 17.66 -39.96 2.98
N ASN C 652 17.52 -41.28 2.93
CA ASN C 652 17.16 -42.02 4.14
C ASN C 652 18.38 -42.11 5.05
N PRO C 653 18.30 -41.61 6.30
CA PRO C 653 19.45 -41.71 7.19
C PRO C 653 19.81 -43.15 7.50
N SER C 654 21.12 -43.39 7.65
CA SER C 654 21.60 -44.74 7.90
C SER C 654 22.84 -44.67 8.78
N ASP C 655 23.11 -45.78 9.47
CA ASP C 655 24.29 -45.90 10.31
C ASP C 655 25.42 -46.70 9.65
N LYS C 656 25.09 -47.58 8.73
CA LYS C 656 26.08 -48.36 8.00
C LYS C 656 26.43 -47.77 6.65
N PHE C 657 25.87 -46.61 6.31
CA PHE C 657 26.12 -45.93 5.04
C PHE C 657 26.37 -44.45 5.28
N ILE C 658 27.24 -44.15 6.24
CA ILE C 658 27.51 -42.76 6.61
C ILE C 658 28.24 -42.05 5.47
N TYR C 659 28.07 -40.73 5.43
CA TYR C 659 28.76 -39.88 4.48
C TYR C 659 29.45 -38.75 5.24
N ALA C 660 30.55 -38.26 4.68
CA ALA C 660 31.41 -37.31 5.36
C ALA C 660 31.60 -36.05 4.53
N THR C 661 32.04 -35.00 5.21
CA THR C 661 32.26 -33.68 4.61
C THR C 661 33.46 -33.05 5.32
N VAL C 662 33.60 -31.73 5.19
CA VAL C 662 34.71 -31.00 5.78
C VAL C 662 34.18 -29.96 6.75
N LYS C 663 35.02 -29.60 7.72
CA LYS C 663 34.60 -28.81 8.87
C LYS C 663 34.38 -27.37 8.45
N GLN C 664 33.10 -26.97 8.36
CA GLN C 664 32.69 -25.58 8.21
C GLN C 664 33.36 -24.93 6.99
N SER C 665 33.03 -25.47 5.83
CA SER C 665 33.59 -24.96 4.58
C SER C 665 32.47 -24.56 3.62
N SER C 666 32.83 -24.25 2.37
CA SER C 666 31.85 -23.80 1.39
C SER C 666 30.83 -24.87 1.01
N VAL C 667 31.09 -26.13 1.36
CA VAL C 667 30.11 -27.17 1.10
C VAL C 667 29.07 -27.23 2.21
N ASP C 668 29.51 -27.05 3.46
CA ASP C 668 28.59 -27.11 4.58
C ASP C 668 27.59 -25.95 4.56
N ILE C 669 28.03 -24.77 4.12
CA ILE C 669 27.14 -23.61 4.11
C ILE C 669 26.00 -23.81 3.13
N TYR C 670 26.24 -24.53 2.03
CA TYR C 670 25.18 -24.81 1.07
C TYR C 670 24.06 -25.62 1.72
N PHE C 671 24.43 -26.67 2.46
CA PHE C 671 23.42 -27.46 3.16
C PHE C 671 22.76 -26.67 4.27
N ARG C 672 23.54 -25.88 5.01
CA ARG C 672 22.97 -25.08 6.10
C ARG C 672 22.02 -24.01 5.59
N ARG C 673 22.17 -23.57 4.34
CA ARG C 673 21.25 -22.60 3.79
C ARG C 673 19.91 -23.25 3.44
N GLN C 674 19.94 -24.46 2.89
CA GLN C 674 18.74 -25.17 2.48
C GLN C 674 18.25 -26.01 3.66
N VAL C 675 17.10 -25.60 4.23
CA VAL C 675 16.55 -26.30 5.39
C VAL C 675 16.14 -27.72 5.04
N GLU C 676 15.90 -28.02 3.76
CA GLU C 676 15.40 -29.32 3.36
C GLU C 676 16.31 -30.45 3.85
N LEU C 677 17.63 -30.28 3.70
CA LEU C 677 18.60 -31.27 4.15
C LEU C 677 19.19 -30.91 5.51
N SER C 678 18.47 -30.13 6.32
CA SER C 678 19.00 -29.73 7.62
C SER C 678 19.29 -30.94 8.49
N THR C 679 18.35 -31.90 8.55
CA THR C 679 18.62 -33.14 9.26
C THR C 679 19.79 -33.88 8.62
N MET C 680 19.90 -33.83 7.30
CA MET C 680 21.08 -34.37 6.63
C MET C 680 22.33 -33.62 7.09
N TYR C 681 22.22 -32.29 7.25
CA TYR C 681 23.31 -31.53 7.83
C TYR C 681 23.65 -32.02 9.23
N ARG C 682 22.65 -32.51 9.96
CA ARG C 682 22.90 -33.11 11.27
C ARG C 682 23.86 -34.29 11.13
N HIS C 683 23.74 -35.06 10.05
CA HIS C 683 24.71 -36.11 9.78
C HIS C 683 26.11 -35.53 9.64
N MET C 684 26.23 -34.42 8.92
CA MET C 684 27.50 -33.70 8.89
C MET C 684 27.86 -33.21 10.29
N GLU C 685 26.87 -32.76 11.06
CA GLU C 685 27.12 -32.40 12.45
C GLU C 685 27.49 -33.63 13.27
N LYS C 686 27.07 -34.81 12.84
CA LYS C 686 27.38 -36.02 13.59
C LYS C 686 28.87 -36.35 13.52
N HIS C 687 29.38 -36.57 12.32
CA HIS C 687 30.79 -36.87 12.11
C HIS C 687 31.34 -35.93 11.04
N ASN C 688 32.56 -35.45 11.24
CA ASN C 688 33.16 -34.52 10.30
C ASN C 688 34.68 -34.59 10.41
N TYR C 689 35.35 -34.19 9.33
CA TYR C 689 36.80 -34.21 9.24
C TYR C 689 37.35 -32.79 9.22
N GLU C 690 38.68 -32.67 9.25
CA GLU C 690 39.32 -31.36 9.26
C GLU C 690 40.56 -31.33 8.38
N SER C 691 40.63 -32.16 7.36
CA SER C 691 41.80 -32.18 6.48
C SER C 691 41.40 -32.68 5.10
N ALA C 692 42.21 -32.33 4.11
CA ALA C 692 41.98 -32.78 2.74
C ALA C 692 42.63 -34.12 2.43
N ALA C 693 43.56 -34.57 3.26
CA ALA C 693 44.19 -35.88 3.08
C ALA C 693 43.81 -36.88 4.14
N GLU C 694 43.31 -36.43 5.29
CA GLU C 694 42.85 -37.37 6.33
C GLU C 694 41.69 -38.20 5.83
N ALA C 695 40.74 -37.58 5.12
CA ALA C 695 39.58 -38.29 4.62
C ALA C 695 39.97 -39.34 3.58
N ILE C 696 41.04 -39.10 2.82
CA ILE C 696 41.50 -40.09 1.85
C ILE C 696 41.87 -41.38 2.56
N GLN C 697 42.62 -41.28 3.66
CA GLN C 697 42.97 -42.46 4.43
C GLN C 697 41.77 -43.03 5.17
N ALA C 698 40.85 -42.16 5.61
CA ALA C 698 39.67 -42.64 6.32
C ALA C 698 38.74 -43.43 5.42
N VAL C 699 38.71 -43.12 4.13
CA VAL C 699 37.98 -43.94 3.17
C VAL C 699 38.84 -45.11 2.66
N ARG C 700 40.16 -44.99 2.75
CA ARG C 700 41.04 -46.08 2.36
C ARG C 700 40.74 -47.34 3.17
N ASP C 701 40.48 -47.18 4.46
CA ASP C 701 39.92 -48.25 5.28
C ASP C 701 38.41 -48.04 5.43
N ASN C 702 37.75 -49.08 5.93
CA ASN C 702 36.29 -49.09 6.00
C ASN C 702 35.80 -48.38 7.26
N LYS C 703 36.05 -47.08 7.29
CA LYS C 703 35.49 -46.19 8.31
C LYS C 703 34.61 -45.09 7.74
N LEU C 704 35.05 -44.43 6.68
CA LEU C 704 34.26 -43.45 5.96
C LEU C 704 33.86 -44.04 4.62
N HIS C 705 32.56 -44.12 4.37
CA HIS C 705 32.04 -44.82 3.21
C HIS C 705 32.00 -43.94 1.95
N ALA C 706 31.50 -42.72 2.08
CA ALA C 706 31.39 -41.81 0.95
C ALA C 706 31.84 -40.41 1.37
N PHE C 707 32.42 -39.68 0.43
CA PHE C 707 32.94 -38.35 0.71
C PHE C 707 32.46 -37.35 -0.34
N ILE C 708 31.96 -36.19 0.12
CA ILE C 708 31.50 -35.12 -0.75
C ILE C 708 32.56 -34.03 -0.77
N TRP C 709 32.94 -33.58 -1.98
CA TRP C 709 33.96 -32.55 -2.10
C TRP C 709 33.97 -32.03 -3.54
N ASP C 710 34.73 -30.96 -3.75
CA ASP C 710 34.81 -30.32 -5.06
C ASP C 710 35.40 -31.27 -6.10
N SER C 711 34.92 -31.13 -7.34
CA SER C 711 35.12 -32.17 -8.36
C SER C 711 36.58 -32.34 -8.73
N ALA C 712 37.34 -31.24 -8.87
CA ALA C 712 38.69 -31.34 -9.42
C ALA C 712 39.59 -32.20 -8.55
N VAL C 713 39.55 -31.98 -7.24
CA VAL C 713 40.39 -32.74 -6.33
C VAL C 713 40.03 -34.22 -6.37
N LEU C 714 38.74 -34.53 -6.42
CA LEU C 714 38.31 -35.92 -6.54
C LEU C 714 38.84 -36.55 -7.81
N GLU C 715 38.61 -35.90 -8.96
CA GLU C 715 39.00 -36.48 -10.23
C GLU C 715 40.51 -36.53 -10.40
N PHE C 716 41.28 -35.84 -9.54
CA PHE C 716 42.71 -36.10 -9.52
C PHE C 716 43.06 -37.27 -8.60
N GLU C 717 42.72 -37.17 -7.32
CA GLU C 717 43.23 -38.13 -6.35
C GLU C 717 42.61 -39.52 -6.55
N ALA C 718 41.32 -39.59 -6.81
CA ALA C 718 40.66 -40.88 -6.99
C ALA C 718 41.14 -41.61 -8.23
N SER C 719 41.73 -40.89 -9.18
CA SER C 719 42.32 -41.50 -10.37
C SER C 719 43.82 -41.71 -10.22
N GLN C 720 44.35 -41.50 -9.02
CA GLN C 720 45.75 -41.81 -8.71
C GLN C 720 45.88 -43.06 -7.87
N LYS C 721 45.09 -43.17 -6.80
CA LYS C 721 44.98 -44.41 -6.04
C LYS C 721 43.84 -45.22 -6.62
N CYS C 722 44.17 -46.36 -7.23
CA CYS C 722 43.17 -47.19 -7.91
C CYS C 722 42.17 -47.82 -6.94
N ASP C 723 42.43 -47.77 -5.63
CA ASP C 723 41.59 -48.45 -4.65
C ASP C 723 40.22 -47.80 -4.45
N LEU C 724 40.00 -46.60 -4.98
CA LEU C 724 38.75 -45.89 -4.76
C LEU C 724 38.43 -45.06 -6.00
N VAL C 725 37.14 -44.72 -6.14
CA VAL C 725 36.66 -44.02 -7.33
C VAL C 725 35.55 -43.06 -6.94
N THR C 726 35.32 -42.07 -7.80
CA THR C 726 34.29 -41.06 -7.59
C THR C 726 33.09 -41.37 -8.48
N THR C 727 31.90 -41.31 -7.89
CA THR C 727 30.65 -41.65 -8.57
C THR C 727 29.70 -40.45 -8.53
N GLY C 728 28.47 -40.68 -8.99
CA GLY C 728 27.42 -39.68 -8.90
C GLY C 728 27.52 -38.61 -9.96
N GLU C 729 26.53 -37.72 -9.93
CA GLU C 729 26.45 -36.58 -10.81
C GLU C 729 26.91 -35.32 -10.07
N LEU C 730 26.77 -34.17 -10.71
CA LEU C 730 27.19 -32.89 -10.13
C LEU C 730 25.97 -32.06 -9.80
N PHE C 731 25.74 -31.84 -8.50
CA PHE C 731 24.81 -30.84 -8.02
C PHE C 731 25.48 -29.48 -8.08
N PHE C 732 24.95 -28.49 -7.34
CA PHE C 732 25.32 -27.09 -7.46
C PHE C 732 26.79 -26.88 -7.80
N ARG C 733 27.04 -26.11 -8.87
CA ARG C 733 28.33 -26.06 -9.54
C ARG C 733 28.82 -24.63 -9.56
N SER C 734 29.59 -24.24 -8.54
CA SER C 734 30.25 -22.95 -8.54
C SER C 734 31.56 -23.06 -9.31
N GLY C 735 32.38 -22.01 -9.24
CA GLY C 735 33.69 -22.05 -9.84
C GLY C 735 34.75 -21.69 -8.81
N PHE C 736 36.01 -21.80 -9.24
CA PHE C 736 37.12 -21.35 -8.42
C PHE C 736 37.37 -19.88 -8.75
N GLY C 737 38.45 -19.31 -8.21
CA GLY C 737 38.77 -17.94 -8.51
C GLY C 737 39.79 -17.32 -7.57
N ILE C 738 40.65 -16.47 -8.09
CA ILE C 738 41.62 -15.75 -7.27
C ILE C 738 40.89 -14.60 -6.59
N GLY C 739 40.89 -14.62 -5.26
CA GLY C 739 40.25 -13.57 -4.51
C GLY C 739 41.05 -12.28 -4.53
N MET C 740 40.45 -11.24 -3.97
CA MET C 740 41.07 -9.92 -3.93
C MET C 740 40.49 -9.15 -2.77
N ARG C 741 41.01 -7.95 -2.55
CA ARG C 741 40.44 -7.01 -1.60
C ARG C 741 39.29 -6.27 -2.25
N LYS C 742 38.70 -5.32 -1.52
CA LYS C 742 37.66 -4.47 -2.08
C LYS C 742 38.26 -3.15 -2.51
N ASP C 743 38.15 -2.82 -3.80
CA ASP C 743 38.64 -1.58 -4.37
C ASP C 743 40.16 -1.46 -4.20
N SER C 744 40.88 -2.44 -4.73
CA SER C 744 42.32 -2.35 -4.87
C SER C 744 42.68 -2.17 -6.34
N PRO C 745 43.81 -1.52 -6.64
CA PRO C 745 44.12 -1.20 -8.04
C PRO C 745 44.30 -2.42 -8.94
N TRP C 746 44.56 -3.60 -8.39
CA TRP C 746 44.91 -4.75 -9.23
C TRP C 746 43.69 -5.35 -9.93
N LYS C 747 42.55 -5.41 -9.23
CA LYS C 747 41.43 -6.29 -9.60
C LYS C 747 41.11 -6.33 -11.09
N GLN C 748 40.97 -5.15 -11.71
CA GLN C 748 40.63 -5.09 -13.13
C GLN C 748 41.68 -5.81 -13.97
N ASN C 749 42.95 -5.49 -13.73
CA ASN C 749 44.02 -6.07 -14.54
C ASN C 749 44.18 -7.56 -14.29
N VAL C 750 44.01 -8.01 -13.05
CA VAL C 750 44.16 -9.44 -12.78
C VAL C 750 43.01 -10.23 -13.41
N SER C 751 41.79 -9.69 -13.38
CA SER C 751 40.69 -10.36 -14.06
C SER C 751 40.93 -10.42 -15.57
N LEU C 752 41.41 -9.31 -16.15
CA LEU C 752 41.72 -9.32 -17.57
C LEU C 752 42.82 -10.32 -17.91
N SER C 753 43.85 -10.42 -17.06
CA SER C 753 44.92 -11.36 -17.32
C SER C 753 44.44 -12.80 -17.25
N ILE C 754 43.58 -13.11 -16.27
CA ILE C 754 43.03 -14.45 -16.18
C ILE C 754 42.20 -14.77 -17.43
N LEU C 755 41.36 -13.82 -17.84
CA LEU C 755 40.52 -14.06 -19.01
C LEU C 755 41.37 -14.23 -20.27
N LYS C 756 42.43 -13.44 -20.42
CA LYS C 756 43.31 -13.57 -21.57
C LYS C 756 44.00 -14.93 -21.58
N SER C 757 44.53 -15.34 -20.43
CA SER C 757 45.27 -16.59 -20.37
C SER C 757 44.34 -17.79 -20.54
N HIS C 758 43.05 -17.63 -20.23
CA HIS C 758 42.13 -18.74 -20.40
C HIS C 758 41.82 -19.04 -21.86
N GLU C 759 42.20 -18.15 -22.78
CA GLU C 759 41.97 -18.34 -24.20
C GLU C 759 43.28 -18.52 -24.98
N ASN C 760 44.30 -19.10 -24.33
CA ASN C 760 45.55 -19.41 -24.98
C ASN C 760 45.97 -20.87 -24.75
N GLY C 761 45.04 -21.72 -24.32
CA GLY C 761 45.38 -23.07 -23.94
C GLY C 761 46.17 -23.18 -22.66
N PHE C 762 46.53 -22.06 -22.04
CA PHE C 762 47.37 -22.08 -20.85
C PHE C 762 46.72 -22.87 -19.73
N MET C 763 45.44 -22.61 -19.46
CA MET C 763 44.74 -23.37 -18.44
C MET C 763 44.68 -24.85 -18.81
N GLU C 764 44.34 -25.15 -20.07
CA GLU C 764 44.35 -26.53 -20.52
C GLU C 764 45.75 -27.12 -20.52
N ASP C 765 46.75 -26.30 -20.86
CA ASP C 765 48.13 -26.77 -20.85
C ASP C 765 48.55 -27.22 -19.46
N LEU C 766 48.29 -26.38 -18.45
CA LEU C 766 48.67 -26.73 -17.09
C LEU C 766 47.81 -27.87 -16.55
N ASP C 767 46.54 -27.93 -16.96
CA ASP C 767 45.70 -29.05 -16.54
C ASP C 767 46.24 -30.37 -17.07
N LYS C 768 46.64 -30.40 -18.34
CA LYS C 768 47.21 -31.62 -18.90
C LYS C 768 48.62 -31.88 -18.39
N THR C 769 49.33 -30.85 -17.91
CA THR C 769 50.65 -31.05 -17.36
C THR C 769 50.60 -31.64 -15.95
N TRP C 770 49.63 -31.23 -15.14
CA TRP C 770 49.60 -31.63 -13.74
C TRP C 770 48.42 -32.54 -13.40
N VAL C 771 47.19 -32.12 -13.69
CA VAL C 771 46.00 -32.79 -13.19
C VAL C 771 45.57 -33.92 -14.10
N ARG C 772 46.41 -34.29 -15.07
CA ARG C 772 46.00 -35.24 -16.10
C ARG C 772 46.94 -36.43 -16.27
N TYR C 773 47.90 -36.64 -15.38
CA TYR C 773 48.71 -37.86 -15.47
C TYR C 773 48.09 -38.99 -14.63
N GLN C 774 46.79 -39.17 -14.82
CA GLN C 774 46.04 -40.17 -14.05
C GLN C 774 46.34 -41.56 -14.61
N GLU C 775 47.16 -42.33 -13.89
CA GLU C 775 47.51 -43.67 -14.34
C GLU C 775 46.36 -44.65 -14.18
N CYS C 776 45.57 -44.51 -13.12
CA CYS C 776 44.46 -45.42 -12.88
C CYS C 776 43.41 -45.29 -13.98
N ASP C 777 42.63 -46.36 -14.16
CA ASP C 777 41.55 -46.40 -15.13
C ASP C 777 40.31 -47.01 -14.49
N SER C 778 39.15 -46.52 -14.92
CA SER C 778 37.89 -46.99 -14.35
C SER C 778 37.51 -48.37 -14.89
N ARG C 779 37.26 -48.45 -16.20
CA ARG C 779 36.91 -49.71 -16.87
C ARG C 779 35.76 -50.41 -16.17
N SER C 780 34.63 -49.72 -16.08
CA SER C 780 33.44 -50.24 -15.40
C SER C 780 32.75 -51.27 -16.30
N ASN C 781 33.42 -52.41 -16.45
CA ASN C 781 32.93 -53.50 -17.28
C ASN C 781 33.63 -54.79 -16.83
N ALA C 782 33.56 -55.83 -17.66
CA ALA C 782 34.32 -57.07 -17.46
C ALA C 782 33.99 -57.76 -16.14
N PRO C 783 32.84 -58.41 -16.02
CA PRO C 783 32.51 -59.15 -14.79
C PRO C 783 33.58 -60.19 -14.45
N ALA C 784 33.41 -60.78 -13.26
CA ALA C 784 34.49 -61.54 -12.63
C ALA C 784 34.89 -62.75 -13.46
N THR C 785 36.18 -63.08 -13.41
CA THR C 785 36.75 -64.24 -14.06
C THR C 785 36.93 -65.35 -13.04
N LEU C 786 36.53 -66.57 -13.41
CA LEU C 786 36.64 -67.70 -12.50
C LEU C 786 38.07 -67.93 -12.04
N THR C 787 38.32 -67.74 -10.74
CA THR C 787 39.60 -68.00 -10.14
C THR C 787 39.61 -69.42 -9.57
N PHE C 788 40.62 -69.73 -8.77
CA PHE C 788 40.76 -71.07 -8.21
C PHE C 788 39.75 -71.38 -7.13
N GLU C 789 38.78 -70.51 -6.83
CA GLU C 789 37.78 -70.81 -5.83
C GLU C 789 36.61 -71.63 -6.37
N ASN C 790 36.52 -71.78 -7.70
CA ASN C 790 35.44 -72.54 -8.33
C ASN C 790 35.96 -73.77 -9.06
N MET C 791 37.17 -74.22 -8.72
CA MET C 791 37.75 -75.41 -9.33
C MET C 791 38.38 -76.34 -8.31
N ALA C 792 38.37 -75.98 -7.02
CA ALA C 792 38.95 -76.85 -6.00
C ALA C 792 38.17 -78.15 -5.88
N GLY C 793 36.85 -78.10 -6.01
CA GLY C 793 36.05 -79.31 -5.85
C GLY C 793 36.34 -80.35 -6.92
N VAL C 794 36.51 -79.90 -8.17
CA VAL C 794 36.71 -80.84 -9.27
C VAL C 794 38.09 -81.49 -9.16
N PHE C 795 39.12 -80.70 -8.87
CA PHE C 795 40.44 -81.29 -8.65
C PHE C 795 40.44 -82.19 -7.43
N MET C 796 39.66 -81.84 -6.40
CA MET C 796 39.55 -82.69 -5.22
C MET C 796 38.92 -84.03 -5.55
N ILE C 797 37.86 -84.04 -6.36
CA ILE C 797 37.25 -85.31 -6.72
C ILE C 797 38.18 -86.11 -7.63
N VAL C 798 38.98 -85.44 -8.45
CA VAL C 798 39.97 -86.14 -9.27
C VAL C 798 41.00 -86.82 -8.37
N ALA C 799 41.51 -86.10 -7.37
CA ALA C 799 42.49 -86.67 -6.45
C ALA C 799 41.89 -87.83 -5.65
N GLY C 800 40.64 -87.66 -5.18
CA GLY C 800 39.99 -88.74 -4.48
C GLY C 800 39.80 -89.97 -5.34
N GLY C 801 39.47 -89.76 -6.62
CA GLY C 801 39.39 -90.88 -7.54
C GLY C 801 40.71 -91.59 -7.70
N ILE C 802 41.80 -90.82 -7.82
CA ILE C 802 43.13 -91.44 -7.92
C ILE C 802 43.42 -92.28 -6.68
N VAL C 803 43.12 -91.73 -5.51
CA VAL C 803 43.36 -92.45 -4.26
C VAL C 803 42.53 -93.72 -4.21
N ALA C 804 41.26 -93.65 -4.60
CA ALA C 804 40.42 -94.84 -4.60
C ALA C 804 40.92 -95.89 -5.57
N GLY C 805 41.33 -95.46 -6.77
CA GLY C 805 41.84 -96.41 -7.75
C GLY C 805 43.12 -97.09 -7.31
N ILE C 806 43.94 -96.38 -6.52
CA ILE C 806 45.17 -96.99 -6.01
C ILE C 806 44.87 -98.26 -5.24
N PHE C 807 43.86 -98.21 -4.36
CA PHE C 807 43.45 -99.41 -3.62
C PHE C 807 42.63 -100.37 -4.48
N LEU C 808 41.84 -99.83 -5.43
CA LEU C 808 41.00 -100.69 -6.26
C LEU C 808 41.85 -101.60 -7.14
N ILE C 809 43.04 -101.14 -7.55
CA ILE C 809 43.92 -102.00 -8.35
C ILE C 809 44.31 -103.24 -7.56
N PHE C 810 44.73 -103.03 -6.30
CA PHE C 810 45.09 -104.17 -5.45
C PHE C 810 43.88 -105.06 -5.17
N ILE C 811 42.71 -104.45 -4.97
CA ILE C 811 41.51 -105.23 -4.72
C ILE C 811 41.19 -106.12 -5.91
N GLU C 812 41.28 -105.56 -7.12
CA GLU C 812 41.01 -106.34 -8.33
C GLU C 812 42.05 -107.45 -8.51
N ILE C 813 43.32 -107.15 -8.21
CA ILE C 813 44.37 -108.16 -8.33
C ILE C 813 44.11 -109.31 -7.38
N ALA C 814 43.75 -108.99 -6.13
CA ALA C 814 43.45 -110.04 -5.16
C ALA C 814 42.23 -110.85 -5.58
N TYR C 815 41.19 -110.19 -6.09
CA TYR C 815 40.00 -110.91 -6.53
C TYR C 815 40.32 -111.85 -7.69
N LYS C 816 41.15 -111.39 -8.64
CA LYS C 816 41.54 -112.24 -9.75
C LYS C 816 42.39 -113.43 -9.27
N SER C 817 43.30 -113.19 -8.33
CA SER C 817 44.14 -114.27 -7.82
C SER C 817 43.30 -115.31 -7.08
N ARG C 818 42.35 -114.86 -6.27
CA ARG C 818 41.48 -115.80 -5.56
C ARG C 818 40.61 -116.59 -6.52
N ALA C 819 40.09 -115.94 -7.55
CA ALA C 819 39.23 -116.60 -8.53
C ALA C 819 40.06 -117.16 -9.68
N SER D 1 39.44 8.26 63.29
CA SER D 1 40.39 9.36 63.22
C SER D 1 40.57 9.93 61.80
N PRO D 2 40.59 9.08 60.77
CA PRO D 2 40.47 9.59 59.39
C PRO D 2 39.01 9.66 58.96
N PRO D 3 38.29 10.73 59.33
CA PRO D 3 36.84 10.74 59.10
C PRO D 3 36.46 10.73 57.63
N SER D 4 36.93 11.74 56.87
CA SER D 4 36.66 11.86 55.44
C SER D 4 35.17 11.73 55.15
N ILE D 5 34.34 12.36 55.98
CA ILE D 5 32.89 12.22 55.88
C ILE D 5 32.25 13.59 55.67
N GLY D 6 32.94 14.47 54.96
CA GLY D 6 32.39 15.78 54.68
C GLY D 6 31.27 15.71 53.67
N ILE D 7 30.14 15.12 54.06
CA ILE D 7 29.00 14.94 53.18
C ILE D 7 27.91 15.92 53.57
N ALA D 8 26.96 16.13 52.65
CA ALA D 8 25.84 17.02 52.88
C ALA D 8 24.70 16.65 51.95
N VAL D 9 23.49 16.61 52.50
CA VAL D 9 22.28 16.31 51.74
C VAL D 9 21.38 17.54 51.78
N ILE D 10 21.05 18.06 50.60
CA ILE D 10 20.24 19.28 50.48
C ILE D 10 19.03 18.97 49.61
N LEU D 11 17.86 19.35 50.09
CA LEU D 11 16.61 19.20 49.36
C LEU D 11 16.09 20.57 48.94
N VAL D 12 15.43 20.61 47.79
CA VAL D 12 14.90 21.87 47.26
C VAL D 12 13.41 21.70 46.97
N GLY D 13 12.84 20.60 47.45
CA GLY D 13 11.42 20.35 47.24
C GLY D 13 10.66 20.16 48.54
N THR D 14 11.39 20.00 49.64
CA THR D 14 10.80 19.81 50.97
C THR D 14 9.82 18.64 50.98
N SER D 15 10.21 17.54 50.33
CA SER D 15 9.39 16.34 50.23
C SER D 15 9.98 15.26 51.11
N ASP D 16 9.17 14.75 52.03
CA ASP D 16 9.54 13.63 52.91
C ASP D 16 10.83 13.94 53.68
N GLU D 17 10.82 15.08 54.37
CA GLU D 17 11.98 15.48 55.17
C GLU D 17 12.10 14.61 56.42
N VAL D 18 10.98 14.38 57.11
CA VAL D 18 11.02 13.63 58.37
C VAL D 18 11.52 12.21 58.12
N ALA D 19 11.02 11.56 57.07
CA ALA D 19 11.50 10.23 56.73
C ALA D 19 12.95 10.26 56.28
N ILE D 20 13.40 11.38 55.72
CA ILE D 20 14.79 11.49 55.30
C ILE D 20 15.72 11.53 56.50
N LYS D 21 15.39 12.33 57.52
CA LYS D 21 16.23 12.38 58.71
C LYS D 21 16.07 11.15 59.58
N ASP D 22 14.91 10.50 59.55
CA ASP D 22 14.68 9.32 60.39
C ASP D 22 15.61 8.18 59.98
N ALA D 23 15.68 7.89 58.68
CA ALA D 23 16.57 6.85 58.19
C ALA D 23 18.00 7.31 58.00
N HIS D 24 18.27 8.61 58.16
CA HIS D 24 19.63 9.11 58.01
C HIS D 24 20.56 8.50 59.05
N GLU D 25 20.12 8.43 60.30
CA GLU D 25 20.87 7.78 61.37
C GLU D 25 20.06 6.56 61.81
N LYS D 26 20.25 5.45 61.09
CA LYS D 26 19.58 4.20 61.41
C LYS D 26 20.49 2.97 61.33
N ASP D 27 21.60 3.03 60.60
CA ASP D 27 22.48 1.88 60.42
C ASP D 27 23.91 2.30 60.67
N ASP D 28 24.73 1.34 61.11
CA ASP D 28 26.13 1.56 61.41
C ASP D 28 27.01 0.84 60.40
N PHE D 29 28.09 1.50 59.99
CA PHE D 29 29.01 0.98 58.98
C PHE D 29 30.43 0.99 59.51
N HIS D 30 30.61 0.41 60.71
CA HIS D 30 31.92 0.44 61.37
C HIS D 30 33.03 -0.13 60.50
N HIS D 31 32.70 -1.06 59.60
CA HIS D 31 33.71 -1.57 58.67
C HIS D 31 34.28 -0.46 57.81
N LEU D 32 33.51 0.61 57.58
CA LEU D 32 33.99 1.81 56.91
C LEU D 32 33.93 2.95 57.94
N SER D 33 34.98 3.08 58.73
CA SER D 33 35.03 4.08 59.79
C SER D 33 35.07 5.47 59.16
N VAL D 34 33.97 6.21 59.25
CA VAL D 34 33.86 7.51 58.60
C VAL D 34 33.47 8.64 59.54
N VAL D 35 32.83 8.37 60.68
CA VAL D 35 32.27 9.41 61.54
C VAL D 35 31.34 10.27 60.70
N PRO D 36 30.15 9.78 60.34
CA PRO D 36 29.34 10.44 59.30
C PRO D 36 28.75 11.77 59.73
N ARG D 37 29.54 12.84 59.65
CA ARG D 37 29.03 14.18 59.90
C ARG D 37 28.25 14.64 58.68
N VAL D 38 26.94 14.80 58.83
CA VAL D 38 26.06 15.16 57.72
C VAL D 38 25.41 16.51 58.00
N GLU D 39 24.62 17.01 57.05
CA GLU D 39 23.94 18.28 57.18
C GLU D 39 22.59 18.20 56.48
N LEU D 40 21.86 19.31 56.50
CA LEU D 40 20.55 19.38 55.87
C LEU D 40 20.25 20.82 55.52
N VAL D 41 19.34 20.99 54.56
CA VAL D 41 18.92 22.32 54.11
C VAL D 41 17.50 22.22 53.58
N ALA D 42 16.82 23.36 53.52
CA ALA D 42 15.44 23.44 53.07
C ALA D 42 15.36 24.08 51.69
N MET D 43 14.17 24.02 51.11
CA MET D 43 13.94 24.61 49.80
C MET D 43 14.05 26.12 49.86
N ASN D 44 14.63 26.72 48.81
CA ASN D 44 14.79 28.17 48.74
C ASN D 44 14.48 28.70 47.34
N GLU D 45 13.68 27.96 46.57
CA GLU D 45 13.35 28.33 45.19
C GLU D 45 14.65 28.51 44.38
N THR D 46 15.34 27.38 44.22
CA THR D 46 16.70 27.36 43.68
C THR D 46 16.85 28.19 42.41
N ASP D 47 17.66 29.25 42.51
CA ASP D 47 17.96 30.19 41.45
C ASP D 47 19.46 30.27 41.27
N PRO D 48 19.94 30.67 40.08
CA PRO D 48 21.40 30.69 39.84
C PRO D 48 22.18 31.41 40.93
N LYS D 49 21.86 32.68 41.17
CA LYS D 49 22.53 33.41 42.25
C LYS D 49 22.24 32.78 43.60
N SER D 50 20.99 32.39 43.84
CA SER D 50 20.64 31.75 45.11
C SER D 50 21.40 30.45 45.30
N ILE D 51 21.48 29.63 44.23
CA ILE D 51 22.19 28.36 44.34
C ILE D 51 23.67 28.60 44.61
N ILE D 52 24.28 29.56 43.91
CA ILE D 52 25.72 29.74 44.07
C ILE D 52 26.04 30.31 45.46
N THR D 53 25.22 31.23 45.97
CA THR D 53 25.51 31.76 47.31
C THR D 53 25.25 30.70 48.38
N ARG D 54 24.22 29.87 48.19
CA ARG D 54 23.97 28.79 49.13
C ARG D 54 25.14 27.82 49.16
N ILE D 55 25.66 27.45 47.99
CA ILE D 55 26.78 26.51 47.95
C ILE D 55 28.04 27.15 48.52
N CYS D 56 28.25 28.43 48.23
CA CYS D 56 29.41 29.15 48.75
C CYS D 56 29.39 29.20 50.27
N ASP D 57 28.21 29.44 50.86
CA ASP D 57 28.08 29.33 52.31
C ASP D 57 28.25 27.90 52.78
N LEU D 58 27.85 26.93 51.96
CA LEU D 58 27.88 25.53 52.37
C LEU D 58 29.31 25.02 52.55
N MET D 59 30.18 25.21 51.55
CA MET D 59 31.51 24.65 51.77
C MET D 59 32.42 25.57 52.57
N SER D 60 31.97 26.80 52.86
CA SER D 60 32.72 27.69 53.73
C SER D 60 32.37 27.52 55.19
N ASP D 61 31.11 27.17 55.49
CA ASP D 61 30.70 26.96 56.88
C ASP D 61 31.06 25.55 57.35
N ARG D 62 30.61 24.53 56.63
CA ARG D 62 30.88 23.16 56.96
C ARG D 62 32.01 22.61 56.10
N LYS D 63 32.87 21.81 56.71
CA LYS D 63 34.01 21.19 56.02
C LYS D 63 33.50 19.95 55.28
N ILE D 64 32.92 20.19 54.10
CA ILE D 64 32.30 19.15 53.31
C ILE D 64 33.22 18.80 52.14
N GLN D 65 33.43 17.50 51.92
CA GLN D 65 34.19 16.98 50.78
C GLN D 65 33.26 16.03 50.05
N GLY D 66 32.49 16.57 49.11
CA GLY D 66 31.46 15.80 48.44
C GLY D 66 30.09 16.13 48.99
N VAL D 67 29.13 16.41 48.11
CA VAL D 67 27.82 16.88 48.53
C VAL D 67 26.77 16.33 47.57
N VAL D 68 25.63 15.93 48.12
CA VAL D 68 24.54 15.32 47.36
C VAL D 68 23.31 16.24 47.46
N PHE D 69 22.62 16.40 46.33
CA PHE D 69 21.46 17.28 46.26
C PHE D 69 20.26 16.50 45.73
N ALA D 70 19.07 17.01 46.03
CA ALA D 70 17.82 16.48 45.51
C ALA D 70 16.95 17.63 45.05
N ASP D 71 16.22 17.41 43.96
CA ASP D 71 15.34 18.42 43.40
C ASP D 71 14.01 17.80 43.02
N ASP D 72 12.97 18.62 42.99
CA ASP D 72 11.62 18.17 42.70
C ASP D 72 11.03 18.83 41.46
N THR D 73 11.87 19.39 40.60
CA THR D 73 11.41 20.08 39.41
C THR D 73 12.13 19.53 38.18
N ASP D 74 11.47 19.64 37.02
CA ASP D 74 12.02 19.16 35.76
C ASP D 74 12.87 20.20 35.06
N GLN D 75 13.42 21.17 35.79
CA GLN D 75 14.26 22.19 35.17
C GLN D 75 15.52 21.56 34.58
N GLU D 76 15.83 21.93 33.35
CA GLU D 76 16.96 21.35 32.64
C GLU D 76 18.24 22.16 32.80
N ALA D 77 18.13 23.48 32.89
CA ALA D 77 19.31 24.33 32.95
C ALA D 77 20.07 24.17 34.26
N ILE D 78 19.46 23.57 35.29
CA ILE D 78 20.14 23.42 36.57
C ILE D 78 21.32 22.47 36.44
N ALA D 79 21.17 21.42 35.62
CA ALA D 79 22.25 20.45 35.46
C ALA D 79 23.52 21.12 34.95
N GLN D 80 23.36 22.14 34.09
CA GLN D 80 24.52 22.84 33.56
C GLN D 80 25.31 23.53 34.67
N ILE D 81 24.62 24.24 35.57
CA ILE D 81 25.34 24.96 36.62
C ILE D 81 25.90 24.00 37.65
N LEU D 82 25.20 22.90 37.95
CA LEU D 82 25.80 21.91 38.84
C LEU D 82 27.06 21.30 38.23
N ASP D 83 27.03 21.01 36.93
CA ASP D 83 28.23 20.50 36.27
C ASP D 83 29.35 21.54 36.29
N PHE D 84 29.01 22.81 36.09
CA PHE D 84 30.02 23.87 36.12
C PHE D 84 30.65 23.98 37.50
N ILE D 85 29.83 23.89 38.56
CA ILE D 85 30.38 23.93 39.92
C ILE D 85 31.25 22.70 40.19
N SER D 86 30.80 21.52 39.74
CA SER D 86 31.59 20.31 39.94
C SER D 86 32.89 20.35 39.16
N ALA D 87 32.94 21.14 38.08
CA ALA D 87 34.16 21.26 37.31
C ALA D 87 35.12 22.28 37.91
N GLN D 88 34.61 23.47 38.25
CA GLN D 88 35.47 24.50 38.80
C GLN D 88 35.95 24.15 40.20
N THR D 89 35.09 23.51 41.00
CA THR D 89 35.44 23.08 42.35
C THR D 89 35.73 21.58 42.31
N LEU D 90 36.86 21.19 42.91
CA LEU D 90 37.32 19.81 42.83
C LEU D 90 36.41 18.83 43.55
N THR D 91 35.51 19.29 44.40
CA THR D 91 34.64 18.39 45.13
C THR D 91 33.66 17.71 44.18
N PRO D 92 33.34 16.44 44.41
CA PRO D 92 32.35 15.76 43.56
C PRO D 92 30.94 16.28 43.83
N ILE D 93 30.11 16.20 42.79
CA ILE D 93 28.70 16.57 42.88
C ILE D 93 27.88 15.43 42.30
N LEU D 94 26.86 14.98 43.03
CA LEU D 94 26.02 13.87 42.62
C LEU D 94 24.57 14.34 42.50
N GLY D 95 23.92 13.94 41.42
CA GLY D 95 22.51 14.24 41.19
C GLY D 95 21.66 13.00 41.36
N ILE D 96 20.60 13.12 42.14
CA ILE D 96 19.73 12.00 42.45
C ILE D 96 18.29 12.22 42.02
N HIS D 97 17.84 13.45 41.85
CA HIS D 97 16.45 13.72 41.52
C HIS D 97 16.36 15.03 40.76
N GLY D 98 15.14 15.40 40.37
CA GLY D 98 14.95 16.63 39.63
C GLY D 98 15.40 16.54 38.19
N GLY D 99 15.83 17.69 37.66
CA GLY D 99 16.28 17.75 36.28
C GLY D 99 17.62 17.10 36.02
N SER D 100 18.41 16.86 37.07
CA SER D 100 19.68 16.17 36.88
C SER D 100 19.48 14.73 36.45
N SER D 101 18.36 14.12 36.83
CA SER D 101 18.06 12.77 36.38
C SER D 101 17.87 12.70 34.87
N MET D 102 17.49 13.80 34.23
CA MET D 102 17.46 13.86 32.78
C MET D 102 18.87 13.76 32.23
N ILE D 103 19.04 12.97 31.16
CA ILE D 103 20.37 12.68 30.65
C ILE D 103 20.99 13.94 30.06
N MET D 104 22.24 14.20 30.41
CA MET D 104 23.01 15.33 29.91
C MET D 104 24.14 14.80 29.03
N ALA D 105 24.56 15.64 28.09
CA ALA D 105 25.43 15.21 26.99
C ALA D 105 26.75 14.62 27.47
N ASP D 106 27.61 15.44 28.06
CA ASP D 106 28.92 14.97 28.50
C ASP D 106 29.56 16.03 29.39
N LYS D 107 30.46 15.57 30.26
CA LYS D 107 31.15 16.44 31.20
C LYS D 107 32.33 17.13 30.49
N ASP D 108 33.21 17.73 31.27
CA ASP D 108 34.39 18.41 30.76
C ASP D 108 35.65 17.80 31.40
N GLU D 109 36.78 18.49 31.19
CA GLU D 109 38.08 17.91 31.57
C GLU D 109 38.16 17.64 33.07
N SER D 110 37.70 18.59 33.89
CA SER D 110 37.83 18.49 35.34
C SER D 110 36.46 18.42 36.03
N SER D 111 35.44 17.96 35.32
CA SER D 111 34.11 17.85 35.88
C SER D 111 33.95 16.54 36.65
N MET D 112 33.30 16.62 37.81
CA MET D 112 33.00 15.46 38.65
C MET D 112 31.51 15.50 38.96
N PHE D 113 30.72 14.96 38.04
CA PHE D 113 29.25 15.03 38.14
C PHE D 113 28.70 13.70 37.65
N PHE D 114 28.18 12.90 38.58
CA PHE D 114 27.58 11.62 38.27
C PHE D 114 26.08 11.68 38.58
N GLN D 115 25.28 11.23 37.63
CA GLN D 115 23.82 11.24 37.74
C GLN D 115 23.27 9.83 37.58
N PHE D 116 22.03 9.64 38.00
CA PHE D 116 21.35 8.35 37.91
C PHE D 116 20.38 8.43 36.72
N GLY D 117 20.91 8.17 35.53
CA GLY D 117 20.09 8.11 34.35
C GLY D 117 20.76 7.30 33.25
N PRO D 118 20.04 6.32 32.71
CA PRO D 118 20.62 5.50 31.63
C PRO D 118 20.81 6.29 30.36
N SER D 119 21.86 5.95 29.62
CA SER D 119 22.15 6.63 28.36
C SER D 119 21.13 6.24 27.30
N ILE D 120 21.12 7.01 26.22
CA ILE D 120 20.19 6.74 25.11
C ILE D 120 20.47 5.38 24.51
N GLU D 121 21.75 5.00 24.43
CA GLU D 121 22.11 3.71 23.84
C GLU D 121 21.54 2.56 24.66
N GLN D 122 21.63 2.65 25.99
CA GLN D 122 21.09 1.58 26.84
C GLN D 122 19.58 1.45 26.67
N GLN D 123 18.85 2.58 26.65
CA GLN D 123 17.41 2.53 26.46
C GLN D 123 17.06 1.94 25.10
N ALA D 124 17.78 2.35 24.06
CA ALA D 124 17.53 1.82 22.73
C ALA D 124 17.77 0.31 22.68
N SER D 125 18.86 -0.14 23.29
CA SER D 125 19.15 -1.57 23.32
C SER D 125 18.06 -2.33 24.06
N VAL D 126 17.60 -1.79 25.18
CA VAL D 126 16.54 -2.46 25.94
C VAL D 126 15.27 -2.58 25.11
N MET D 127 14.88 -1.50 24.44
CA MET D 127 13.62 -1.56 23.71
C MET D 127 13.72 -2.42 22.45
N LEU D 128 14.86 -2.43 21.76
CA LEU D 128 14.93 -3.32 20.61
C LEU D 128 15.06 -4.78 21.03
N ASN D 129 15.67 -5.04 22.20
CA ASN D 129 15.62 -6.39 22.75
C ASN D 129 14.20 -6.81 23.06
N ILE D 130 13.40 -5.90 23.62
CA ILE D 130 11.99 -6.19 23.88
C ILE D 130 11.26 -6.47 22.57
N MET D 131 11.53 -5.67 21.53
CA MET D 131 10.89 -5.88 20.24
C MET D 131 11.27 -7.21 19.62
N GLU D 132 12.55 -7.58 19.70
CA GLU D 132 13.00 -8.86 19.16
C GLU D 132 12.40 -10.02 19.93
N GLU D 133 12.25 -9.88 21.25
CA GLU D 133 11.63 -10.94 22.05
C GLU D 133 10.17 -11.17 21.65
N TYR D 134 9.53 -10.15 21.08
CA TYR D 134 8.13 -10.25 20.68
C TYR D 134 7.93 -10.93 19.33
N ASP D 135 8.92 -11.70 18.87
CA ASP D 135 8.83 -12.44 17.61
C ASP D 135 8.58 -11.51 16.42
N TRP D 136 9.15 -10.31 16.46
CA TRP D 136 9.00 -9.33 15.39
C TRP D 136 10.40 -8.92 14.92
N TYR D 137 10.75 -9.30 13.68
CA TYR D 137 12.02 -8.98 13.09
C TYR D 137 11.92 -7.85 12.07
N ILE D 138 10.80 -7.15 12.04
CA ILE D 138 10.57 -6.04 11.11
C ILE D 138 10.44 -4.77 11.92
N PHE D 139 11.04 -3.69 11.40
CA PHE D 139 11.01 -2.40 12.10
C PHE D 139 11.14 -1.29 11.07
N SER D 140 11.16 -0.06 11.56
CA SER D 140 11.31 1.12 10.73
C SER D 140 11.88 2.24 11.60
N ILE D 141 12.38 3.28 10.93
CA ILE D 141 13.05 4.39 11.60
C ILE D 141 12.30 5.68 11.30
N VAL D 142 11.89 6.38 12.36
CA VAL D 142 11.31 7.72 12.25
C VAL D 142 11.93 8.57 13.36
N THR D 143 12.44 9.74 12.98
CA THR D 143 13.09 10.64 13.93
C THR D 143 13.06 12.05 13.35
N THR D 144 13.84 12.94 13.96
CA THR D 144 13.96 14.31 13.49
C THR D 144 15.38 14.80 13.81
N TYR D 145 15.58 16.11 13.71
CA TYR D 145 16.88 16.71 13.98
C TYR D 145 16.97 16.99 15.48
N PHE D 146 17.55 16.05 16.22
CA PHE D 146 17.70 16.18 17.66
C PHE D 146 19.12 15.81 18.06
N PRO D 147 19.64 16.41 19.12
CA PRO D 147 21.00 16.07 19.58
C PRO D 147 21.05 14.63 20.07
N GLY D 148 21.99 13.86 19.50
CA GLY D 148 22.14 12.46 19.83
C GLY D 148 21.34 11.51 18.97
N TYR D 149 20.45 12.02 18.12
CA TYR D 149 19.71 11.16 17.21
C TYR D 149 20.64 10.47 16.22
N GLN D 150 21.74 11.13 15.85
CA GLN D 150 22.74 10.47 15.01
C GLN D 150 23.33 9.27 15.72
N ASP D 151 23.64 9.40 17.00
CA ASP D 151 24.12 8.25 17.77
C ASP D 151 23.04 7.19 17.90
N PHE D 152 21.78 7.61 18.05
CA PHE D 152 20.65 6.69 18.04
C PHE D 152 20.67 5.82 16.78
N VAL D 153 20.68 6.47 15.61
CA VAL D 153 20.63 5.74 14.35
C VAL D 153 21.88 4.89 14.16
N ASN D 154 23.03 5.41 14.58
CA ASN D 154 24.28 4.65 14.45
C ASN D 154 24.24 3.38 15.28
N LYS D 155 23.75 3.48 16.52
CA LYS D 155 23.64 2.30 17.36
C LYS D 155 22.65 1.31 16.78
N ILE D 156 21.51 1.79 16.27
CA ILE D 156 20.52 0.89 15.67
C ILE D 156 21.12 0.16 14.49
N ARG D 157 21.80 0.89 13.60
CA ARG D 157 22.37 0.27 12.41
C ARG D 157 23.49 -0.71 12.78
N SER D 158 24.33 -0.36 13.76
CA SER D 158 25.42 -1.24 14.14
C SER D 158 24.90 -2.54 14.75
N THR D 159 23.91 -2.45 15.64
CA THR D 159 23.36 -3.66 16.22
C THR D 159 22.54 -4.46 15.23
N ILE D 160 21.98 -3.81 14.20
CA ILE D 160 21.30 -4.56 13.15
C ILE D 160 22.32 -5.31 12.29
N GLU D 161 23.43 -4.67 11.94
CA GLU D 161 24.42 -5.31 11.08
C GLU D 161 25.16 -6.43 11.80
N ASN D 162 25.55 -6.19 13.06
CA ASN D 162 26.28 -7.23 13.80
C ASN D 162 25.40 -8.44 14.12
N SER D 163 24.09 -8.23 14.23
CA SER D 163 23.18 -9.32 14.56
C SER D 163 23.06 -10.30 13.40
N PHE D 164 22.85 -11.57 13.74
CA PHE D 164 22.60 -12.62 12.76
C PHE D 164 21.11 -12.79 12.48
N VAL D 165 20.26 -11.98 13.09
CA VAL D 165 18.82 -12.07 12.92
C VAL D 165 18.42 -11.24 11.70
N GLY D 166 17.32 -11.64 11.07
CA GLY D 166 16.86 -10.97 9.86
C GLY D 166 16.03 -9.72 10.11
N TRP D 167 16.69 -8.63 10.48
CA TRP D 167 16.03 -7.35 10.67
C TRP D 167 16.14 -6.53 9.40
N GLU D 168 14.99 -6.02 8.92
CA GLU D 168 14.92 -5.28 7.66
C GLU D 168 14.38 -3.88 7.94
N LEU D 169 15.27 -2.90 7.92
CA LEU D 169 14.87 -1.51 8.10
C LEU D 169 14.27 -0.98 6.80
N GLU D 170 13.12 -0.33 6.89
CA GLU D 170 12.41 0.22 5.74
C GLU D 170 12.43 1.74 5.84
N GLU D 171 13.50 2.34 5.32
CA GLU D 171 13.68 3.79 5.23
C GLU D 171 13.80 4.44 6.60
N VAL D 172 14.31 5.67 6.64
CA VAL D 172 14.44 6.45 7.87
C VAL D 172 13.72 7.78 7.66
N LEU D 173 12.81 8.10 8.57
CA LEU D 173 12.06 9.35 8.50
C LEU D 173 12.74 10.40 9.36
N LEU D 174 13.12 11.51 8.74
CA LEU D 174 13.81 12.60 9.44
C LEU D 174 13.15 13.94 9.15
N LEU D 175 11.84 13.96 8.97
CA LEU D 175 11.12 15.19 8.72
C LEU D 175 11.17 16.11 9.93
N ASP D 176 11.33 17.40 9.69
CA ASP D 176 11.43 18.40 10.74
C ASP D 176 10.11 19.15 10.87
N MET D 177 9.56 19.16 12.09
CA MET D 177 8.31 19.84 12.36
C MET D 177 8.48 21.33 12.60
N SER D 178 9.71 21.82 12.73
CA SER D 178 9.96 23.24 12.94
C SER D 178 9.94 24.05 11.64
N LEU D 179 9.89 23.39 10.50
CA LEU D 179 9.89 24.09 9.23
C LEU D 179 8.53 24.73 8.96
N ASP D 180 8.51 25.67 8.02
CA ASP D 180 7.30 26.39 7.66
C ASP D 180 6.80 25.90 6.30
N ASP D 181 5.48 25.76 6.19
CA ASP D 181 4.79 25.32 4.98
C ASP D 181 5.16 23.91 4.55
N GLY D 182 5.87 23.16 5.40
CA GLY D 182 6.22 21.78 5.14
C GLY D 182 5.23 20.76 5.67
N ASP D 183 4.06 21.21 6.14
CA ASP D 183 3.08 20.28 6.70
C ASP D 183 2.57 19.32 5.65
N SER D 184 2.35 19.79 4.43
CA SER D 184 1.91 18.91 3.36
C SER D 184 2.96 17.85 3.04
N LYS D 185 4.24 18.26 3.01
CA LYS D 185 5.30 17.29 2.79
C LYS D 185 5.37 16.27 3.92
N ILE D 186 5.21 16.73 5.17
CA ILE D 186 5.23 15.82 6.31
C ILE D 186 4.08 14.81 6.20
N GLN D 187 2.89 15.29 5.82
CA GLN D 187 1.76 14.39 5.64
C GLN D 187 2.01 13.38 4.52
N ASN D 188 2.65 13.84 3.43
CA ASN D 188 2.98 12.93 2.34
C ASN D 188 3.95 11.84 2.80
N GLN D 189 4.98 12.22 3.55
CA GLN D 189 5.93 11.23 4.06
C GLN D 189 5.25 10.27 5.03
N LEU D 190 4.35 10.78 5.88
CA LEU D 190 3.64 9.92 6.81
C LEU D 190 2.75 8.92 6.07
N LYS D 191 2.09 9.37 5.01
CA LYS D 191 1.27 8.47 4.20
C LYS D 191 2.12 7.43 3.48
N LYS D 192 3.29 7.83 3.00
CA LYS D 192 4.15 6.90 2.27
C LYS D 192 4.65 5.78 3.17
N LEU D 193 5.03 6.11 4.41
CA LEU D 193 5.61 5.13 5.32
C LEU D 193 4.51 4.49 6.18
N GLN D 194 4.48 3.16 6.18
CA GLN D 194 3.50 2.42 6.99
C GLN D 194 4.09 1.04 7.28
N SER D 195 4.53 0.85 8.53
CA SER D 195 5.12 -0.40 8.96
C SER D 195 4.49 -0.85 10.27
N PRO D 196 4.41 -2.16 10.50
CA PRO D 196 3.85 -2.64 11.79
C PRO D 196 4.61 -2.15 13.00
N ILE D 197 5.93 -2.04 12.91
CA ILE D 197 6.77 -1.61 14.03
C ILE D 197 7.54 -0.38 13.59
N ILE D 198 7.47 0.68 14.39
CA ILE D 198 8.13 1.94 14.08
C ILE D 198 8.63 2.56 15.38
N LEU D 199 9.86 3.06 15.36
CA LEU D 199 10.45 3.76 16.50
C LEU D 199 10.38 5.26 16.26
N LEU D 200 10.34 6.01 17.36
CA LEU D 200 10.19 7.46 17.32
C LEU D 200 11.25 8.13 18.17
N TYR D 201 11.73 9.28 17.70
CA TYR D 201 12.72 10.09 18.41
C TYR D 201 12.35 11.56 18.22
N CYS D 202 11.59 12.10 19.17
CA CYS D 202 11.16 13.49 19.10
C CYS D 202 10.89 14.00 20.51
N THR D 203 10.80 15.33 20.63
CA THR D 203 10.54 15.94 21.92
C THR D 203 9.09 15.70 22.35
N LYS D 204 8.81 16.03 23.62
CA LYS D 204 7.46 15.86 24.14
C LYS D 204 6.47 16.80 23.45
N GLU D 205 6.91 18.01 23.10
CA GLU D 205 6.04 18.93 22.36
C GLU D 205 5.74 18.40 20.97
N GLU D 206 6.76 17.89 20.28
CA GLU D 206 6.56 17.33 18.95
C GLU D 206 5.72 16.05 18.97
N ALA D 207 5.55 15.44 20.15
CA ALA D 207 4.69 14.26 20.25
C ALA D 207 3.26 14.61 19.89
N THR D 208 2.78 15.79 20.31
CA THR D 208 1.43 16.22 19.94
C THR D 208 1.30 16.41 18.43
N TYR D 209 2.31 17.01 17.80
CA TYR D 209 2.28 17.18 16.35
C TYR D 209 2.25 15.84 15.64
N ILE D 210 3.07 14.89 16.09
CA ILE D 210 3.11 13.58 15.47
C ILE D 210 1.79 12.84 15.68
N PHE D 211 1.20 12.97 16.88
CA PHE D 211 -0.10 12.37 17.13
C PHE D 211 -1.16 12.94 16.20
N GLU D 212 -1.16 14.27 16.03
CA GLU D 212 -2.15 14.90 15.17
C GLU D 212 -1.99 14.45 13.71
N VAL D 213 -0.75 14.42 13.21
CA VAL D 213 -0.55 14.02 11.82
C VAL D 213 -0.85 12.55 11.62
N ALA D 214 -0.59 11.71 12.64
CA ALA D 214 -0.93 10.30 12.53
C ALA D 214 -2.43 10.08 12.55
N ASN D 215 -3.16 10.81 13.39
CA ASN D 215 -4.61 10.73 13.39
C ASN D 215 -5.19 11.22 12.07
N SER D 216 -4.59 12.26 11.49
CA SER D 216 -4.97 12.69 10.15
C SER D 216 -4.74 11.58 9.13
N VAL D 217 -3.58 10.91 9.23
CA VAL D 217 -3.31 9.75 8.37
C VAL D 217 -4.23 8.59 8.76
N GLY D 218 -4.47 8.41 10.06
CA GLY D 218 -5.33 7.34 10.51
C GLY D 218 -4.71 5.95 10.47
N LEU D 219 -3.38 5.87 10.43
CA LEU D 219 -2.70 4.57 10.39
C LEU D 219 -2.76 3.83 11.72
N THR D 220 -3.15 4.51 12.80
CA THR D 220 -3.26 3.87 14.12
C THR D 220 -4.65 3.28 14.32
N GLY D 221 -5.00 2.36 13.41
CA GLY D 221 -6.29 1.70 13.45
C GLY D 221 -6.21 0.29 14.01
N TYR D 222 -6.16 -0.69 13.11
CA TYR D 222 -6.04 -2.09 13.52
C TYR D 222 -4.60 -2.41 13.88
N GLY D 223 -4.28 -3.71 14.00
CA GLY D 223 -3.01 -4.16 14.54
C GLY D 223 -1.78 -3.44 14.02
N TYR D 224 -1.12 -2.72 14.94
CA TYR D 224 0.08 -1.93 14.67
C TYR D 224 0.62 -1.44 16.01
N THR D 225 1.93 -1.31 16.08
CA THR D 225 2.61 -0.96 17.33
C THR D 225 3.35 0.37 17.18
N TRP D 226 3.88 0.84 18.30
CA TRP D 226 4.65 2.08 18.37
C TRP D 226 5.39 2.11 19.69
N ILE D 227 6.64 2.56 19.66
CA ILE D 227 7.48 2.64 20.85
C ILE D 227 8.04 4.05 20.95
N VAL D 228 7.91 4.66 22.12
CA VAL D 228 8.42 6.02 22.35
C VAL D 228 9.42 5.99 23.51
N PRO D 229 10.40 6.88 23.53
CA PRO D 229 11.38 6.88 24.62
C PRO D 229 10.85 7.48 25.91
N SER D 230 11.73 7.58 26.92
CA SER D 230 11.32 8.14 28.20
C SER D 230 10.96 9.62 28.09
N LEU D 231 11.71 10.37 27.28
CA LEU D 231 11.48 11.80 27.20
C LEU D 231 10.12 12.14 26.59
N VAL D 232 9.60 11.27 25.73
CA VAL D 232 8.31 11.53 25.09
C VAL D 232 7.19 11.48 26.12
N ALA D 233 7.20 10.46 27.00
CA ALA D 233 6.10 10.28 27.94
C ALA D 233 5.99 11.45 28.90
N GLY D 234 7.11 11.95 29.41
CA GLY D 234 7.08 13.01 30.40
C GLY D 234 6.48 12.55 31.70
N ASP D 235 5.26 13.01 32.00
CA ASP D 235 4.53 12.59 33.18
C ASP D 235 3.47 11.57 32.78
N THR D 236 3.47 10.41 33.42
CA THR D 236 2.51 9.37 33.09
C THR D 236 1.08 9.78 33.45
N ASP D 237 0.92 10.60 34.49
CA ASP D 237 -0.42 11.06 34.87
C ASP D 237 -1.06 11.90 33.77
N THR D 238 -0.25 12.57 32.95
CA THR D 238 -0.75 13.39 31.85
C THR D 238 -0.55 12.66 30.53
N VAL D 239 -1.37 13.02 29.55
CA VAL D 239 -1.30 12.46 28.21
C VAL D 239 -1.74 13.52 27.21
N PRO D 240 -1.24 13.50 25.97
CA PRO D 240 -1.64 14.55 25.02
C PRO D 240 -2.95 14.25 24.32
N ALA D 241 -3.93 13.73 25.07
CA ALA D 241 -5.32 13.59 24.66
C ALA D 241 -5.52 12.78 23.38
N GLU D 242 -4.47 12.13 22.87
CA GLU D 242 -4.55 11.43 21.60
C GLU D 242 -3.86 10.07 21.68
N PHE D 243 -4.11 9.34 22.76
CA PHE D 243 -3.42 8.07 22.99
C PHE D 243 -4.00 6.99 22.07
N PRO D 244 -3.18 6.37 21.21
CA PRO D 244 -3.66 5.20 20.46
C PRO D 244 -3.58 3.94 21.30
N THR D 245 -4.64 3.67 22.06
CA THR D 245 -4.69 2.65 23.11
C THR D 245 -3.93 1.39 22.71
N GLY D 246 -2.97 1.01 23.55
CA GLY D 246 -2.04 -0.07 23.23
C GLY D 246 -0.61 0.37 23.03
N LEU D 247 -0.26 1.59 23.40
CA LEU D 247 1.10 2.10 23.21
C LEU D 247 2.06 1.46 24.21
N ILE D 248 3.31 1.30 23.78
CA ILE D 248 4.36 0.68 24.58
C ILE D 248 5.53 1.65 24.66
N SER D 249 6.16 1.71 25.84
CA SER D 249 7.32 2.57 26.01
C SER D 249 8.23 1.99 27.08
N VAL D 250 9.48 2.42 27.07
CA VAL D 250 10.49 2.05 28.07
C VAL D 250 11.03 3.33 28.69
N SER D 251 11.03 3.39 30.02
CA SER D 251 11.45 4.60 30.71
C SER D 251 12.05 4.23 32.06
N TYR D 252 12.54 5.24 32.76
CA TYR D 252 13.01 5.05 34.12
C TYR D 252 11.83 4.78 35.04
N ASP D 253 12.15 4.28 36.23
CA ASP D 253 11.11 3.85 37.16
C ASP D 253 10.21 5.02 37.54
N GLU D 254 8.90 4.83 37.36
CA GLU D 254 7.92 5.85 37.74
C GLU D 254 7.91 6.07 39.25
N TRP D 255 7.53 5.05 40.02
CA TRP D 255 7.60 5.12 41.47
C TRP D 255 7.84 3.70 42.02
N ASP D 256 9.10 3.35 42.18
CA ASP D 256 9.48 2.14 42.91
C ASP D 256 10.75 2.33 43.72
N TYR D 257 11.32 3.52 43.75
CA TYR D 257 12.58 3.79 44.46
C TYR D 257 12.39 5.12 45.20
N GLY D 258 11.97 5.05 46.45
CA GLY D 258 11.74 6.24 47.22
C GLY D 258 13.01 6.99 47.56
N LEU D 259 12.85 8.29 47.82
CA LEU D 259 14.01 9.12 48.11
C LEU D 259 14.79 8.71 49.37
N PRO D 260 14.17 8.22 50.46
CA PRO D 260 15.00 7.71 51.56
C PRO D 260 15.98 6.63 51.14
N ALA D 261 15.52 5.66 50.35
CA ALA D 261 16.41 4.59 49.90
C ALA D 261 17.48 5.12 48.94
N ARG D 262 17.11 6.06 48.07
CA ARG D 262 18.08 6.62 47.14
C ARG D 262 19.18 7.38 47.87
N VAL D 263 18.80 8.21 48.85
CA VAL D 263 19.83 8.94 49.60
C VAL D 263 20.63 7.99 50.46
N ARG D 264 20.02 6.92 50.97
CA ARG D 264 20.78 5.92 51.71
C ARG D 264 21.84 5.28 50.81
N ASP D 265 21.45 4.92 49.59
CA ASP D 265 22.40 4.31 48.66
C ASP D 265 23.51 5.28 48.30
N GLY D 266 23.17 6.56 48.06
CA GLY D 266 24.20 7.54 47.75
C GLY D 266 25.18 7.75 48.88
N ILE D 267 24.66 7.86 50.11
CA ILE D 267 25.52 8.04 51.27
C ILE D 267 26.41 6.83 51.46
N ALA D 268 25.86 5.63 51.31
CA ALA D 268 26.66 4.42 51.44
C ALA D 268 27.76 4.36 50.39
N ILE D 269 27.44 4.71 49.14
CA ILE D 269 28.43 4.70 48.08
C ILE D 269 29.54 5.70 48.38
N ILE D 270 29.17 6.91 48.79
CA ILE D 270 30.16 7.94 49.07
C ILE D 270 31.07 7.52 50.22
N THR D 271 30.48 7.01 51.30
CA THR D 271 31.27 6.61 52.46
C THR D 271 32.19 5.43 52.13
N THR D 272 31.67 4.45 51.38
CA THR D 272 32.49 3.31 51.00
C THR D 272 33.65 3.74 50.12
N ALA D 273 33.41 4.64 49.17
CA ALA D 273 34.48 5.13 48.30
C ALA D 273 35.52 5.90 49.11
N ALA D 274 35.07 6.72 50.05
CA ALA D 274 36.02 7.47 50.89
C ALA D 274 36.86 6.52 51.73
N SER D 275 36.24 5.51 52.32
CA SER D 275 37.00 4.55 53.13
C SER D 275 37.98 3.76 52.27
N ASP D 276 37.56 3.35 51.07
CA ASP D 276 38.46 2.63 50.18
C ASP D 276 39.65 3.49 49.77
N MET D 277 39.40 4.78 49.48
CA MET D 277 40.50 5.67 49.15
C MET D 277 41.44 5.87 50.32
N LEU D 278 40.88 6.01 51.54
CA LEU D 278 41.72 6.20 52.71
C LEU D 278 42.52 4.96 53.06
N SER D 279 42.00 3.77 52.75
CA SER D 279 42.69 2.54 53.08
C SER D 279 43.69 2.11 52.01
N GLU D 280 43.45 2.46 50.74
CA GLU D 280 44.34 2.03 49.67
C GLU D 280 45.57 2.92 49.59
N HIS D 281 45.37 4.22 49.35
CA HIS D 281 46.48 5.15 49.23
C HIS D 281 47.02 5.62 50.58
N SER D 282 46.35 5.27 51.68
CA SER D 282 46.79 5.62 53.03
C SER D 282 46.95 7.13 53.20
N PHE D 283 46.10 7.90 52.53
CA PHE D 283 46.08 9.35 52.69
C PHE D 283 44.75 9.87 52.18
N ILE D 284 44.45 11.11 52.56
CA ILE D 284 43.18 11.73 52.18
C ILE D 284 43.46 13.10 51.55
N PRO D 285 42.67 13.54 50.59
CA PRO D 285 42.90 14.84 49.95
C PRO D 285 42.11 15.95 50.63
N GLU D 286 42.51 17.18 50.32
CA GLU D 286 41.80 18.36 50.84
C GLU D 286 42.03 19.56 49.91
N PRO D 287 41.00 20.05 49.25
CA PRO D 287 41.12 21.25 48.42
C PRO D 287 41.01 22.50 49.28
N LYS D 288 41.00 23.65 48.61
CA LYS D 288 40.87 24.94 49.27
C LYS D 288 39.41 25.37 49.23
N SER D 289 38.81 25.58 50.40
CA SER D 289 37.41 25.99 50.50
C SER D 289 37.31 27.49 50.32
N SER D 290 37.54 27.92 49.07
CA SER D 290 37.49 29.34 48.71
C SER D 290 36.63 29.51 47.48
N CYS D 291 35.55 30.28 47.61
CA CYS D 291 34.70 30.59 46.47
C CYS D 291 35.30 31.67 45.59
N TYR D 292 36.28 32.42 46.09
CA TYR D 292 36.92 33.47 45.32
C TYR D 292 38.41 33.24 45.10
N ASN D 293 39.05 32.38 45.89
CA ASN D 293 40.45 32.01 45.72
C ASN D 293 40.58 30.54 45.38
N THR D 294 39.68 30.03 44.54
CA THR D 294 39.69 28.62 44.17
C THR D 294 40.92 28.24 43.36
N HIS D 295 41.63 29.22 42.81
CA HIS D 295 42.85 28.92 42.05
C HIS D 295 43.95 28.32 42.93
N GLU D 296 43.85 28.51 44.25
CA GLU D 296 44.83 27.94 45.17
C GLU D 296 44.55 26.48 45.51
N LYS D 297 43.44 25.92 45.02
CA LYS D 297 43.09 24.53 45.27
C LYS D 297 43.62 23.58 44.20
N ARG D 298 44.37 24.09 43.23
CA ARG D 298 44.88 23.27 42.13
C ARG D 298 46.28 22.74 42.40
N ILE D 299 46.81 22.93 43.60
CA ILE D 299 48.16 22.45 43.91
C ILE D 299 48.20 20.93 43.84
N TYR D 300 47.20 20.25 44.41
CA TYR D 300 47.12 18.80 44.40
C TYR D 300 46.16 18.33 43.32
N GLN D 301 46.39 17.11 42.85
CA GLN D 301 45.59 16.49 41.80
C GLN D 301 44.89 15.28 42.39
N SER D 302 43.68 15.49 42.91
CA SER D 302 42.90 14.41 43.50
C SER D 302 42.10 13.67 42.43
N ASN D 303 42.78 13.23 41.37
CA ASN D 303 42.11 12.51 40.30
C ASN D 303 41.78 11.07 40.70
N MET D 304 42.52 10.50 41.66
CA MET D 304 42.28 9.13 42.08
C MET D 304 40.91 8.96 42.74
N LEU D 305 40.27 10.07 43.15
CA LEU D 305 38.92 9.98 43.67
C LEU D 305 37.96 9.43 42.62
N ASN D 306 38.16 9.81 41.36
CA ASN D 306 37.36 9.24 40.28
C ASN D 306 37.58 7.74 40.15
N ARG D 307 38.84 7.29 40.29
CA ARG D 307 39.14 5.87 40.26
C ARG D 307 38.51 5.15 41.44
N TYR D 308 38.32 5.85 42.56
CA TYR D 308 37.61 5.25 43.69
C TYR D 308 36.11 5.16 43.42
N LEU D 309 35.53 6.21 42.84
CA LEU D 309 34.09 6.23 42.58
C LEU D 309 33.66 5.29 41.46
N ILE D 310 34.56 4.98 40.51
CA ILE D 310 34.18 4.11 39.39
C ILE D 310 34.10 2.65 39.80
N ASN D 311 34.33 2.33 41.08
CA ASN D 311 34.21 0.98 41.60
C ASN D 311 33.12 0.91 42.66
N VAL D 312 31.99 1.56 42.38
CA VAL D 312 30.91 1.67 43.35
C VAL D 312 30.07 0.41 43.35
N THR D 313 29.71 -0.06 44.55
CA THR D 313 28.84 -1.22 44.73
C THR D 313 28.39 -1.25 46.18
N PHE D 314 27.18 -1.75 46.41
CA PHE D 314 26.63 -1.84 47.75
C PHE D 314 25.50 -2.86 47.77
N GLU D 315 25.47 -3.66 48.84
CA GLU D 315 24.43 -4.67 49.05
C GLU D 315 24.32 -5.62 47.86
N GLY D 316 25.48 -6.04 47.36
CA GLY D 316 25.52 -7.00 46.27
C GLY D 316 24.86 -6.50 45.00
N ARG D 317 25.09 -5.23 44.65
CA ARG D 317 24.51 -4.64 43.45
C ARG D 317 25.61 -3.98 42.64
N ASP D 318 25.61 -4.22 41.33
CA ASP D 318 26.59 -3.63 40.43
C ASP D 318 26.21 -2.18 40.20
N LEU D 319 26.81 -1.27 40.99
CA LEU D 319 26.54 0.16 40.89
C LEU D 319 27.74 0.92 40.34
N SER D 320 28.60 0.26 39.56
CA SER D 320 29.77 0.92 38.99
C SER D 320 29.33 2.06 38.08
N PHE D 321 29.98 3.22 38.23
CA PHE D 321 29.63 4.41 37.48
C PHE D 321 30.42 4.47 36.18
N SER D 322 29.72 4.71 35.07
CA SER D 322 30.39 4.85 33.79
C SER D 322 31.13 6.18 33.72
N GLU D 323 32.24 6.18 32.98
CA GLU D 323 33.02 7.41 32.82
C GLU D 323 32.22 8.51 32.14
N GLU D 324 31.27 8.13 31.27
CA GLU D 324 30.40 9.12 30.65
C GLU D 324 29.51 9.80 31.68
N GLY D 325 29.00 9.04 32.64
CA GLY D 325 28.13 9.60 33.67
C GLY D 325 26.85 8.81 33.85
N TYR D 326 26.39 8.17 32.79
CA TYR D 326 25.18 7.37 32.85
C TYR D 326 25.38 6.15 33.73
N GLN D 327 24.30 5.72 34.38
CA GLN D 327 24.36 4.53 35.22
C GLN D 327 24.61 3.29 34.37
N MET D 328 25.58 2.47 34.79
CA MET D 328 25.90 1.27 34.03
C MET D 328 24.83 0.20 34.18
N HIS D 329 24.34 -0.01 35.41
CA HIS D 329 23.37 -1.06 35.70
C HIS D 329 22.19 -0.49 36.49
N PRO D 330 21.32 0.28 35.84
CA PRO D 330 20.11 0.75 36.52
C PRO D 330 18.95 -0.22 36.37
N LYS D 331 17.79 0.16 36.90
CA LYS D 331 16.55 -0.59 36.68
C LYS D 331 15.61 0.24 35.81
N LEU D 332 15.06 -0.39 34.79
CA LEU D 332 14.20 0.28 33.83
C LEU D 332 12.84 -0.41 33.79
N VAL D 333 11.79 0.40 33.55
CA VAL D 333 10.41 -0.08 33.61
C VAL D 333 9.75 0.14 32.25
N ILE D 334 8.93 -0.83 31.85
CA ILE D 334 8.17 -0.76 30.62
C ILE D 334 6.74 -0.37 30.96
N ILE D 335 6.18 0.56 30.19
CA ILE D 335 4.83 1.07 30.41
C ILE D 335 3.98 0.77 29.19
N LEU D 336 2.72 0.43 29.43
CA LEU D 336 1.76 0.17 28.37
C LEU D 336 0.53 1.05 28.59
N LEU D 337 -0.15 1.37 27.49
CA LEU D 337 -1.37 2.17 27.52
C LEU D 337 -2.58 1.25 27.38
N ASN D 338 -3.45 1.26 28.38
CA ASN D 338 -4.63 0.42 28.38
C ASN D 338 -5.80 1.18 27.75
N LYS D 339 -7.02 0.63 27.87
CA LYS D 339 -8.19 1.30 27.32
C LYS D 339 -8.44 2.63 28.02
N GLU D 340 -8.24 2.68 29.33
CA GLU D 340 -8.42 3.91 30.08
C GLU D 340 -7.30 4.90 29.76
N ARG D 341 -7.47 6.12 30.25
CA ARG D 341 -6.51 7.20 30.02
C ARG D 341 -5.43 7.18 31.10
N LYS D 342 -4.69 6.08 31.14
CA LYS D 342 -3.61 5.92 32.11
C LYS D 342 -2.63 4.88 31.60
N TRP D 343 -1.42 4.93 32.15
CA TRP D 343 -0.38 3.97 31.85
C TRP D 343 -0.15 3.06 33.05
N GLU D 344 0.58 1.97 32.83
CA GLU D 344 0.83 1.01 33.89
C GLU D 344 2.18 0.35 33.68
N ARG D 345 2.90 0.10 34.78
CA ARG D 345 4.17 -0.60 34.70
C ARG D 345 3.97 -2.03 34.20
N VAL D 346 4.87 -2.48 33.34
CA VAL D 346 4.75 -3.78 32.66
C VAL D 346 5.87 -4.73 33.07
N GLY D 347 7.12 -4.35 32.80
CA GLY D 347 8.25 -5.20 33.11
C GLY D 347 9.38 -4.40 33.73
N LYS D 348 10.42 -5.12 34.15
CA LYS D 348 11.58 -4.51 34.79
C LYS D 348 12.86 -5.03 34.13
N TRP D 349 13.88 -4.18 34.14
CA TRP D 349 15.18 -4.51 33.56
C TRP D 349 16.20 -4.63 34.69
N LYS D 350 16.71 -5.84 34.91
CA LYS D 350 17.72 -6.10 35.92
C LYS D 350 18.53 -7.32 35.51
N ASP D 351 19.85 -7.25 35.74
CA ASP D 351 20.77 -8.33 35.41
C ASP D 351 20.69 -8.71 33.93
N LYS D 352 20.50 -7.71 33.08
CA LYS D 352 20.43 -7.89 31.63
C LYS D 352 19.37 -8.92 31.24
N SER D 353 18.21 -8.82 31.89
CA SER D 353 17.11 -9.74 31.63
C SER D 353 15.81 -8.95 31.51
N LEU D 354 14.91 -9.45 30.66
CA LEU D 354 13.60 -8.83 30.45
C LEU D 354 12.53 -9.88 30.68
N GLN D 355 11.56 -9.56 31.56
CA GLN D 355 10.43 -10.43 31.82
C GLN D 355 9.15 -9.66 31.53
N MET D 356 8.14 -10.37 31.01
CA MET D 356 6.89 -9.75 30.64
C MET D 356 5.81 -10.82 30.58
N LYS D 357 4.55 -10.36 30.65
CA LYS D 357 3.38 -11.23 30.56
C LYS D 357 2.62 -10.88 29.29
N TYR D 358 2.49 -11.86 28.39
CA TYR D 358 1.77 -11.69 27.14
C TYR D 358 0.41 -12.37 27.15
N TYR D 359 0.29 -13.53 27.81
CA TYR D 359 -0.97 -14.25 27.94
C TYR D 359 -1.56 -14.59 26.58
N VAL D 360 -2.86 -14.86 26.55
CA VAL D 360 -3.56 -15.19 25.31
C VAL D 360 -4.69 -14.19 25.08
N TRP D 361 -5.63 -14.15 26.01
CA TRP D 361 -6.78 -13.25 25.92
C TRP D 361 -7.43 -13.03 27.28
N ASP D 373 -15.75 -16.21 14.71
CA ASP D 373 -14.71 -15.39 14.10
C ASP D 373 -13.74 -16.26 13.31
N ASP D 374 -12.54 -15.73 13.07
CA ASP D 374 -11.51 -16.44 12.33
C ASP D 374 -10.63 -17.30 13.21
N HIS D 375 -10.88 -17.34 14.51
CA HIS D 375 -10.12 -18.17 15.44
C HIS D 375 -10.96 -19.34 15.91
N LEU D 376 -10.37 -20.53 15.91
CA LEU D 376 -11.12 -21.76 16.11
C LEU D 376 -10.16 -22.84 16.58
N SER D 377 -10.74 -23.93 17.09
CA SER D 377 -9.97 -25.04 17.65
C SER D 377 -9.90 -26.18 16.66
N ILE D 378 -8.70 -26.75 16.51
CA ILE D 378 -8.47 -27.87 15.59
C ILE D 378 -7.79 -28.97 16.40
N VAL D 379 -8.57 -29.94 16.87
CA VAL D 379 -8.01 -31.05 17.63
C VAL D 379 -7.49 -32.11 16.66
N THR D 380 -6.66 -33.02 17.19
CA THR D 380 -6.06 -34.09 16.39
C THR D 380 -5.45 -35.11 17.32
N LEU D 381 -5.03 -36.23 16.74
CA LEU D 381 -4.27 -37.25 17.45
C LEU D 381 -3.17 -37.77 16.53
N GLU D 382 -2.19 -38.46 17.11
CA GLU D 382 -1.00 -38.87 16.38
C GLU D 382 -1.16 -40.27 15.80
N GLU D 383 -0.73 -40.42 14.55
CA GLU D 383 -0.64 -41.71 13.88
C GLU D 383 0.05 -41.54 12.54
N ALA D 384 0.91 -42.50 12.14
CA ALA D 384 1.45 -42.58 10.79
C ALA D 384 2.26 -41.33 10.44
N PRO D 385 2.73 -41.18 9.19
CA PRO D 385 3.25 -39.87 8.76
C PRO D 385 2.15 -38.84 8.60
N PHE D 386 0.94 -39.18 9.03
CA PHE D 386 -0.17 -38.24 8.98
C PHE D 386 0.01 -37.13 10.00
N VAL D 387 0.06 -37.49 11.28
CA VAL D 387 0.28 -36.53 12.37
C VAL D 387 1.29 -37.15 13.32
N ILE D 388 2.38 -36.42 13.59
CA ILE D 388 3.42 -36.87 14.50
C ILE D 388 3.83 -35.72 15.40
N VAL D 389 4.07 -36.04 16.66
CA VAL D 389 4.44 -35.06 17.69
C VAL D 389 5.92 -35.22 18.00
N GLU D 390 6.63 -34.10 18.09
CA GLU D 390 8.04 -34.11 18.43
C GLU D 390 8.35 -32.88 19.27
N SER D 391 9.08 -33.09 20.37
CA SER D 391 9.47 -31.99 21.23
C SER D 391 10.47 -31.09 20.51
N VAL D 392 10.38 -29.79 20.76
CA VAL D 392 11.28 -28.81 20.15
C VAL D 392 12.68 -29.01 20.69
N ASP D 393 13.67 -28.43 20.00
CA ASP D 393 15.05 -28.54 20.46
C ASP D 393 15.22 -27.85 21.80
N PRO D 394 15.91 -28.48 22.77
CA PRO D 394 16.04 -27.86 24.09
C PRO D 394 17.03 -26.71 24.13
N LEU D 395 17.86 -26.53 23.11
CA LEU D 395 18.82 -25.44 23.10
C LEU D 395 18.12 -24.09 23.10
N SER D 396 17.06 -23.94 22.30
CA SER D 396 16.27 -22.73 22.25
C SER D 396 14.93 -22.82 22.94
N GLY D 397 14.30 -24.00 22.92
CA GLY D 397 13.02 -24.21 23.57
C GLY D 397 11.82 -24.01 22.68
N THR D 398 11.97 -23.33 21.54
CA THR D 398 10.88 -23.09 20.62
C THR D 398 10.97 -24.04 19.42
N CYS D 399 9.82 -24.25 18.78
CA CYS D 399 9.77 -25.13 17.63
C CYS D 399 10.58 -24.56 16.48
N MET D 400 11.28 -25.44 15.77
CA MET D 400 12.14 -25.03 14.68
C MET D 400 11.30 -24.82 13.41
N ARG D 401 11.97 -24.64 12.28
CA ARG D 401 11.27 -24.44 11.02
C ARG D 401 10.57 -25.72 10.58
N ASN D 402 9.60 -25.56 9.68
CA ASN D 402 8.80 -26.66 9.14
C ASN D 402 8.09 -27.41 10.27
N THR D 403 7.25 -26.68 10.99
CA THR D 403 6.46 -27.24 12.08
C THR D 403 5.29 -26.30 12.35
N VAL D 404 4.54 -26.59 13.41
CA VAL D 404 3.40 -25.76 13.81
C VAL D 404 3.26 -25.85 15.31
N PRO D 405 2.76 -24.80 15.98
CA PRO D 405 2.57 -24.87 17.44
C PRO D 405 1.52 -25.89 17.83
N CYS D 406 1.94 -26.97 18.46
CA CYS D 406 1.06 -28.08 18.85
C CYS D 406 1.01 -28.12 20.38
N GLU D 407 -0.04 -27.53 20.95
CA GLU D 407 -0.17 -27.42 22.39
C GLU D 407 -0.70 -28.73 22.96
N LYS D 408 0.18 -29.52 23.58
CA LYS D 408 -0.19 -30.79 24.17
C LYS D 408 -0.79 -30.55 25.55
N ARG D 409 -2.01 -31.03 25.78
CA ARG D 409 -2.72 -30.81 27.02
C ARG D 409 -2.75 -32.10 27.83
N ILE D 410 -2.23 -32.04 29.05
CA ILE D 410 -2.28 -33.13 30.01
C ILE D 410 -2.78 -32.57 31.33
N VAL D 411 -3.77 -33.23 31.93
CA VAL D 411 -4.39 -32.68 33.13
C VAL D 411 -3.60 -33.06 34.37
N THR D 412 -3.57 -34.35 34.70
CA THR D 412 -2.91 -34.83 35.91
C THR D 412 -3.00 -36.34 36.02
N GLU D 413 -2.36 -36.91 37.05
CA GLU D 413 -2.56 -38.30 37.39
C GLU D 413 -3.86 -38.47 38.16
N ASN D 414 -4.26 -39.72 38.36
CA ASN D 414 -5.51 -40.00 39.05
C ASN D 414 -5.46 -39.65 40.53
N LYS D 415 -4.26 -39.45 41.09
CA LYS D 415 -4.15 -39.13 42.50
C LYS D 415 -4.79 -37.79 42.83
N THR D 416 -4.55 -36.78 41.99
CA THR D 416 -5.11 -35.45 42.22
C THR D 416 -5.15 -34.71 40.89
N ASP D 417 -6.36 -34.42 40.41
CA ASP D 417 -6.54 -33.71 39.14
C ASP D 417 -6.54 -32.21 39.43
N GLU D 418 -5.39 -31.57 39.20
CA GLU D 418 -5.26 -30.14 39.50
C GLU D 418 -5.79 -29.28 38.36
N GLU D 419 -5.15 -29.36 37.19
CA GLU D 419 -5.48 -28.51 36.06
C GLU D 419 -4.74 -28.96 34.81
N PRO D 420 -5.28 -28.73 33.61
CA PRO D 420 -4.58 -29.16 32.39
C PRO D 420 -3.26 -28.42 32.20
N GLY D 421 -2.31 -29.11 31.57
CA GLY D 421 -0.99 -28.59 31.33
C GLY D 421 -0.86 -28.00 29.94
N TYR D 422 0.03 -27.01 29.80
CA TYR D 422 0.25 -26.29 28.55
C TYR D 422 1.57 -26.68 27.90
N ILE D 423 1.93 -27.97 27.97
CA ILE D 423 3.17 -28.44 27.38
C ILE D 423 3.10 -28.24 25.87
N LYS D 424 4.06 -27.49 25.34
CA LYS D 424 4.10 -27.13 23.92
C LYS D 424 5.04 -28.05 23.17
N LYS D 425 4.57 -28.58 22.04
CA LYS D 425 5.37 -29.45 21.19
C LYS D 425 5.15 -29.06 19.74
N CYS D 426 5.90 -29.69 18.85
CA CYS D 426 5.80 -29.44 17.41
C CYS D 426 5.09 -30.60 16.73
N CYS D 427 4.03 -30.27 15.99
CA CYS D 427 3.26 -31.25 15.24
C CYS D 427 3.61 -31.13 13.76
N LYS D 428 3.85 -32.27 13.12
CA LYS D 428 4.18 -32.26 11.69
C LYS D 428 3.67 -33.55 11.07
N GLY D 429 4.05 -33.80 9.82
CA GLY D 429 3.59 -34.97 9.10
C GLY D 429 2.86 -34.63 7.82
N PHE D 430 1.69 -35.24 7.62
CA PHE D 430 0.90 -35.02 6.40
C PHE D 430 -0.24 -34.04 6.61
N CYS D 431 -1.10 -34.28 7.61
CA CYS D 431 -2.28 -33.44 7.80
C CYS D 431 -1.90 -32.01 8.17
N ILE D 432 -0.72 -31.81 8.76
CA ILE D 432 -0.28 -30.46 9.11
C ILE D 432 -0.13 -29.61 7.86
N ASP D 433 0.47 -30.18 6.81
CA ASP D 433 0.65 -29.43 5.57
C ASP D 433 -0.69 -29.05 4.94
N ILE D 434 -1.64 -29.98 4.91
CA ILE D 434 -2.94 -29.68 4.33
C ILE D 434 -3.67 -28.64 5.18
N LEU D 435 -3.50 -28.71 6.51
CA LEU D 435 -4.12 -27.73 7.39
C LEU D 435 -3.56 -26.34 7.12
N LYS D 436 -2.23 -26.23 6.98
CA LYS D 436 -1.61 -24.94 6.71
C LYS D 436 -2.03 -24.40 5.35
N LYS D 437 -2.09 -25.26 4.33
CA LYS D 437 -2.47 -24.83 3.00
C LYS D 437 -3.92 -24.35 2.97
N ILE D 438 -4.80 -25.03 3.71
CA ILE D 438 -6.17 -24.55 3.82
C ILE D 438 -6.22 -23.23 4.59
N SER D 439 -5.37 -23.10 5.61
CA SER D 439 -5.35 -21.87 6.41
C SER D 439 -4.96 -20.66 5.57
N LYS D 440 -3.95 -20.81 4.72
CA LYS D 440 -3.49 -19.68 3.92
C LYS D 440 -4.54 -19.25 2.90
N SER D 441 -5.35 -20.19 2.40
CA SER D 441 -6.29 -19.87 1.33
C SER D 441 -7.49 -19.10 1.85
N VAL D 442 -8.27 -19.71 2.76
CA VAL D 442 -9.48 -19.08 3.26
C VAL D 442 -9.24 -18.23 4.49
N LYS D 443 -7.99 -18.12 4.95
CA LYS D 443 -7.54 -17.12 5.92
C LYS D 443 -8.30 -17.25 7.26
N PHE D 444 -8.03 -18.37 7.93
CA PHE D 444 -8.48 -18.57 9.30
C PHE D 444 -7.31 -18.99 10.18
N THR D 445 -7.31 -18.51 11.42
CA THR D 445 -6.24 -18.73 12.37
C THR D 445 -6.67 -19.77 13.40
N TYR D 446 -5.74 -20.67 13.75
CA TYR D 446 -6.07 -21.88 14.48
C TYR D 446 -5.18 -22.04 15.70
N ASP D 447 -5.71 -22.71 16.72
CA ASP D 447 -4.99 -23.03 17.96
C ASP D 447 -5.24 -24.51 18.27
N LEU D 448 -4.37 -25.38 17.76
CA LEU D 448 -4.56 -26.82 17.93
C LEU D 448 -4.30 -27.23 19.38
N TYR D 449 -4.91 -28.34 19.77
CA TYR D 449 -4.63 -28.96 21.06
C TYR D 449 -5.05 -30.42 21.00
N LEU D 450 -4.21 -31.29 21.54
CA LEU D 450 -4.46 -32.72 21.47
C LEU D 450 -5.57 -33.15 22.42
N VAL D 451 -6.23 -34.25 22.09
CA VAL D 451 -7.36 -34.76 22.86
C VAL D 451 -6.86 -35.54 24.06
N THR D 452 -7.77 -35.86 24.99
CA THR D 452 -7.41 -36.55 26.22
C THR D 452 -8.05 -37.93 26.35
N ASN D 453 -9.16 -38.19 25.67
CA ASN D 453 -9.89 -39.44 25.82
C ASN D 453 -9.98 -40.15 24.47
N GLY D 454 -9.69 -41.45 24.46
CA GLY D 454 -9.89 -42.27 23.29
C GLY D 454 -8.87 -42.00 22.20
N LYS D 455 -8.99 -42.78 21.13
CA LYS D 455 -8.17 -42.61 19.92
C LYS D 455 -8.89 -41.82 18.85
N HIS D 456 -10.05 -42.29 18.41
CA HIS D 456 -10.88 -41.56 17.46
C HIS D 456 -12.27 -41.26 18.03
N GLY D 457 -12.93 -42.26 18.62
CA GLY D 457 -14.24 -42.07 19.19
C GLY D 457 -15.18 -43.21 18.92
N LYS D 458 -16.02 -43.56 19.90
CA LYS D 458 -16.99 -44.63 19.77
C LYS D 458 -18.29 -44.21 20.44
N LYS D 459 -19.33 -45.01 20.23
CA LYS D 459 -20.60 -44.81 20.89
C LYS D 459 -20.51 -45.35 22.31
N ILE D 460 -20.57 -44.45 23.30
CA ILE D 460 -20.38 -44.83 24.70
C ILE D 460 -21.71 -44.79 25.42
N ASN D 461 -22.80 -45.03 24.69
CA ASN D 461 -24.16 -45.00 25.23
C ASN D 461 -24.47 -43.63 25.85
N GLY D 462 -24.47 -42.62 24.99
CA GLY D 462 -24.64 -41.25 25.43
C GLY D 462 -23.51 -40.35 24.99
N THR D 463 -22.73 -39.87 25.96
CA THR D 463 -21.61 -38.97 25.65
C THR D 463 -20.54 -39.68 24.83
N TRP D 464 -20.42 -39.31 23.56
CA TRP D 464 -19.42 -39.90 22.69
C TRP D 464 -18.02 -39.45 23.11
N ASN D 465 -17.05 -40.34 22.95
CA ASN D 465 -15.68 -40.07 23.33
C ASN D 465 -14.84 -39.76 22.10
N GLY D 466 -13.54 -39.59 22.28
CA GLY D 466 -12.63 -39.39 21.18
C GLY D 466 -12.70 -37.97 20.60
N MET D 467 -12.00 -37.81 19.48
CA MET D 467 -12.01 -36.53 18.78
C MET D 467 -13.40 -36.21 18.24
N ILE D 468 -14.12 -37.23 17.77
CA ILE D 468 -15.49 -37.02 17.32
C ILE D 468 -16.37 -36.59 18.49
N GLY D 469 -16.16 -37.19 19.66
CA GLY D 469 -16.90 -36.76 20.84
C GLY D 469 -16.59 -35.33 21.24
N GLU D 470 -15.32 -34.93 21.13
CA GLU D 470 -14.94 -33.56 21.42
C GLU D 470 -15.58 -32.58 20.44
N VAL D 471 -15.61 -32.95 19.15
CA VAL D 471 -16.21 -32.09 18.14
C VAL D 471 -17.71 -31.98 18.36
N VAL D 472 -18.37 -33.09 18.69
CA VAL D 472 -19.81 -33.07 18.95
C VAL D 472 -20.14 -32.34 20.24
N MET D 473 -19.17 -32.22 21.15
CA MET D 473 -19.37 -31.47 22.39
C MET D 473 -19.42 -29.96 22.17
N LYS D 474 -19.17 -29.50 20.94
CA LYS D 474 -19.19 -28.10 20.54
C LYS D 474 -18.00 -27.34 21.14
N ARG D 475 -17.19 -28.02 21.95
CA ARG D 475 -15.93 -27.41 22.39
C ARG D 475 -14.94 -27.32 21.24
N ALA D 476 -14.77 -28.41 20.51
CA ALA D 476 -13.99 -28.40 19.28
C ALA D 476 -14.84 -27.91 18.11
N TYR D 477 -14.17 -27.56 17.02
CA TYR D 477 -14.89 -27.02 15.87
C TYR D 477 -14.52 -27.73 14.58
N MET D 478 -13.30 -28.26 14.49
CA MET D 478 -12.83 -28.88 13.26
C MET D 478 -11.79 -29.94 13.61
N ALA D 479 -12.16 -31.21 13.48
CA ALA D 479 -11.19 -32.28 13.67
C ALA D 479 -10.33 -32.45 12.42
N VAL D 480 -9.18 -33.11 12.60
CA VAL D 480 -8.24 -33.36 11.52
C VAL D 480 -7.48 -34.66 11.84
N GLY D 481 -6.78 -35.19 10.84
CA GLY D 481 -6.00 -36.40 11.03
C GLY D 481 -6.68 -37.64 10.50
N SER D 482 -6.50 -38.76 11.20
CA SER D 482 -7.11 -40.02 10.79
C SER D 482 -8.58 -40.03 11.20
N LEU D 483 -9.47 -40.07 10.20
CA LEU D 483 -10.90 -40.02 10.47
C LEU D 483 -11.63 -40.68 9.30
N THR D 484 -12.13 -41.90 9.51
CA THR D 484 -12.89 -42.59 8.49
C THR D 484 -14.34 -42.09 8.48
N ILE D 485 -14.88 -41.88 7.29
CA ILE D 485 -16.25 -41.40 7.16
C ILE D 485 -17.17 -42.54 6.76
N GLU D 487 -19.85 -43.95 8.17
CA GLU D 487 -21.21 -43.48 8.01
C GLU D 487 -21.88 -43.31 9.38
N GLU D 488 -21.50 -44.18 10.32
CA GLU D 488 -22.04 -44.08 11.67
C GLU D 488 -21.60 -42.81 12.38
N ARG D 489 -20.57 -42.13 11.87
CA ARG D 489 -20.11 -40.86 12.38
C ARG D 489 -20.66 -39.67 11.60
N SER D 490 -21.50 -39.91 10.60
CA SER D 490 -21.96 -38.88 9.69
C SER D 490 -23.33 -38.30 10.07
N GLU D 491 -23.83 -38.62 11.25
CA GLU D 491 -25.12 -38.09 11.70
C GLU D 491 -24.94 -36.80 12.50
N VAL D 492 -24.18 -36.86 13.58
CA VAL D 492 -23.90 -35.66 14.37
C VAL D 492 -22.83 -34.78 13.75
N VAL D 493 -22.17 -35.25 12.68
CA VAL D 493 -21.16 -34.48 11.97
C VAL D 493 -21.48 -34.56 10.48
N ASP D 494 -20.96 -33.58 9.73
CA ASP D 494 -21.14 -33.52 8.28
C ASP D 494 -19.76 -33.32 7.65
N PHE D 495 -19.16 -34.41 7.18
CA PHE D 495 -17.78 -34.38 6.73
C PHE D 495 -17.65 -33.60 5.42
N SER D 496 -16.39 -33.41 5.01
CA SER D 496 -16.04 -32.74 3.77
C SER D 496 -15.64 -33.77 2.72
N VAL D 497 -15.14 -33.29 1.59
CA VAL D 497 -14.70 -34.17 0.51
C VAL D 497 -13.50 -34.97 0.96
N PRO D 498 -13.45 -36.28 0.73
CA PRO D 498 -12.26 -37.06 1.11
C PRO D 498 -11.09 -36.79 0.17
N PHE D 499 -9.89 -36.76 0.74
CA PHE D 499 -8.67 -36.52 -0.02
C PHE D 499 -7.72 -37.70 -0.02
N ILE D 500 -8.05 -38.79 0.66
CA ILE D 500 -7.26 -40.02 0.63
C ILE D 500 -8.22 -41.19 0.55
N GLU D 501 -7.94 -42.13 -0.34
CA GLU D 501 -8.84 -43.26 -0.61
C GLU D 501 -8.31 -44.49 0.12
N THR D 502 -8.84 -44.73 1.32
CA THR D 502 -8.47 -45.87 2.14
C THR D 502 -9.45 -47.03 1.88
N GLY D 503 -9.40 -48.05 2.74
CA GLY D 503 -10.32 -49.17 2.65
C GLY D 503 -9.99 -50.26 3.64
N ILE D 504 -10.06 -51.51 3.18
CA ILE D 504 -9.66 -52.67 3.98
C ILE D 504 -8.95 -53.64 3.06
N SER D 505 -7.76 -54.08 3.44
CA SER D 505 -6.95 -54.91 2.56
C SER D 505 -6.02 -55.78 3.38
N VAL D 506 -5.45 -56.79 2.72
CA VAL D 506 -4.48 -57.69 3.33
C VAL D 506 -3.11 -57.40 2.73
N MET D 507 -2.07 -57.72 3.50
CA MET D 507 -0.70 -57.44 3.08
C MET D 507 0.23 -58.43 3.77
N VAL D 508 0.76 -59.39 3.01
CA VAL D 508 1.74 -60.35 3.52
C VAL D 508 2.40 -61.01 2.32
N SER D 509 3.68 -61.32 2.46
CA SER D 509 4.44 -61.93 1.37
C SER D 509 5.71 -62.55 1.96
N ARG D 510 6.59 -63.02 1.08
CA ARG D 510 7.86 -63.62 1.47
C ARG D 510 8.83 -63.48 0.30
N SER D 511 10.08 -63.88 0.53
CA SER D 511 11.13 -63.74 -0.47
C SER D 511 11.63 -65.09 -0.97
N ASN D 512 12.06 -65.98 -0.08
CA ASN D 512 12.62 -67.27 -0.47
C ASN D 512 11.50 -68.17 -0.95
N GLY D 513 11.41 -68.37 -2.27
CA GLY D 513 10.41 -69.23 -2.84
C GLY D 513 9.89 -68.77 -4.19
N THR D 514 9.81 -69.69 -5.14
CA THR D 514 9.30 -69.41 -6.48
C THR D 514 8.36 -70.53 -6.90
N VAL D 515 7.46 -70.21 -7.82
CA VAL D 515 6.43 -71.17 -8.23
C VAL D 515 6.43 -71.35 -9.74
N SER D 516 7.59 -71.21 -10.38
CA SER D 516 7.69 -71.29 -11.85
C SER D 516 8.12 -72.69 -12.31
N PRO D 517 7.15 -73.73 -12.84
CA PRO D 517 7.77 -75.02 -13.01
C PRO D 517 7.91 -75.13 -14.52
N SER D 518 8.42 -76.25 -14.95
CA SER D 518 8.40 -76.60 -16.35
C SER D 518 7.91 -78.03 -16.47
N ALA D 519 7.28 -78.35 -17.61
CA ALA D 519 6.79 -79.71 -17.83
C ALA D 519 7.94 -80.63 -18.24
N PHE D 520 8.52 -80.38 -19.39
CA PHE D 520 9.79 -80.98 -19.78
C PHE D 520 10.78 -79.96 -20.33
N LEU D 521 10.30 -78.98 -21.09
CA LEU D 521 11.14 -78.00 -21.75
C LEU D 521 10.33 -76.71 -21.90
N GLU D 522 10.77 -75.85 -22.81
CA GLU D 522 10.08 -74.59 -23.05
C GLU D 522 10.17 -74.15 -24.52
N PRO D 523 11.37 -74.05 -25.11
CA PRO D 523 11.46 -73.62 -26.51
C PRO D 523 11.08 -74.77 -27.44
N PHE D 524 11.24 -74.52 -28.74
CA PHE D 524 11.07 -75.54 -29.77
C PHE D 524 9.66 -76.14 -29.73
N SER D 525 8.69 -75.32 -30.15
CA SER D 525 7.30 -75.75 -30.25
C SER D 525 7.16 -77.04 -31.07
N ALA D 526 6.03 -77.72 -30.94
CA ALA D 526 5.90 -79.10 -31.41
C ALA D 526 6.15 -79.25 -32.91
N ASP D 527 5.97 -78.19 -33.69
CA ASP D 527 6.14 -78.28 -35.13
C ASP D 527 7.55 -78.73 -35.49
N VAL D 528 8.56 -78.12 -34.89
CA VAL D 528 9.94 -78.50 -35.21
C VAL D 528 10.23 -79.92 -34.75
N TRP D 529 9.64 -80.36 -33.63
CA TRP D 529 9.86 -81.72 -33.17
C TRP D 529 9.31 -82.74 -34.16
N VAL D 530 8.06 -82.55 -34.57
CA VAL D 530 7.49 -83.52 -35.50
C VAL D 530 8.22 -83.48 -36.84
N MET D 531 8.62 -82.28 -37.28
CA MET D 531 9.37 -82.17 -38.52
C MET D 531 10.69 -82.91 -38.43
N MET D 532 11.45 -82.71 -37.35
CA MET D 532 12.73 -83.40 -37.21
C MET D 532 12.52 -84.91 -37.12
N PHE D 533 11.44 -85.36 -36.47
CA PHE D 533 11.18 -86.79 -36.41
C PHE D 533 10.93 -87.36 -37.81
N VAL D 534 10.05 -86.73 -38.58
CA VAL D 534 9.69 -87.30 -39.88
C VAL D 534 10.86 -87.24 -40.84
N MET D 535 11.65 -86.16 -40.80
CA MET D 535 12.83 -86.16 -41.65
C MET D 535 13.92 -87.09 -41.15
N LEU D 536 13.93 -87.42 -39.85
CA LEU D 536 14.84 -88.46 -39.39
C LEU D 536 14.48 -89.80 -40.04
N LEU D 537 13.18 -90.14 -40.02
CA LEU D 537 12.76 -91.38 -40.67
C LEU D 537 13.08 -91.37 -42.17
N ILE D 538 12.78 -90.26 -42.85
CA ILE D 538 13.03 -90.25 -44.30
C ILE D 538 14.53 -90.24 -44.59
N VAL D 539 15.34 -89.64 -43.73
CA VAL D 539 16.79 -89.67 -43.91
C VAL D 539 17.31 -91.09 -43.78
N SER D 540 16.82 -91.83 -42.78
CA SER D 540 17.23 -93.22 -42.64
C SER D 540 16.82 -94.03 -43.86
N ALA D 541 15.60 -93.81 -44.35
CA ALA D 541 15.13 -94.55 -45.52
C ALA D 541 15.97 -94.24 -46.75
N VAL D 542 16.28 -92.96 -46.98
CA VAL D 542 17.09 -92.56 -48.13
C VAL D 542 18.49 -93.12 -48.02
N ALA D 543 19.07 -93.10 -46.81
CA ALA D 543 20.40 -93.67 -46.62
C ALA D 543 20.42 -95.16 -46.92
N VAL D 544 19.39 -95.88 -46.47
CA VAL D 544 19.30 -97.32 -46.76
C VAL D 544 19.17 -97.55 -48.25
N PHE D 545 18.33 -96.76 -48.92
CA PHE D 545 18.15 -96.92 -50.36
C PHE D 545 19.44 -96.65 -51.12
N VAL D 546 20.19 -95.62 -50.71
CA VAL D 546 21.47 -95.32 -51.34
C VAL D 546 22.46 -96.45 -51.10
N PHE D 547 22.49 -96.98 -49.87
CA PHE D 547 23.40 -98.09 -49.57
C PHE D 547 23.01 -99.37 -50.30
N GLU D 548 21.75 -99.48 -50.75
CA GLU D 548 21.34 -100.65 -51.52
C GLU D 548 22.13 -100.75 -52.83
N TYR D 549 22.35 -99.62 -53.49
CA TYR D 549 23.11 -99.59 -54.73
C TYR D 549 24.60 -99.38 -54.46
N SER D 569 26.55 -106.12 -44.58
CA SER D 569 25.87 -106.49 -43.35
C SER D 569 25.02 -105.34 -42.82
N PHE D 570 24.47 -104.54 -43.73
CA PHE D 570 23.67 -103.39 -43.36
C PHE D 570 22.23 -103.81 -43.05
N THR D 571 21.48 -102.89 -42.47
CA THR D 571 20.08 -103.12 -42.12
C THR D 571 19.40 -101.75 -41.99
N ILE D 572 18.20 -101.74 -41.42
CA ILE D 572 17.48 -100.50 -41.18
C ILE D 572 17.48 -100.10 -39.71
N GLY D 573 17.61 -101.06 -38.78
CA GLY D 573 17.71 -100.70 -37.38
C GLY D 573 19.01 -100.00 -37.04
N LYS D 574 20.11 -100.43 -37.66
CA LYS D 574 21.42 -99.85 -37.36
C LYS D 574 21.48 -98.37 -37.74
N ALA D 575 20.94 -98.01 -38.90
CA ALA D 575 20.94 -96.62 -39.31
C ALA D 575 20.08 -95.76 -38.39
N ILE D 576 18.92 -96.28 -37.99
CA ILE D 576 18.06 -95.56 -37.05
C ILE D 576 18.79 -95.34 -35.73
N TRP D 577 19.45 -96.40 -35.23
CA TRP D 577 20.21 -96.28 -33.99
C TRP D 577 21.32 -95.25 -34.11
N LEU D 578 22.06 -95.26 -35.22
CA LEU D 578 23.15 -94.33 -35.41
C LEU D 578 22.64 -92.90 -35.45
N LEU D 579 21.56 -92.65 -36.18
CA LEU D 579 21.01 -91.30 -36.26
C LEU D 579 20.50 -90.83 -34.90
N TRP D 580 19.78 -91.70 -34.18
CA TRP D 580 19.27 -91.32 -32.87
C TRP D 580 20.40 -91.01 -31.91
N GLY D 581 21.47 -91.81 -31.94
CA GLY D 581 22.62 -91.53 -31.10
C GLY D 581 23.31 -90.23 -31.48
N LEU D 582 23.42 -89.95 -32.78
CA LEU D 582 24.11 -88.75 -33.23
C LEU D 582 23.33 -87.50 -32.88
N VAL D 583 22.00 -87.58 -32.82
CA VAL D 583 21.21 -86.41 -32.46
C VAL D 583 21.54 -85.96 -31.04
N PHE D 584 21.67 -86.91 -30.11
CA PHE D 584 21.87 -86.61 -28.69
C PHE D 584 23.33 -86.86 -28.34
N ASN D 585 24.14 -85.80 -28.45
CA ASN D 585 25.52 -85.68 -28.00
C ASN D 585 26.40 -86.91 -28.26
N ASN D 586 26.13 -87.62 -29.33
CA ASN D 586 27.02 -88.66 -29.89
C ASN D 586 27.65 -89.52 -28.79
N SER D 587 26.80 -90.20 -28.03
CA SER D 587 27.25 -90.99 -26.88
C SER D 587 27.22 -92.48 -27.13
N VAL D 588 26.08 -93.03 -27.55
CA VAL D 588 25.91 -94.47 -27.70
C VAL D 588 26.73 -94.98 -28.87
N PRO D 589 27.37 -96.13 -28.75
CA PRO D 589 28.11 -96.69 -29.90
C PRO D 589 27.17 -97.20 -30.97
N VAL D 590 27.67 -97.25 -32.20
CA VAL D 590 26.92 -97.71 -33.36
C VAL D 590 27.88 -98.32 -34.36
N GLN D 591 27.32 -99.00 -35.36
CA GLN D 591 28.09 -99.58 -36.46
C GLN D 591 28.12 -98.56 -37.60
N ASN D 592 29.30 -98.01 -37.88
CA ASN D 592 29.42 -96.96 -38.86
C ASN D 592 29.09 -97.48 -40.26
N PRO D 593 28.49 -96.65 -41.11
CA PRO D 593 28.24 -97.05 -42.49
C PRO D 593 29.53 -97.16 -43.27
N LYS D 594 29.52 -98.03 -44.28
CA LYS D 594 30.66 -98.27 -45.15
C LYS D 594 30.28 -97.88 -46.57
N GLY D 595 30.99 -96.93 -47.15
CA GLY D 595 30.69 -96.50 -48.51
C GLY D 595 31.38 -95.18 -48.81
N THR D 596 30.85 -94.49 -49.81
CA THR D 596 31.34 -93.17 -50.19
C THR D 596 30.26 -92.10 -50.26
N THR D 597 29.01 -92.46 -50.50
CA THR D 597 27.91 -91.50 -50.50
C THR D 597 27.25 -91.38 -49.13
N SER D 598 27.19 -92.48 -48.39
CA SER D 598 26.60 -92.43 -47.05
C SER D 598 27.43 -91.60 -46.10
N LYS D 599 28.76 -91.57 -46.28
CA LYS D 599 29.62 -90.83 -45.37
C LYS D 599 29.31 -89.34 -45.39
N ILE D 600 29.25 -88.76 -46.59
CA ILE D 600 29.00 -87.32 -46.69
C ILE D 600 27.58 -86.98 -46.22
N MET D 601 26.62 -87.88 -46.45
CA MET D 601 25.25 -87.60 -46.05
C MET D 601 25.10 -87.66 -44.53
N VAL D 602 25.72 -88.64 -43.89
CA VAL D 602 25.72 -88.66 -42.43
C VAL D 602 26.51 -87.49 -41.88
N SER D 603 27.52 -87.01 -42.62
CA SER D 603 28.24 -85.82 -42.18
C SER D 603 27.33 -84.60 -42.19
N VAL D 604 26.53 -84.44 -43.24
CA VAL D 604 25.62 -83.29 -43.27
C VAL D 604 24.53 -83.44 -42.20
N TRP D 605 24.12 -84.67 -41.91
CA TRP D 605 23.21 -84.89 -40.79
C TRP D 605 23.85 -84.46 -39.48
N ALA D 606 25.13 -84.78 -39.30
CA ALA D 606 25.84 -84.36 -38.10
C ALA D 606 25.93 -82.84 -38.02
N PHE D 607 26.18 -82.19 -39.16
CA PHE D 607 26.20 -80.72 -39.15
C PHE D 607 24.84 -80.15 -38.77
N PHE D 608 23.75 -80.81 -39.19
CA PHE D 608 22.44 -80.43 -38.68
C PHE D 608 22.38 -80.59 -37.17
N ALA D 609 22.93 -81.69 -36.66
CA ALA D 609 22.88 -81.97 -35.23
C ALA D 609 23.62 -80.89 -34.44
N VAL D 610 24.78 -80.46 -34.94
CA VAL D 610 25.60 -79.49 -34.22
C VAL D 610 24.86 -78.16 -34.07
N ILE D 611 24.14 -77.75 -35.11
CA ILE D 611 23.45 -76.46 -35.08
C ILE D 611 22.15 -76.52 -34.30
N PHE D 612 21.69 -77.70 -33.92
CA PHE D 612 20.41 -77.86 -33.22
C PHE D 612 20.60 -77.83 -31.70
N LEU D 613 21.48 -78.69 -31.18
CA LEU D 613 21.66 -78.79 -29.74
C LEU D 613 22.20 -77.49 -29.15
N ALA D 614 23.13 -76.84 -29.87
CA ALA D 614 23.70 -75.59 -29.37
C ALA D 614 22.64 -74.50 -29.25
N SER D 615 21.85 -74.31 -30.30
CA SER D 615 20.80 -73.30 -30.26
C SER D 615 19.77 -73.62 -29.18
N TYR D 616 19.44 -74.89 -29.02
CA TYR D 616 18.54 -75.31 -27.95
C TYR D 616 19.10 -74.87 -26.60
N THR D 617 20.26 -75.41 -26.23
CA THR D 617 20.85 -75.14 -24.93
C THR D 617 21.19 -73.67 -24.72
N ALA D 618 21.19 -72.86 -25.79
CA ALA D 618 21.29 -71.42 -25.60
C ALA D 618 19.94 -70.80 -25.27
N ASN D 619 18.90 -71.16 -26.04
CA ASN D 619 17.59 -70.57 -25.81
C ASN D 619 17.01 -71.00 -24.46
N LEU D 620 17.32 -72.22 -24.02
CA LEU D 620 16.87 -72.65 -22.69
C LEU D 620 17.50 -71.80 -21.61
N ALA D 621 18.77 -71.41 -21.80
CA ALA D 621 19.38 -70.44 -20.90
C ALA D 621 18.70 -69.08 -21.01
N ALA D 622 18.23 -68.71 -22.20
CA ALA D 622 17.47 -67.48 -22.34
C ALA D 622 16.15 -67.54 -21.58
N PHE D 623 15.60 -68.74 -21.40
CA PHE D 623 14.32 -68.90 -20.72
C PHE D 623 14.43 -68.79 -19.21
N MET D 624 15.63 -68.97 -18.64
CA MET D 624 15.83 -69.05 -17.21
C MET D 624 16.24 -67.71 -16.60
N ILE D 625 15.76 -66.60 -17.15
CA ILE D 625 16.07 -65.28 -16.63
C ILE D 625 14.85 -64.63 -16.00
N GLN D 626 13.67 -64.82 -16.58
CA GLN D 626 12.47 -64.14 -16.12
C GLN D 626 11.79 -64.93 -15.00
N GLU D 627 11.42 -64.23 -13.93
CA GLU D 627 10.61 -64.78 -12.86
C GLU D 627 9.42 -63.85 -12.64
N GLU D 628 8.20 -64.42 -12.60
CA GLU D 628 7.01 -63.59 -12.69
C GLU D 628 6.63 -62.97 -11.35
N TYR D 629 6.23 -63.79 -10.39
CA TYR D 629 5.69 -63.29 -9.12
C TYR D 629 5.39 -64.39 -8.12
N VAL D 630 4.94 -64.00 -6.93
CA VAL D 630 4.52 -64.93 -5.89
C VAL D 630 3.12 -64.53 -5.42
N ASP D 631 2.32 -63.97 -6.33
CA ASP D 631 1.03 -63.39 -5.98
C ASP D 631 0.09 -64.45 -5.37
N GLN D 632 -0.97 -63.96 -4.73
CA GLN D 632 -1.92 -64.81 -4.03
C GLN D 632 -3.34 -64.42 -4.39
N VAL D 633 -4.33 -64.99 -3.70
CA VAL D 633 -5.74 -64.74 -3.97
C VAL D 633 -6.09 -63.30 -3.64
N SER D 634 -7.24 -62.84 -4.13
CA SER D 634 -7.68 -61.46 -3.96
C SER D 634 -8.99 -61.41 -3.19
N GLY D 635 -9.17 -60.34 -2.43
CA GLY D 635 -10.39 -60.10 -1.70
C GLY D 635 -10.43 -60.81 -0.36
N LEU D 636 -11.46 -60.47 0.42
CA LEU D 636 -11.70 -61.07 1.73
C LEU D 636 -12.69 -62.22 1.67
N SER D 637 -12.77 -62.90 0.53
CA SER D 637 -13.71 -64.01 0.33
C SER D 637 -12.96 -65.16 -0.32
N ASP D 638 -12.58 -66.15 0.48
CA ASP D 638 -11.88 -67.34 0.02
C ASP D 638 -11.85 -68.35 1.16
N LYS D 639 -11.93 -69.64 0.80
CA LYS D 639 -11.90 -70.69 1.82
C LYS D 639 -10.64 -70.62 2.66
N LYS D 640 -9.52 -70.23 2.05
CA LYS D 640 -8.27 -70.06 2.81
C LYS D 640 -8.40 -69.00 3.90
N PHE D 641 -9.39 -68.12 3.80
CA PHE D 641 -9.63 -67.11 4.83
C PHE D 641 -11.11 -66.95 5.13
N GLN D 642 -11.90 -68.00 4.92
CA GLN D 642 -13.32 -67.96 5.25
C GLN D 642 -13.58 -68.55 6.63
N ARG D 643 -13.04 -69.73 6.91
CA ARG D 643 -13.16 -70.36 8.22
C ARG D 643 -11.78 -70.49 8.82
N PRO D 644 -11.53 -69.96 10.02
CA PRO D 644 -10.18 -70.02 10.58
C PRO D 644 -9.69 -71.43 10.87
N ASN D 645 -10.60 -72.39 11.02
CA ASN D 645 -10.22 -73.77 11.32
C ASN D 645 -10.24 -74.68 10.11
N ASP D 646 -10.91 -74.29 9.02
CA ASP D 646 -10.99 -75.11 7.82
C ASP D 646 -9.77 -74.82 6.92
N PHE D 647 -8.61 -75.21 7.43
CA PHE D 647 -7.35 -75.06 6.73
C PHE D 647 -6.36 -76.06 7.29
N SER D 648 -5.24 -76.24 6.59
CA SER D 648 -4.22 -77.17 7.08
C SER D 648 -3.61 -76.73 8.40
N PRO D 649 -3.13 -75.50 8.57
CA PRO D 649 -2.65 -75.07 9.88
C PRO D 649 -3.73 -74.30 10.63
N PRO D 650 -3.63 -74.22 11.95
CA PRO D 650 -4.54 -73.34 12.70
C PRO D 650 -4.19 -71.88 12.46
N PHE D 651 -5.00 -71.18 11.68
CA PHE D 651 -4.68 -69.82 11.24
C PHE D 651 -5.07 -68.84 12.33
N ARG D 652 -4.06 -68.23 12.95
CA ARG D 652 -4.25 -67.14 13.91
C ARG D 652 -3.89 -65.85 13.18
N PHE D 653 -4.89 -65.23 12.56
CA PHE D 653 -4.63 -64.11 11.67
C PHE D 653 -4.33 -62.83 12.44
N GLY D 654 -3.86 -61.83 11.70
CA GLY D 654 -3.60 -60.52 12.29
C GLY D 654 -4.77 -59.57 12.09
N THR D 655 -5.54 -59.35 13.15
CA THR D 655 -6.69 -58.44 13.12
C THR D 655 -6.67 -57.67 14.44
N VAL D 656 -6.08 -56.48 14.42
CA VAL D 656 -5.96 -55.65 15.62
C VAL D 656 -7.36 -55.17 16.01
N PRO D 657 -7.82 -55.47 17.22
CA PRO D 657 -9.17 -55.05 17.62
C PRO D 657 -9.25 -53.56 17.86
N ASN D 658 -10.44 -53.07 18.23
CA ASN D 658 -10.69 -51.64 18.43
C ASN D 658 -10.33 -50.85 17.16
N GLY D 659 -10.68 -51.42 16.00
CA GLY D 659 -10.35 -50.81 14.74
C GLY D 659 -11.42 -51.02 13.68
N SER D 660 -11.04 -50.84 12.41
CA SER D 660 -12.00 -50.96 11.32
C SER D 660 -12.60 -52.36 11.26
N THR D 661 -11.77 -53.39 11.35
CA THR D 661 -12.27 -54.75 11.30
C THR D 661 -13.16 -55.06 12.51
N GLU D 662 -12.80 -54.56 13.68
CA GLU D 662 -13.55 -54.85 14.90
C GLU D 662 -14.96 -54.28 14.85
N ARG D 663 -15.21 -53.27 14.01
CA ARG D 663 -16.54 -52.69 13.88
C ARG D 663 -17.19 -52.98 12.54
N ASN D 664 -16.51 -53.70 11.63
CA ASN D 664 -17.06 -54.04 10.33
C ASN D 664 -17.25 -55.55 10.18
N ILE D 665 -16.19 -56.33 10.34
CA ILE D 665 -16.30 -57.77 10.16
C ILE D 665 -16.89 -58.46 11.37
N ARG D 666 -16.84 -57.84 12.55
CA ARG D 666 -17.50 -58.40 13.72
C ARG D 666 -19.02 -58.38 13.59
N ASN D 667 -19.55 -57.63 12.64
CA ASN D 667 -20.98 -57.59 12.34
C ASN D 667 -21.32 -58.18 10.99
N ASN D 668 -20.43 -58.08 10.01
CA ASN D 668 -20.72 -58.60 8.68
C ASN D 668 -20.46 -60.10 8.58
N TYR D 669 -19.36 -60.57 9.16
CA TYR D 669 -18.95 -61.98 9.04
C TYR D 669 -18.57 -62.52 10.41
N ALA D 670 -19.52 -63.23 11.05
CA ALA D 670 -19.23 -63.84 12.33
C ALA D 670 -18.20 -64.95 12.21
N GLU D 671 -18.25 -65.72 11.12
CA GLU D 671 -17.30 -66.81 10.92
C GLU D 671 -15.87 -66.28 10.83
N MET D 672 -15.67 -65.18 10.10
CA MET D 672 -14.35 -64.57 10.02
C MET D 672 -13.96 -63.87 11.31
N HIS D 673 -14.94 -63.51 12.14
CA HIS D 673 -14.68 -62.87 13.42
C HIS D 673 -14.54 -63.87 14.56
N ALA D 674 -14.61 -65.17 14.28
CA ALA D 674 -14.49 -66.17 15.34
C ALA D 674 -13.11 -66.16 15.97
N TYR D 675 -12.06 -66.09 15.16
CA TYR D 675 -10.68 -66.10 15.62
C TYR D 675 -10.15 -64.70 15.91
N MET D 676 -11.03 -63.72 16.12
CA MET D 676 -10.59 -62.36 16.38
C MET D 676 -10.05 -62.22 17.79
N GLY D 677 -8.99 -61.42 17.94
CA GLY D 677 -8.45 -61.08 19.23
C GLY D 677 -7.41 -62.04 19.78
N LYS D 678 -7.24 -63.22 19.17
CA LYS D 678 -6.25 -64.17 19.67
C LYS D 678 -4.84 -63.79 19.23
N PHE D 679 -4.61 -63.72 17.93
CA PHE D 679 -3.34 -63.23 17.40
C PHE D 679 -3.41 -61.73 17.11
N ASN D 680 -3.86 -60.97 18.11
CA ASN D 680 -4.01 -59.52 17.95
C ASN D 680 -2.69 -58.78 18.04
N GLN D 681 -1.65 -59.42 18.59
CA GLN D 681 -0.34 -58.80 18.78
C GLN D 681 -0.43 -57.53 19.62
N ARG D 682 0.64 -56.74 19.63
CA ARG D 682 0.69 -55.48 20.38
C ARG D 682 1.14 -54.38 19.42
N GLY D 683 0.18 -53.82 18.69
CA GLY D 683 0.48 -52.80 17.71
C GLY D 683 0.85 -53.36 16.35
N VAL D 684 1.11 -52.45 15.43
CA VAL D 684 1.42 -52.83 14.05
C VAL D 684 2.76 -53.57 14.00
N ASP D 685 3.77 -53.05 14.70
CA ASP D 685 5.12 -53.60 14.59
C ASP D 685 5.20 -55.00 15.19
N ASP D 686 4.48 -55.25 16.29
CA ASP D 686 4.49 -56.58 16.88
C ASP D 686 3.93 -57.61 15.91
N ALA D 687 2.80 -57.29 15.28
CA ALA D 687 2.20 -58.20 14.30
C ALA D 687 3.12 -58.38 13.10
N LEU D 688 3.75 -57.29 12.64
CA LEU D 688 4.66 -57.39 11.50
C LEU D 688 5.83 -58.32 11.81
N LEU D 689 6.45 -58.14 12.98
CA LEU D 689 7.57 -58.98 13.36
C LEU D 689 7.15 -60.44 13.56
N SER D 690 5.98 -60.65 14.17
CA SER D 690 5.52 -62.02 14.41
C SER D 690 5.23 -62.74 13.09
N LEU D 691 4.50 -62.08 12.19
CA LEU D 691 4.25 -62.66 10.87
C LEU D 691 5.54 -62.85 10.09
N LYS D 692 6.54 -62.00 10.34
CA LYS D 692 7.80 -62.11 9.61
C LYS D 692 8.50 -63.44 9.90
N THR D 693 8.42 -63.92 11.13
CA THR D 693 9.16 -65.14 11.48
C THR D 693 8.40 -66.40 11.08
N GLY D 694 7.30 -66.70 11.78
CA GLY D 694 6.51 -67.86 11.43
C GLY D 694 5.03 -67.83 11.76
N LYS D 695 4.52 -66.68 12.22
CA LYS D 695 3.25 -66.71 12.95
C LYS D 695 2.03 -66.86 12.04
N LEU D 696 1.79 -65.86 11.19
CA LEU D 696 0.54 -65.78 10.45
C LEU D 696 0.82 -65.72 8.95
N ASP D 697 -0.05 -66.38 8.18
CA ASP D 697 0.08 -66.36 6.72
C ASP D 697 -0.21 -64.96 6.17
N ALA D 698 -1.21 -64.28 6.72
CA ALA D 698 -1.65 -63.00 6.19
C ALA D 698 -1.87 -62.03 7.34
N PHE D 699 -2.34 -60.83 7.01
CA PHE D 699 -2.57 -59.76 7.96
C PHE D 699 -3.69 -58.88 7.43
N ILE D 700 -4.61 -58.50 8.31
CA ILE D 700 -5.79 -57.73 7.93
C ILE D 700 -5.80 -56.43 8.71
N TYR D 701 -5.89 -55.31 8.00
CA TYR D 701 -5.94 -53.98 8.59
C TYR D 701 -6.37 -53.00 7.51
N ASP D 702 -6.27 -51.70 7.82
CA ASP D 702 -6.65 -50.68 6.85
C ASP D 702 -5.59 -50.60 5.74
N ALA D 703 -5.80 -49.68 4.81
CA ALA D 703 -5.03 -49.64 3.57
C ALA D 703 -3.83 -48.69 3.62
N ALA D 704 -4.02 -47.48 4.15
CA ALA D 704 -2.97 -46.47 4.06
C ALA D 704 -1.74 -46.86 4.89
N VAL D 705 -1.96 -47.22 6.17
CA VAL D 705 -0.83 -47.55 7.03
C VAL D 705 -0.12 -48.81 6.56
N LEU D 706 -0.86 -49.78 6.03
CA LEU D 706 -0.23 -50.97 5.48
C LEU D 706 0.64 -50.64 4.29
N ASN D 707 0.18 -49.75 3.41
CA ASN D 707 0.98 -49.33 2.28
C ASN D 707 2.23 -48.59 2.72
N TYR D 708 2.11 -47.77 3.77
CA TYR D 708 3.29 -47.08 4.29
C TYR D 708 4.28 -48.06 4.91
N MET D 709 3.77 -49.09 5.61
CA MET D 709 4.63 -50.15 6.11
C MET D 709 5.37 -50.83 4.96
N ALA D 710 4.65 -51.14 3.88
CA ALA D 710 5.25 -51.86 2.77
C ALA D 710 6.29 -51.01 2.03
N GLY D 711 6.04 -49.70 1.93
CA GLY D 711 6.93 -48.86 1.15
C GLY D 711 8.35 -48.81 1.67
N ARG D 712 8.51 -48.69 2.98
CA ARG D 712 9.82 -48.57 3.61
C ARG D 712 10.10 -49.76 4.54
N ASP D 713 9.67 -50.94 4.12
CA ASP D 713 9.90 -52.14 4.92
C ASP D 713 11.39 -52.45 5.01
N GLU D 714 11.76 -53.14 6.08
CA GLU D 714 13.17 -53.54 6.29
C GLU D 714 13.52 -54.59 5.24
N GLY D 715 14.19 -54.15 4.18
CA GLY D 715 14.39 -55.00 3.03
C GLY D 715 13.23 -54.90 2.07
N CYS D 716 12.85 -56.02 1.45
CA CYS D 716 11.69 -56.07 0.56
C CYS D 716 10.91 -57.35 0.82
N LYS D 717 10.70 -57.66 2.10
CA LYS D 717 10.07 -58.92 2.48
C LYS D 717 8.56 -58.88 2.30
N LEU D 718 7.90 -57.83 2.77
CA LEU D 718 6.46 -57.77 2.82
C LEU D 718 5.91 -56.97 1.65
N VAL D 719 4.72 -57.36 1.18
CA VAL D 719 4.01 -56.69 0.11
C VAL D 719 2.51 -56.76 0.42
N THR D 720 1.72 -56.12 -0.44
CA THR D 720 0.27 -56.06 -0.27
C THR D 720 -0.37 -56.93 -1.35
N ILE D 721 -0.90 -58.09 -0.94
CA ILE D 721 -1.56 -58.97 -1.88
C ILE D 721 -2.92 -58.39 -2.26
N GLY D 722 -3.19 -58.32 -3.56
CA GLY D 722 -4.43 -57.75 -4.03
C GLY D 722 -4.52 -56.25 -3.79
N SER D 723 -3.65 -55.49 -4.44
CA SER D 723 -3.61 -54.04 -4.24
C SER D 723 -4.67 -53.37 -5.08
N GLY D 724 -5.61 -52.69 -4.42
CA GLY D 724 -6.65 -51.95 -5.11
C GLY D 724 -8.03 -52.56 -4.96
N LYS D 725 -8.13 -53.89 -5.04
CA LYS D 725 -9.40 -54.59 -4.90
C LYS D 725 -9.74 -54.70 -3.41
N VAL D 726 -10.14 -53.58 -2.84
CA VAL D 726 -10.44 -53.49 -1.42
C VAL D 726 -11.94 -53.57 -1.21
N PHE D 727 -12.35 -53.79 0.04
CA PHE D 727 -13.76 -53.87 0.39
C PHE D 727 -14.12 -52.75 1.35
N ALA D 728 -15.35 -52.27 1.23
CA ALA D 728 -15.87 -51.18 2.07
C ALA D 728 -14.95 -49.96 2.01
N SER D 729 -14.56 -49.58 0.79
CA SER D 729 -13.64 -48.48 0.61
C SER D 729 -14.23 -47.18 1.14
N THR D 730 -13.44 -46.48 1.96
CA THR D 730 -13.86 -45.21 2.55
C THR D 730 -12.62 -44.34 2.70
N GLY D 731 -12.84 -43.03 2.80
CA GLY D 731 -11.77 -42.06 2.78
C GLY D 731 -11.56 -41.33 4.10
N TYR D 732 -10.56 -40.46 4.09
CA TYR D 732 -10.23 -39.58 5.20
C TYR D 732 -10.64 -38.16 4.88
N GLY D 733 -10.99 -37.40 5.91
CA GLY D 733 -11.41 -36.03 5.71
C GLY D 733 -11.57 -35.32 7.03
N ILE D 734 -11.75 -34.01 6.93
CA ILE D 734 -11.85 -33.14 8.10
C ILE D 734 -13.31 -33.01 8.50
N ALA D 735 -13.59 -33.18 9.80
CA ALA D 735 -14.94 -33.09 10.32
C ALA D 735 -15.26 -31.62 10.63
N ILE D 736 -16.38 -31.15 10.12
CA ILE D 736 -16.82 -29.78 10.36
C ILE D 736 -18.02 -29.80 11.29
N GLN D 737 -18.22 -28.71 12.02
CA GLN D 737 -19.37 -28.60 12.90
C GLN D 737 -20.65 -28.60 12.09
N LYS D 738 -21.71 -29.19 12.65
CA LYS D 738 -22.97 -29.30 11.95
C LYS D 738 -23.56 -27.91 11.69
N ASP D 739 -24.05 -27.71 10.46
CA ASP D 739 -24.68 -26.45 10.05
C ASP D 739 -23.72 -25.27 10.20
N SER D 740 -22.60 -25.36 9.49
CA SER D 740 -21.60 -24.29 9.46
C SER D 740 -21.42 -23.83 8.03
N GLY D 741 -21.39 -22.51 7.84
CA GLY D 741 -21.27 -21.94 6.52
C GLY D 741 -19.86 -21.98 5.95
N TRP D 742 -19.01 -22.84 6.51
CA TRP D 742 -17.63 -22.97 6.06
C TRP D 742 -17.44 -24.07 5.02
N LYS D 743 -18.31 -25.08 5.03
CA LYS D 743 -18.05 -26.31 4.28
C LYS D 743 -17.84 -26.06 2.79
N ARG D 744 -18.60 -25.13 2.21
CA ARG D 744 -18.51 -24.89 0.77
C ARG D 744 -17.11 -24.42 0.38
N GLN D 745 -16.57 -23.45 1.11
CA GLN D 745 -15.28 -22.86 0.75
C GLN D 745 -14.14 -23.87 0.92
N VAL D 746 -14.11 -24.57 2.06
CA VAL D 746 -13.03 -25.53 2.30
C VAL D 746 -13.14 -26.69 1.32
N ASP D 747 -14.35 -27.15 1.03
CA ASP D 747 -14.53 -28.23 0.07
C ASP D 747 -14.05 -27.80 -1.32
N LEU D 748 -14.41 -26.59 -1.73
CA LEU D 748 -13.96 -26.10 -3.04
C LEU D 748 -12.44 -25.97 -3.09
N ALA D 749 -11.82 -25.47 -2.01
CA ALA D 749 -10.37 -25.32 -2.00
C ALA D 749 -9.66 -26.67 -2.05
N ILE D 750 -10.13 -27.65 -1.26
CA ILE D 750 -9.48 -28.95 -1.24
C ILE D 750 -9.71 -29.67 -2.56
N LEU D 751 -10.83 -29.40 -3.23
CA LEU D 751 -11.02 -29.92 -4.59
C LEU D 751 -10.04 -29.30 -5.56
N GLN D 752 -9.85 -27.97 -5.45
CA GLN D 752 -8.94 -27.28 -6.36
C GLN D 752 -7.50 -27.74 -6.18
N LEU D 753 -7.12 -28.07 -4.94
CA LEU D 753 -5.74 -28.50 -4.70
C LEU D 753 -5.41 -29.78 -5.45
N PHE D 754 -6.41 -30.65 -5.67
CA PHE D 754 -6.19 -31.82 -6.52
C PHE D 754 -5.90 -31.40 -7.96
N GLY D 755 -6.69 -30.45 -8.49
CA GLY D 755 -6.49 -30.01 -9.85
C GLY D 755 -5.17 -29.29 -10.07
N ASP D 756 -4.68 -28.60 -9.03
CA ASP D 756 -3.41 -27.89 -9.15
C ASP D 756 -2.21 -28.83 -9.25
N GLY D 757 -2.40 -30.12 -9.01
CA GLY D 757 -1.30 -31.06 -9.04
C GLY D 757 -0.42 -31.04 -7.81
N GLU D 758 -0.88 -30.44 -6.72
CA GLU D 758 -0.08 -30.29 -5.51
C GLU D 758 -0.16 -31.50 -4.58
N MET D 759 -1.00 -32.48 -4.89
CA MET D 759 -1.12 -33.64 -4.02
C MET D 759 -0.12 -34.75 -4.35
N GLU D 760 0.33 -34.82 -5.61
CA GLU D 760 1.25 -35.89 -6.00
C GLU D 760 2.61 -35.73 -5.30
N GLU D 761 3.15 -34.51 -5.31
CA GLU D 761 4.47 -34.31 -4.70
C GLU D 761 4.39 -34.38 -3.17
N LEU D 762 3.25 -34.03 -2.59
CA LEU D 762 3.07 -34.23 -1.15
C LEU D 762 3.14 -35.71 -0.79
N GLU D 763 2.47 -36.54 -1.58
CA GLU D 763 2.53 -37.99 -1.37
C GLU D 763 3.95 -38.51 -1.58
N ALA D 764 4.64 -37.98 -2.60
CA ALA D 764 6.02 -38.37 -2.82
C ALA D 764 6.90 -37.99 -1.64
N LEU D 765 6.61 -36.85 -1.00
CA LEU D 765 7.43 -36.38 0.11
C LEU D 765 7.17 -37.18 1.39
N TRP D 766 5.91 -37.50 1.68
CA TRP D 766 5.59 -38.03 2.99
C TRP D 766 4.97 -39.43 3.01
N LEU D 767 4.85 -40.09 1.87
CA LEU D 767 4.24 -41.42 1.84
C LEU D 767 4.92 -42.40 0.88
N THR D 768 6.01 -42.02 0.22
CA THR D 768 6.63 -42.85 -0.81
C THR D 768 7.86 -43.53 -0.26
N GLY D 769 7.89 -44.87 -0.37
CA GLY D 769 9.05 -45.64 0.04
C GLY D 769 10.00 -45.91 -1.11
N ILE D 770 11.16 -46.47 -0.76
CA ILE D 770 12.19 -46.78 -1.74
C ILE D 770 11.95 -48.15 -2.37
N CYS D 771 11.74 -49.17 -1.55
CA CYS D 771 11.49 -50.51 -2.06
C CYS D 771 10.15 -50.59 -2.77
N HIS D 772 10.11 -51.42 -3.81
CA HIS D 772 8.88 -51.70 -4.55
C HIS D 772 8.87 -53.20 -4.83
N ASN D 773 8.08 -53.94 -4.05
CA ASN D 773 8.10 -55.40 -4.12
C ASN D 773 7.46 -55.91 -5.40
N GLU D 774 8.28 -56.16 -6.42
CA GLU D 774 7.82 -56.70 -7.70
C GLU D 774 8.74 -57.84 -8.09
N LYS D 775 8.16 -59.05 -8.20
CA LYS D 775 8.87 -60.26 -8.59
C LYS D 775 9.88 -60.70 -7.55
N ASN D 776 10.16 -62.00 -7.48
CA ASN D 776 11.13 -62.53 -6.54
C ASN D 776 11.75 -63.80 -7.13
N GLU D 777 12.94 -64.13 -6.63
CA GLU D 777 13.68 -65.33 -7.04
C GLU D 777 13.90 -65.34 -8.56
N VAL D 778 14.68 -64.35 -9.01
CA VAL D 778 15.01 -64.26 -10.43
C VAL D 778 15.78 -65.49 -10.88
N MET D 779 16.82 -65.86 -10.12
CA MET D 779 17.56 -67.10 -10.36
C MET D 779 18.06 -67.57 -8.99
N SER D 780 17.26 -68.43 -8.35
CA SER D 780 17.56 -68.91 -7.01
C SER D 780 18.17 -70.31 -7.02
N SER D 781 18.65 -70.76 -8.17
CA SER D 781 19.33 -72.06 -8.31
C SER D 781 18.34 -73.15 -7.94
N GLN D 782 18.54 -73.90 -6.85
CA GLN D 782 17.61 -74.94 -6.40
C GLN D 782 17.44 -76.04 -7.44
N LEU D 783 16.37 -75.95 -8.24
CA LEU D 783 15.98 -77.01 -9.17
C LEU D 783 15.76 -78.33 -8.41
N ASP D 784 14.74 -78.29 -7.56
CA ASP D 784 14.38 -79.41 -6.71
C ASP D 784 13.59 -80.44 -7.52
N ILE D 785 12.93 -81.36 -6.83
CA ILE D 785 12.20 -82.45 -7.48
C ILE D 785 10.78 -81.98 -7.73
N ASP D 786 10.58 -80.66 -7.71
CA ASP D 786 9.28 -80.06 -7.97
C ASP D 786 9.11 -79.60 -9.41
N ASN D 787 10.14 -79.00 -10.01
CA ASN D 787 10.02 -78.45 -11.35
C ASN D 787 10.49 -79.43 -12.43
N MET D 788 11.75 -79.87 -12.36
CA MET D 788 12.30 -80.75 -13.38
C MET D 788 11.68 -82.14 -13.33
N ALA D 789 10.97 -82.49 -12.25
CA ALA D 789 10.48 -83.85 -12.08
C ALA D 789 9.61 -84.30 -13.24
N GLY D 790 9.01 -83.35 -13.95
CA GLY D 790 8.19 -83.71 -15.09
C GLY D 790 8.94 -84.57 -16.09
N VAL D 791 10.19 -84.19 -16.40
CA VAL D 791 10.95 -84.98 -17.37
C VAL D 791 11.02 -86.43 -16.94
N PHE D 792 11.13 -86.68 -15.62
CA PHE D 792 11.20 -88.05 -15.13
C PHE D 792 10.01 -88.85 -15.63
N TYR D 793 8.79 -88.31 -15.47
CA TYR D 793 7.63 -89.10 -15.85
C TYR D 793 7.68 -89.46 -17.33
N MET D 794 8.23 -88.57 -18.16
CA MET D 794 8.44 -88.90 -19.56
C MET D 794 9.19 -90.22 -19.67
N LEU D 795 10.41 -90.25 -19.13
CA LEU D 795 11.15 -91.50 -19.03
C LEU D 795 10.26 -92.59 -18.45
N GLY D 796 9.64 -92.30 -17.30
CA GLY D 796 8.80 -93.30 -16.66
C GLY D 796 7.75 -93.82 -17.61
N ALA D 797 7.03 -92.91 -18.27
CA ALA D 797 6.00 -93.35 -19.21
C ALA D 797 6.61 -94.26 -20.27
N ALA D 798 7.69 -93.79 -20.91
CA ALA D 798 8.34 -94.61 -21.93
C ALA D 798 8.71 -95.97 -21.37
N MET D 799 9.24 -95.99 -20.14
CA MET D 799 9.58 -97.24 -19.48
C MET D 799 8.42 -98.22 -19.60
N ALA D 800 7.27 -97.85 -19.04
CA ALA D 800 6.13 -98.75 -19.05
C ALA D 800 5.80 -99.18 -20.47
N LEU D 801 5.80 -98.22 -21.40
CA LEU D 801 5.46 -98.52 -22.79
C LEU D 801 6.30 -99.68 -23.29
N SER D 802 7.62 -99.60 -23.10
CA SER D 802 8.49 -100.65 -23.60
C SER D 802 8.06 -102.00 -23.07
N LEU D 803 7.88 -102.10 -21.75
CA LEU D 803 7.54 -103.37 -21.14
C LEU D 803 6.32 -103.98 -21.81
N ILE D 804 5.31 -103.14 -22.09
CA ILE D 804 4.10 -103.63 -22.73
C ILE D 804 4.46 -104.40 -24.00
N THR D 805 5.10 -103.70 -24.95
CA THR D 805 5.44 -104.33 -26.21
C THR D 805 6.30 -105.56 -25.98
N PHE D 806 7.16 -105.51 -24.96
CA PHE D 806 7.99 -106.67 -24.64
C PHE D 806 7.13 -107.93 -24.54
N ILE D 807 6.15 -107.91 -23.65
CA ILE D 807 5.31 -109.10 -23.48
C ILE D 807 4.58 -109.39 -24.78
N SER D 808 4.11 -108.34 -25.46
CA SER D 808 3.42 -108.54 -26.74
C SER D 808 4.32 -109.28 -27.72
N GLU D 809 5.61 -108.94 -27.75
CA GLU D 809 6.53 -109.64 -28.63
C GLU D 809 6.53 -111.13 -28.31
N HIS D 810 6.59 -111.48 -27.02
CA HIS D 810 6.55 -112.88 -26.64
C HIS D 810 5.28 -113.54 -27.12
N LEU D 811 4.16 -112.80 -27.09
CA LEU D 811 2.90 -113.35 -27.58
C LEU D 811 3.02 -113.72 -29.06
N PHE D 812 3.69 -112.87 -29.85
CA PHE D 812 3.89 -113.20 -31.26
C PHE D 812 4.75 -114.46 -31.40
N TYR D 813 5.66 -114.69 -30.47
CA TYR D 813 6.43 -115.93 -30.48
C TYR D 813 5.67 -117.08 -29.83
N TRP D 814 4.61 -116.79 -29.08
CA TRP D 814 3.84 -117.82 -28.41
C TRP D 814 2.60 -118.25 -29.20
N GLN D 815 2.37 -117.67 -30.37
CA GLN D 815 1.21 -118.02 -31.18
C GLN D 815 1.57 -118.07 -32.66
N GLN E 1 -46.82 52.06 6.01
CA GLN E 1 -47.74 52.87 5.21
C GLN E 1 -49.16 52.74 5.73
N VAL E 2 -49.38 51.76 6.62
CA VAL E 2 -50.72 51.56 7.16
C VAL E 2 -51.02 52.62 8.23
N GLN E 3 -52.31 52.79 8.50
CA GLN E 3 -52.78 53.76 9.48
C GLN E 3 -53.42 53.04 10.66
N LEU E 4 -53.25 53.60 11.84
CA LEU E 4 -53.83 53.06 13.06
C LEU E 4 -54.39 54.19 13.93
N VAL E 5 -55.05 55.16 13.29
CA VAL E 5 -55.61 56.29 14.01
C VAL E 5 -56.65 55.79 15.01
N GLN E 6 -56.44 56.08 16.29
CA GLN E 6 -57.33 55.57 17.32
C GLN E 6 -58.55 56.47 17.49
N SER E 7 -59.41 56.10 18.43
CA SER E 7 -60.58 56.89 18.76
C SER E 7 -60.16 58.14 19.53
N GLY E 8 -61.09 59.11 19.59
CA GLY E 8 -60.83 60.33 20.31
C GLY E 8 -60.80 60.11 21.82
N ALA E 9 -60.32 61.13 22.53
CA ALA E 9 -60.26 61.06 23.98
C ALA E 9 -61.67 61.00 24.56
N GLU E 10 -61.83 60.17 25.59
CA GLU E 10 -63.14 59.97 26.22
C GLU E 10 -62.99 60.06 27.73
N ALA E 11 -64.03 60.58 28.37
CA ALA E 11 -64.08 60.70 29.82
C ALA E 11 -65.39 60.10 30.32
N LYS E 12 -65.30 59.23 31.33
CA LYS E 12 -66.48 58.59 31.88
C LYS E 12 -66.29 58.37 33.37
N LYS E 13 -67.40 58.38 34.10
CA LYS E 13 -67.38 58.14 35.54
C LYS E 13 -67.21 56.66 35.83
N PRO E 14 -66.82 56.31 37.05
CA PRO E 14 -66.67 54.89 37.39
C PRO E 14 -67.99 54.15 37.30
N GLY E 15 -67.92 52.90 36.86
CA GLY E 15 -69.07 52.05 36.69
C GLY E 15 -69.70 52.11 35.31
N GLU E 16 -69.56 53.23 34.62
CA GLU E 16 -70.14 53.36 33.28
C GLU E 16 -69.39 52.48 32.29
N SER E 17 -70.14 51.89 31.35
CA SER E 17 -69.56 51.06 30.32
C SER E 17 -69.20 51.91 29.11
N LEU E 18 -67.95 51.86 28.69
CA LEU E 18 -67.46 52.63 27.56
C LEU E 18 -66.78 51.70 26.56
N LYS E 19 -66.94 52.02 25.28
CA LYS E 19 -66.33 51.25 24.20
C LYS E 19 -65.46 52.18 23.36
N ILE E 20 -64.20 51.78 23.17
CA ILE E 20 -63.27 52.52 22.33
C ILE E 20 -63.16 51.81 20.99
N SER E 21 -62.99 52.59 19.92
CA SER E 21 -63.04 52.03 18.57
C SER E 21 -61.98 52.71 17.71
N CYS E 22 -60.93 51.98 17.38
CA CYS E 22 -59.87 52.42 16.49
C CYS E 22 -59.97 51.66 15.18
N LYS E 23 -59.77 52.37 14.07
CA LYS E 23 -59.94 51.79 12.73
C LYS E 23 -58.64 51.95 11.94
N ALA E 24 -58.26 50.87 11.25
CA ALA E 24 -57.07 50.87 10.40
C ALA E 24 -57.46 51.03 8.94
N SER E 25 -56.47 51.37 8.12
CA SER E 25 -56.71 51.59 6.69
C SER E 25 -55.40 51.48 5.93
N GLY E 26 -55.39 50.64 4.90
CA GLY E 26 -54.24 50.54 4.02
C GLY E 26 -53.57 49.18 3.99
N TYR E 27 -54.31 48.13 4.33
CA TYR E 27 -53.76 46.77 4.34
C TYR E 27 -54.92 45.79 4.39
N SER E 28 -54.58 44.50 4.40
CA SER E 28 -55.57 43.43 4.50
C SER E 28 -55.85 43.17 5.97
N PHE E 29 -57.02 43.64 6.43
CA PHE E 29 -57.30 43.66 7.87
C PHE E 29 -57.36 42.26 8.46
N THR E 30 -58.01 41.32 7.77
CA THR E 30 -58.21 39.98 8.28
C THR E 30 -56.99 39.08 8.12
N THR E 31 -55.82 39.64 7.82
CA THR E 31 -54.60 38.88 7.67
C THR E 31 -53.51 39.31 8.63
N PHE E 32 -53.88 39.94 9.74
CA PHE E 32 -52.90 40.42 10.72
C PHE E 32 -53.45 40.25 12.13
N TRP E 33 -52.55 40.09 13.08
CA TRP E 33 -52.90 39.80 14.48
C TRP E 33 -52.98 41.12 15.24
N ILE E 34 -54.20 41.63 15.41
CA ILE E 34 -54.42 42.92 16.06
C ILE E 34 -54.26 42.75 17.57
N GLY E 35 -53.45 43.61 18.17
CA GLY E 35 -53.20 43.57 19.60
C GLY E 35 -53.72 44.80 20.32
N TRP E 36 -53.51 44.80 21.63
CA TRP E 36 -53.90 45.91 22.50
C TRP E 36 -52.85 46.03 23.59
N VAL E 37 -52.61 47.26 24.06
CA VAL E 37 -51.56 47.51 25.03
C VAL E 37 -51.95 48.70 25.89
N ARG E 38 -51.62 48.60 27.18
CA ARG E 38 -51.89 49.63 28.17
C ARG E 38 -50.63 50.45 28.42
N GLN E 39 -50.82 51.74 28.74
CA GLN E 39 -49.71 52.61 29.14
C GLN E 39 -50.27 53.61 30.15
N MET E 40 -50.10 53.29 31.43
CA MET E 40 -50.53 54.19 32.49
C MET E 40 -49.56 55.36 32.59
N PRO E 41 -50.03 56.52 33.08
CA PRO E 41 -49.11 57.65 33.29
C PRO E 41 -48.13 57.39 34.42
N GLY E 42 -47.12 56.55 34.16
CA GLY E 42 -46.12 56.24 35.16
C GLY E 42 -45.99 54.76 35.45
N SER E 43 -46.41 53.91 34.52
CA SER E 43 -46.27 52.47 34.69
C SER E 43 -45.55 51.85 33.49
N GLY E 44 -45.80 52.38 32.30
CA GLY E 44 -45.21 51.87 31.08
C GLY E 44 -46.16 50.98 30.31
N LEU E 45 -45.62 50.38 29.26
CA LEU E 45 -46.42 49.51 28.40
C LEU E 45 -46.82 48.23 29.14
N GLU E 46 -48.09 47.86 29.04
CA GLU E 46 -48.62 46.65 29.64
C GLU E 46 -49.44 45.90 28.61
N TRP E 47 -49.15 44.61 28.45
CA TRP E 47 -49.86 43.81 27.46
C TRP E 47 -51.32 43.63 27.86
N ILE E 48 -52.21 43.74 26.87
CA ILE E 48 -53.64 43.60 27.07
C ILE E 48 -54.17 42.33 26.40
N GLY E 49 -53.84 42.13 25.12
CA GLY E 49 -54.27 40.96 24.40
C GLY E 49 -54.13 41.12 22.90
N ILE E 50 -53.95 40.00 22.19
CA ILE E 50 -53.79 40.01 20.74
C ILE E 50 -54.93 39.19 20.14
N ILE E 51 -55.66 39.80 19.21
CA ILE E 51 -56.84 39.17 18.60
C ILE E 51 -56.63 39.14 17.10
N TYR E 52 -57.18 38.10 16.46
CA TYR E 52 -57.15 37.98 15.01
C TYR E 52 -58.52 38.33 14.47
N PRO E 53 -58.69 39.44 13.75
CA PRO E 53 -60.02 39.77 13.20
C PRO E 53 -60.54 38.75 12.22
N GLY E 54 -59.68 37.90 11.65
CA GLY E 54 -60.16 36.88 10.73
C GLY E 54 -61.10 35.89 11.38
N ASP E 55 -60.79 35.49 12.62
CA ASP E 55 -61.62 34.53 13.34
C ASP E 55 -62.04 35.01 14.72
N SER E 56 -61.71 36.24 15.08
CA SER E 56 -62.05 36.82 16.38
C SER E 56 -61.48 36.01 17.54
N ASP E 57 -60.30 35.41 17.33
CA ASP E 57 -59.65 34.65 18.39
C ASP E 57 -59.08 35.61 19.43
N THR E 58 -59.61 35.55 20.65
CA THR E 58 -59.25 36.47 21.71
C THR E 58 -58.68 35.71 22.89
N ARG E 59 -57.69 36.31 23.55
CA ARG E 59 -57.06 35.73 24.72
C ARG E 59 -56.83 36.85 25.73
N TYR E 60 -56.14 36.52 26.82
CA TYR E 60 -55.93 37.47 27.91
C TYR E 60 -54.70 37.06 28.69
N SER E 61 -54.51 37.68 29.85
CA SER E 61 -53.46 37.37 30.81
C SER E 61 -54.10 36.89 32.10
N PRO E 62 -53.37 36.14 32.94
CA PRO E 62 -53.97 35.65 34.19
C PRO E 62 -54.46 36.76 35.10
N SER E 63 -53.87 37.95 35.03
CA SER E 63 -54.30 39.09 35.83
C SER E 63 -55.31 39.97 35.11
N PHE E 64 -55.78 39.58 33.91
CA PHE E 64 -56.66 40.43 33.13
C PHE E 64 -57.87 39.67 32.56
N GLN E 65 -58.06 38.40 32.92
CA GLN E 65 -59.09 37.60 32.28
C GLN E 65 -60.49 38.07 32.66
N GLY E 66 -61.37 38.12 31.67
CA GLY E 66 -62.79 38.40 31.89
C GLY E 66 -63.12 39.76 32.45
N HIS E 67 -62.55 40.82 31.88
CA HIS E 67 -62.87 42.17 32.33
C HIS E 67 -63.15 43.08 31.14
N VAL E 68 -62.62 42.74 29.97
CA VAL E 68 -62.87 43.47 28.74
C VAL E 68 -63.46 42.52 27.72
N THR E 69 -64.40 43.02 26.92
CA THR E 69 -64.98 42.27 25.80
C THR E 69 -64.38 42.83 24.51
N ILE E 70 -63.26 42.24 24.09
CA ILE E 70 -62.59 42.68 22.87
C ILE E 70 -63.36 42.17 21.66
N SER E 71 -63.64 43.07 20.72
CA SER E 71 -64.32 42.72 19.48
C SER E 71 -63.73 43.55 18.35
N ALA E 72 -63.93 43.06 17.12
CA ALA E 72 -63.42 43.76 15.94
C ALA E 72 -64.23 43.30 14.73
N ASP E 73 -64.96 44.23 14.13
CA ASP E 73 -65.72 43.91 12.92
C ASP E 73 -64.77 43.58 11.78
N ARG E 74 -65.20 42.65 10.93
CA ARG E 74 -64.39 42.21 9.80
C ARG E 74 -64.80 42.87 8.49
N SER E 75 -65.64 43.90 8.54
CA SER E 75 -66.07 44.61 7.34
C SER E 75 -65.50 46.02 7.30
N THR E 76 -65.75 46.84 8.32
CA THR E 76 -65.19 48.18 8.40
C THR E 76 -63.82 48.21 9.05
N SER E 77 -63.41 47.11 9.69
CA SER E 77 -62.08 46.99 10.30
C SER E 77 -61.84 48.07 11.36
N THR E 78 -62.68 48.05 12.39
CA THR E 78 -62.57 48.95 13.52
C THR E 78 -62.41 48.12 14.78
N ALA E 79 -61.22 48.16 15.39
CA ALA E 79 -60.92 47.35 16.56
C ALA E 79 -61.60 47.96 17.78
N TYR E 80 -62.44 47.18 18.44
CA TYR E 80 -63.22 47.64 19.58
C TYR E 80 -62.69 47.08 20.89
N LEU E 81 -62.67 47.92 21.91
CA LEU E 81 -62.48 47.50 23.30
C LEU E 81 -63.74 47.88 24.07
N GLN E 82 -64.45 46.87 24.57
CA GLN E 82 -65.68 47.08 25.34
C GLN E 82 -65.41 46.79 26.80
N TRP E 83 -65.82 47.73 27.67
CA TRP E 83 -65.61 47.62 29.11
C TRP E 83 -66.94 47.42 29.80
N SER E 84 -66.95 46.56 30.83
CA SER E 84 -68.19 46.22 31.52
C SER E 84 -68.43 47.09 32.75
N SER E 85 -67.52 47.03 33.72
CA SER E 85 -67.69 47.74 34.99
C SER E 85 -66.35 47.70 35.72
N LEU E 86 -66.37 48.14 36.98
CA LEU E 86 -65.20 48.14 37.87
C LEU E 86 -64.07 49.00 37.33
N LYS E 87 -64.38 50.06 36.60
CA LYS E 87 -63.38 50.95 36.03
C LYS E 87 -63.29 52.20 36.91
N ALA E 88 -62.39 52.16 37.88
CA ALA E 88 -62.16 53.30 38.78
C ALA E 88 -60.77 53.90 38.68
N SER E 89 -59.78 53.15 38.22
CA SER E 89 -58.42 53.64 38.02
C SER E 89 -57.96 53.40 36.60
N ASP E 90 -58.84 53.67 35.63
CA ASP E 90 -58.57 53.43 34.22
C ASP E 90 -58.09 54.68 33.49
N THR E 91 -57.75 55.74 34.22
CA THR E 91 -57.27 56.98 33.62
C THR E 91 -55.85 56.75 33.13
N ALA E 92 -55.74 56.21 31.92
CA ALA E 92 -54.45 55.85 31.35
C ALA E 92 -54.53 56.00 29.83
N MET E 93 -53.55 55.46 29.13
CA MET E 93 -53.51 55.49 27.67
C MET E 93 -53.68 54.07 27.14
N TYR E 94 -54.52 53.92 26.12
CA TYR E 94 -54.75 52.64 25.47
C TYR E 94 -54.27 52.73 24.03
N TYR E 95 -53.64 51.66 23.54
CA TYR E 95 -53.21 51.59 22.15
C TYR E 95 -53.67 50.27 21.54
N CYS E 96 -54.12 50.32 20.29
CA CYS E 96 -54.34 49.13 19.50
C CYS E 96 -53.17 48.91 18.56
N ALA E 97 -52.92 47.66 18.22
CA ALA E 97 -51.70 47.22 17.57
C ALA E 97 -52.03 46.32 16.39
N ARG E 98 -50.97 45.90 15.65
CA ARG E 98 -51.14 45.40 14.28
C ARG E 98 -50.70 43.95 14.06
N SER E 99 -49.46 43.57 14.41
CA SER E 99 -48.94 42.31 13.86
C SER E 99 -48.13 41.46 14.85
N ALA E 100 -48.32 41.67 16.15
CA ALA E 100 -47.70 40.91 17.25
C ALA E 100 -46.18 41.10 17.33
N VAL E 101 -45.58 41.80 16.37
CA VAL E 101 -44.17 42.19 16.43
C VAL E 101 -44.22 43.70 16.34
N PHE E 102 -45.30 44.25 16.91
CA PHE E 102 -46.03 45.42 16.44
C PHE E 102 -45.14 46.49 15.82
N ASP E 103 -45.50 46.95 14.61
CA ASP E 103 -44.63 47.79 13.81
C ASP E 103 -45.18 49.20 13.62
N TYR E 104 -46.39 49.35 13.08
CA TYR E 104 -46.96 50.64 12.77
C TYR E 104 -48.18 50.86 13.65
N TRP E 105 -48.08 51.80 14.60
CA TRP E 105 -49.11 52.03 15.59
C TRP E 105 -49.77 53.39 15.34
N GLY E 106 -50.66 53.78 16.25
CA GLY E 106 -51.39 55.02 16.14
C GLY E 106 -51.12 55.95 17.31
N GLN E 107 -51.87 57.06 17.30
CA GLN E 107 -51.69 58.08 18.34
C GLN E 107 -52.22 57.64 19.68
N GLY E 108 -53.21 56.74 19.69
CA GLY E 108 -53.80 56.27 20.92
C GLY E 108 -55.03 57.06 21.34
N THR E 109 -55.72 56.54 22.35
CA THR E 109 -56.93 57.15 22.87
C THR E 109 -56.78 57.40 24.37
N LEU E 110 -57.12 58.60 24.80
CA LEU E 110 -57.03 58.99 26.20
C LEU E 110 -58.34 58.65 26.91
N VAL E 111 -58.25 57.93 28.02
CA VAL E 111 -59.40 57.54 28.82
C VAL E 111 -59.29 58.24 30.18
N THR E 112 -60.37 58.90 30.60
CA THR E 112 -60.42 59.62 31.86
C THR E 112 -61.49 58.98 32.74
N VAL E 113 -61.06 58.12 33.66
CA VAL E 113 -61.94 57.47 34.62
C VAL E 113 -61.76 58.20 35.95
N SER E 114 -62.69 59.10 36.26
CA SER E 114 -62.61 59.90 37.47
C SER E 114 -64.00 60.25 37.95
N SER E 115 -64.10 60.64 39.22
CA SER E 115 -65.38 60.99 39.82
C SER E 115 -65.72 62.46 39.69
N ALA E 116 -64.74 63.32 39.43
CA ALA E 116 -64.99 64.75 39.33
C ALA E 116 -65.74 65.07 38.03
N SER E 117 -66.46 66.19 38.07
CA SER E 117 -67.20 66.67 36.92
C SER E 117 -66.44 67.80 36.23
N THR E 118 -66.85 68.12 35.01
CA THR E 118 -66.17 69.14 34.24
C THR E 118 -66.53 70.54 34.75
N LYS E 119 -65.52 71.41 34.79
CA LYS E 119 -65.73 72.82 35.09
C LYS E 119 -64.56 73.63 34.52
N GLY E 120 -64.78 74.93 34.40
CA GLY E 120 -63.82 75.83 33.81
C GLY E 120 -62.64 76.14 34.71
N PRO E 121 -61.51 76.51 34.11
CA PRO E 121 -60.32 76.82 34.89
C PRO E 121 -60.40 78.19 35.55
N SER E 122 -59.58 78.34 36.59
CA SER E 122 -59.38 79.63 37.27
C SER E 122 -57.93 80.05 37.07
N VAL E 123 -57.75 81.22 36.46
CA VAL E 123 -56.42 81.73 36.10
C VAL E 123 -56.09 82.91 37.00
N PHE E 124 -54.92 82.88 37.63
CA PHE E 124 -54.48 83.97 38.48
C PHE E 124 -53.07 84.39 38.09
N PRO E 125 -52.78 85.68 38.09
CA PRO E 125 -51.49 86.18 37.60
C PRO E 125 -50.40 86.11 38.66
N LEU E 126 -49.40 85.27 38.43
CA LEU E 126 -48.19 85.27 39.23
C LEU E 126 -47.37 86.48 38.79
N ALA E 127 -47.49 87.57 39.55
CA ALA E 127 -46.97 88.88 39.20
C ALA E 127 -45.50 89.00 39.58
N PRO E 128 -44.72 89.77 38.83
CA PRO E 128 -43.32 90.03 39.20
C PRO E 128 -43.17 91.31 40.02
N SER E 129 -42.03 91.41 40.70
CA SER E 129 -41.71 92.60 41.47
C SER E 129 -40.20 92.66 41.64
N SER E 130 -39.72 93.86 41.95
CA SER E 130 -38.29 94.12 42.18
C SER E 130 -37.44 93.67 40.99
N GLY E 131 -31.68 91.13 36.31
CA GLY E 131 -32.11 91.89 35.15
C GLY E 131 -33.37 91.33 34.50
N THR E 132 -33.57 90.03 34.65
CA THR E 132 -34.72 89.34 34.08
C THR E 132 -35.63 88.88 35.22
N ALA E 133 -36.90 89.27 35.15
CA ALA E 133 -37.88 88.90 36.14
C ALA E 133 -38.92 87.98 35.52
N ALA E 134 -39.41 87.02 36.30
CA ALA E 134 -40.37 86.04 35.82
C ALA E 134 -41.78 86.47 36.16
N LEU E 135 -42.70 86.28 35.21
CA LEU E 135 -44.11 86.52 35.43
C LEU E 135 -44.91 85.45 34.69
N GLY E 136 -46.09 85.14 35.19
CA GLY E 136 -46.84 84.07 34.53
C GLY E 136 -48.29 84.06 34.94
N CYS E 137 -48.99 83.04 34.44
CA CYS E 137 -50.39 82.79 34.80
C CYS E 137 -50.50 81.36 35.33
N LEU E 138 -50.98 81.24 36.57
CA LEU E 138 -51.19 79.95 37.22
C LEU E 138 -52.65 79.57 37.10
N VAL E 139 -52.91 78.42 36.51
CA VAL E 139 -54.26 77.93 36.25
C VAL E 139 -54.54 76.75 37.16
N LYS E 140 -55.55 76.88 38.01
CA LYS E 140 -56.01 75.79 38.86
C LYS E 140 -57.41 75.39 38.45
N ASP E 141 -57.82 74.22 38.94
CA ASP E 141 -59.24 73.88 39.11
C ASP E 141 -59.98 73.84 37.77
N TYR E 142 -59.49 73.00 36.86
CA TYR E 142 -60.18 72.72 35.61
C TYR E 142 -60.31 71.22 35.43
N PHE E 143 -61.37 70.81 34.74
CA PHE E 143 -61.63 69.40 34.52
C PHE E 143 -62.42 69.23 33.23
N PRO E 144 -62.04 68.28 32.36
CA PRO E 144 -60.85 67.42 32.42
C PRO E 144 -59.69 67.97 31.59
N GLU E 145 -58.68 67.13 31.35
CA GLU E 145 -57.57 67.52 30.49
C GLU E 145 -58.07 67.73 29.06
N PRO E 146 -57.41 68.61 28.28
CA PRO E 146 -56.29 69.48 28.62
C PRO E 146 -56.66 70.96 28.73
N VAL E 147 -55.66 71.81 28.97
CA VAL E 147 -55.81 73.26 28.91
C VAL E 147 -54.63 73.82 28.13
N THR E 148 -54.89 74.78 27.25
CA THR E 148 -53.85 75.38 26.41
C THR E 148 -53.66 76.82 26.81
N VAL E 149 -52.43 77.19 27.16
CA VAL E 149 -52.10 78.55 27.57
C VAL E 149 -51.11 79.14 26.58
N SER E 150 -51.48 80.28 25.99
CA SER E 150 -50.61 81.01 25.07
C SER E 150 -50.35 82.40 25.61
N TRP E 151 -49.31 83.03 25.08
CA TRP E 151 -48.88 84.35 25.54
C TRP E 151 -48.92 85.34 24.38
N ASN E 152 -49.64 86.45 24.57
CA ASN E 152 -49.76 87.51 23.58
C ASN E 152 -50.27 86.95 22.24
N SER E 153 -51.20 86.00 22.33
CA SER E 153 -51.75 85.33 21.15
C SER E 153 -50.65 84.72 20.29
N GLY E 154 -49.66 84.12 20.95
CA GLY E 154 -48.55 83.49 20.26
C GLY E 154 -47.42 84.41 19.88
N ALA E 155 -47.52 85.71 20.19
CA ALA E 155 -46.44 86.64 19.85
C ALA E 155 -45.24 86.47 20.77
N LEU E 156 -45.47 86.05 22.01
CA LEU E 156 -44.40 85.87 23.00
C LEU E 156 -44.24 84.38 23.24
N THR E 157 -43.14 83.82 22.73
CA THR E 157 -42.86 82.40 22.86
C THR E 157 -41.52 82.08 23.50
N SER E 158 -40.56 83.00 23.46
CA SER E 158 -39.25 82.74 24.04
C SER E 158 -39.33 82.75 25.56
N GLY E 159 -38.77 81.71 26.17
CA GLY E 159 -38.80 81.59 27.61
C GLY E 159 -40.12 81.14 28.20
N VAL E 160 -41.07 80.74 27.37
CA VAL E 160 -42.39 80.33 27.85
C VAL E 160 -42.31 78.89 28.33
N HIS E 161 -42.63 78.68 29.60
CA HIS E 161 -42.67 77.35 30.20
C HIS E 161 -44.09 77.08 30.67
N THR E 162 -44.73 76.10 30.04
CA THR E 162 -46.08 75.64 30.41
C THR E 162 -45.92 74.29 31.09
N PHE E 163 -45.93 74.29 32.42
CA PHE E 163 -45.66 73.08 33.18
C PHE E 163 -46.78 72.06 33.01
N PRO E 164 -46.48 70.78 33.14
CA PRO E 164 -47.54 69.76 33.05
C PRO E 164 -48.51 69.89 34.22
N ALA E 165 -49.74 69.45 33.98
CA ALA E 165 -50.77 69.52 35.00
C ALA E 165 -50.44 68.59 36.16
N VAL E 166 -50.59 69.10 37.38
CA VAL E 166 -50.46 68.30 38.59
C VAL E 166 -51.86 68.00 39.12
N LEU E 167 -52.01 66.81 39.69
CA LEU E 167 -53.28 66.35 40.23
C LEU E 167 -53.27 66.50 41.74
N GLN E 168 -54.20 67.30 42.26
CA GLN E 168 -54.31 67.54 43.69
C GLN E 168 -55.06 66.39 44.35
N SER E 169 -55.29 66.53 45.66
CA SER E 169 -55.99 65.48 46.41
C SER E 169 -57.45 65.34 45.97
N SER E 170 -58.07 66.43 45.52
CA SER E 170 -59.46 66.42 45.12
C SER E 170 -59.64 66.00 43.66
N GLY E 171 -58.67 65.31 43.08
CA GLY E 171 -58.78 64.85 41.70
C GLY E 171 -58.93 65.97 40.70
N LEU E 172 -58.15 67.04 40.87
CA LEU E 172 -58.30 68.25 40.08
C LEU E 172 -56.93 68.74 39.63
N TYR E 173 -56.88 69.38 38.47
CA TYR E 173 -55.62 69.68 37.81
C TYR E 173 -55.22 71.14 37.99
N SER E 174 -53.90 71.36 38.09
CA SER E 174 -53.35 72.70 38.19
C SER E 174 -51.98 72.75 37.51
N LEU E 175 -51.78 73.74 36.64
CA LEU E 175 -50.48 73.96 35.99
C LEU E 175 -50.26 75.46 35.89
N SER E 176 -49.21 75.86 35.17
CA SER E 176 -48.93 77.27 34.97
C SER E 176 -48.21 77.48 33.64
N SER E 177 -48.26 78.72 33.16
CA SER E 177 -47.46 79.15 32.02
C SER E 177 -46.76 80.45 32.40
N VAL E 178 -45.43 80.39 32.52
CA VAL E 178 -44.64 81.51 32.97
C VAL E 178 -43.61 81.86 31.90
N VAL E 179 -42.97 83.02 32.08
CA VAL E 179 -41.94 83.48 31.16
C VAL E 179 -41.07 84.49 31.89
N THR E 180 -39.78 84.47 31.59
CA THR E 180 -38.82 85.43 32.13
C THR E 180 -38.61 86.53 31.10
N VAL E 181 -38.91 87.77 31.50
CA VAL E 181 -38.82 88.92 30.60
C VAL E 181 -37.93 89.96 31.25
N PRO E 182 -37.33 90.85 30.44
CA PRO E 182 -36.48 91.90 31.02
C PRO E 182 -37.25 92.77 32.01
N SER E 183 -36.58 93.15 33.09
CA SER E 183 -37.22 93.98 34.12
C SER E 183 -37.58 95.35 33.57
N SER E 184 -36.74 95.91 32.71
CA SER E 184 -37.04 97.20 32.09
C SER E 184 -38.26 97.14 31.18
N SER E 185 -38.62 95.95 30.70
CA SER E 185 -39.77 95.78 29.83
C SER E 185 -41.08 95.63 30.59
N LEU E 186 -41.04 95.63 31.93
CA LEU E 186 -42.26 95.49 32.71
C LEU E 186 -43.22 96.65 32.46
N GLY E 187 -42.69 97.87 32.42
CA GLY E 187 -43.49 99.04 32.15
C GLY E 187 -43.60 99.43 30.69
N THR E 188 -42.95 98.69 29.78
CA THR E 188 -42.98 99.01 28.37
C THR E 188 -43.67 97.95 27.52
N GLN E 189 -43.89 96.75 28.05
CA GLN E 189 -44.52 95.67 27.31
C GLN E 189 -45.72 95.14 28.08
N THR E 190 -46.79 94.80 27.36
CA THR E 190 -48.00 94.26 27.95
C THR E 190 -47.96 92.74 27.86
N TYR E 191 -48.21 92.08 28.99
CA TYR E 191 -48.20 90.63 29.09
C TYR E 191 -49.61 90.14 29.37
N ILE E 192 -50.18 89.38 28.43
CA ILE E 192 -51.51 88.82 28.56
C ILE E 192 -51.45 87.33 28.24
N CYS E 193 -52.11 86.53 29.07
CA CYS E 193 -52.16 85.09 28.92
C CYS E 193 -53.55 84.66 28.48
N ASN E 194 -53.62 83.81 27.46
CA ASN E 194 -54.87 83.27 26.96
C ASN E 194 -54.96 81.79 27.34
N VAL E 195 -56.08 81.42 27.97
CA VAL E 195 -56.30 80.09 28.52
C VAL E 195 -57.52 79.51 27.84
N ASN E 196 -57.36 78.32 27.25
CA ASN E 196 -58.42 77.63 26.54
C ASN E 196 -58.67 76.28 27.17
N HIS E 197 -59.93 76.02 27.49
CA HIS E 197 -60.39 74.71 27.97
C HIS E 197 -61.52 74.27 27.04
N LYS E 198 -61.19 73.34 26.14
CA LYS E 198 -62.17 72.87 25.16
C LYS E 198 -63.39 72.21 25.79
N PRO E 199 -63.27 71.28 26.75
CA PRO E 199 -64.49 70.65 27.29
C PRO E 199 -65.47 71.62 27.90
N SER E 200 -64.99 72.66 28.59
CA SER E 200 -65.86 73.67 29.17
C SER E 200 -66.01 74.90 28.29
N ASN E 201 -65.36 74.93 27.13
CA ASN E 201 -65.43 76.05 26.20
C ASN E 201 -65.03 77.36 26.88
N THR E 202 -63.96 77.30 27.66
CA THR E 202 -63.48 78.44 28.42
C THR E 202 -62.39 79.15 27.62
N LYS E 203 -62.59 80.46 27.39
CA LYS E 203 -61.68 81.33 26.64
C LYS E 203 -61.39 82.52 27.53
N VAL E 204 -60.37 82.41 28.40
CA VAL E 204 -60.11 83.41 29.42
C VAL E 204 -58.81 84.12 29.11
N ASP E 205 -58.86 85.44 28.98
CA ASP E 205 -57.67 86.27 28.77
C ASP E 205 -57.42 87.09 30.02
N LYS E 206 -56.22 86.95 30.60
CA LYS E 206 -55.88 87.60 31.86
C LYS E 206 -54.59 88.40 31.70
N LYS E 207 -54.58 89.60 32.26
CA LYS E 207 -53.43 90.48 32.19
C LYS E 207 -52.51 90.26 33.38
N VAL E 208 -51.20 90.31 33.13
CA VAL E 208 -50.19 90.18 34.17
C VAL E 208 -49.54 91.54 34.36
N GLU E 209 -49.65 92.09 35.56
CA GLU E 209 -49.14 93.40 35.91
C GLU E 209 -48.36 93.32 37.20
N PRO E 210 -47.40 94.23 37.41
CA PRO E 210 -46.65 94.24 38.68
C PRO E 210 -47.57 94.45 39.87
N LYS E 211 -47.24 93.78 40.97
CA LYS E 211 -48.03 93.89 42.19
C LYS E 211 -47.58 95.08 43.03
N VAL F 2 9.39 66.35 30.05
CA VAL F 2 10.08 67.03 28.95
C VAL F 2 9.62 68.47 28.88
N GLN F 3 10.53 69.36 28.43
CA GLN F 3 10.21 70.77 28.32
C GLN F 3 11.04 71.38 27.20
N LEU F 4 10.62 72.56 26.75
CA LEU F 4 11.29 73.26 25.66
C LEU F 4 11.02 74.75 25.78
N VAL F 5 12.09 75.54 25.81
CA VAL F 5 11.99 76.99 25.92
C VAL F 5 12.71 77.61 24.73
N GLN F 6 12.05 78.56 24.08
CA GLN F 6 12.60 79.26 22.92
C GLN F 6 12.95 80.69 23.28
N SER F 7 13.62 81.36 22.35
CA SER F 7 13.98 82.76 22.54
C SER F 7 12.74 83.64 22.43
N GLY F 8 12.85 84.84 22.99
CA GLY F 8 11.72 85.76 22.97
C GLY F 8 11.45 86.29 21.57
N ALA F 9 10.20 86.70 21.36
CA ALA F 9 9.80 87.28 20.08
C ALA F 9 10.53 88.60 19.84
N GLU F 10 10.88 88.85 18.59
CA GLU F 10 11.62 90.06 18.25
C GLU F 10 11.30 90.48 16.82
N ALA F 11 11.53 91.77 16.55
CA ALA F 11 11.37 92.36 15.23
C ALA F 11 12.65 93.07 14.85
N LYS F 12 13.07 92.89 13.60
CA LYS F 12 14.31 93.47 13.12
C LYS F 12 14.09 94.07 11.73
N LYS F 13 14.88 95.08 11.41
CA LYS F 13 14.82 95.70 10.10
C LYS F 13 15.37 94.75 9.04
N PRO F 14 14.95 94.89 7.79
CA PRO F 14 15.48 94.02 6.73
C PRO F 14 16.98 94.22 6.55
N GLY F 15 17.67 93.13 6.24
CA GLY F 15 19.10 93.17 6.05
C GLY F 15 19.88 93.08 7.35
N GLU F 16 19.58 92.06 8.15
CA GLU F 16 20.27 91.86 9.42
C GLU F 16 20.28 90.38 9.75
N SER F 17 21.22 89.99 10.61
CA SER F 17 21.38 88.61 11.05
C SER F 17 21.14 88.54 12.54
N LEU F 18 20.22 87.67 12.95
CA LEU F 18 19.89 87.45 14.35
C LEU F 18 20.19 86.01 14.73
N LYS F 19 19.83 85.64 15.95
CA LYS F 19 19.98 84.27 16.42
C LYS F 19 18.97 84.00 17.53
N ILE F 20 18.35 82.83 17.47
CA ILE F 20 17.41 82.39 18.49
C ILE F 20 17.86 81.03 19.01
N SER F 21 17.88 80.88 20.33
CA SER F 21 18.37 79.67 20.97
C SER F 21 17.18 78.86 21.49
N CYS F 22 17.03 77.64 21.00
CA CYS F 22 16.04 76.69 21.50
C CYS F 22 16.75 75.73 22.43
N LYS F 23 16.40 75.79 23.72
CA LYS F 23 17.07 75.02 24.76
C LYS F 23 16.14 73.95 25.29
N ALA F 24 16.62 72.70 25.30
CA ALA F 24 15.87 71.56 25.80
C ALA F 24 16.42 71.15 27.16
N SER F 25 15.53 71.06 28.15
CA SER F 25 15.91 70.65 29.50
C SER F 25 15.07 69.48 29.99
N GLY F 26 14.48 68.70 29.08
CA GLY F 26 13.64 67.59 29.46
C GLY F 26 14.32 66.24 29.33
N TYR F 27 15.25 66.12 28.39
CA TYR F 27 16.00 64.89 28.18
C TYR F 27 17.46 65.24 27.93
N SER F 28 18.28 64.20 27.70
CA SER F 28 19.70 64.40 27.47
C SER F 28 19.92 65.16 26.17
N PHE F 29 20.97 65.99 26.14
CA PHE F 29 21.21 66.86 25.01
C PHE F 29 21.61 66.09 23.75
N THR F 30 22.16 64.89 23.89
CA THR F 30 22.44 64.03 22.74
C THR F 30 21.64 62.74 22.89
N THR F 31 20.36 62.80 22.52
CA THR F 31 19.54 61.61 22.33
C THR F 31 18.60 61.71 21.14
N PHE F 32 18.37 62.91 20.59
CA PHE F 32 17.34 63.12 19.57
C PHE F 32 17.87 64.07 18.51
N TRP F 33 17.17 64.09 17.38
CA TRP F 33 17.50 64.98 16.27
C TRP F 33 16.61 66.22 16.38
N ILE F 34 17.21 67.35 16.72
CA ILE F 34 16.46 68.60 16.82
C ILE F 34 16.33 69.21 15.43
N GLY F 35 15.26 69.97 15.23
CA GLY F 35 15.00 70.56 13.93
C GLY F 35 14.39 71.94 14.02
N TRP F 36 13.86 72.44 12.89
CA TRP F 36 13.26 73.77 12.87
C TRP F 36 12.13 73.79 11.84
N VAL F 37 10.98 74.31 12.27
CA VAL F 37 9.82 74.45 11.40
C VAL F 37 9.34 75.90 11.50
N ARG F 38 8.67 76.36 10.44
CA ARG F 38 8.18 77.72 10.33
C ARG F 38 6.69 77.69 10.02
N GLN F 39 5.94 78.55 10.72
CA GLN F 39 4.49 78.66 10.54
C GLN F 39 4.15 80.13 10.32
N MET F 40 4.23 80.57 9.07
CA MET F 40 3.81 81.92 8.74
C MET F 40 2.29 81.99 8.68
N PRO F 41 1.71 83.17 8.97
CA PRO F 41 0.25 83.30 8.94
C PRO F 41 -0.31 83.01 7.55
N GLY F 42 -1.19 82.00 7.48
CA GLY F 42 -1.81 81.66 6.22
C GLY F 42 -0.94 80.88 5.26
N SER F 43 0.10 80.22 5.73
CA SER F 43 1.01 79.47 4.86
C SER F 43 1.07 78.00 5.20
N GLY F 44 1.12 77.63 6.48
CA GLY F 44 1.25 76.25 6.88
C GLY F 44 2.54 76.03 7.67
N LEU F 45 3.09 74.82 7.55
CA LEU F 45 4.32 74.44 8.22
C LEU F 45 5.37 74.09 7.18
N GLU F 46 6.56 74.66 7.32
CA GLU F 46 7.67 74.40 6.39
C GLU F 46 8.92 74.08 7.18
N TRP F 47 9.57 72.97 6.83
CA TRP F 47 10.81 72.57 7.47
C TRP F 47 11.97 73.42 6.97
N ILE F 48 12.90 73.75 7.88
CA ILE F 48 14.08 74.55 7.56
C ILE F 48 15.36 73.74 7.66
N GLY F 49 15.63 73.19 8.85
CA GLY F 49 16.84 72.43 9.05
C GLY F 49 16.79 71.53 10.28
N ILE F 50 17.36 70.34 10.16
CA ILE F 50 17.43 69.37 11.26
C ILE F 50 18.90 69.11 11.56
N ILE F 51 19.27 69.26 12.83
CA ILE F 51 20.65 69.12 13.27
C ILE F 51 20.69 68.29 14.54
N TYR F 52 21.69 67.40 14.63
CA TYR F 52 21.94 66.66 15.86
C TYR F 52 22.99 67.42 16.66
N PRO F 53 22.66 67.96 17.83
CA PRO F 53 23.67 68.71 18.61
C PRO F 53 24.83 67.86 19.08
N GLY F 54 24.69 66.55 19.14
CA GLY F 54 25.77 65.70 19.61
C GLY F 54 26.92 65.56 18.63
N ASP F 55 26.67 65.78 17.33
CA ASP F 55 27.74 65.69 16.34
C ASP F 55 27.65 66.80 15.29
N SER F 56 26.73 67.76 15.44
CA SER F 56 26.57 68.89 14.53
C SER F 56 26.23 68.46 13.11
N ASP F 57 25.77 67.24 12.92
CA ASP F 57 25.32 66.80 11.60
C ASP F 57 24.01 67.50 11.25
N THR F 58 23.99 68.18 10.11
CA THR F 58 22.87 69.04 9.75
C THR F 58 22.40 68.77 8.33
N ARG F 59 21.10 68.88 8.13
CA ARG F 59 20.48 68.83 6.81
C ARG F 59 19.47 69.96 6.71
N TYR F 60 19.24 70.43 5.48
CA TYR F 60 18.40 71.60 5.26
C TYR F 60 17.39 71.31 4.15
N SER F 61 16.35 72.14 4.10
CA SER F 61 15.31 71.97 3.11
C SER F 61 15.83 72.33 1.71
N PRO F 62 15.31 71.67 0.67
CA PRO F 62 15.80 71.94 -0.69
C PRO F 62 15.59 73.38 -1.15
N SER F 63 14.50 74.01 -0.71
CA SER F 63 14.11 75.32 -1.21
C SER F 63 14.56 76.46 -0.30
N PHE F 64 15.45 76.18 0.65
CA PHE F 64 15.92 77.21 1.57
C PHE F 64 17.45 77.22 1.67
N GLN F 65 18.07 76.10 1.29
CA GLN F 65 19.49 75.88 1.56
C GLN F 65 20.35 77.08 1.14
N GLY F 66 21.38 77.33 1.91
CA GLY F 66 22.24 78.50 1.70
C GLY F 66 21.58 79.82 2.00
N HIS F 67 20.77 79.89 3.07
CA HIS F 67 20.16 81.15 3.48
C HIS F 67 20.22 81.42 4.97
N VAL F 68 20.52 80.44 5.81
CA VAL F 68 20.61 80.65 7.26
C VAL F 68 21.38 79.47 7.85
N THR F 69 22.00 79.71 9.00
CA THR F 69 22.81 78.69 9.67
C THR F 69 22.07 78.12 10.87
N ILE F 70 22.28 76.83 11.12
CA ILE F 70 21.71 76.14 12.26
C ILE F 70 22.88 75.63 13.10
N SER F 71 23.24 76.39 14.13
CA SER F 71 24.33 76.03 15.02
C SER F 71 23.78 75.41 16.30
N ALA F 72 24.68 74.91 17.13
CA ALA F 72 24.32 74.27 18.39
C ALA F 72 25.47 74.43 19.37
N ASP F 73 25.40 73.71 20.48
CA ASP F 73 26.42 73.77 21.52
C ASP F 73 26.60 72.37 22.08
N ARG F 74 27.41 72.26 23.15
CA ARG F 74 27.65 70.99 23.81
C ARG F 74 27.40 71.01 25.31
N SER F 75 27.33 72.18 25.93
CA SER F 75 27.08 72.29 27.38
C SER F 75 25.83 73.09 27.70
N THR F 76 25.54 74.16 26.95
CA THR F 76 24.35 74.95 27.18
C THR F 76 23.09 74.29 26.63
N SER F 77 23.25 73.29 25.76
CA SER F 77 22.13 72.53 25.19
C SER F 77 21.11 73.45 24.51
N THR F 78 21.63 74.42 23.76
CA THR F 78 20.79 75.38 23.04
C THR F 78 21.18 75.37 21.57
N ALA F 79 20.19 75.19 20.71
CA ALA F 79 20.40 75.20 19.26
C ALA F 79 20.10 76.60 18.74
N TYR F 80 21.09 77.20 18.06
CA TYR F 80 20.97 78.56 17.56
C TYR F 80 20.58 78.54 16.10
N LEU F 81 19.44 79.12 15.77
CA LEU F 81 18.96 79.21 14.40
C LEU F 81 19.20 80.64 13.89
N GLN F 82 20.42 80.87 13.42
CA GLN F 82 20.80 82.20 12.97
C GLN F 82 20.39 82.41 11.52
N TRP F 83 19.88 83.61 11.22
CA TRP F 83 19.46 83.94 9.87
C TRP F 83 20.49 84.86 9.22
N SER F 84 20.19 85.26 7.98
CA SER F 84 21.05 86.13 7.20
C SER F 84 20.31 87.40 6.83
N SER F 85 21.01 88.32 6.16
CA SER F 85 20.44 89.59 5.76
C SER F 85 19.47 89.46 4.59
N LEU F 86 19.46 88.32 3.89
CA LEU F 86 18.59 88.16 2.74
C LEU F 86 17.11 88.05 3.13
N LYS F 87 16.82 87.80 4.40
CA LYS F 87 15.44 87.65 4.83
C LYS F 87 14.72 89.00 4.81
N ALA F 88 13.61 89.07 4.07
CA ALA F 88 12.81 90.28 3.99
C ALA F 88 11.32 90.04 4.21
N SER F 89 10.80 88.85 3.93
CA SER F 89 9.40 88.53 4.12
C SER F 89 9.26 87.17 4.81
N ASP F 90 10.06 86.98 5.87
CA ASP F 90 10.09 85.72 6.60
C ASP F 90 9.51 85.85 8.01
N THR F 91 8.72 86.90 8.25
CA THR F 91 8.09 87.09 9.56
C THR F 91 7.12 85.95 9.86
N ALA F 92 7.43 85.15 10.88
CA ALA F 92 6.63 83.98 11.21
C ALA F 92 6.87 83.64 12.68
N MET F 93 6.41 82.44 13.07
CA MET F 93 6.58 81.93 14.43
C MET F 93 7.31 80.59 14.33
N TYR F 94 8.62 80.63 14.47
CA TYR F 94 9.45 79.44 14.33
C TYR F 94 9.32 78.53 15.54
N TYR F 95 9.42 77.23 15.29
CA TYR F 95 9.38 76.20 16.32
C TYR F 95 10.53 75.22 16.10
N CYS F 96 11.00 74.63 17.19
CA CYS F 96 12.05 73.62 17.14
C CYS F 96 11.45 72.26 17.48
N ALA F 97 11.75 71.26 16.64
CA ALA F 97 11.22 69.92 16.83
C ALA F 97 11.97 69.21 17.96
N ARG F 98 11.52 67.99 18.28
CA ARG F 98 12.09 67.23 19.38
C ARG F 98 12.80 65.96 18.89
N SER F 99 12.11 65.08 18.17
CA SER F 99 12.66 63.79 17.78
C SER F 99 12.34 63.52 16.31
N ALA F 100 12.55 64.52 15.46
CA ALA F 100 12.37 64.42 14.02
C ALA F 100 10.93 64.11 13.63
N VAL F 101 10.02 64.08 14.60
CA VAL F 101 8.60 63.90 14.35
C VAL F 101 7.84 64.98 15.08
N PHE F 102 8.55 66.02 15.51
CA PHE F 102 7.98 67.16 16.23
C PHE F 102 7.22 66.71 17.48
N ASP F 103 7.88 65.90 18.30
CA ASP F 103 7.21 65.32 19.47
C ASP F 103 6.77 66.39 20.46
N TYR F 104 7.73 67.14 20.99
CA TYR F 104 7.46 68.17 22.00
C TYR F 104 7.94 69.51 21.45
N TRP F 105 7.00 70.36 21.05
CA TRP F 105 7.34 71.64 20.45
C TRP F 105 7.76 72.63 21.54
N GLY F 106 8.44 73.69 21.10
CA GLY F 106 8.83 74.76 22.00
C GLY F 106 7.74 75.80 22.15
N GLN F 107 8.05 76.82 22.98
CA GLN F 107 7.12 77.91 23.18
C GLN F 107 6.93 78.75 21.92
N GLY F 108 7.88 78.68 20.98
CA GLY F 108 7.78 79.43 19.74
C GLY F 108 8.53 80.74 19.80
N THR F 109 9.13 81.13 18.67
CA THR F 109 9.84 82.40 18.56
C THR F 109 9.25 83.18 17.39
N LEU F 110 8.59 84.30 17.70
CA LEU F 110 7.98 85.13 16.67
C LEU F 110 9.03 86.10 16.14
N VAL F 111 9.47 85.88 14.91
CA VAL F 111 10.48 86.70 14.26
C VAL F 111 9.79 87.56 13.21
N THR F 112 9.95 88.87 13.33
CA THR F 112 9.31 89.83 12.42
C THR F 112 10.38 90.56 11.62
N VAL F 113 10.15 90.67 10.32
CA VAL F 113 11.01 91.45 9.42
C VAL F 113 10.12 92.48 8.75
N SER F 114 10.03 93.67 9.36
CA SER F 114 9.16 94.72 8.87
C SER F 114 9.91 96.05 8.85
N SER F 115 9.53 96.91 7.91
CA SER F 115 10.16 98.21 7.78
C SER F 115 9.63 99.23 8.78
N ALA F 116 8.48 98.97 9.41
CA ALA F 116 7.90 99.90 10.36
C ALA F 116 8.68 99.88 11.67
N SER F 117 8.80 101.05 12.29
CA SER F 117 9.52 101.21 13.54
C SER F 117 8.54 101.25 14.71
N THR F 118 9.08 101.32 15.92
CA THR F 118 8.26 101.33 17.12
C THR F 118 7.52 102.67 17.25
N LYS F 119 6.21 102.60 17.50
CA LYS F 119 5.40 103.79 17.65
C LYS F 119 4.11 103.42 18.37
N GLY F 120 3.69 104.28 19.30
CA GLY F 120 2.54 104.01 20.14
C GLY F 120 1.22 104.03 19.41
N PRO F 121 0.24 103.28 19.92
CA PRO F 121 -1.02 103.12 19.22
C PRO F 121 -1.91 104.36 19.35
N SER F 122 -2.88 104.45 18.45
CA SER F 122 -3.87 105.51 18.47
C SER F 122 -5.23 104.90 18.81
N VAL F 123 -5.84 105.39 19.89
CA VAL F 123 -7.08 104.82 20.41
C VAL F 123 -8.21 105.80 20.16
N PHE F 124 -9.29 105.31 19.56
CA PHE F 124 -10.45 106.13 19.28
C PHE F 124 -11.70 105.51 19.90
N PRO F 125 -12.55 106.31 20.55
CA PRO F 125 -13.78 105.74 21.14
C PRO F 125 -14.90 105.63 20.14
N LEU F 126 -15.29 104.40 19.79
CA LEU F 126 -16.40 104.14 18.88
C LEU F 126 -17.67 104.07 19.73
N ALA F 127 -18.42 105.17 19.76
CA ALA F 127 -19.56 105.37 20.63
C ALA F 127 -20.84 104.79 20.01
N PRO F 128 -21.82 104.43 20.83
CA PRO F 128 -23.12 103.99 20.31
C PRO F 128 -24.09 105.16 20.18
N SER F 129 -25.08 104.96 19.31
CA SER F 129 -26.10 105.97 19.09
C SER F 129 -27.42 105.28 18.74
N SER F 130 -28.51 105.99 18.97
CA SER F 130 -29.86 105.50 18.70
C SER F 130 -30.12 104.16 19.40
N GLY F 131 -32.93 96.57 22.99
CA GLY F 131 -32.42 97.53 23.95
C GLY F 131 -30.94 97.36 24.25
N THR F 132 -30.20 96.83 23.27
CA THR F 132 -28.77 96.60 23.40
C THR F 132 -28.04 97.39 22.33
N ALA F 133 -26.98 98.10 22.73
CA ALA F 133 -26.17 98.88 21.80
C ALA F 133 -24.72 98.49 21.95
N ALA F 134 -23.99 98.54 20.83
CA ALA F 134 -22.59 98.15 20.80
C ALA F 134 -21.71 99.38 20.89
N LEU F 135 -20.63 99.27 21.68
CA LEU F 135 -19.67 100.35 21.82
C LEU F 135 -18.29 99.75 22.01
N GLY F 136 -17.26 100.49 21.62
CA GLY F 136 -15.93 99.92 21.72
C GLY F 136 -14.85 100.96 21.55
N CYS F 137 -13.63 100.47 21.37
CA CYS F 137 -12.47 101.30 21.12
C CYS F 137 -11.67 100.72 19.96
N LEU F 138 -11.33 101.58 19.00
CA LEU F 138 -10.56 101.20 17.82
C LEU F 138 -9.10 101.60 18.03
N VAL F 139 -8.22 100.60 18.02
CA VAL F 139 -6.79 100.82 18.18
C VAL F 139 -6.14 100.67 16.82
N LYS F 140 -5.57 101.77 16.31
CA LYS F 140 -5.08 101.83 14.94
C LYS F 140 -3.67 102.40 14.93
N ASP F 141 -2.92 102.03 13.89
CA ASP F 141 -1.64 102.66 13.54
C ASP F 141 -0.62 102.48 14.67
N TYR F 142 -0.32 101.21 14.96
CA TYR F 142 0.65 100.86 15.98
C TYR F 142 1.62 99.83 15.46
N PHE F 143 2.86 99.89 15.97
CA PHE F 143 3.90 98.92 15.65
C PHE F 143 4.98 99.06 16.70
N PRO F 144 5.54 97.96 17.19
CA PRO F 144 5.23 96.56 16.88
C PRO F 144 4.14 95.99 17.79
N GLU F 145 4.01 94.67 17.82
CA GLU F 145 2.99 93.94 18.57
C GLU F 145 3.45 93.68 20.00
N PRO F 146 2.53 93.41 20.92
CA PRO F 146 1.07 93.42 20.81
C PRO F 146 0.41 94.62 21.48
N VAL F 147 -0.92 94.68 21.46
CA VAL F 147 -1.68 95.71 22.16
C VAL F 147 -2.74 95.02 23.02
N THR F 148 -2.83 95.43 24.27
CA THR F 148 -3.80 94.87 25.22
C THR F 148 -4.86 95.92 25.53
N VAL F 149 -6.12 95.56 25.32
CA VAL F 149 -7.25 96.45 25.57
C VAL F 149 -8.16 95.81 26.61
N SER F 150 -8.48 96.58 27.65
CA SER F 150 -9.32 96.09 28.75
C SER F 150 -10.44 97.09 28.99
N TRP F 151 -11.52 96.59 29.58
CA TRP F 151 -12.70 97.40 29.88
C TRP F 151 -12.86 97.51 31.39
N ASN F 152 -12.95 98.76 31.88
CA ASN F 152 -13.13 99.04 33.30
C ASN F 152 -12.05 98.36 34.14
N SER F 153 -10.80 98.44 33.66
CA SER F 153 -9.65 97.83 34.33
C SER F 153 -9.85 96.33 34.54
N GLY F 154 -10.47 95.67 33.55
CA GLY F 154 -10.69 94.24 33.60
C GLY F 154 -11.94 93.80 34.32
N ALA F 155 -12.69 94.73 34.93
CA ALA F 155 -13.91 94.34 35.63
C ALA F 155 -15.02 93.98 34.66
N LEU F 156 -15.01 94.56 33.46
CA LEU F 156 -16.03 94.30 32.44
C LEU F 156 -15.50 93.25 31.48
N THR F 157 -16.11 92.06 31.51
CA THR F 157 -15.72 90.98 30.63
C THR F 157 -16.87 90.40 29.81
N SER F 158 -18.12 90.68 30.16
CA SER F 158 -19.26 90.13 29.44
C SER F 158 -19.43 90.85 28.11
N GLY F 159 -19.45 90.08 27.02
CA GLY F 159 -19.63 90.63 25.70
C GLY F 159 -18.41 91.31 25.11
N VAL F 160 -17.26 91.22 25.76
CA VAL F 160 -16.05 91.87 25.27
C VAL F 160 -15.42 91.00 24.19
N HIS F 161 -15.28 91.57 22.99
CA HIS F 161 -14.70 90.89 21.85
C HIS F 161 -13.49 91.68 21.37
N THR F 162 -12.34 91.02 21.29
CA THR F 162 -11.11 91.62 20.79
C THR F 162 -10.88 91.13 19.36
N PHE F 163 -11.03 92.03 18.40
CA PHE F 163 -10.93 91.64 17.00
C PHE F 163 -9.48 91.39 16.60
N PRO F 164 -9.25 90.44 15.69
CA PRO F 164 -7.89 90.23 15.18
C PRO F 164 -7.37 91.47 14.46
N ALA F 165 -6.08 91.73 14.62
CA ALA F 165 -5.47 92.90 14.01
C ALA F 165 -5.34 92.71 12.50
N VAL F 166 -5.71 93.73 11.75
CA VAL F 166 -5.59 93.73 10.29
C VAL F 166 -4.41 94.61 9.90
N LEU F 167 -3.75 94.22 8.81
CA LEU F 167 -2.56 94.89 8.32
C LEU F 167 -2.92 95.77 7.13
N GLN F 168 -2.51 97.04 7.20
CA GLN F 168 -2.76 97.99 6.12
C GLN F 168 -1.54 98.04 5.19
N SER F 169 -1.68 98.80 4.10
CA SER F 169 -0.60 98.92 3.14
C SER F 169 0.62 99.63 3.70
N SER F 170 0.46 100.44 4.74
CA SER F 170 1.56 101.16 5.36
C SER F 170 2.34 100.32 6.37
N GLY F 171 2.13 99.01 6.38
CA GLY F 171 2.80 98.15 7.34
C GLY F 171 2.41 98.39 8.78
N LEU F 172 1.16 98.76 9.03
CA LEU F 172 0.67 99.04 10.37
C LEU F 172 -0.57 98.19 10.64
N TYR F 173 -0.94 98.11 11.91
CA TYR F 173 -2.00 97.22 12.36
C TYR F 173 -3.15 98.02 12.94
N SER F 174 -4.36 97.45 12.84
CA SER F 174 -5.55 98.07 13.39
C SER F 174 -6.53 96.99 13.82
N LEU F 175 -7.09 97.14 15.01
CA LEU F 175 -8.11 96.24 15.53
C LEU F 175 -9.14 97.04 16.32
N SER F 176 -10.20 96.35 16.74
CA SER F 176 -11.26 96.98 17.52
C SER F 176 -11.65 96.06 18.67
N SER F 177 -11.79 96.63 19.87
CA SER F 177 -12.29 95.90 21.02
C SER F 177 -13.68 96.44 21.35
N VAL F 178 -14.69 95.58 21.21
CA VAL F 178 -16.09 96.00 21.26
C VAL F 178 -16.79 95.26 22.40
N VAL F 179 -17.98 95.75 22.73
CA VAL F 179 -18.80 95.16 23.78
C VAL F 179 -20.23 95.64 23.60
N THR F 180 -21.18 94.73 23.80
CA THR F 180 -22.60 95.07 23.76
C THR F 180 -23.11 95.34 25.17
N VAL F 181 -23.81 96.46 25.32
CA VAL F 181 -24.29 96.91 26.63
C VAL F 181 -25.76 97.27 26.52
N PRO F 182 -26.59 96.95 27.51
CA PRO F 182 -27.99 97.36 27.46
C PRO F 182 -28.12 98.88 27.38
N SER F 183 -29.12 99.34 26.61
CA SER F 183 -29.32 100.76 26.39
C SER F 183 -29.70 101.52 27.66
N SER F 184 -30.09 100.82 28.72
CA SER F 184 -30.45 101.51 29.97
C SER F 184 -29.22 102.04 30.70
N SER F 185 -28.02 101.59 30.35
CA SER F 185 -26.80 101.97 31.04
C SER F 185 -25.90 102.88 30.21
N LEU F 186 -26.45 103.53 29.18
CA LEU F 186 -25.65 104.43 28.37
C LEU F 186 -25.19 105.64 29.18
N GLY F 187 -26.06 106.19 30.01
CA GLY F 187 -25.71 107.35 30.81
C GLY F 187 -25.57 107.07 32.29
N THR F 188 -25.88 105.84 32.70
CA THR F 188 -25.82 105.45 34.10
C THR F 188 -24.59 104.59 34.42
N GLN F 189 -23.64 104.51 33.50
CA GLN F 189 -22.43 103.72 33.72
C GLN F 189 -21.27 104.36 32.97
N THR F 190 -20.08 104.25 33.54
CA THR F 190 -18.87 104.80 32.95
C THR F 190 -18.09 103.68 32.26
N TYR F 191 -17.78 103.88 30.98
CA TYR F 191 -17.05 102.90 30.18
C TYR F 191 -15.77 103.54 29.68
N ILE F 192 -14.63 103.04 30.17
CA ILE F 192 -13.32 103.53 29.78
C ILE F 192 -12.49 102.34 29.30
N CYS F 193 -11.91 102.47 28.11
CA CYS F 193 -11.05 101.43 27.56
C CYS F 193 -9.60 101.76 27.86
N ASN F 194 -8.88 100.77 28.39
CA ASN F 194 -7.48 100.92 28.75
C ASN F 194 -6.64 100.15 27.75
N VAL F 195 -5.73 100.86 27.07
CA VAL F 195 -4.92 100.29 26.01
C VAL F 195 -3.45 100.39 26.41
N ASN F 196 -2.75 99.27 26.35
CA ASN F 196 -1.33 99.19 26.72
C ASN F 196 -0.56 98.57 25.57
N HIS F 197 0.55 99.21 25.20
CA HIS F 197 1.47 98.74 24.18
C HIS F 197 2.84 98.62 24.82
N LYS F 198 3.30 97.39 25.03
CA LYS F 198 4.56 97.15 25.74
C LYS F 198 5.78 97.70 25.02
N PRO F 199 5.99 97.44 23.72
CA PRO F 199 7.23 97.91 23.09
C PRO F 199 7.42 99.42 23.15
N SER F 200 6.34 100.19 23.04
CA SER F 200 6.39 101.64 23.16
C SER F 200 5.93 102.12 24.53
N ASN F 201 5.74 101.19 25.48
CA ASN F 201 5.30 101.47 26.85
C ASN F 201 4.18 102.50 26.91
N THR F 202 3.26 102.43 25.96
CA THR F 202 2.15 103.40 25.88
C THR F 202 0.98 102.89 26.70
N LYS F 203 0.51 103.73 27.63
CA LYS F 203 -0.63 103.39 28.49
C LYS F 203 -1.65 104.52 28.37
N VAL F 204 -2.78 104.25 27.74
CA VAL F 204 -3.79 105.28 27.49
C VAL F 204 -5.16 104.77 27.93
N ASP F 205 -5.83 105.56 28.76
CA ASP F 205 -7.20 105.30 29.16
C ASP F 205 -8.11 106.29 28.45
N LYS F 206 -9.04 105.78 27.64
CA LYS F 206 -9.91 106.62 26.83
C LYS F 206 -11.36 106.38 27.24
N LYS F 207 -12.08 107.47 27.52
CA LYS F 207 -13.48 107.37 27.92
C LYS F 207 -14.36 107.16 26.70
N VAL F 208 -15.33 106.26 26.83
CA VAL F 208 -16.27 105.94 25.76
C VAL F 208 -17.64 106.42 26.20
N GLU F 209 -18.13 107.48 25.56
CA GLU F 209 -19.45 108.03 25.83
C GLU F 209 -20.14 108.32 24.49
N PRO F 210 -21.47 108.22 24.45
CA PRO F 210 -22.18 108.48 23.19
C PRO F 210 -21.92 109.89 22.68
N LYS F 211 -21.79 110.01 21.36
CA LYS F 211 -21.52 111.30 20.73
C LYS F 211 -22.80 112.11 20.57
N GLU G 1 9.04 64.72 -2.56
CA GLU G 1 8.53 65.19 -3.83
C GLU G 1 7.04 64.91 -3.98
N ILE G 2 6.39 64.59 -2.85
CA ILE G 2 4.97 64.28 -2.82
C ILE G 2 4.37 65.09 -1.67
N VAL G 3 3.80 66.24 -1.97
CA VAL G 3 3.20 67.09 -0.95
C VAL G 3 1.86 66.49 -0.53
N MET G 4 1.67 66.32 0.77
CA MET G 4 0.42 65.77 1.28
C MET G 4 -0.72 66.74 1.03
N THR G 5 -1.89 66.18 0.71
CA THR G 5 -3.09 66.97 0.45
C THR G 5 -4.17 66.64 1.48
N GLN G 6 -4.87 67.68 1.93
CA GLN G 6 -5.95 67.53 2.90
C GLN G 6 -7.29 67.82 2.23
N SER G 7 -8.32 67.09 2.65
CA SER G 7 -9.64 67.19 2.04
C SER G 7 -10.65 66.66 3.04
N PRO G 8 -11.93 67.06 2.90
CA PRO G 8 -12.51 67.99 1.93
C PRO G 8 -12.72 69.40 2.48
N ALA G 9 -12.03 70.39 1.88
CA ALA G 9 -12.23 71.81 2.18
C ALA G 9 -12.37 72.11 3.67
N THR G 10 -13.58 72.49 4.08
CA THR G 10 -13.90 72.75 5.47
C THR G 10 -14.98 71.77 5.92
N LEU G 11 -14.79 71.19 7.11
CA LEU G 11 -15.66 70.13 7.61
C LEU G 11 -16.13 70.45 9.02
N SER G 12 -16.65 71.67 9.21
CA SER G 12 -17.27 72.02 10.49
C SER G 12 -18.43 71.09 10.78
N VAL G 13 -18.46 70.55 12.00
CA VAL G 13 -19.43 69.52 12.37
C VAL G 13 -20.14 69.92 13.65
N SER G 14 -21.34 69.38 13.83
CA SER G 14 -22.14 69.66 15.00
C SER G 14 -21.56 68.96 16.23
N PRO G 15 -21.91 69.41 17.43
CA PRO G 15 -21.44 68.73 18.64
C PRO G 15 -21.91 67.28 18.68
N GLY G 16 -21.09 66.44 19.28
CA GLY G 16 -21.37 65.01 19.31
C GLY G 16 -21.27 64.35 17.96
N GLY G 17 -20.28 64.74 17.15
CA GLY G 17 -20.10 64.16 15.84
C GLY G 17 -18.64 63.89 15.57
N ARG G 18 -18.41 62.98 14.62
CA ARG G 18 -17.06 62.59 14.26
C ARG G 18 -16.40 63.63 13.36
N ALA G 19 -15.09 63.51 13.21
CA ALA G 19 -14.30 64.36 12.33
C ALA G 19 -13.39 63.47 11.49
N THR G 20 -13.69 63.36 10.21
CA THR G 20 -12.95 62.48 9.30
C THR G 20 -12.59 63.27 8.05
N LEU G 21 -11.31 63.64 7.94
CA LEU G 21 -10.79 64.34 6.77
C LEU G 21 -9.69 63.51 6.12
N SER G 22 -9.60 63.64 4.79
CA SER G 22 -8.73 62.78 4.01
C SER G 22 -7.33 63.39 3.85
N CYS G 23 -6.32 62.53 3.90
CA CYS G 23 -4.93 62.88 3.62
C CYS G 23 -4.38 61.93 2.55
N ARG G 24 -5.13 61.81 1.45
CA ARG G 24 -4.82 60.91 0.35
C ARG G 24 -3.35 61.00 -0.06
N ALA G 25 -2.64 59.88 0.07
CA ALA G 25 -1.21 59.85 -0.20
C ALA G 25 -0.97 59.75 -1.71
N SER G 26 -0.11 60.63 -2.22
CA SER G 26 0.30 60.58 -3.63
C SER G 26 1.46 59.61 -3.84
N GLN G 27 2.35 59.48 -2.85
CA GLN G 27 3.49 58.59 -2.93
C GLN G 27 3.12 57.22 -2.35
N SER G 28 4.14 56.39 -2.11
CA SER G 28 3.93 55.05 -1.58
C SER G 28 4.64 54.89 -0.24
N VAL G 29 4.45 55.86 0.66
CA VAL G 29 5.08 55.80 1.98
C VAL G 29 4.72 54.48 2.66
N SER G 30 5.71 53.89 3.33
CA SER G 30 5.55 52.57 3.92
C SER G 30 4.44 52.54 4.97
N SER G 31 4.62 53.27 6.07
CA SER G 31 3.58 53.34 7.09
C SER G 31 3.43 54.70 7.75
N ASN G 32 4.16 55.73 7.31
CA ASN G 32 4.28 56.96 8.05
C ASN G 32 3.29 58.01 7.54
N LEU G 33 2.55 58.63 8.46
CA LEU G 33 1.65 59.74 8.19
C LEU G 33 1.18 60.31 9.52
N ALA G 34 0.95 61.62 9.54
CA ALA G 34 0.54 62.30 10.76
C ALA G 34 -0.31 63.50 10.39
N TRP G 35 -1.06 64.00 11.37
CA TRP G 35 -1.93 65.15 11.18
C TRP G 35 -1.60 66.31 12.11
N TYR G 36 -1.26 66.04 13.36
CA TYR G 36 -0.78 67.05 14.32
C TYR G 36 -1.83 68.15 14.53
N GLN G 37 -2.93 67.73 15.17
CA GLN G 37 -3.97 68.66 15.59
C GLN G 37 -3.37 69.85 16.32
N GLN G 38 -3.74 71.05 15.89
CA GLN G 38 -3.18 72.28 16.42
C GLN G 38 -4.27 73.30 16.71
N LYS G 39 -4.03 74.13 17.73
CA LYS G 39 -4.93 75.18 18.15
C LYS G 39 -4.27 76.50 17.89
N PRO G 40 -4.87 77.38 17.09
CA PRO G 40 -4.25 78.69 16.85
C PRO G 40 -4.00 79.44 18.15
N GLY G 41 -2.87 80.14 18.20
CA GLY G 41 -2.42 80.74 19.44
C GLY G 41 -1.72 79.78 20.38
N GLN G 42 -1.27 78.64 19.88
CA GLN G 42 -0.59 77.64 20.69
C GLN G 42 0.30 76.81 19.78
N ALA G 43 0.94 75.80 20.36
CA ALA G 43 1.79 74.94 19.54
C ALA G 43 1.05 73.66 19.15
N PRO G 44 1.30 73.14 17.95
CA PRO G 44 0.68 71.88 17.55
C PRO G 44 1.08 70.74 18.47
N ARG G 45 0.14 69.84 18.72
CA ARG G 45 0.34 68.72 19.61
C ARG G 45 0.50 67.43 18.80
N LEU G 46 1.31 66.51 19.34
CA LEU G 46 1.52 65.23 18.70
C LEU G 46 0.26 64.38 18.79
N LEU G 47 -0.29 63.98 17.64
CA LEU G 47 -1.52 63.22 17.59
C LEU G 47 -1.34 61.78 17.18
N ILE G 48 -0.40 61.49 16.26
CA ILE G 48 -0.23 60.15 15.75
C ILE G 48 1.17 60.03 15.15
N TYR G 49 1.83 58.91 15.44
CA TYR G 49 3.10 58.57 14.80
C TYR G 49 2.98 57.17 14.23
N GLY G 50 3.49 56.99 13.02
CA GLY G 50 3.34 55.73 12.31
C GLY G 50 1.98 55.54 11.66
N ALA G 51 1.11 56.54 11.70
CA ALA G 51 -0.18 56.54 10.99
C ALA G 51 -1.09 55.41 11.45
N SER G 52 -0.71 54.69 12.50
CA SER G 52 -1.56 53.62 13.02
C SER G 52 -1.66 53.60 14.54
N THR G 53 -0.72 54.17 15.28
CA THR G 53 -0.71 54.09 16.73
C THR G 53 -1.03 55.46 17.33
N ARG G 54 -1.06 55.50 18.66
CA ARG G 54 -1.32 56.73 19.40
C ARG G 54 -0.27 56.89 20.49
N ALA G 55 0.21 58.12 20.66
CA ALA G 55 1.23 58.39 21.65
C ALA G 55 0.64 58.34 23.07
N THR G 56 1.52 58.12 24.04
CA THR G 56 1.10 58.04 25.42
C THR G 56 0.59 59.40 25.92
N GLY G 57 -0.45 59.36 26.75
CA GLY G 57 -1.05 60.56 27.28
C GLY G 57 -2.14 61.17 26.44
N ILE G 58 -2.63 60.45 25.43
CA ILE G 58 -3.66 60.97 24.53
C ILE G 58 -4.82 59.96 24.48
N PRO G 59 -6.07 60.41 24.54
CA PRO G 59 -7.20 59.47 24.43
C PRO G 59 -7.31 58.85 23.04
N VAL G 60 -8.33 58.02 22.83
CA VAL G 60 -8.45 57.23 21.60
C VAL G 60 -9.57 57.80 20.72
N ARG G 61 -9.83 59.09 20.84
CA ARG G 61 -10.82 59.73 19.98
C ARG G 61 -10.22 60.22 18.67
N PHE G 62 -8.95 59.91 18.40
CA PHE G 62 -8.31 60.25 17.14
C PHE G 62 -7.23 59.22 16.85
N SER G 63 -7.22 58.68 15.64
CA SER G 63 -6.29 57.63 15.26
C SER G 63 -6.11 57.66 13.75
N GLY G 64 -5.51 56.60 13.22
CA GLY G 64 -5.29 56.49 11.78
C GLY G 64 -5.04 55.05 11.40
N SER G 65 -5.01 54.81 10.08
CA SER G 65 -4.78 53.48 9.56
C SER G 65 -4.24 53.59 8.14
N GLY G 66 -3.65 52.49 7.67
CA GLY G 66 -3.19 52.42 6.29
C GLY G 66 -1.72 52.10 6.12
N SER G 67 -1.41 51.27 5.14
CA SER G 67 -0.03 50.94 4.77
C SER G 67 0.29 51.32 3.33
N GLY G 68 -0.60 51.04 2.39
CA GLY G 68 -0.40 51.44 1.01
C GLY G 68 -1.52 52.32 0.51
N THR G 69 -2.63 52.33 1.25
CA THR G 69 -3.80 53.12 0.90
C THR G 69 -3.63 54.54 1.44
N GLU G 70 -4.71 55.33 1.38
CA GLU G 70 -4.68 56.71 1.85
C GLU G 70 -4.88 56.74 3.36
N PHE G 71 -3.86 57.19 4.08
CA PHE G 71 -3.98 57.36 5.52
C PHE G 71 -5.01 58.43 5.84
N THR G 72 -6.01 58.07 6.65
CA THR G 72 -7.16 58.93 6.90
C THR G 72 -7.42 59.00 8.40
N LEU G 73 -8.14 60.05 8.80
CA LEU G 73 -8.49 60.24 10.19
C LEU G 73 -9.39 59.12 10.69
N THR G 74 -9.28 58.82 11.97
CA THR G 74 -10.10 57.81 12.63
C THR G 74 -10.73 58.37 13.89
N ILE G 75 -11.28 59.58 13.80
CA ILE G 75 -11.91 60.24 14.94
C ILE G 75 -13.40 59.95 14.91
N SER G 76 -13.94 59.52 16.05
CA SER G 76 -15.35 59.22 16.17
C SER G 76 -15.78 59.41 17.62
N SER G 77 -17.05 59.76 17.80
CA SER G 77 -17.63 59.98 19.12
C SER G 77 -16.83 61.03 19.90
N LEU G 78 -16.58 62.16 19.24
CA LEU G 78 -15.83 63.26 19.83
C LEU G 78 -16.77 64.37 20.26
N GLN G 79 -16.19 65.38 20.92
CA GLN G 79 -16.93 66.53 21.40
C GLN G 79 -16.72 67.72 20.46
N SER G 80 -17.34 68.85 20.81
CA SER G 80 -17.22 70.07 20.03
C SER G 80 -16.27 71.09 20.65
N GLU G 81 -15.55 70.70 21.70
CA GLU G 81 -14.63 71.62 22.37
C GLU G 81 -13.31 71.79 21.63
N ASP G 82 -13.03 70.97 20.62
CA ASP G 82 -11.73 71.06 19.95
C ASP G 82 -11.72 72.17 18.91
N PHE G 83 -12.53 72.04 17.85
CA PHE G 83 -12.60 73.03 16.77
C PHE G 83 -11.21 73.42 16.28
N ALA G 84 -10.32 72.43 16.17
CA ALA G 84 -8.92 72.68 15.91
C ALA G 84 -8.62 72.65 14.41
N VAL G 85 -7.44 73.12 14.06
CA VAL G 85 -6.94 73.09 12.69
C VAL G 85 -6.20 71.77 12.48
N TYR G 86 -6.37 71.18 11.30
CA TYR G 86 -5.80 69.86 11.00
C TYR G 86 -4.98 69.94 9.71
N TYR G 87 -3.66 69.91 9.85
CA TYR G 87 -2.79 69.65 8.72
C TYR G 87 -2.62 68.14 8.56
N CYS G 88 -1.75 67.73 7.63
CA CYS G 88 -1.38 66.33 7.52
C CYS G 88 -0.03 66.23 6.83
N GLN G 89 0.91 65.53 7.48
CA GLN G 89 2.26 65.38 6.96
C GLN G 89 2.69 63.93 7.08
N GLN G 90 3.84 63.62 6.48
CA GLN G 90 4.38 62.26 6.50
C GLN G 90 5.89 62.34 6.32
N TYR G 91 6.56 61.23 6.62
CA TYR G 91 8.01 61.11 6.44
C TYR G 91 8.29 59.72 5.86
N ASN G 92 8.35 59.64 4.53
CA ASN G 92 8.65 58.38 3.87
C ASN G 92 10.05 57.90 4.22
N ASN G 93 11.03 58.80 4.21
CA ASN G 93 12.40 58.52 4.61
C ASN G 93 12.96 59.73 5.32
N TRP G 94 13.76 59.51 6.36
CA TRP G 94 14.14 60.60 7.24
C TRP G 94 15.63 60.64 7.48
N PRO G 95 16.20 61.84 7.67
CA PRO G 95 15.57 63.13 7.35
C PRO G 95 15.90 63.58 5.93
N THR G 96 15.01 63.44 4.96
CA THR G 96 15.24 64.02 3.65
C THR G 96 14.07 64.87 3.18
N SER G 97 12.87 64.29 3.21
CA SER G 97 11.73 64.88 2.50
C SER G 97 11.03 65.95 3.34
N TRP G 98 10.46 65.55 4.47
CA TRP G 98 9.66 66.43 5.32
C TRP G 98 8.55 67.11 4.51
N THR G 99 7.65 66.29 3.99
CA THR G 99 6.51 66.77 3.20
C THR G 99 5.37 67.13 4.13
N PHE G 100 4.78 68.30 3.90
CA PHE G 100 3.67 68.79 4.72
C PHE G 100 2.51 69.20 3.83
N GLY G 101 1.31 69.17 4.42
CA GLY G 101 0.12 69.64 3.75
C GLY G 101 -0.14 71.12 4.02
N GLN G 102 -1.34 71.55 3.62
CA GLN G 102 -1.76 72.93 3.84
C GLN G 102 -2.74 73.09 4.99
N GLY G 103 -3.51 72.07 5.32
CA GLY G 103 -4.39 72.12 6.47
C GLY G 103 -5.83 72.44 6.16
N THR G 104 -6.73 71.49 6.40
CA THR G 104 -8.16 71.69 6.23
C THR G 104 -8.73 72.12 7.58
N LYS G 105 -8.82 73.43 7.78
CA LYS G 105 -9.31 73.96 9.04
C LYS G 105 -10.78 73.60 9.25
N LEU G 106 -11.11 73.23 10.49
CA LEU G 106 -12.46 72.84 10.86
C LEU G 106 -13.05 73.87 11.82
N GLU G 107 -14.23 74.37 11.48
CA GLU G 107 -14.94 75.32 12.32
C GLU G 107 -15.89 74.57 13.27
N ILE G 108 -16.77 75.30 13.94
CA ILE G 108 -17.72 74.73 14.88
C ILE G 108 -19.13 75.01 14.36
N LYS G 109 -19.94 73.97 14.26
CA LYS G 109 -21.31 74.10 13.78
C LYS G 109 -22.26 74.42 14.94
N ARG G 110 -23.39 75.02 14.60
CA ARG G 110 -24.37 75.47 15.58
C ARG G 110 -25.65 75.80 14.82
N THR G 111 -26.63 76.36 15.55
CA THR G 111 -27.83 76.88 14.92
C THR G 111 -27.57 78.28 14.36
N ALA G 112 -28.31 78.63 13.31
CA ALA G 112 -28.14 79.92 12.67
C ALA G 112 -28.52 81.04 13.62
N ALA G 113 -27.66 82.07 13.68
CA ALA G 113 -27.87 83.21 14.56
C ALA G 113 -27.77 84.50 13.74
N ALA G 114 -28.75 85.38 13.91
CA ALA G 114 -28.73 86.64 13.19
C ALA G 114 -27.66 87.56 13.79
N PRO G 115 -26.98 88.34 12.96
CA PRO G 115 -25.93 89.24 13.49
C PRO G 115 -26.52 90.52 14.06
N SER G 116 -26.04 90.90 15.23
CA SER G 116 -26.36 92.20 15.80
C SER G 116 -25.44 93.23 15.16
N VAL G 117 -26.01 94.17 14.41
CA VAL G 117 -25.26 95.09 13.57
C VAL G 117 -25.21 96.46 14.23
N PHE G 118 -24.09 97.15 14.04
CA PHE G 118 -23.90 98.48 14.58
C PHE G 118 -22.90 99.24 13.72
N ILE G 119 -22.96 100.57 13.79
CA ILE G 119 -22.06 101.43 13.04
C ILE G 119 -21.32 102.35 13.99
N PHE G 120 -20.13 102.76 13.59
CA PHE G 120 -19.29 103.66 14.36
C PHE G 120 -18.61 104.64 13.42
N PRO G 121 -19.03 105.91 13.44
CA PRO G 121 -18.38 106.93 12.60
C PRO G 121 -17.15 107.47 13.30
N PRO G 122 -16.37 108.32 12.62
CA PRO G 122 -15.27 109.00 13.31
C PRO G 122 -15.77 109.81 14.49
N SER G 123 -15.00 109.81 15.58
CA SER G 123 -15.38 110.45 16.82
C SER G 123 -14.94 111.91 16.90
N ASP G 124 -14.74 112.56 15.75
CA ASP G 124 -14.37 113.96 15.60
C ASP G 124 -12.96 114.26 16.10
N GLU G 125 -12.24 113.27 16.64
CA GLU G 125 -10.87 113.47 17.07
C GLU G 125 -9.85 112.93 16.08
N GLN G 126 -10.24 111.98 15.23
CA GLN G 126 -9.39 111.58 14.10
C GLN G 126 -9.48 112.56 12.94
N LEU G 127 -10.42 113.50 12.99
CA LEU G 127 -10.60 114.46 11.90
C LEU G 127 -9.36 115.33 11.75
N LYS G 128 -8.81 115.81 12.87
CA LYS G 128 -7.61 116.63 12.81
C LYS G 128 -6.39 115.85 12.33
N SER G 129 -6.38 114.53 12.52
CA SER G 129 -5.27 113.71 12.06
C SER G 129 -5.27 113.50 10.55
N GLY G 130 -6.40 113.73 9.89
CA GLY G 130 -6.51 113.55 8.46
C GLY G 130 -6.97 112.19 8.01
N THR G 131 -7.50 111.36 8.91
CA THR G 131 -7.97 110.02 8.59
C THR G 131 -9.39 109.85 9.13
N ALA G 132 -10.26 109.25 8.32
CA ALA G 132 -11.63 108.95 8.72
C ALA G 132 -11.82 107.44 8.70
N SER G 133 -12.26 106.89 9.83
CA SER G 133 -12.47 105.46 9.97
C SER G 133 -13.93 105.22 10.34
N VAL G 134 -14.62 104.41 9.54
CA VAL G 134 -16.01 104.03 9.79
C VAL G 134 -16.06 102.52 9.96
N VAL G 135 -16.62 102.06 11.07
CA VAL G 135 -16.58 100.65 11.45
C VAL G 135 -18.00 100.09 11.45
N CYS G 136 -18.19 98.96 10.77
CA CYS G 136 -19.42 98.18 10.86
C CYS G 136 -19.14 96.93 11.68
N LEU G 137 -19.92 96.74 12.74
CA LEU G 137 -19.69 95.68 13.71
C LEU G 137 -20.87 94.71 13.69
N LEU G 138 -20.55 93.43 13.60
CA LEU G 138 -21.52 92.34 13.66
C LEU G 138 -21.17 91.47 14.86
N ASN G 139 -22.15 91.20 15.71
CA ASN G 139 -21.91 90.47 16.95
C ASN G 139 -22.87 89.30 17.09
N ASN G 140 -22.34 88.17 17.54
CA ASN G 140 -23.12 86.99 17.92
C ASN G 140 -23.95 86.48 16.75
N PHE G 141 -23.24 86.02 15.72
CA PHE G 141 -23.87 85.44 14.54
C PHE G 141 -23.23 84.10 14.20
N TYR G 142 -24.01 83.25 13.52
CA TYR G 142 -23.55 81.99 12.97
C TYR G 142 -24.14 81.86 11.57
N PRO G 143 -23.38 81.35 10.60
CA PRO G 143 -21.97 80.91 10.69
C PRO G 143 -20.99 82.06 10.49
N ARG G 144 -19.73 81.73 10.16
CA ARG G 144 -18.69 82.74 10.08
C ARG G 144 -18.97 83.74 8.96
N GLU G 145 -19.42 83.25 7.81
CA GLU G 145 -19.64 84.13 6.67
C GLU G 145 -20.80 85.08 6.93
N ALA G 146 -20.63 86.32 6.46
CA ALA G 146 -21.68 87.34 6.58
C ALA G 146 -21.42 88.38 5.51
N LYS G 147 -22.38 88.57 4.60
CA LYS G 147 -22.21 89.50 3.49
C LYS G 147 -22.31 90.93 4.00
N VAL G 148 -21.18 91.63 4.01
CA VAL G 148 -21.08 93.00 4.51
C VAL G 148 -20.73 93.91 3.35
N GLN G 149 -21.47 95.00 3.20
CA GLN G 149 -21.28 95.95 2.11
C GLN G 149 -21.18 97.36 2.67
N TRP G 150 -20.14 98.08 2.28
CA TRP G 150 -19.98 99.49 2.60
C TRP G 150 -20.43 100.31 1.42
N LYS G 151 -21.45 101.16 1.60
CA LYS G 151 -21.89 102.05 0.53
C LYS G 151 -21.74 103.49 0.97
N VAL G 152 -20.99 104.26 0.19
CA VAL G 152 -20.76 105.68 0.43
C VAL G 152 -21.64 106.45 -0.54
N ASP G 153 -22.69 107.09 -0.02
CA ASP G 153 -23.73 107.69 -0.85
C ASP G 153 -24.31 106.67 -1.82
N ASN G 154 -24.56 105.47 -1.31
CA ASN G 154 -25.12 104.36 -2.09
C ASN G 154 -24.26 104.05 -3.32
N ALA G 155 -22.94 104.01 -3.12
CA ALA G 155 -21.99 103.67 -4.17
C ALA G 155 -21.14 102.50 -3.72
N LEU G 156 -20.85 101.59 -4.66
CA LEU G 156 -20.06 100.41 -4.35
C LEU G 156 -18.64 100.80 -3.99
N GLN G 157 -18.11 100.21 -2.91
CA GLN G 157 -16.76 100.45 -2.44
C GLN G 157 -15.99 99.14 -2.46
N SER G 158 -14.82 99.15 -3.10
CA SER G 158 -13.99 97.96 -3.21
C SER G 158 -12.52 98.34 -2.98
N GLY G 159 -11.81 97.49 -2.26
CA GLY G 159 -10.39 97.69 -2.03
C GLY G 159 -10.04 98.69 -0.96
N ASN G 160 -11.02 99.22 -0.23
CA ASN G 160 -10.76 100.21 0.81
C ASN G 160 -11.32 99.79 2.17
N SER G 161 -11.79 98.55 2.31
CA SER G 161 -12.35 98.06 3.56
C SER G 161 -11.60 96.81 4.00
N GLN G 162 -11.30 96.74 5.30
CA GLN G 162 -10.61 95.60 5.89
C GLN G 162 -11.55 94.88 6.84
N GLU G 163 -11.63 93.56 6.69
CA GLU G 163 -12.54 92.72 7.47
C GLU G 163 -11.75 91.88 8.46
N SER G 164 -12.23 91.85 9.70
CA SER G 164 -11.62 91.05 10.75
C SER G 164 -12.70 90.24 11.44
N VAL G 165 -12.48 88.92 11.53
CA VAL G 165 -13.46 88.00 12.12
C VAL G 165 -12.81 87.31 13.31
N THR G 166 -13.49 87.37 14.46
CA THR G 166 -13.01 86.72 15.66
C THR G 166 -13.30 85.22 15.62
N GLU G 167 -12.57 84.48 16.46
CA GLU G 167 -12.80 83.05 16.57
C GLU G 167 -14.09 82.78 17.35
N GLN G 168 -14.49 81.50 17.36
CA GLN G 168 -15.69 81.11 18.07
C GLN G 168 -15.50 81.30 19.57
N ASP G 169 -16.54 81.84 20.22
CA ASP G 169 -16.49 82.07 21.66
C ASP G 169 -16.55 80.75 22.42
N SER G 170 -15.96 80.75 23.61
CA SER G 170 -15.96 79.54 24.43
C SER G 170 -17.32 79.22 25.02
N LYS G 171 -18.26 80.17 24.98
CA LYS G 171 -19.59 79.97 25.55
C LYS G 171 -20.64 79.62 24.49
N ASP G 172 -20.80 80.47 23.49
CA ASP G 172 -21.82 80.28 22.47
C ASP G 172 -21.27 80.05 21.08
N SER G 173 -19.94 79.99 20.92
CA SER G 173 -19.29 79.70 19.64
C SER G 173 -19.78 80.65 18.55
N THR G 174 -19.89 81.93 18.90
CA THR G 174 -20.40 82.94 17.98
C THR G 174 -19.25 83.79 17.43
N TYR G 175 -19.30 84.07 16.14
CA TYR G 175 -18.31 84.89 15.48
C TYR G 175 -18.70 86.37 15.54
N SER G 176 -17.70 87.23 15.41
CA SER G 176 -17.90 88.67 15.34
C SER G 176 -17.13 89.21 14.14
N LEU G 177 -17.73 90.16 13.43
CA LEU G 177 -17.16 90.75 12.24
C LEU G 177 -16.95 92.24 12.45
N SER G 178 -15.81 92.75 11.98
CA SER G 178 -15.51 94.18 12.02
C SER G 178 -15.01 94.58 10.65
N SER G 179 -15.79 95.42 9.95
CA SER G 179 -15.42 95.96 8.65
C SER G 179 -15.04 97.42 8.85
N THR G 180 -13.75 97.71 8.70
CA THR G 180 -13.22 99.06 8.88
C THR G 180 -12.96 99.68 7.52
N LEU G 181 -13.58 100.83 7.26
CA LEU G 181 -13.38 101.60 6.04
C LEU G 181 -12.57 102.84 6.39
N THR G 182 -11.39 102.96 5.80
CA THR G 182 -10.46 104.04 6.07
C THR G 182 -10.34 104.93 4.84
N LEU G 183 -10.55 106.23 5.02
CA LEU G 183 -10.51 107.18 3.92
C LEU G 183 -9.80 108.45 4.36
N SER G 184 -9.46 109.28 3.38
CA SER G 184 -8.84 110.56 3.63
C SER G 184 -9.89 111.58 4.06
N LYS G 185 -9.41 112.73 4.56
CA LYS G 185 -10.30 113.79 4.99
C LYS G 185 -11.13 114.33 3.83
N ALA G 186 -10.47 114.60 2.70
CA ALA G 186 -11.16 115.18 1.56
C ALA G 186 -12.23 114.25 1.01
N ASP G 187 -11.92 112.95 0.91
CA ASP G 187 -12.91 112.00 0.41
C ASP G 187 -14.06 111.82 1.39
N TYR G 188 -13.77 111.86 2.69
CA TYR G 188 -14.83 111.73 3.69
C TYR G 188 -15.76 112.95 3.66
N GLU G 189 -15.21 114.15 3.48
CA GLU G 189 -16.00 115.36 3.47
C GLU G 189 -16.79 115.54 2.19
N LYS G 190 -16.51 114.77 1.15
CA LYS G 190 -17.24 114.89 -0.10
C LYS G 190 -18.55 114.09 -0.11
N HIS G 191 -18.81 113.30 0.93
CA HIS G 191 -20.01 112.49 1.00
C HIS G 191 -20.60 112.58 2.40
N LYS G 192 -21.90 112.37 2.51
CA LYS G 192 -22.62 112.46 3.77
C LYS G 192 -23.25 111.15 4.21
N LEU G 193 -23.88 110.41 3.30
CA LEU G 193 -24.57 109.17 3.64
C LEU G 193 -23.58 108.01 3.57
N TYR G 194 -23.31 107.38 4.70
CA TYR G 194 -22.49 106.18 4.77
C TYR G 194 -23.31 105.06 5.38
N ALA G 195 -23.41 103.93 4.70
CA ALA G 195 -24.32 102.89 5.10
C ALA G 195 -23.65 101.52 5.07
N CYS G 196 -24.09 100.67 5.98
CA CYS G 196 -23.66 99.28 6.05
C CYS G 196 -24.84 98.38 5.69
N GLU G 197 -24.58 97.42 4.80
CA GLU G 197 -25.56 96.43 4.38
C GLU G 197 -25.09 95.08 4.91
N VAL G 198 -25.94 94.43 5.70
CA VAL G 198 -25.61 93.17 6.35
C VAL G 198 -26.61 92.12 5.92
N THR G 199 -26.13 91.09 5.25
CA THR G 199 -26.94 89.99 4.75
C THR G 199 -26.46 88.70 5.41
N HIS G 200 -27.40 87.96 5.99
CA HIS G 200 -27.11 86.73 6.71
C HIS G 200 -28.35 85.83 6.60
N GLN G 201 -28.12 84.53 6.72
CA GLN G 201 -29.24 83.59 6.68
C GLN G 201 -30.13 83.69 7.91
N GLY G 202 -29.63 84.28 9.00
CA GLY G 202 -30.45 84.49 10.18
C GLY G 202 -31.42 85.65 10.09
N LEU G 203 -31.33 86.43 9.02
CA LEU G 203 -32.22 87.57 8.80
C LEU G 203 -33.17 87.23 7.65
N SER G 204 -34.45 87.56 7.84
CA SER G 204 -35.44 87.32 6.79
C SER G 204 -35.09 88.12 5.54
N SER G 205 -34.71 89.38 5.72
CA SER G 205 -34.25 90.24 4.63
C SER G 205 -32.95 90.90 5.03
N PRO G 206 -32.09 91.23 4.07
CA PRO G 206 -30.86 91.95 4.40
C PRO G 206 -31.16 93.28 5.05
N VAL G 207 -30.38 93.64 6.08
CA VAL G 207 -30.60 94.87 6.82
C VAL G 207 -29.65 95.94 6.28
N THR G 208 -30.21 97.07 5.88
CA THR G 208 -29.45 98.20 5.37
C THR G 208 -29.63 99.36 6.33
N LYS G 209 -28.55 99.78 6.98
CA LYS G 209 -28.63 100.85 7.97
C LYS G 209 -27.59 101.90 7.66
N SER G 210 -28.02 103.16 7.65
CA SER G 210 -27.20 104.28 7.19
C SER G 210 -27.10 105.33 8.28
N PHE G 211 -26.04 106.13 8.18
CA PHE G 211 -25.88 107.32 9.00
C PHE G 211 -25.42 108.47 8.11
N ASN G 212 -25.60 109.68 8.62
CA ASN G 212 -25.24 110.89 7.89
C ASN G 212 -24.11 111.61 8.62
N ARG G 213 -23.28 112.30 7.84
CA ARG G 213 -22.15 113.01 8.41
C ARG G 213 -22.62 114.24 9.18
N GLY G 214 -22.08 114.44 10.37
CA GLY G 214 -22.38 115.62 11.16
C GLY G 214 -23.74 115.59 11.84
N GLU G 215 -24.06 114.50 12.52
CA GLU G 215 -25.30 114.40 13.29
C GLU G 215 -25.21 113.30 14.34
N GLU H 1 -45.14 35.17 33.34
CA GLU H 1 -44.23 34.69 34.38
C GLU H 1 -42.79 35.06 34.05
N ILE H 2 -42.62 36.04 33.17
CA ILE H 2 -41.31 36.54 32.78
C ILE H 2 -41.25 38.02 33.14
N VAL H 3 -40.14 38.46 33.71
CA VAL H 3 -39.95 39.84 34.15
C VAL H 3 -38.71 40.40 33.45
N MET H 4 -38.86 41.56 32.83
CA MET H 4 -37.76 42.25 32.17
C MET H 4 -37.26 43.37 33.07
N THR H 5 -35.95 43.44 33.26
CA THR H 5 -35.32 44.49 34.04
C THR H 5 -34.49 45.37 33.11
N GLN H 6 -34.74 46.68 33.17
CA GLN H 6 -34.04 47.66 32.34
C GLN H 6 -33.15 48.50 33.24
N SER H 7 -31.85 48.50 32.94
CA SER H 7 -30.88 49.27 33.70
C SER H 7 -29.82 49.81 32.74
N PRO H 8 -29.39 51.06 32.90
CA PRO H 8 -29.81 52.03 33.92
C PRO H 8 -31.18 52.64 33.63
N ALA H 9 -31.86 53.15 34.65
CA ALA H 9 -33.18 53.76 34.44
C ALA H 9 -33.08 54.98 33.53
N THR H 10 -32.05 55.80 33.72
CA THR H 10 -31.80 56.97 32.89
C THR H 10 -30.35 56.89 32.41
N LEU H 11 -30.16 56.40 31.18
CA LEU H 11 -28.83 56.26 30.62
C LEU H 11 -28.25 57.62 30.24
N SER H 12 -27.50 58.23 31.16
CA SER H 12 -26.92 59.55 30.91
C SER H 12 -25.78 59.41 29.92
N VAL H 13 -26.08 59.63 28.65
CA VAL H 13 -25.10 59.53 27.56
C VAL H 13 -24.83 60.93 27.05
N SER H 14 -23.58 61.38 27.19
CA SER H 14 -23.20 62.70 26.72
C SER H 14 -23.20 62.72 25.19
N PRO H 15 -23.43 63.90 24.59
CA PRO H 15 -23.38 64.00 23.12
C PRO H 15 -22.00 63.64 22.59
N GLY H 16 -21.94 62.56 21.82
CA GLY H 16 -20.67 62.07 21.32
C GLY H 16 -20.21 60.81 22.01
N GLY H 17 -21.16 59.94 22.35
CA GLY H 17 -20.84 58.68 23.01
C GLY H 17 -21.73 57.54 22.59
N ARG H 18 -21.82 56.50 23.42
CA ARG H 18 -22.64 55.34 23.14
C ARG H 18 -23.72 55.21 24.21
N ALA H 19 -24.65 54.28 23.98
CA ALA H 19 -25.74 54.03 24.92
C ALA H 19 -26.26 52.62 24.69
N THR H 20 -26.03 51.74 25.66
CA THR H 20 -26.43 50.33 25.56
C THR H 20 -27.35 49.99 26.71
N LEU H 21 -28.52 49.43 26.40
CA LEU H 21 -29.47 48.97 27.39
C LEU H 21 -29.82 47.51 27.09
N SER H 22 -29.78 46.66 28.11
CA SER H 22 -30.03 45.24 27.96
C SER H 22 -31.38 44.87 28.57
N CYS H 23 -31.90 43.72 28.14
CA CYS H 23 -33.13 43.15 28.67
C CYS H 23 -32.78 41.86 29.37
N ARG H 24 -32.85 41.86 30.70
CA ARG H 24 -32.47 40.70 31.49
C ARG H 24 -33.54 39.61 31.33
N ALA H 25 -33.22 38.57 30.57
CA ALA H 25 -34.15 37.48 30.34
C ALA H 25 -34.19 36.59 31.58
N SER H 26 -35.36 36.50 32.21
CA SER H 26 -35.50 35.64 33.39
C SER H 26 -35.32 34.16 33.05
N GLN H 27 -35.56 33.79 31.78
CA GLN H 27 -35.41 32.42 31.33
C GLN H 27 -34.96 32.45 29.88
N SER H 28 -34.71 31.27 29.33
CA SER H 28 -34.29 31.15 27.94
C SER H 28 -35.46 31.42 27.01
N VAL H 29 -35.61 32.68 26.58
CA VAL H 29 -36.74 33.06 25.71
C VAL H 29 -36.25 32.85 24.28
N SER H 30 -36.30 31.59 23.84
CA SER H 30 -35.88 31.15 22.51
C SER H 30 -34.71 31.94 21.96
N SER H 31 -34.95 32.66 20.85
CA SER H 31 -34.00 33.61 20.31
C SER H 31 -34.69 34.88 19.83
N ASN H 32 -35.92 35.12 20.27
CA ASN H 32 -36.75 36.21 19.77
C ASN H 32 -36.96 37.23 20.88
N LEU H 33 -36.50 38.46 20.65
CA LEU H 33 -36.71 39.58 21.56
C LEU H 33 -37.00 40.82 20.75
N ALA H 34 -37.71 41.77 21.37
CA ALA H 34 -38.13 43.00 20.70
C ALA H 34 -37.68 44.21 21.50
N TRP H 35 -37.38 45.29 20.78
CA TRP H 35 -36.91 46.53 21.38
C TRP H 35 -37.70 47.71 20.81
N TYR H 36 -38.12 48.61 21.68
CA TYR H 36 -38.88 49.78 21.29
C TYR H 36 -38.34 51.00 22.01
N GLN H 37 -38.44 52.15 21.35
CA GLN H 37 -38.00 53.43 21.93
C GLN H 37 -39.04 54.50 21.62
N GLN H 38 -39.35 55.31 22.62
CA GLN H 38 -40.32 56.39 22.49
C GLN H 38 -39.70 57.70 22.97
N LYS H 39 -39.84 58.73 22.17
CA LYS H 39 -39.57 60.08 22.63
C LYS H 39 -40.83 60.66 23.26
N PRO H 40 -40.69 61.63 24.17
CA PRO H 40 -41.88 62.21 24.80
C PRO H 40 -42.83 62.79 23.77
N GLY H 41 -44.12 62.53 23.96
CA GLY H 41 -45.14 62.98 23.05
C GLY H 41 -45.34 62.13 21.81
N GLN H 42 -44.58 61.05 21.66
CA GLN H 42 -44.70 60.18 20.50
C GLN H 42 -44.70 58.73 20.94
N ALA H 43 -45.45 57.91 20.20
CA ALA H 43 -45.55 56.49 20.52
C ALA H 43 -44.23 55.78 20.24
N PRO H 44 -43.94 54.69 20.94
CA PRO H 44 -42.71 53.94 20.68
C PRO H 44 -42.71 53.33 19.28
N ARG H 45 -41.52 53.19 18.72
CA ARG H 45 -41.34 52.59 17.40
C ARG H 45 -40.58 51.29 17.52
N LEU H 46 -40.88 50.34 16.64
CA LEU H 46 -40.21 49.05 16.64
C LEU H 46 -38.79 49.23 16.12
N LEU H 47 -37.82 49.13 17.03
CA LEU H 47 -36.42 49.26 16.63
C LEU H 47 -35.87 47.94 16.10
N ILE H 48 -35.84 46.92 16.94
CA ILE H 48 -35.22 45.63 16.62
C ILE H 48 -36.24 44.54 16.82
N TYR H 49 -36.35 43.64 15.84
CA TYR H 49 -37.23 42.48 15.90
C TYR H 49 -36.40 41.21 15.76
N GLY H 50 -36.72 40.21 16.58
CA GLY H 50 -35.98 38.97 16.56
C GLY H 50 -34.66 39.00 17.32
N ALA H 51 -34.34 40.12 17.97
CA ALA H 51 -33.16 40.33 18.80
C ALA H 51 -31.86 40.34 18.03
N SER H 52 -31.88 40.10 16.71
CA SER H 52 -30.65 40.09 15.92
C SER H 52 -30.78 40.79 14.58
N THR H 53 -31.94 41.32 14.23
CA THR H 53 -32.19 41.89 12.92
C THR H 53 -32.26 43.42 13.01
N ARG H 54 -32.59 44.07 11.89
CA ARG H 54 -32.78 45.50 11.81
C ARG H 54 -34.07 45.80 11.08
N ALA H 55 -34.77 46.84 11.52
CA ALA H 55 -36.06 47.19 10.94
C ALA H 55 -35.88 47.88 9.59
N THR H 56 -37.01 48.21 8.95
CA THR H 56 -36.99 48.88 7.67
C THR H 56 -36.77 50.38 7.85
N GLY H 57 -35.97 50.96 6.97
CA GLY H 57 -35.64 52.37 7.09
C GLY H 57 -34.92 52.70 8.38
N ILE H 58 -33.94 51.87 8.76
CA ILE H 58 -33.29 51.95 10.06
C ILE H 58 -31.89 52.52 9.90
N PRO H 59 -31.37 53.26 10.87
CA PRO H 59 -29.96 53.65 10.84
C PRO H 59 -29.06 52.48 11.18
N VAL H 60 -27.76 52.68 10.98
CA VAL H 60 -26.76 51.65 11.21
C VAL H 60 -26.10 51.77 12.58
N ARG H 61 -26.55 52.71 13.42
CA ARG H 61 -25.86 52.97 14.68
C ARG H 61 -25.99 51.79 15.64
N PHE H 62 -27.22 51.43 16.02
CA PHE H 62 -27.44 50.43 17.05
C PHE H 62 -27.54 49.04 16.44
N SER H 63 -26.98 48.06 17.15
CA SER H 63 -27.03 46.67 16.74
C SER H 63 -26.97 45.78 17.97
N GLY H 64 -27.54 44.59 17.86
CA GLY H 64 -27.55 43.65 18.95
C GLY H 64 -27.90 42.23 18.52
N SER H 65 -27.42 41.24 19.28
CA SER H 65 -27.69 39.85 18.97
C SER H 65 -27.71 39.04 20.26
N GLY H 66 -28.39 37.90 20.20
CA GLY H 66 -28.47 37.03 21.36
C GLY H 66 -29.31 35.81 21.04
N SER H 67 -29.39 34.92 22.02
CA SER H 67 -30.14 33.67 21.93
C SER H 67 -30.97 33.46 23.18
N GLY H 68 -31.67 34.50 23.62
CA GLY H 68 -32.50 34.41 24.80
C GLY H 68 -31.76 34.55 26.12
N THR H 69 -30.50 34.97 26.09
CA THR H 69 -29.70 35.14 27.30
C THR H 69 -29.22 36.60 27.34
N GLU H 70 -29.92 37.40 28.13
CA GLU H 70 -29.66 38.84 28.32
C GLU H 70 -29.27 39.51 26.99
N PHE H 71 -30.21 39.46 26.05
CA PHE H 71 -30.01 40.07 24.73
C PHE H 71 -29.69 41.55 24.88
N THR H 72 -28.47 41.93 24.54
CA THR H 72 -27.98 43.29 24.74
C THR H 72 -27.64 43.91 23.40
N LEU H 73 -28.12 45.12 23.18
CA LEU H 73 -27.76 45.91 22.01
C LEU H 73 -26.64 46.88 22.36
N THR H 74 -26.10 47.53 21.34
CA THR H 74 -25.13 48.60 21.52
C THR H 74 -25.40 49.67 20.48
N ILE H 75 -25.58 50.91 20.94
CA ILE H 75 -25.85 52.04 20.07
C ILE H 75 -24.68 53.01 20.21
N SER H 76 -23.98 53.24 19.11
CA SER H 76 -22.83 54.13 19.08
C SER H 76 -23.13 55.32 18.17
N SER H 77 -22.21 56.28 18.13
CA SER H 77 -22.36 57.50 17.34
C SER H 77 -23.66 58.21 17.67
N LEU H 78 -23.97 58.29 18.96
CA LEU H 78 -25.22 58.91 19.40
C LEU H 78 -25.26 60.38 19.03
N GLN H 79 -26.41 60.83 18.54
CA GLN H 79 -26.64 62.20 18.15
C GLN H 79 -27.51 62.90 19.21
N SER H 80 -27.88 64.14 18.92
CA SER H 80 -28.70 64.93 19.84
C SER H 80 -30.14 64.44 19.90
N GLU H 81 -30.56 63.57 18.98
CA GLU H 81 -31.91 63.02 18.98
C GLU H 81 -32.03 61.76 19.83
N ASP H 82 -30.96 61.33 20.47
CA ASP H 82 -30.97 60.14 21.31
C ASP H 82 -31.56 60.44 22.68
N PHE H 83 -31.35 59.53 23.63
CA PHE H 83 -31.81 59.67 25.01
C PHE H 83 -33.33 59.69 25.10
N ALA H 84 -33.96 58.63 24.60
CA ALA H 84 -35.40 58.43 24.70
C ALA H 84 -35.69 57.34 25.73
N VAL H 85 -36.97 56.98 25.86
CA VAL H 85 -37.38 55.93 26.78
C VAL H 85 -37.37 54.59 26.06
N TYR H 86 -36.66 53.61 26.63
CA TYR H 86 -36.45 52.33 25.99
C TYR H 86 -37.19 51.23 26.74
N TYR H 87 -37.87 50.37 25.98
CA TYR H 87 -38.59 49.22 26.53
C TYR H 87 -38.24 47.98 25.72
N CYS H 88 -38.27 46.83 26.39
CA CYS H 88 -37.98 45.56 25.75
C CYS H 88 -39.15 44.60 25.99
N GLN H 89 -39.44 43.79 24.98
CA GLN H 89 -40.57 42.86 25.01
C GLN H 89 -40.12 41.51 24.48
N GLN H 90 -40.14 40.50 25.36
CA GLN H 90 -39.78 39.14 24.96
C GLN H 90 -40.97 38.43 24.36
N TYR H 91 -40.69 37.42 23.53
CA TYR H 91 -41.76 36.60 22.96
C TYR H 91 -41.19 35.24 22.56
N ASN H 92 -41.58 34.19 23.30
CA ASN H 92 -41.28 32.81 22.96
C ASN H 92 -42.54 32.04 22.60
N ASN H 93 -43.53 32.03 23.48
CA ASN H 93 -44.79 31.34 23.24
C ASN H 93 -45.84 32.35 22.77
N TRP H 94 -45.74 32.68 21.49
CA TRP H 94 -46.63 33.62 20.82
C TRP H 94 -47.86 32.88 20.30
N PRO H 95 -49.05 33.16 20.84
CA PRO H 95 -49.36 33.94 22.05
C PRO H 95 -49.68 33.09 23.27
N THR H 96 -48.91 33.15 24.35
CA THR H 96 -49.41 32.53 25.58
C THR H 96 -49.34 33.44 26.79
N SER H 97 -48.25 34.19 26.97
CA SER H 97 -48.10 35.09 28.10
C SER H 97 -47.90 36.54 27.65
N TRP H 98 -46.90 36.80 26.81
CA TRP H 98 -46.59 38.15 26.34
C TRP H 98 -46.40 39.12 27.50
N THR H 99 -45.72 38.65 28.55
CA THR H 99 -45.48 39.49 29.72
C THR H 99 -44.52 40.62 29.37
N PHE H 100 -44.73 41.78 29.99
CA PHE H 100 -43.90 42.95 29.78
C PHE H 100 -43.01 43.18 31.00
N GLY H 101 -42.16 44.20 30.91
CA GLY H 101 -41.27 44.53 32.01
C GLY H 101 -41.56 45.88 32.62
N GLN H 102 -40.51 46.67 32.87
CA GLN H 102 -40.65 47.99 33.46
C GLN H 102 -40.14 49.11 32.58
N GLY H 103 -39.11 48.88 31.76
CA GLY H 103 -38.58 49.88 30.88
C GLY H 103 -37.66 50.86 31.58
N THR H 104 -37.07 51.74 30.78
CA THR H 104 -36.15 52.76 31.29
C THR H 104 -36.17 53.94 30.32
N LYS H 105 -35.25 54.87 30.54
CA LYS H 105 -35.13 56.06 29.70
C LYS H 105 -33.66 56.47 29.63
N LEU H 106 -33.41 57.65 29.11
CA LEU H 106 -32.04 58.18 29.01
C LEU H 106 -32.10 59.69 28.92
N GLU H 107 -30.96 60.32 29.21
CA GLU H 107 -30.86 61.77 29.24
C GLU H 107 -29.60 62.21 28.50
N ILE H 108 -29.61 63.48 28.08
CA ILE H 108 -28.49 64.09 27.37
C ILE H 108 -27.73 64.99 28.32
N LYS H 109 -26.41 64.81 28.37
CA LYS H 109 -25.58 65.56 29.30
C LYS H 109 -25.24 66.95 28.74
N ARG H 110 -24.99 67.88 29.66
CA ARG H 110 -24.62 69.24 29.31
C ARG H 110 -24.01 69.89 30.53
N THR H 111 -23.48 71.11 30.34
CA THR H 111 -22.90 71.85 31.45
C THR H 111 -23.97 72.20 32.47
N ALA H 112 -23.58 72.18 33.75
CA ALA H 112 -24.52 72.50 34.82
C ALA H 112 -24.94 73.96 34.74
N ALA H 113 -26.23 74.20 34.97
CA ALA H 113 -26.81 75.53 34.87
C ALA H 113 -27.38 75.96 36.22
N ALA H 114 -27.14 77.22 36.58
CA ALA H 114 -27.68 77.74 37.83
C ALA H 114 -29.19 77.92 37.72
N PRO H 115 -29.94 77.52 38.75
CA PRO H 115 -31.41 77.65 38.70
C PRO H 115 -31.84 79.09 38.98
N SER H 116 -32.44 79.73 37.99
CA SER H 116 -33.04 81.04 38.19
C SER H 116 -34.26 80.89 39.10
N VAL H 117 -34.23 81.53 40.26
CA VAL H 117 -35.22 81.32 41.31
C VAL H 117 -36.13 82.54 41.38
N PHE H 118 -37.44 82.30 41.37
CA PHE H 118 -38.43 83.35 41.54
C PHE H 118 -39.53 82.86 42.47
N ILE H 119 -40.23 83.80 43.09
CA ILE H 119 -41.32 83.48 43.99
C ILE H 119 -42.54 84.29 43.59
N PHE H 120 -43.72 83.76 43.92
CA PHE H 120 -44.99 84.39 43.57
C PHE H 120 -46.01 84.19 44.68
N PRO H 121 -46.47 85.28 45.30
CA PRO H 121 -47.54 85.16 46.29
C PRO H 121 -48.90 85.23 45.63
N PRO H 122 -49.98 85.01 46.39
CA PRO H 122 -51.32 85.24 45.83
C PRO H 122 -51.48 86.69 45.39
N SER H 123 -52.24 86.87 44.30
CA SER H 123 -52.44 88.18 43.70
C SER H 123 -53.63 88.93 44.29
N ASP H 124 -54.00 88.62 45.54
CA ASP H 124 -55.11 89.20 46.27
C ASP H 124 -56.47 88.86 45.68
N GLU H 125 -56.51 88.05 44.62
CA GLU H 125 -57.76 87.58 44.03
C GLU H 125 -58.04 86.11 44.32
N GLN H 126 -57.00 85.28 44.34
CA GLN H 126 -57.18 83.88 44.71
C GLN H 126 -57.58 83.72 46.18
N LEU H 127 -57.05 84.60 47.05
CA LEU H 127 -57.42 84.56 48.45
C LEU H 127 -58.89 84.85 48.69
N LYS H 128 -59.57 85.50 47.74
CA LYS H 128 -60.99 85.74 47.86
C LYS H 128 -61.79 84.43 47.84
N SER H 129 -61.23 83.37 47.28
CA SER H 129 -61.89 82.07 47.25
C SER H 129 -61.62 81.24 48.49
N GLY H 130 -60.83 81.75 49.44
CA GLY H 130 -60.51 81.02 50.65
C GLY H 130 -59.29 80.14 50.57
N THR H 131 -58.65 80.05 49.41
CA THR H 131 -57.47 79.22 49.23
C THR H 131 -56.33 80.06 48.69
N ALA H 132 -55.13 79.87 49.24
CA ALA H 132 -53.95 80.63 48.86
C ALA H 132 -52.87 79.68 48.37
N SER H 133 -52.29 80.00 47.21
CA SER H 133 -51.21 79.23 46.62
C SER H 133 -49.98 80.12 46.48
N VAL H 134 -48.85 79.64 47.01
CA VAL H 134 -47.57 80.34 46.93
C VAL H 134 -46.62 79.51 46.08
N VAL H 135 -46.00 80.16 45.09
CA VAL H 135 -45.29 79.47 44.02
C VAL H 135 -43.80 79.78 44.10
N CYS H 136 -42.98 78.74 43.90
CA CYS H 136 -41.54 78.89 43.68
C CYS H 136 -41.22 78.33 42.30
N LEU H 137 -40.53 79.13 41.49
CA LEU H 137 -40.26 78.80 40.10
C LEU H 137 -38.76 78.73 39.87
N LEU H 138 -38.30 77.62 39.30
CA LEU H 138 -36.91 77.38 38.95
C LEU H 138 -36.80 77.30 37.43
N ASN H 139 -35.94 78.12 36.86
CA ASN H 139 -35.79 78.22 35.41
C ASN H 139 -34.36 77.86 35.01
N ASN H 140 -34.24 77.02 33.98
CA ASN H 140 -32.97 76.76 33.30
C ASN H 140 -31.90 76.24 34.26
N PHE H 141 -32.15 75.05 34.81
CA PHE H 141 -31.20 74.41 35.70
C PHE H 141 -30.86 73.02 35.20
N TYR H 142 -29.58 72.67 35.26
CA TYR H 142 -29.10 71.32 35.01
C TYR H 142 -28.11 70.92 36.10
N PRO H 143 -28.21 69.71 36.64
CA PRO H 143 -29.20 68.66 36.32
C PRO H 143 -30.56 68.92 36.94
N ARG H 144 -31.54 68.06 36.66
CA ARG H 144 -32.88 68.22 37.22
C ARG H 144 -32.93 68.02 38.72
N GLU H 145 -31.86 67.49 39.32
CA GLU H 145 -31.83 67.24 40.76
C GLU H 145 -31.58 68.56 41.48
N ALA H 146 -32.66 69.28 41.77
CA ALA H 146 -32.62 70.51 42.54
C ALA H 146 -33.53 70.36 43.75
N LYS H 147 -32.99 70.59 44.94
CA LYS H 147 -33.71 70.36 46.18
C LYS H 147 -34.27 71.68 46.70
N VAL H 148 -35.59 71.78 46.76
CA VAL H 148 -36.26 72.99 47.21
C VAL H 148 -37.12 72.64 48.42
N GLN H 149 -37.33 73.63 49.28
CA GLN H 149 -38.29 73.47 50.37
C GLN H 149 -38.82 74.83 50.77
N TRP H 150 -39.89 74.80 51.57
CA TRP H 150 -40.63 75.99 51.95
C TRP H 150 -40.42 76.28 53.44
N LYS H 151 -40.20 77.56 53.75
CA LYS H 151 -40.06 78.04 55.13
C LYS H 151 -41.23 78.98 55.39
N VAL H 152 -42.11 78.57 56.30
CA VAL H 152 -43.25 79.38 56.72
C VAL H 152 -42.98 79.78 58.17
N ASP H 153 -42.56 81.02 58.37
CA ASP H 153 -42.11 81.50 59.67
C ASP H 153 -40.99 80.63 60.23
N ASN H 154 -40.07 80.23 59.35
CA ASN H 154 -38.93 79.36 59.71
C ASN H 154 -39.39 78.07 60.37
N ALA H 155 -40.44 77.46 59.81
CA ALA H 155 -40.96 76.20 60.29
C ALA H 155 -40.97 75.17 59.16
N LEU H 156 -40.62 73.94 59.48
CA LEU H 156 -40.55 72.88 58.48
C LEU H 156 -41.95 72.57 57.93
N GLN H 157 -42.02 72.41 56.61
CA GLN H 157 -43.25 72.04 55.93
C GLN H 157 -42.97 70.87 54.99
N SER H 158 -43.87 69.88 55.00
CA SER H 158 -43.72 68.71 54.16
C SER H 158 -45.10 68.14 53.86
N GLY H 159 -45.24 67.58 52.66
CA GLY H 159 -46.49 66.98 52.24
C GLY H 159 -47.56 67.97 51.84
N ASN H 160 -47.24 69.26 51.76
CA ASN H 160 -48.21 70.28 51.40
C ASN H 160 -47.84 71.03 50.13
N SER H 161 -46.69 70.74 49.53
CA SER H 161 -46.24 71.41 48.32
C SER H 161 -46.18 70.41 47.17
N GLN H 162 -46.80 70.77 46.05
CA GLN H 162 -46.79 69.95 44.85
C GLN H 162 -45.82 70.54 43.85
N GLU H 163 -44.93 69.70 43.33
CA GLU H 163 -43.88 70.13 42.42
C GLU H 163 -44.03 69.46 41.06
N SER H 164 -43.87 70.25 40.01
CA SER H 164 -43.90 69.77 38.63
C SER H 164 -42.59 70.13 37.95
N VAL H 165 -41.99 69.15 37.28
CA VAL H 165 -40.74 69.32 36.56
C VAL H 165 -41.02 69.19 35.07
N THR H 166 -40.66 70.22 34.31
CA THR H 166 -40.84 70.17 32.86
C THR H 166 -39.79 69.28 32.22
N GLU H 167 -40.08 68.83 31.01
CA GLU H 167 -39.17 67.98 30.27
C GLU H 167 -37.94 68.79 29.85
N GLN H 168 -36.93 68.07 29.35
CA GLN H 168 -35.69 68.71 28.92
C GLN H 168 -35.97 69.72 27.81
N ASP H 169 -35.44 70.92 27.95
CA ASP H 169 -35.66 71.97 26.98
C ASP H 169 -34.98 71.62 25.65
N SER H 170 -35.66 71.92 24.55
CA SER H 170 -35.14 71.59 23.23
C SER H 170 -34.02 72.52 22.78
N LYS H 171 -33.83 73.66 23.45
CA LYS H 171 -32.84 74.65 23.04
C LYS H 171 -31.56 74.54 23.86
N ASP H 172 -31.65 74.66 25.18
CA ASP H 172 -30.47 74.67 26.04
C ASP H 172 -30.40 73.45 26.95
N SER H 173 -31.21 72.43 26.72
CA SER H 173 -31.19 71.19 27.49
C SER H 173 -31.33 71.47 28.99
N THR H 174 -32.40 72.18 29.35
CA THR H 174 -32.62 72.63 30.71
C THR H 174 -34.01 72.19 31.18
N TYR H 175 -34.17 72.10 32.50
CA TYR H 175 -35.43 71.76 33.13
C TYR H 175 -36.01 72.98 33.83
N SER H 176 -37.31 72.92 34.08
CA SER H 176 -38.02 73.97 34.83
C SER H 176 -38.87 73.32 35.90
N LEU H 177 -38.87 73.92 37.09
CA LEU H 177 -39.55 73.37 38.25
C LEU H 177 -40.56 74.39 38.79
N SER H 178 -41.74 73.91 39.18
CA SER H 178 -42.75 74.74 39.81
C SER H 178 -43.23 74.04 41.07
N SER H 179 -42.96 74.64 42.22
CA SER H 179 -43.36 74.10 43.52
C SER H 179 -44.42 75.03 44.11
N THR H 180 -45.65 74.55 44.19
CA THR H 180 -46.77 75.34 44.68
C THR H 180 -47.25 74.78 46.02
N LEU H 181 -47.29 75.63 47.04
CA LEU H 181 -47.88 75.28 48.32
C LEU H 181 -49.30 75.83 48.36
N THR H 182 -50.25 74.98 48.75
CA THR H 182 -51.66 75.32 48.80
C THR H 182 -52.14 75.23 50.25
N LEU H 183 -52.71 76.33 50.74
CA LEU H 183 -53.21 76.38 52.12
C LEU H 183 -54.54 77.12 52.14
N SER H 184 -55.19 77.07 53.29
CA SER H 184 -56.44 77.78 53.47
C SER H 184 -56.18 79.27 53.70
N LYS H 185 -57.24 80.06 53.56
CA LYS H 185 -57.12 81.51 53.77
C LYS H 185 -56.73 81.82 55.21
N ALA H 186 -57.32 81.12 56.18
CA ALA H 186 -56.98 81.35 57.58
C ALA H 186 -55.53 80.97 57.86
N ASP H 187 -55.07 79.85 57.30
CA ASP H 187 -53.68 79.44 57.49
C ASP H 187 -52.72 80.43 56.84
N TYR H 188 -53.06 80.92 55.65
CA TYR H 188 -52.20 81.89 54.98
C TYR H 188 -52.14 83.20 55.76
N GLU H 189 -53.27 83.65 56.30
CA GLU H 189 -53.29 84.88 57.10
C GLU H 189 -52.68 84.69 58.48
N LYS H 190 -52.45 83.44 58.90
CA LYS H 190 -51.83 83.18 60.20
C LYS H 190 -50.31 83.32 60.19
N HIS H 191 -49.71 83.49 59.01
CA HIS H 191 -48.27 83.63 58.90
C HIS H 191 -47.95 84.74 57.90
N LYS H 192 -46.79 85.37 58.09
CA LYS H 192 -46.37 86.50 57.26
C LYS H 192 -45.20 86.16 56.35
N LEU H 193 -44.11 85.62 56.89
CA LEU H 193 -42.92 85.35 56.09
C LEU H 193 -43.07 84.01 55.37
N TYR H 194 -42.93 84.03 54.06
CA TYR H 194 -42.92 82.83 53.24
C TYR H 194 -41.67 82.85 52.38
N ALA H 195 -40.88 81.77 52.46
CA ALA H 195 -39.63 81.70 51.73
C ALA H 195 -39.51 80.35 51.02
N CYS H 196 -38.94 80.38 49.82
CA CYS H 196 -38.57 79.16 49.10
C CYS H 196 -37.05 79.11 49.05
N GLU H 197 -36.48 78.03 49.56
CA GLU H 197 -35.04 77.83 49.58
C GLU H 197 -34.67 76.71 48.62
N VAL H 198 -33.68 76.97 47.77
CA VAL H 198 -33.25 76.06 46.72
C VAL H 198 -31.77 75.78 46.87
N THR H 199 -31.38 74.52 46.82
CA THR H 199 -30.00 74.10 46.74
C THR H 199 -29.81 73.23 45.51
N HIS H 200 -28.68 73.40 44.84
CA HIS H 200 -28.43 72.79 43.54
C HIS H 200 -26.94 72.63 43.35
N GLN H 201 -26.56 71.83 42.34
CA GLN H 201 -25.15 71.59 42.07
C GLN H 201 -24.42 72.89 41.71
N GLY H 202 -25.05 73.74 40.92
CA GLY H 202 -24.45 74.99 40.50
C GLY H 202 -24.49 76.12 41.51
N LEU H 203 -25.08 75.90 42.68
CA LEU H 203 -25.16 76.92 43.71
C LEU H 203 -24.11 76.67 44.77
N SER H 204 -23.27 77.67 45.03
CA SER H 204 -22.30 77.56 46.11
C SER H 204 -22.99 77.45 47.46
N SER H 205 -24.03 78.24 47.67
CA SER H 205 -24.85 78.21 48.87
C SER H 205 -26.32 78.22 48.48
N PRO H 206 -27.19 77.68 49.33
CA PRO H 206 -28.63 77.72 49.01
C PRO H 206 -29.13 79.14 48.85
N VAL H 207 -30.01 79.34 47.87
CA VAL H 207 -30.59 80.64 47.57
C VAL H 207 -32.02 80.66 48.08
N THR H 208 -32.37 81.71 48.82
CA THR H 208 -33.68 81.86 49.42
C THR H 208 -34.39 83.05 48.81
N LYS H 209 -35.58 82.81 48.26
CA LYS H 209 -36.46 83.87 47.78
C LYS H 209 -37.58 83.99 48.80
N SER H 210 -37.65 85.13 49.49
CA SER H 210 -38.57 85.31 50.60
C SER H 210 -39.42 86.55 50.40
N PHE H 211 -40.61 86.52 51.00
CA PHE H 211 -41.52 87.65 50.95
C PHE H 211 -42.36 87.67 52.21
N ASN H 212 -43.04 88.80 52.43
CA ASN H 212 -43.91 88.98 53.58
C ASN H 212 -45.34 89.22 53.11
N ARG H 213 -46.31 88.74 53.87
CA ARG H 213 -47.71 88.90 53.52
C ARG H 213 -48.11 90.37 53.59
N GLY H 214 -48.91 90.80 52.62
CA GLY H 214 -49.34 92.19 52.55
C GLY H 214 -48.24 93.17 52.27
N GLU H 215 -47.31 92.81 51.37
CA GLU H 215 -46.22 93.70 51.01
C GLU H 215 -45.68 93.35 49.62
#